data_1HA7
#
_entry.id   1HA7
#
_cell.length_a   107.200
_cell.length_b   115.400
_cell.length_c   183.040
_cell.angle_alpha   90.00
_cell.angle_beta   90.21
_cell.angle_gamma   90.00
#
_symmetry.space_group_name_H-M   'P 1 21 1'
#
loop_
_entity.id
_entity.type
_entity.pdbx_description
1 polymer 'C-PHYCOCYANIN ALPHA CHAIN'
2 polymer 'C-PHYCOCYANIN BETA CHAIN'
3 non-polymer PHYCOCYANOBILIN
4 water water
#
loop_
_entity_poly.entity_id
_entity_poly.type
_entity_poly.pdbx_seq_one_letter_code
_entity_poly.pdbx_strand_id
1 'polypeptide(L)'
;MKTPLTEAVSIADSQGRFLSSTEIQVAFGRFRQAKAGLEAAKALTSKADSLISGAAQAVYNKFPYTTQMQGPNYAADQRG
KDKCARDIGYYLRMVTYCLIAGGTGPMDEYLIAGIDEINRTFELSPSWYIEALKYIKANHGLSGDAATEANSYLDYAINA
LS
;
A,C,E,G,I,K,M,O,Q,S,U,W
2 'polypeptide(L)'
;MFDAFTKVVSQADTRGEMLSTAQIDALSQMVAESNKRLDAVNRITSNASTIVSNAARSLFAEQPQLIAPGG(MEN)AYTS
RRMAACLRDMEIILRYVTYAVFAGDASVLEDRCLNGLRETYLALGTPGSSVAVGVGKMKEAALAIVNDPAGITPGDCSAL
ASEIASYFDRACAAVS
;
B,D,F,H,J,L,N,P,R,T,V,X
#
loop_
_chem_comp.id
_chem_comp.type
_chem_comp.name
_chem_comp.formula
CYC non-polymer PHYCOCYANOBILIN 'C33 H40 N4 O6'
#
# COMPACT_ATOMS: atom_id res chain seq x y z
N MET A 1 -29.51 4.08 -7.06
CA MET A 1 -28.25 4.85 -7.28
C MET A 1 -27.10 4.02 -6.71
N LYS A 2 -26.35 3.38 -7.60
CA LYS A 2 -25.25 2.52 -7.19
C LYS A 2 -23.93 3.23 -6.88
N THR A 3 -23.66 3.40 -5.59
CA THR A 3 -22.43 4.02 -5.10
C THR A 3 -22.09 3.24 -3.83
N PRO A 4 -20.82 3.24 -3.41
CA PRO A 4 -20.46 2.50 -2.20
C PRO A 4 -21.29 2.87 -0.96
N LEU A 5 -21.36 4.15 -0.65
CA LEU A 5 -22.11 4.59 0.52
C LEU A 5 -23.59 4.24 0.44
N THR A 6 -24.20 4.55 -0.69
CA THR A 6 -25.62 4.28 -0.88
C THR A 6 -25.98 2.81 -0.74
N GLU A 7 -25.27 1.93 -1.44
CA GLU A 7 -25.58 0.51 -1.36
C GLU A 7 -25.27 -0.07 0.01
N ALA A 8 -24.27 0.47 0.70
CA ALA A 8 -23.95 -0.03 2.03
C ALA A 8 -25.16 0.19 2.94
N VAL A 9 -25.71 1.40 2.89
CA VAL A 9 -26.88 1.72 3.70
C VAL A 9 -28.07 0.87 3.26
N SER A 10 -28.29 0.81 1.95
CA SER A 10 -29.40 0.06 1.39
C SER A 10 -29.43 -1.39 1.85
N ILE A 11 -28.28 -2.08 1.79
CA ILE A 11 -28.22 -3.47 2.21
C ILE A 11 -28.49 -3.65 3.71
N ALA A 12 -27.88 -2.79 4.53
CA ALA A 12 -28.08 -2.85 5.97
C ALA A 12 -29.56 -2.66 6.28
N ASP A 13 -30.19 -1.70 5.61
CA ASP A 13 -31.61 -1.42 5.82
C ASP A 13 -32.54 -2.54 5.37
N SER A 14 -32.20 -3.19 4.26
CA SER A 14 -33.02 -4.28 3.76
C SER A 14 -32.94 -5.45 4.74
N GLN A 15 -31.91 -5.45 5.57
CA GLN A 15 -31.72 -6.51 6.57
C GLN A 15 -32.15 -6.04 7.95
N GLY A 16 -32.63 -4.79 8.03
CA GLY A 16 -33.07 -4.23 9.31
C GLY A 16 -31.94 -4.16 10.32
N ARG A 17 -30.72 -3.94 9.83
CA ARG A 17 -29.53 -3.89 10.69
C ARG A 17 -28.79 -2.57 10.76
N PHE A 18 -28.13 -2.35 11.91
CA PHE A 18 -27.31 -1.16 12.08
C PHE A 18 -26.09 -1.42 11.21
N LEU A 19 -25.38 -0.36 10.87
CA LEU A 19 -24.18 -0.50 10.07
C LEU A 19 -23.14 -1.17 10.95
N SER A 20 -22.34 -2.05 10.38
CA SER A 20 -21.30 -2.73 11.14
C SER A 20 -19.93 -2.50 10.51
N SER A 21 -18.96 -3.34 10.84
CA SER A 21 -17.61 -3.21 10.29
C SER A 21 -17.60 -3.34 8.77
N THR A 22 -18.48 -4.19 8.24
CA THR A 22 -18.56 -4.41 6.80
C THR A 22 -18.88 -3.12 6.05
N GLU A 23 -19.92 -2.42 6.46
CA GLU A 23 -20.27 -1.18 5.80
C GLU A 23 -19.20 -0.13 6.03
N ILE A 24 -18.57 -0.14 7.20
CA ILE A 24 -17.52 0.83 7.48
C ILE A 24 -16.32 0.60 6.55
N GLN A 25 -16.02 -0.67 6.26
CA GLN A 25 -14.92 -0.97 5.35
C GLN A 25 -15.27 -0.47 3.95
N VAL A 26 -16.56 -0.55 3.61
CA VAL A 26 -17.03 -0.08 2.31
C VAL A 26 -16.76 1.41 2.21
N ALA A 27 -17.11 2.15 3.25
CA ALA A 27 -16.89 3.59 3.27
C ALA A 27 -15.39 3.89 3.15
N PHE A 28 -14.57 3.14 3.88
CA PHE A 28 -13.11 3.33 3.82
C PHE A 28 -12.63 3.18 2.38
N GLY A 29 -13.10 2.13 1.71
CA GLY A 29 -12.70 1.91 0.33
C GLY A 29 -13.11 3.08 -0.55
N ARG A 30 -14.30 3.62 -0.28
CA ARG A 30 -14.82 4.75 -1.05
C ARG A 30 -14.02 6.02 -0.83
N PHE A 31 -13.80 6.37 0.43
CA PHE A 31 -13.07 7.58 0.74
C PHE A 31 -11.61 7.54 0.29
N ARG A 32 -11.04 6.34 0.23
CA ARG A 32 -9.67 6.19 -0.23
C ARG A 32 -9.62 6.47 -1.73
N GLN A 33 -10.52 5.82 -2.47
CA GLN A 33 -10.58 5.97 -3.92
C GLN A 33 -11.00 7.37 -4.37
N ALA A 34 -11.78 8.06 -3.54
CA ALA A 34 -12.28 9.39 -3.85
C ALA A 34 -11.20 10.39 -4.24
N LYS A 35 -9.99 10.19 -3.75
CA LYS A 35 -8.90 11.11 -4.05
C LYS A 35 -8.50 11.01 -5.51
N ALA A 36 -8.30 9.79 -6.01
CA ALA A 36 -7.92 9.61 -7.41
C ALA A 36 -9.13 9.93 -8.31
N GLY A 37 -10.33 9.57 -7.84
CA GLY A 37 -11.53 9.81 -8.61
C GLY A 37 -11.89 11.27 -8.76
N LEU A 38 -11.77 12.03 -7.68
CA LEU A 38 -12.08 13.45 -7.70
C LEU A 38 -11.10 14.22 -8.59
N GLU A 39 -9.85 13.79 -8.58
CA GLU A 39 -8.83 14.44 -9.41
C GLU A 39 -9.09 14.08 -10.88
N ALA A 40 -9.58 12.87 -11.10
CA ALA A 40 -9.88 12.41 -12.46
C ALA A 40 -11.04 13.21 -13.03
N ALA A 41 -12.05 13.48 -12.20
CA ALA A 41 -13.19 14.25 -12.64
C ALA A 41 -12.71 15.63 -13.09
N LYS A 42 -11.76 16.20 -12.34
CA LYS A 42 -11.21 17.52 -12.68
C LYS A 42 -10.47 17.52 -14.00
N ALA A 43 -9.60 16.54 -14.19
CA ALA A 43 -8.82 16.44 -15.41
C ALA A 43 -9.74 16.33 -16.63
N LEU A 44 -10.76 15.48 -16.52
CA LEU A 44 -11.71 15.29 -17.60
C LEU A 44 -12.48 16.58 -17.88
N THR A 45 -12.89 17.24 -16.82
CA THR A 45 -13.64 18.49 -16.94
C THR A 45 -12.85 19.60 -17.63
N SER A 46 -11.55 19.68 -17.38
CA SER A 46 -10.74 20.72 -18.00
C SER A 46 -10.50 20.49 -19.49
N LYS A 47 -10.54 19.23 -19.91
CA LYS A 47 -10.33 18.87 -21.31
C LYS A 47 -11.66 18.53 -22.00
N ALA A 48 -12.77 18.90 -21.37
CA ALA A 48 -14.09 18.60 -21.91
C ALA A 48 -14.34 19.03 -23.35
N ASP A 49 -14.15 20.31 -23.66
CA ASP A 49 -14.40 20.79 -25.02
C ASP A 49 -13.54 20.04 -26.03
N SER A 50 -12.29 19.81 -25.68
CA SER A 50 -11.38 19.11 -26.56
C SER A 50 -11.80 17.65 -26.75
N LEU A 51 -12.04 16.95 -25.65
CA LEU A 51 -12.44 15.55 -25.72
C LEU A 51 -13.72 15.35 -26.52
N ILE A 52 -14.71 16.22 -26.30
CA ILE A 52 -15.98 16.14 -26.99
C ILE A 52 -15.87 16.36 -28.51
N SER A 53 -15.20 17.43 -28.92
CA SER A 53 -15.06 17.71 -30.35
C SER A 53 -14.18 16.66 -31.01
N GLY A 54 -13.19 16.16 -30.26
CA GLY A 54 -12.32 15.13 -30.80
C GLY A 54 -13.07 13.82 -30.99
N ALA A 55 -13.93 13.50 -30.03
CA ALA A 55 -14.71 12.26 -30.08
C ALA A 55 -15.69 12.34 -31.26
N ALA A 56 -16.31 13.51 -31.42
CA ALA A 56 -17.26 13.73 -32.51
C ALA A 56 -16.59 13.51 -33.86
N GLN A 57 -15.43 14.12 -34.06
CA GLN A 57 -14.71 13.97 -35.32
C GLN A 57 -14.30 12.53 -35.58
N ALA A 58 -13.94 11.81 -34.52
CA ALA A 58 -13.54 10.42 -34.69
C ALA A 58 -14.74 9.64 -35.22
N VAL A 59 -15.93 9.94 -34.71
CA VAL A 59 -17.13 9.25 -35.16
C VAL A 59 -17.41 9.63 -36.60
N TYR A 60 -17.32 10.93 -36.90
CA TYR A 60 -17.58 11.38 -38.26
C TYR A 60 -16.58 10.75 -39.25
N ASN A 61 -15.33 10.60 -38.84
CA ASN A 61 -14.33 10.00 -39.71
C ASN A 61 -14.54 8.51 -39.93
N LYS A 62 -14.97 7.79 -38.89
CA LYS A 62 -15.18 6.35 -39.02
C LYS A 62 -16.50 6.02 -39.73
N PHE A 63 -17.48 6.89 -39.56
CA PHE A 63 -18.79 6.70 -40.17
C PHE A 63 -19.07 7.96 -40.99
N PRO A 64 -18.38 8.12 -42.13
CA PRO A 64 -18.60 9.32 -42.94
C PRO A 64 -20.05 9.60 -43.36
N TYR A 65 -20.87 8.56 -43.52
CA TYR A 65 -22.26 8.78 -43.92
C TYR A 65 -23.01 9.65 -42.91
N THR A 66 -22.52 9.73 -41.67
CA THR A 66 -23.20 10.52 -40.67
C THR A 66 -23.10 12.03 -40.89
N THR A 67 -22.19 12.48 -41.76
CA THR A 67 -22.09 13.91 -42.04
C THR A 67 -22.54 14.16 -43.47
N GLN A 68 -23.19 13.16 -44.06
CA GLN A 68 -23.64 13.25 -45.44
C GLN A 68 -25.12 12.94 -45.62
N MET A 69 -25.57 11.80 -45.13
CA MET A 69 -26.99 11.47 -45.26
C MET A 69 -27.81 12.57 -44.58
N GLN A 70 -28.88 12.98 -45.24
CA GLN A 70 -29.72 14.08 -44.79
C GLN A 70 -30.78 13.83 -43.70
N GLY A 71 -31.00 12.57 -43.32
CA GLY A 71 -32.00 12.29 -42.30
C GLY A 71 -31.74 12.95 -40.95
N PRO A 72 -32.79 13.22 -40.15
CA PRO A 72 -32.67 13.84 -38.83
C PRO A 72 -31.81 13.07 -37.81
N ASN A 73 -31.63 11.76 -38.04
CA ASN A 73 -30.82 10.96 -37.13
C ASN A 73 -29.33 11.13 -37.40
N TYR A 74 -29.00 11.92 -38.43
CA TYR A 74 -27.61 12.15 -38.79
C TYR A 74 -27.15 13.59 -38.53
N ALA A 75 -25.86 13.83 -38.73
CA ALA A 75 -25.26 15.14 -38.50
C ALA A 75 -24.71 15.80 -39.76
N ALA A 76 -25.44 15.74 -40.86
CA ALA A 76 -24.96 16.37 -42.09
C ALA A 76 -25.10 17.89 -42.00
N ASP A 77 -26.03 18.35 -41.18
CA ASP A 77 -26.25 19.78 -40.98
C ASP A 77 -25.75 20.22 -39.60
N GLN A 78 -25.84 21.51 -39.32
CA GLN A 78 -25.35 22.02 -38.04
C GLN A 78 -26.20 21.50 -36.87
N ARG A 79 -27.51 21.37 -37.09
CA ARG A 79 -28.43 20.85 -36.08
C ARG A 79 -28.01 19.45 -35.59
N GLY A 80 -27.67 18.57 -36.52
CA GLY A 80 -27.27 17.23 -36.15
C GLY A 80 -25.94 17.22 -35.40
N LYS A 81 -25.00 18.04 -35.88
CA LYS A 81 -23.69 18.13 -35.24
C LYS A 81 -23.83 18.58 -33.79
N ASP A 82 -24.72 19.52 -33.51
CA ASP A 82 -24.91 20.00 -32.14
C ASP A 82 -25.53 18.91 -31.27
N LYS A 83 -26.47 18.17 -31.84
CA LYS A 83 -27.13 17.08 -31.13
C LYS A 83 -26.08 16.07 -30.73
N CYS A 84 -25.22 15.76 -31.68
CA CYS A 84 -24.16 14.79 -31.49
C CYS A 84 -23.15 15.23 -30.44
N ALA A 85 -22.67 16.46 -30.57
CA ALA A 85 -21.72 17.00 -29.61
C ALA A 85 -22.38 17.03 -28.24
N ARG A 86 -23.66 17.39 -28.21
CA ARG A 86 -24.41 17.43 -26.96
C ARG A 86 -24.42 16.02 -26.35
N ASP A 87 -24.89 15.04 -27.11
CA ASP A 87 -24.95 13.65 -26.64
C ASP A 87 -23.63 13.17 -26.08
N ILE A 88 -22.55 13.39 -26.85
CA ILE A 88 -21.23 12.98 -26.42
C ILE A 88 -20.85 13.71 -25.16
N GLY A 89 -21.26 14.97 -25.06
CA GLY A 89 -20.97 15.72 -23.86
C GLY A 89 -21.69 15.08 -22.68
N TYR A 90 -22.90 14.58 -22.92
CA TYR A 90 -23.69 13.92 -21.88
C TYR A 90 -22.95 12.71 -21.34
N TYR A 91 -22.43 11.88 -22.23
CA TYR A 91 -21.69 10.69 -21.82
C TYR A 91 -20.49 11.10 -20.99
N LEU A 92 -19.76 12.11 -21.45
CA LEU A 92 -18.57 12.55 -20.72
C LEU A 92 -18.97 13.08 -19.35
N ARG A 93 -20.01 13.91 -19.31
CA ARG A 93 -20.47 14.46 -18.04
C ARG A 93 -20.89 13.35 -17.08
N MET A 94 -21.56 12.32 -17.59
CA MET A 94 -21.97 11.22 -16.71
C MET A 94 -20.73 10.51 -16.15
N VAL A 95 -19.70 10.38 -16.98
CA VAL A 95 -18.47 9.74 -16.51
C VAL A 95 -17.89 10.53 -15.34
N THR A 96 -17.87 11.87 -15.43
CA THR A 96 -17.33 12.64 -14.31
C THR A 96 -18.20 12.42 -13.06
N TYR A 97 -19.51 12.33 -13.23
CA TYR A 97 -20.40 12.11 -12.09
C TYR A 97 -20.08 10.78 -11.42
N CYS A 98 -19.85 9.74 -12.24
CA CYS A 98 -19.52 8.42 -11.72
C CYS A 98 -18.22 8.45 -10.91
N LEU A 99 -17.24 9.21 -11.40
CA LEU A 99 -15.97 9.33 -10.67
C LEU A 99 -16.22 10.03 -9.33
N ILE A 100 -17.05 11.06 -9.35
CA ILE A 100 -17.35 11.81 -8.14
C ILE A 100 -18.07 10.96 -7.11
N ALA A 101 -19.08 10.22 -7.55
CA ALA A 101 -19.85 9.36 -6.66
C ALA A 101 -19.14 8.02 -6.37
N GLY A 102 -18.17 7.65 -7.20
CA GLY A 102 -17.47 6.40 -6.98
C GLY A 102 -18.33 5.21 -7.39
N GLY A 103 -19.19 5.42 -8.39
CA GLY A 103 -20.05 4.34 -8.87
C GLY A 103 -20.78 4.68 -10.14
N THR A 104 -21.34 3.67 -10.80
CA THR A 104 -22.09 3.85 -12.05
C THR A 104 -23.47 4.51 -11.84
N GLY A 105 -23.93 4.56 -10.60
CA GLY A 105 -25.23 5.14 -10.28
C GLY A 105 -25.69 6.32 -11.13
N PRO A 106 -24.91 7.42 -11.17
CA PRO A 106 -25.32 8.57 -11.98
C PRO A 106 -25.63 8.20 -13.43
N MET A 107 -24.74 7.42 -14.05
CA MET A 107 -24.91 7.02 -15.43
C MET A 107 -26.14 6.14 -15.63
N ASP A 108 -26.31 5.16 -14.73
CA ASP A 108 -27.45 4.25 -14.82
C ASP A 108 -28.77 5.00 -14.75
N GLU A 109 -28.90 5.90 -13.79
CA GLU A 109 -30.14 6.63 -13.62
C GLU A 109 -30.48 7.68 -14.67
N TYR A 110 -29.49 8.48 -15.08
CA TYR A 110 -29.73 9.56 -16.04
C TYR A 110 -29.53 9.23 -17.51
N LEU A 111 -28.73 8.22 -17.82
CA LEU A 111 -28.46 7.90 -19.21
C LEU A 111 -28.80 6.49 -19.66
N ILE A 112 -28.25 5.48 -18.99
CA ILE A 112 -28.49 4.10 -19.41
C ILE A 112 -29.95 3.61 -19.41
N ALA A 113 -30.67 3.87 -18.32
CA ALA A 113 -32.07 3.44 -18.23
C ALA A 113 -32.90 4.09 -19.35
N GLY A 114 -33.28 3.30 -20.34
CA GLY A 114 -34.08 3.82 -21.44
C GLY A 114 -33.34 4.13 -22.74
N ILE A 115 -32.01 4.18 -22.69
CA ILE A 115 -31.23 4.49 -23.89
C ILE A 115 -31.58 3.59 -25.07
N ASP A 116 -31.88 2.31 -24.81
CA ASP A 116 -32.22 1.38 -25.87
C ASP A 116 -33.44 1.84 -26.66
N GLU A 117 -34.48 2.28 -25.96
CA GLU A 117 -35.70 2.75 -26.59
C GLU A 117 -35.44 4.04 -27.39
N ILE A 118 -34.51 4.85 -26.91
CA ILE A 118 -34.18 6.09 -27.60
C ILE A 118 -33.41 5.84 -28.88
N ASN A 119 -32.39 5.01 -28.79
CA ASN A 119 -31.59 4.71 -29.97
C ASN A 119 -32.44 4.03 -31.04
N ARG A 120 -33.32 3.15 -30.62
CA ARG A 120 -34.18 2.45 -31.58
C ARG A 120 -35.19 3.42 -32.17
N THR A 121 -35.87 4.15 -31.30
CA THR A 121 -36.91 5.08 -31.74
C THR A 121 -36.41 6.16 -32.70
N PHE A 122 -35.26 6.74 -32.40
CA PHE A 122 -34.70 7.80 -33.23
C PHE A 122 -33.69 7.28 -34.24
N GLU A 123 -33.54 5.97 -34.30
CA GLU A 123 -32.60 5.34 -35.22
C GLU A 123 -31.18 5.86 -35.08
N LEU A 124 -30.70 5.89 -33.84
CA LEU A 124 -29.35 6.33 -33.58
C LEU A 124 -28.55 5.03 -33.42
N SER A 125 -27.37 4.98 -34.00
CA SER A 125 -26.57 3.76 -33.93
C SER A 125 -25.65 3.72 -32.72
N PRO A 126 -25.75 2.64 -31.92
CA PRO A 126 -24.90 2.50 -30.74
C PRO A 126 -23.43 2.52 -31.11
N SER A 127 -23.11 2.02 -32.30
CA SER A 127 -21.72 1.98 -32.77
C SER A 127 -21.10 3.36 -32.85
N TRP A 128 -21.92 4.38 -33.12
CA TRP A 128 -21.40 5.74 -33.18
C TRP A 128 -20.86 6.08 -31.80
N TYR A 129 -21.73 5.95 -30.80
CA TYR A 129 -21.37 6.26 -29.43
C TYR A 129 -20.20 5.47 -28.89
N ILE A 130 -20.12 4.18 -29.22
CA ILE A 130 -19.03 3.33 -28.79
C ILE A 130 -17.70 3.92 -29.28
N GLU A 131 -17.68 4.35 -30.53
CA GLU A 131 -16.47 4.94 -31.12
C GLU A 131 -16.07 6.20 -30.36
N ALA A 132 -17.06 7.02 -30.01
CA ALA A 132 -16.80 8.24 -29.26
C ALA A 132 -16.16 7.89 -27.93
N LEU A 133 -16.71 6.85 -27.28
CA LEU A 133 -16.21 6.41 -25.99
C LEU A 133 -14.77 5.87 -26.08
N LYS A 134 -14.45 5.15 -27.16
CA LYS A 134 -13.12 4.61 -27.34
C LYS A 134 -12.14 5.78 -27.48
N TYR A 135 -12.55 6.81 -28.21
CA TYR A 135 -11.71 7.98 -28.39
C TYR A 135 -11.39 8.67 -27.05
N ILE A 136 -12.42 8.93 -26.24
CA ILE A 136 -12.20 9.57 -24.95
C ILE A 136 -11.22 8.76 -24.11
N LYS A 137 -11.38 7.44 -24.19
CA LYS A 137 -10.55 6.49 -23.49
C LYS A 137 -9.09 6.63 -23.93
N ALA A 138 -8.89 6.76 -25.24
CA ALA A 138 -7.55 6.87 -25.79
C ALA A 138 -6.92 8.25 -25.69
N ASN A 139 -7.71 9.25 -25.32
CA ASN A 139 -7.19 10.62 -25.27
C ASN A 139 -7.38 11.42 -23.99
N HIS A 140 -7.89 10.82 -22.94
CA HIS A 140 -8.08 11.58 -21.71
C HIS A 140 -6.75 11.84 -21.01
N GLY A 141 -5.72 11.10 -21.41
CA GLY A 141 -4.39 11.27 -20.86
C GLY A 141 -4.20 11.04 -19.37
N LEU A 142 -5.11 10.28 -18.76
CA LEU A 142 -5.03 9.98 -17.33
C LEU A 142 -4.10 8.79 -17.14
N SER A 143 -3.73 8.54 -15.90
CA SER A 143 -2.87 7.41 -15.57
C SER A 143 -3.17 7.01 -14.12
N GLY A 144 -2.53 5.96 -13.65
CA GLY A 144 -2.76 5.52 -12.28
C GLY A 144 -4.18 5.03 -12.06
N ASP A 145 -4.66 5.14 -10.83
CA ASP A 145 -6.01 4.70 -10.50
C ASP A 145 -7.04 5.56 -11.23
N ALA A 146 -6.72 6.84 -11.41
CA ALA A 146 -7.61 7.74 -12.10
C ALA A 146 -7.98 7.14 -13.45
N ALA A 147 -6.96 6.72 -14.20
CA ALA A 147 -7.17 6.13 -15.51
C ALA A 147 -8.04 4.87 -15.41
N THR A 148 -7.67 3.97 -14.49
CA THR A 148 -8.41 2.73 -14.34
C THR A 148 -9.89 2.93 -14.02
N GLU A 149 -10.20 3.82 -13.09
CA GLU A 149 -11.59 4.03 -12.73
C GLU A 149 -12.38 4.70 -13.86
N ALA A 150 -11.79 5.70 -14.48
CA ALA A 150 -12.45 6.42 -15.56
C ALA A 150 -12.69 5.47 -16.74
N ASN A 151 -11.69 4.65 -17.04
CA ASN A 151 -11.84 3.70 -18.13
C ASN A 151 -12.89 2.66 -17.78
N SER A 152 -13.02 2.34 -16.49
CA SER A 152 -14.01 1.36 -16.07
C SER A 152 -15.41 1.90 -16.40
N TYR A 153 -15.63 3.19 -16.22
CA TYR A 153 -16.93 3.77 -16.51
C TYR A 153 -17.16 3.91 -18.02
N LEU A 154 -16.10 4.22 -18.76
CA LEU A 154 -16.22 4.34 -20.21
C LEU A 154 -16.54 2.96 -20.81
N ASP A 155 -15.89 1.92 -20.29
CA ASP A 155 -16.13 0.56 -20.77
C ASP A 155 -17.49 0.07 -20.33
N TYR A 156 -17.96 0.58 -19.20
CA TYR A 156 -19.26 0.19 -18.71
C TYR A 156 -20.29 0.66 -19.74
N ALA A 157 -20.15 1.92 -20.15
CA ALA A 157 -21.03 2.52 -21.15
C ALA A 157 -20.93 1.74 -22.45
N ILE A 158 -19.72 1.39 -22.86
CA ILE A 158 -19.57 0.61 -24.08
C ILE A 158 -20.34 -0.71 -23.94
N ASN A 159 -20.20 -1.38 -22.79
CA ASN A 159 -20.90 -2.64 -22.55
C ASN A 159 -22.41 -2.47 -22.58
N ALA A 160 -22.89 -1.36 -22.03
CA ALA A 160 -24.32 -1.08 -22.00
C ALA A 160 -24.90 -0.85 -23.41
N LEU A 161 -24.02 -0.57 -24.37
CA LEU A 161 -24.46 -0.31 -25.73
C LEU A 161 -24.24 -1.49 -26.68
N SER A 162 -23.74 -2.60 -26.15
CA SER A 162 -23.48 -3.79 -26.96
C SER A 162 -23.69 -5.10 -26.19
N MET B 1 -32.71 7.67 -2.47
CA MET B 1 -31.73 8.00 -1.40
C MET B 1 -30.48 8.66 -1.99
N PHE B 2 -29.89 9.58 -1.25
CA PHE B 2 -28.68 10.27 -1.69
C PHE B 2 -27.62 10.18 -0.62
N ASP B 3 -26.36 10.18 -1.04
CA ASP B 3 -25.27 10.23 -0.08
C ASP B 3 -24.69 11.61 -0.41
N ALA B 4 -23.75 12.10 0.38
CA ALA B 4 -23.21 13.44 0.13
C ALA B 4 -22.71 13.68 -1.30
N PHE B 5 -22.10 12.66 -1.90
CA PHE B 5 -21.57 12.78 -3.26
C PHE B 5 -22.69 12.89 -4.29
N THR B 6 -23.64 11.96 -4.19
CA THR B 6 -24.77 11.90 -5.10
C THR B 6 -25.69 13.11 -4.97
N LYS B 7 -25.74 13.71 -3.79
CA LYS B 7 -26.59 14.87 -3.58
C LYS B 7 -26.12 15.99 -4.49
N VAL B 8 -24.80 16.22 -4.51
CA VAL B 8 -24.22 17.26 -5.36
C VAL B 8 -24.36 16.90 -6.84
N VAL B 9 -24.22 15.62 -7.16
CA VAL B 9 -24.34 15.17 -8.54
C VAL B 9 -25.74 15.37 -9.12
N SER B 10 -26.78 15.11 -8.34
CA SER B 10 -28.14 15.26 -8.84
C SER B 10 -28.51 16.73 -9.07
N GLN B 11 -27.92 17.63 -8.28
CA GLN B 11 -28.19 19.05 -8.43
C GLN B 11 -27.50 19.57 -9.68
N ALA B 12 -26.29 19.10 -9.93
CA ALA B 12 -25.54 19.52 -11.10
C ALA B 12 -26.21 18.96 -12.37
N ASP B 13 -26.75 17.74 -12.31
CA ASP B 13 -27.39 17.17 -13.48
C ASP B 13 -28.63 17.95 -13.88
N THR B 14 -29.39 18.38 -12.86
CA THR B 14 -30.59 19.18 -13.10
C THR B 14 -30.23 20.41 -13.92
N ARG B 15 -29.00 20.88 -13.78
CA ARG B 15 -28.54 22.05 -14.52
C ARG B 15 -27.69 21.65 -15.70
N GLY B 16 -27.57 20.34 -15.93
CA GLY B 16 -26.77 19.84 -17.04
C GLY B 16 -25.35 20.35 -16.98
N GLU B 17 -24.79 20.42 -15.78
CA GLU B 17 -23.42 20.92 -15.63
C GLU B 17 -22.50 19.99 -14.87
N MET B 18 -21.21 20.15 -15.12
CA MET B 18 -20.23 19.35 -14.43
C MET B 18 -19.89 20.12 -13.16
N LEU B 19 -19.40 19.41 -12.14
CA LEU B 19 -19.06 20.07 -10.89
C LEU B 19 -17.90 21.04 -11.06
N SER B 20 -18.06 22.21 -10.46
CA SER B 20 -17.04 23.26 -10.50
C SER B 20 -15.91 22.81 -9.59
N THR B 21 -14.78 23.50 -9.68
CA THR B 21 -13.63 23.16 -8.85
C THR B 21 -13.97 23.35 -7.38
N ALA B 22 -14.76 24.37 -7.07
CA ALA B 22 -15.15 24.63 -5.69
C ALA B 22 -15.96 23.46 -5.12
N GLN B 23 -16.93 22.99 -5.90
CA GLN B 23 -17.78 21.88 -5.49
C GLN B 23 -16.98 20.60 -5.19
N ILE B 24 -16.02 20.28 -6.06
CA ILE B 24 -15.20 19.09 -5.88
C ILE B 24 -14.34 19.24 -4.64
N ASP B 25 -13.76 20.42 -4.44
CA ASP B 25 -12.93 20.67 -3.27
C ASP B 25 -13.75 20.46 -2.01
N ALA B 26 -14.96 21.00 -2.00
CA ALA B 26 -15.86 20.86 -0.87
C ALA B 26 -16.02 19.37 -0.52
N LEU B 27 -16.31 18.55 -1.52
CA LEU B 27 -16.48 17.10 -1.33
C LEU B 27 -15.18 16.48 -0.85
N SER B 28 -14.07 17.00 -1.37
CA SER B 28 -12.75 16.52 -1.02
C SER B 28 -12.47 16.78 0.46
N GLN B 29 -12.95 17.91 0.97
CA GLN B 29 -12.78 18.28 2.37
C GLN B 29 -13.52 17.25 3.22
N MET B 30 -14.71 16.87 2.76
CA MET B 30 -15.50 15.88 3.48
C MET B 30 -14.74 14.56 3.54
N VAL B 31 -14.11 14.19 2.42
CA VAL B 31 -13.34 12.96 2.38
C VAL B 31 -12.23 13.00 3.43
N ALA B 32 -11.56 14.15 3.51
CA ALA B 32 -10.47 14.32 4.46
C ALA B 32 -10.92 14.10 5.90
N GLU B 33 -12.18 14.46 6.18
CA GLU B 33 -12.76 14.34 7.52
C GLU B 33 -13.40 12.97 7.77
N SER B 34 -13.59 12.20 6.71
CA SER B 34 -14.25 10.89 6.78
C SER B 34 -13.95 10.00 7.98
N ASN B 35 -12.70 9.89 8.40
CA ASN B 35 -12.37 9.04 9.54
C ASN B 35 -13.20 9.38 10.77
N LYS B 36 -13.39 10.67 11.02
CA LYS B 36 -14.17 11.10 12.19
C LYS B 36 -15.62 10.69 12.04
N ARG B 37 -16.14 10.82 10.82
CA ARG B 37 -17.52 10.46 10.53
C ARG B 37 -17.73 8.98 10.82
N LEU B 38 -16.79 8.14 10.38
CA LEU B 38 -16.93 6.70 10.61
C LEU B 38 -16.81 6.32 12.09
N ASP B 39 -16.02 7.07 12.85
CA ASP B 39 -15.91 6.76 14.28
C ASP B 39 -17.25 7.05 14.94
N ALA B 40 -17.86 8.18 14.59
CA ALA B 40 -19.16 8.53 15.16
C ALA B 40 -20.16 7.42 14.89
N VAL B 41 -20.19 6.93 13.64
CA VAL B 41 -21.10 5.87 13.28
C VAL B 41 -20.82 4.63 14.12
N ASN B 42 -19.55 4.25 14.20
CA ASN B 42 -19.17 3.08 14.98
C ASN B 42 -19.47 3.24 16.47
N ARG B 43 -19.27 4.45 16.99
CA ARG B 43 -19.52 4.71 18.40
C ARG B 43 -20.99 4.67 18.77
N ILE B 44 -21.84 5.26 17.95
CA ILE B 44 -23.27 5.24 18.25
C ILE B 44 -23.79 3.82 18.06
N THR B 45 -23.31 3.14 17.02
CA THR B 45 -23.75 1.79 16.75
C THR B 45 -23.34 0.81 17.86
N SER B 46 -22.10 0.92 18.33
CA SER B 46 -21.59 0.00 19.36
C SER B 46 -22.27 0.20 20.71
N ASN B 47 -22.98 1.32 20.85
CA ASN B 47 -23.68 1.63 22.10
C ASN B 47 -25.19 1.80 21.89
N ALA B 48 -25.71 1.28 20.79
CA ALA B 48 -27.13 1.41 20.49
C ALA B 48 -28.05 0.90 21.60
N SER B 49 -27.81 -0.31 22.07
CA SER B 49 -28.66 -0.89 23.12
C SER B 49 -28.69 0.00 24.36
N THR B 50 -27.52 0.48 24.76
CA THR B 50 -27.39 1.36 25.91
C THR B 50 -28.14 2.67 25.70
N ILE B 51 -27.91 3.28 24.53
CA ILE B 51 -28.57 4.54 24.19
C ILE B 51 -30.09 4.42 24.19
N VAL B 52 -30.61 3.33 23.63
CA VAL B 52 -32.05 3.12 23.57
C VAL B 52 -32.65 2.80 24.95
N SER B 53 -32.06 1.84 25.65
CA SER B 53 -32.56 1.43 26.97
C SER B 53 -32.44 2.51 28.05
N ASN B 54 -31.35 3.29 28.03
CA ASN B 54 -31.17 4.37 29.00
C ASN B 54 -32.12 5.53 28.70
N ALA B 55 -32.30 5.81 27.40
CA ALA B 55 -33.18 6.90 26.99
C ALA B 55 -34.64 6.54 27.22
N ALA B 56 -34.98 5.27 26.97
CA ALA B 56 -36.34 4.80 27.18
C ALA B 56 -36.67 4.87 28.67
N ARG B 57 -35.79 4.33 29.49
CA ARG B 57 -35.99 4.33 30.94
C ARG B 57 -36.15 5.76 31.45
N SER B 58 -35.29 6.64 30.98
CA SER B 58 -35.34 8.04 31.36
C SER B 58 -36.67 8.65 30.92
N LEU B 59 -37.10 8.30 29.72
CA LEU B 59 -38.36 8.82 29.19
C LEU B 59 -39.53 8.44 30.08
N PHE B 60 -39.63 7.16 30.43
CA PHE B 60 -40.71 6.67 31.26
C PHE B 60 -40.62 7.24 32.67
N ALA B 61 -39.41 7.57 33.10
CA ALA B 61 -39.22 8.15 34.43
C ALA B 61 -39.70 9.60 34.45
N GLU B 62 -39.49 10.32 33.34
CA GLU B 62 -39.91 11.71 33.27
C GLU B 62 -41.38 11.86 32.90
N GLN B 63 -41.94 10.83 32.27
CA GLN B 63 -43.34 10.85 31.88
C GLN B 63 -44.04 9.55 32.28
N PRO B 64 -44.20 9.31 33.59
CA PRO B 64 -44.84 8.10 34.12
C PRO B 64 -46.19 7.72 33.52
N GLN B 65 -46.92 8.69 32.99
CA GLN B 65 -48.23 8.41 32.41
C GLN B 65 -48.14 7.43 31.23
N LEU B 66 -46.95 7.32 30.65
CA LEU B 66 -46.72 6.43 29.50
C LEU B 66 -46.79 4.95 29.87
N ILE B 67 -46.30 4.62 31.06
CA ILE B 67 -46.31 3.24 31.51
C ILE B 67 -47.37 2.95 32.55
N ALA B 68 -48.19 3.95 32.85
CA ALA B 68 -49.28 3.77 33.80
C ALA B 68 -50.37 3.07 33.00
N PRO B 69 -51.09 2.12 33.62
CA PRO B 69 -52.14 1.43 32.87
C PRO B 69 -52.97 2.41 32.06
N GLY B 70 -53.19 2.08 30.80
CA GLY B 70 -53.94 2.95 29.92
C GLY B 70 -53.00 3.80 29.09
N GLY B 71 -51.73 3.84 29.50
CA GLY B 71 -50.73 4.60 28.79
C GLY B 71 -50.36 3.95 27.47
N MEN B 72 -49.82 4.72 26.53
CA MEN B 72 -49.48 4.18 25.23
C MEN B 72 -48.31 3.19 25.25
O MEN B 72 -48.11 2.45 24.29
CB MEN B 72 -49.20 5.30 24.23
CG MEN B 72 -49.48 4.89 22.81
OD1 MEN B 72 -48.67 5.11 21.90
ND2 MEN B 72 -50.64 4.27 22.59
CE2 MEN B 72 -51.01 3.82 21.26
N ALA B 73 -47.54 3.19 26.34
CA ALA B 73 -46.42 2.27 26.45
C ALA B 73 -46.74 1.15 27.44
N TYR B 74 -47.98 1.13 27.91
CA TYR B 74 -48.45 0.12 28.85
C TYR B 74 -48.81 -1.17 28.06
N THR B 75 -48.57 -2.32 28.69
CA THR B 75 -48.76 -3.68 28.14
C THR B 75 -47.45 -3.98 27.42
N SER B 76 -46.99 -5.22 27.52
CA SER B 76 -45.72 -5.60 26.92
C SER B 76 -45.63 -5.34 25.42
N ARG B 77 -46.70 -5.62 24.69
CA ARG B 77 -46.69 -5.41 23.25
C ARG B 77 -46.44 -3.96 22.88
N ARG B 78 -47.07 -3.02 23.58
CA ARG B 78 -46.84 -1.61 23.25
C ARG B 78 -45.45 -1.16 23.71
N MET B 79 -44.96 -1.70 24.83
CA MET B 79 -43.64 -1.35 25.31
C MET B 79 -42.58 -1.79 24.30
N ALA B 80 -42.70 -3.02 23.83
CA ALA B 80 -41.76 -3.55 22.83
C ALA B 80 -41.76 -2.70 21.57
N ALA B 81 -42.95 -2.30 21.13
CA ALA B 81 -43.09 -1.47 19.95
C ALA B 81 -42.39 -0.13 20.16
N CYS B 82 -42.59 0.44 21.35
CA CYS B 82 -41.98 1.72 21.67
C CYS B 82 -40.45 1.62 21.62
N LEU B 83 -39.90 0.58 22.23
CA LEU B 83 -38.46 0.36 22.24
C LEU B 83 -38.02 0.13 20.80
N ARG B 84 -38.87 -0.53 20.03
CA ARG B 84 -38.59 -0.81 18.64
C ARG B 84 -38.42 0.49 17.87
N ASP B 85 -39.38 1.41 18.01
CA ASP B 85 -39.32 2.70 17.33
C ASP B 85 -38.06 3.51 17.70
N MET B 86 -37.63 3.39 18.96
CA MET B 86 -36.45 4.09 19.45
C MET B 86 -35.22 3.56 18.71
N GLU B 87 -35.14 2.25 18.56
CA GLU B 87 -34.03 1.61 17.86
C GLU B 87 -34.06 1.96 16.38
N ILE B 88 -35.25 1.96 15.80
CA ILE B 88 -35.39 2.28 14.39
C ILE B 88 -34.92 3.69 14.07
N ILE B 89 -35.44 4.67 14.82
CA ILE B 89 -35.08 6.07 14.59
C ILE B 89 -33.58 6.27 14.77
N LEU B 90 -33.01 5.60 15.76
CA LEU B 90 -31.58 5.72 16.00
C LEU B 90 -30.84 5.10 14.82
N ARG B 91 -31.32 3.94 14.37
CA ARG B 91 -30.69 3.28 13.24
C ARG B 91 -30.66 4.20 12.02
N TYR B 92 -31.79 4.81 11.67
CA TYR B 92 -31.85 5.69 10.51
C TYR B 92 -31.00 6.94 10.68
N VAL B 93 -30.82 7.38 11.92
CA VAL B 93 -30.00 8.54 12.18
C VAL B 93 -28.57 8.19 11.83
N THR B 94 -28.09 7.03 12.30
CA THR B 94 -26.72 6.64 11.99
C THR B 94 -26.55 6.43 10.47
N TYR B 95 -27.64 6.05 9.77
CA TYR B 95 -27.56 5.88 8.32
C TYR B 95 -27.25 7.25 7.69
N ALA B 96 -27.96 8.27 8.15
CA ALA B 96 -27.77 9.63 7.62
C ALA B 96 -26.37 10.14 7.89
N VAL B 97 -25.85 9.83 9.07
CA VAL B 97 -24.49 10.25 9.42
C VAL B 97 -23.50 9.54 8.51
N PHE B 98 -23.73 8.26 8.26
CA PHE B 98 -22.85 7.46 7.40
C PHE B 98 -22.88 7.99 5.95
N ALA B 99 -24.06 8.25 5.44
CA ALA B 99 -24.22 8.75 4.08
C ALA B 99 -23.84 10.23 3.94
N GLY B 100 -23.97 10.99 5.03
CA GLY B 100 -23.64 12.40 4.99
C GLY B 100 -24.76 13.18 4.32
N ASP B 101 -25.96 12.64 4.42
CA ASP B 101 -27.14 13.25 3.82
C ASP B 101 -28.36 12.73 4.58
N ALA B 102 -29.33 13.60 4.85
CA ALA B 102 -30.51 13.22 5.59
C ALA B 102 -31.58 12.47 4.81
N SER B 103 -31.43 12.37 3.49
CA SER B 103 -32.43 11.72 2.65
C SER B 103 -32.90 10.33 3.11
N VAL B 104 -31.98 9.43 3.45
CA VAL B 104 -32.42 8.11 3.88
C VAL B 104 -33.37 8.23 5.07
N LEU B 105 -32.97 9.03 6.05
CA LEU B 105 -33.78 9.25 7.25
C LEU B 105 -35.16 9.82 6.92
N GLU B 106 -35.19 10.88 6.12
CA GLU B 106 -36.45 11.53 5.74
C GLU B 106 -37.41 10.62 4.98
N ASP B 107 -36.93 10.04 3.89
CA ASP B 107 -37.76 9.19 3.04
C ASP B 107 -38.21 7.86 3.63
N ARG B 108 -37.27 7.08 4.15
CA ARG B 108 -37.61 5.76 4.67
C ARG B 108 -38.09 5.70 6.11
N CYS B 109 -37.84 6.75 6.89
CA CYS B 109 -38.24 6.70 8.28
C CYS B 109 -39.24 7.76 8.74
N LEU B 110 -38.89 9.01 8.60
CA LEU B 110 -39.75 10.10 9.04
C LEU B 110 -40.99 10.36 8.19
N ASN B 111 -40.84 10.25 6.88
CA ASN B 111 -41.95 10.49 5.95
C ASN B 111 -43.26 9.83 6.38
N GLY B 112 -44.23 10.67 6.75
CA GLY B 112 -45.53 10.17 7.15
C GLY B 112 -45.57 9.46 8.49
N LEU B 113 -44.55 9.68 9.32
CA LEU B 113 -44.51 9.04 10.63
C LEU B 113 -45.47 9.75 11.60
N ARG B 114 -45.62 11.07 11.45
CA ARG B 114 -46.50 11.82 12.32
C ARG B 114 -47.93 11.30 12.16
N GLU B 115 -48.31 11.07 10.91
CA GLU B 115 -49.64 10.56 10.59
C GLU B 115 -49.84 9.18 11.20
N THR B 116 -48.79 8.36 11.18
CA THR B 116 -48.86 7.01 11.73
C THR B 116 -49.15 7.04 13.23
N TYR B 117 -48.41 7.85 13.98
CA TYR B 117 -48.61 7.96 15.42
C TYR B 117 -49.97 8.55 15.74
N LEU B 118 -50.41 9.47 14.88
CA LEU B 118 -51.69 10.11 15.07
C LEU B 118 -52.81 9.08 14.92
N ALA B 119 -52.70 8.23 13.90
CA ALA B 119 -53.70 7.20 13.65
C ALA B 119 -53.70 6.11 14.74
N LEU B 120 -52.53 5.90 15.35
CA LEU B 120 -52.38 4.89 16.39
C LEU B 120 -52.75 5.43 17.77
N GLY B 121 -52.71 6.76 17.91
CA GLY B 121 -53.01 7.36 19.19
C GLY B 121 -51.74 7.41 20.03
N THR B 122 -50.61 7.30 19.35
CA THR B 122 -49.31 7.35 20.02
C THR B 122 -48.91 8.80 20.19
N PRO B 123 -48.57 9.21 21.42
CA PRO B 123 -48.17 10.59 21.66
C PRO B 123 -46.87 10.94 20.95
N GLY B 124 -47.00 11.69 19.85
CA GLY B 124 -45.82 12.07 19.08
C GLY B 124 -44.85 12.90 19.91
N SER B 125 -45.38 13.82 20.70
CA SER B 125 -44.58 14.70 21.53
C SER B 125 -43.67 13.90 22.46
N SER B 126 -44.18 12.79 22.99
CA SER B 126 -43.39 11.96 23.88
C SER B 126 -42.33 11.19 23.08
N VAL B 127 -42.65 10.87 21.83
CA VAL B 127 -41.69 10.17 20.99
C VAL B 127 -40.49 11.09 20.79
N ALA B 128 -40.78 12.38 20.54
CA ALA B 128 -39.74 13.37 20.33
C ALA B 128 -38.89 13.51 21.60
N VAL B 129 -39.52 13.37 22.76
CA VAL B 129 -38.79 13.47 24.01
C VAL B 129 -37.76 12.34 24.08
N GLY B 130 -38.18 11.14 23.72
CA GLY B 130 -37.28 9.99 23.74
C GLY B 130 -36.13 10.15 22.75
N VAL B 131 -36.44 10.71 21.58
CA VAL B 131 -35.42 10.92 20.55
C VAL B 131 -34.41 11.98 20.99
N GLY B 132 -34.92 13.06 21.61
CA GLY B 132 -34.05 14.11 22.09
C GLY B 132 -33.08 13.58 23.12
N LYS B 133 -33.57 12.70 23.99
CA LYS B 133 -32.73 12.09 25.01
C LYS B 133 -31.64 11.25 24.35
N MET B 134 -32.00 10.49 23.32
CA MET B 134 -31.01 9.66 22.61
C MET B 134 -29.97 10.58 21.98
N LYS B 135 -30.42 11.75 21.52
CA LYS B 135 -29.52 12.73 20.90
C LYS B 135 -28.44 13.13 21.89
N GLU B 136 -28.86 13.52 23.09
CA GLU B 136 -27.93 13.94 24.12
C GLU B 136 -26.91 12.84 24.40
N ALA B 137 -27.40 11.62 24.63
CA ALA B 137 -26.55 10.47 24.94
C ALA B 137 -25.65 10.08 23.78
N ALA B 138 -26.18 10.17 22.56
CA ALA B 138 -25.43 9.81 21.35
C ALA B 138 -24.27 10.79 21.15
N LEU B 139 -24.57 12.08 21.24
CA LEU B 139 -23.54 13.09 21.07
C LEU B 139 -22.44 13.02 22.12
N ALA B 140 -22.80 12.69 23.36
CA ALA B 140 -21.80 12.60 24.42
C ALA B 140 -20.84 11.46 24.08
N ILE B 141 -21.41 10.33 23.66
CA ILE B 141 -20.62 9.17 23.27
C ILE B 141 -19.68 9.53 22.11
N VAL B 142 -20.21 10.26 21.14
CA VAL B 142 -19.42 10.68 19.98
C VAL B 142 -18.33 11.66 20.39
N ASN B 143 -18.62 12.53 21.34
CA ASN B 143 -17.65 13.54 21.80
C ASN B 143 -16.70 13.08 22.90
N ASP B 144 -16.80 11.83 23.34
CA ASP B 144 -15.92 11.35 24.40
C ASP B 144 -14.50 11.20 23.89
N PRO B 145 -13.56 11.98 24.45
CA PRO B 145 -12.14 11.98 24.09
C PRO B 145 -11.36 10.71 24.42
N ALA B 146 -11.96 9.84 25.22
CA ALA B 146 -11.30 8.60 25.62
C ALA B 146 -11.15 7.57 24.50
N GLY B 147 -9.97 6.97 24.40
CA GLY B 147 -9.71 5.95 23.41
C GLY B 147 -9.83 6.35 21.95
N ILE B 148 -9.42 7.57 21.62
CA ILE B 148 -9.49 8.03 20.25
C ILE B 148 -8.53 9.19 20.00
N THR B 149 -7.91 9.21 18.84
CA THR B 149 -6.97 10.27 18.49
C THR B 149 -7.66 11.63 18.62
N PRO B 150 -7.08 12.54 19.43
CA PRO B 150 -7.62 13.88 19.66
C PRO B 150 -7.81 14.69 18.38
N GLY B 151 -8.89 15.46 18.34
CA GLY B 151 -9.17 16.27 17.17
C GLY B 151 -10.51 16.96 17.30
N ASP B 152 -10.81 17.82 16.34
CA ASP B 152 -12.06 18.57 16.34
C ASP B 152 -13.20 17.88 15.58
N CYS B 153 -14.26 17.54 16.31
CA CYS B 153 -15.43 16.90 15.73
C CYS B 153 -16.64 17.82 15.85
N SER B 154 -16.36 19.09 16.11
CA SER B 154 -17.37 20.12 16.25
C SER B 154 -18.41 20.10 15.12
N ALA B 155 -17.93 20.23 13.88
CA ALA B 155 -18.82 20.25 12.73
C ALA B 155 -19.68 18.99 12.62
N LEU B 156 -19.04 17.84 12.71
CA LEU B 156 -19.76 16.56 12.63
C LEU B 156 -20.83 16.46 13.72
N ALA B 157 -20.52 16.97 14.91
CA ALA B 157 -21.46 16.95 16.02
C ALA B 157 -22.72 17.75 15.68
N SER B 158 -22.54 18.88 15.00
CA SER B 158 -23.68 19.70 14.61
C SER B 158 -24.52 18.96 13.58
N GLU B 159 -23.86 18.30 12.65
CA GLU B 159 -24.53 17.53 11.62
C GLU B 159 -25.36 16.41 12.25
N ILE B 160 -24.75 15.67 13.16
CA ILE B 160 -25.45 14.57 13.84
C ILE B 160 -26.68 15.09 14.57
N ALA B 161 -26.51 16.23 15.24
CA ALA B 161 -27.60 16.84 15.98
C ALA B 161 -28.77 17.18 15.06
N SER B 162 -28.45 17.73 13.88
CA SER B 162 -29.49 18.11 12.94
C SER B 162 -30.33 16.93 12.49
N TYR B 163 -29.74 15.74 12.44
CA TYR B 163 -30.52 14.57 12.05
C TYR B 163 -31.47 14.17 13.17
N PHE B 164 -30.95 14.19 14.41
CA PHE B 164 -31.78 13.87 15.56
C PHE B 164 -32.90 14.91 15.64
N ASP B 165 -32.57 16.16 15.36
CA ASP B 165 -33.56 17.23 15.40
C ASP B 165 -34.64 17.04 14.35
N ARG B 166 -34.23 16.64 13.14
CA ARG B 166 -35.18 16.40 12.07
C ARG B 166 -36.16 15.33 12.53
N ALA B 167 -35.65 14.34 13.28
CA ALA B 167 -36.50 13.26 13.77
C ALA B 167 -37.52 13.81 14.76
N CYS B 168 -37.05 14.60 15.73
CA CYS B 168 -37.94 15.17 16.73
C CYS B 168 -39.03 16.02 16.10
N ALA B 169 -38.66 16.83 15.11
CA ALA B 169 -39.62 17.71 14.43
C ALA B 169 -40.64 16.93 13.60
N ALA B 170 -40.24 15.78 13.08
CA ALA B 170 -41.13 14.96 12.25
C ALA B 170 -42.27 14.32 13.02
N VAL B 171 -42.10 14.08 14.32
CA VAL B 171 -43.13 13.43 15.11
C VAL B 171 -44.00 14.35 15.97
N SER B 172 -43.47 15.50 16.36
CA SER B 172 -44.22 16.45 17.18
C SER B 172 -45.13 17.29 16.29
N MET C 1 -57.48 -12.76 20.15
CA MET C 1 -57.86 -12.96 21.58
C MET C 1 -58.32 -14.41 21.77
N LYS C 2 -57.48 -15.23 22.39
CA LYS C 2 -57.84 -16.62 22.60
C LYS C 2 -58.74 -16.85 23.80
N THR C 3 -60.05 -16.94 23.52
CA THR C 3 -61.06 -17.21 24.53
C THR C 3 -62.11 -18.04 23.79
N PRO C 4 -62.82 -18.91 24.51
CA PRO C 4 -63.83 -19.74 23.87
C PRO C 4 -64.81 -19.05 22.91
N LEU C 5 -65.53 -18.05 23.40
CA LEU C 5 -66.51 -17.35 22.58
C LEU C 5 -65.91 -16.61 21.38
N THR C 6 -64.75 -16.00 21.59
CA THR C 6 -64.08 -15.25 20.52
C THR C 6 -63.55 -16.19 19.43
N GLU C 7 -62.90 -17.27 19.81
CA GLU C 7 -62.37 -18.22 18.83
C GLU C 7 -63.53 -18.86 18.06
N ALA C 8 -64.62 -19.18 18.76
CA ALA C 8 -65.77 -19.80 18.11
C ALA C 8 -66.26 -18.89 16.98
N VAL C 9 -66.47 -17.61 17.28
CA VAL C 9 -66.93 -16.66 16.28
C VAL C 9 -65.91 -16.47 15.16
N SER C 10 -64.63 -16.38 15.53
CA SER C 10 -63.57 -16.18 14.55
C SER C 10 -63.48 -17.29 13.50
N ILE C 11 -63.51 -18.56 13.90
CA ILE C 11 -63.46 -19.68 12.96
C ILE C 11 -64.64 -19.53 12.00
N ALA C 12 -65.84 -19.50 12.57
CA ALA C 12 -67.06 -19.38 11.81
C ALA C 12 -66.98 -18.25 10.79
N ASP C 13 -66.62 -17.04 11.23
CA ASP C 13 -66.52 -15.90 10.33
C ASP C 13 -65.46 -16.17 9.28
N SER C 14 -64.38 -16.82 9.71
CA SER C 14 -63.29 -17.17 8.81
C SER C 14 -63.76 -18.10 7.70
N GLN C 15 -64.82 -18.87 7.97
CA GLN C 15 -65.35 -19.81 7.00
C GLN C 15 -66.61 -19.28 6.32
N GLY C 16 -67.06 -18.11 6.77
CA GLY C 16 -68.27 -17.50 6.20
C GLY C 16 -69.50 -18.30 6.61
N ARG C 17 -69.43 -18.96 7.76
CA ARG C 17 -70.52 -19.80 8.25
C ARG C 17 -71.33 -19.27 9.42
N PHE C 18 -72.60 -19.63 9.47
CA PHE C 18 -73.44 -19.26 10.58
C PHE C 18 -72.96 -20.20 11.68
N LEU C 19 -73.15 -19.83 12.94
CA LEU C 19 -72.75 -20.68 14.04
C LEU C 19 -73.62 -21.93 14.03
N SER C 20 -73.10 -23.03 14.55
CA SER C 20 -73.86 -24.27 14.58
C SER C 20 -73.60 -25.02 15.89
N SER C 21 -74.02 -26.28 15.95
CA SER C 21 -73.85 -27.08 17.17
C SER C 21 -72.40 -27.07 17.69
N THR C 22 -71.42 -27.12 16.80
CA THR C 22 -70.03 -27.12 17.21
C THR C 22 -69.68 -25.90 18.08
N GLU C 23 -70.02 -24.72 17.61
CA GLU C 23 -69.72 -23.49 18.36
C GLU C 23 -70.62 -23.36 19.59
N ILE C 24 -71.81 -23.95 19.54
CA ILE C 24 -72.72 -23.89 20.70
C ILE C 24 -72.17 -24.75 21.84
N GLN C 25 -71.54 -25.88 21.50
CA GLN C 25 -70.95 -26.77 22.51
C GLN C 25 -69.74 -26.08 23.11
N VAL C 26 -69.08 -25.24 22.31
CA VAL C 26 -67.93 -24.49 22.79
C VAL C 26 -68.45 -23.54 23.87
N ALA C 27 -69.55 -22.85 23.58
CA ALA C 27 -70.16 -21.94 24.53
C ALA C 27 -70.52 -22.72 25.79
N PHE C 28 -71.19 -23.86 25.60
CA PHE C 28 -71.58 -24.71 26.73
C PHE C 28 -70.37 -24.97 27.60
N GLY C 29 -69.26 -25.36 26.97
CA GLY C 29 -68.05 -25.64 27.71
C GLY C 29 -67.60 -24.41 28.46
N ARG C 30 -67.60 -23.26 27.78
CA ARG C 30 -67.20 -22.01 28.41
C ARG C 30 -68.09 -21.62 29.58
N PHE C 31 -69.40 -21.65 29.38
CA PHE C 31 -70.32 -21.26 30.44
C PHE C 31 -70.33 -22.20 31.64
N ARG C 32 -70.01 -23.46 31.40
CA ARG C 32 -69.95 -24.45 32.48
C ARG C 32 -68.76 -24.11 33.37
N GLN C 33 -67.66 -23.75 32.73
CA GLN C 33 -66.40 -23.41 33.41
C GLN C 33 -66.47 -22.06 34.12
N ALA C 34 -67.13 -21.08 33.50
CA ALA C 34 -67.24 -19.74 34.06
C ALA C 34 -67.79 -19.71 35.49
N LYS C 35 -68.64 -20.68 35.82
CA LYS C 35 -69.22 -20.73 37.14
C LYS C 35 -68.12 -20.84 38.19
N ALA C 36 -67.14 -21.68 37.92
CA ALA C 36 -66.00 -21.85 38.81
C ALA C 36 -64.95 -20.75 38.61
N GLY C 37 -64.73 -20.37 37.35
CA GLY C 37 -63.74 -19.36 37.03
C GLY C 37 -63.98 -17.97 37.57
N LEU C 38 -65.23 -17.52 37.56
CA LEU C 38 -65.57 -16.19 38.07
C LEU C 38 -65.39 -16.12 39.58
N GLU C 39 -65.66 -17.22 40.28
CA GLU C 39 -65.49 -17.23 41.72
C GLU C 39 -63.99 -17.27 42.03
N ALA C 40 -63.23 -18.01 41.23
CA ALA C 40 -61.79 -18.10 41.41
C ALA C 40 -61.16 -16.71 41.26
N ALA C 41 -61.64 -15.95 40.29
CA ALA C 41 -61.13 -14.60 40.06
C ALA C 41 -61.39 -13.78 41.33
N LYS C 42 -62.60 -13.92 41.88
CA LYS C 42 -62.98 -13.19 43.09
C LYS C 42 -62.05 -13.54 44.24
N ALA C 43 -61.80 -14.83 44.42
CA ALA C 43 -60.92 -15.29 45.49
C ALA C 43 -59.52 -14.68 45.37
N LEU C 44 -58.95 -14.71 44.16
CA LEU C 44 -57.62 -14.17 43.94
C LEU C 44 -57.59 -12.67 44.18
N THR C 45 -58.64 -11.98 43.75
CA THR C 45 -58.72 -10.55 43.95
C THR C 45 -58.70 -10.23 45.43
N SER C 46 -59.59 -10.84 46.21
CA SER C 46 -59.67 -10.59 47.64
C SER C 46 -58.37 -10.78 48.42
N LYS C 47 -57.48 -11.64 47.95
CA LYS C 47 -56.21 -11.85 48.65
C LYS C 47 -55.00 -11.45 47.83
N ALA C 48 -55.20 -10.49 46.92
CA ALA C 48 -54.15 -10.00 46.04
C ALA C 48 -52.93 -9.47 46.77
N ASP C 49 -53.13 -8.55 47.71
CA ASP C 49 -52.01 -7.97 48.47
C ASP C 49 -51.18 -9.05 49.12
N SER C 50 -51.86 -10.00 49.75
CA SER C 50 -51.17 -11.09 50.41
C SER C 50 -50.30 -11.84 49.40
N LEU C 51 -50.95 -12.31 48.34
CA LEU C 51 -50.26 -13.05 47.28
C LEU C 51 -49.09 -12.32 46.64
N ILE C 52 -49.28 -11.05 46.35
CA ILE C 52 -48.24 -10.26 45.70
C ILE C 52 -47.02 -10.03 46.59
N SER C 53 -47.24 -9.51 47.80
CA SER C 53 -46.11 -9.26 48.70
C SER C 53 -45.43 -10.59 49.03
N GLY C 54 -46.22 -11.66 49.15
CA GLY C 54 -45.66 -12.96 49.45
C GLY C 54 -44.82 -13.50 48.29
N ALA C 55 -45.31 -13.31 47.07
CA ALA C 55 -44.62 -13.78 45.87
C ALA C 55 -43.33 -12.99 45.65
N ALA C 56 -43.40 -11.68 45.90
CA ALA C 56 -42.23 -10.83 45.74
C ALA C 56 -41.17 -11.24 46.77
N GLN C 57 -41.61 -11.53 47.99
CA GLN C 57 -40.68 -11.93 49.04
C GLN C 57 -40.06 -13.28 48.66
N ALA C 58 -40.85 -14.12 48.01
CA ALA C 58 -40.37 -15.45 47.60
C ALA C 58 -39.25 -15.33 46.55
N VAL C 59 -39.34 -14.31 45.69
CA VAL C 59 -38.32 -14.13 44.68
C VAL C 59 -37.03 -13.64 45.35
N TYR C 60 -37.15 -12.66 46.24
CA TYR C 60 -35.99 -12.11 46.94
C TYR C 60 -35.28 -13.20 47.76
N ASN C 61 -36.05 -14.15 48.29
CA ASN C 61 -35.49 -15.25 49.07
C ASN C 61 -34.68 -16.19 48.15
N LYS C 62 -35.24 -16.51 46.99
CA LYS C 62 -34.60 -17.41 46.03
C LYS C 62 -33.39 -16.75 45.36
N PHE C 63 -33.50 -15.46 45.06
CA PHE C 63 -32.45 -14.68 44.41
C PHE C 63 -32.10 -13.46 45.26
N PRO C 64 -31.48 -13.67 46.43
CA PRO C 64 -31.11 -12.57 47.33
C PRO C 64 -30.32 -11.42 46.73
N TYR C 65 -29.57 -11.67 45.65
CA TYR C 65 -28.80 -10.61 45.03
C TYR C 65 -29.68 -9.50 44.42
N THR C 66 -30.94 -9.84 44.15
CA THR C 66 -31.86 -8.86 43.56
C THR C 66 -32.19 -7.74 44.54
N THR C 67 -31.75 -7.89 45.77
CA THR C 67 -31.99 -6.88 46.79
C THR C 67 -30.67 -6.23 47.18
N GLN C 68 -29.59 -6.69 46.55
CA GLN C 68 -28.24 -6.18 46.81
C GLN C 68 -27.78 -5.19 45.73
N MET C 69 -27.52 -5.72 44.53
CA MET C 69 -27.05 -4.94 43.39
C MET C 69 -27.72 -3.59 43.17
N GLN C 70 -26.90 -2.59 42.83
CA GLN C 70 -27.35 -1.22 42.64
C GLN C 70 -28.06 -0.88 41.32
N GLY C 71 -27.88 -1.73 40.31
CA GLY C 71 -28.51 -1.46 39.02
C GLY C 71 -29.99 -1.12 39.04
N PRO C 72 -30.49 -0.43 38.01
CA PRO C 72 -31.92 -0.06 37.97
C PRO C 72 -32.82 -1.29 37.75
N ASN C 73 -32.25 -2.35 37.19
CA ASN C 73 -33.01 -3.57 36.95
C ASN C 73 -33.19 -4.41 38.20
N TYR C 74 -32.54 -4.02 39.30
CA TYR C 74 -32.66 -4.76 40.54
C TYR C 74 -33.51 -4.05 41.60
N ALA C 75 -33.77 -4.74 42.70
CA ALA C 75 -34.58 -4.18 43.78
C ALA C 75 -33.85 -4.03 45.11
N ALA C 76 -32.83 -3.17 45.13
CA ALA C 76 -32.07 -2.93 46.35
C ALA C 76 -32.63 -1.69 47.01
N ASP C 77 -33.32 -0.86 46.23
CA ASP C 77 -33.93 0.36 46.74
C ASP C 77 -35.45 0.26 46.64
N GLN C 78 -36.16 1.17 47.28
CA GLN C 78 -37.62 1.14 47.27
C GLN C 78 -38.21 1.23 45.85
N ARG C 79 -37.53 1.92 44.96
CA ARG C 79 -37.99 2.05 43.57
C ARG C 79 -38.04 0.67 42.92
N GLY C 80 -36.96 -0.10 43.09
CA GLY C 80 -36.87 -1.42 42.51
C GLY C 80 -37.93 -2.36 43.05
N LYS C 81 -38.05 -2.42 44.36
CA LYS C 81 -39.03 -3.29 44.98
C LYS C 81 -40.43 -2.91 44.52
N ASP C 82 -40.67 -1.61 44.33
CA ASP C 82 -41.96 -1.15 43.88
C ASP C 82 -42.22 -1.56 42.42
N LYS C 83 -41.16 -1.68 41.63
CA LYS C 83 -41.29 -2.10 40.24
C LYS C 83 -41.67 -3.57 40.24
N CYS C 84 -40.99 -4.33 41.09
CA CYS C 84 -41.19 -5.75 41.20
C CYS C 84 -42.59 -6.16 41.64
N ALA C 85 -43.07 -5.53 42.71
CA ALA C 85 -44.41 -5.84 43.22
C ALA C 85 -45.42 -5.46 42.15
N ARG C 86 -45.15 -4.37 41.44
CA ARG C 86 -46.04 -3.93 40.38
C ARG C 86 -46.11 -5.05 39.33
N ASP C 87 -44.94 -5.46 38.83
CA ASP C 87 -44.86 -6.53 37.82
C ASP C 87 -45.61 -7.78 38.28
N ILE C 88 -45.37 -8.20 39.52
CA ILE C 88 -46.03 -9.38 40.04
C ILE C 88 -47.53 -9.12 40.18
N GLY C 89 -47.90 -7.86 40.44
CA GLY C 89 -49.30 -7.54 40.53
C GLY C 89 -49.92 -7.69 39.16
N TYR C 90 -49.14 -7.37 38.14
CA TYR C 90 -49.58 -7.48 36.75
C TYR C 90 -49.83 -8.95 36.40
N TYR C 91 -48.90 -9.83 36.73
CA TYR C 91 -49.11 -11.24 36.42
C TYR C 91 -50.38 -11.76 37.11
N LEU C 92 -50.57 -11.40 38.37
CA LEU C 92 -51.75 -11.86 39.09
C LEU C 92 -53.03 -11.30 38.47
N ARG C 93 -53.02 -10.03 38.11
CA ARG C 93 -54.21 -9.42 37.50
C ARG C 93 -54.58 -10.11 36.19
N MET C 94 -53.58 -10.43 35.37
CA MET C 94 -53.83 -11.10 34.09
C MET C 94 -54.48 -12.46 34.33
N VAL C 95 -54.01 -13.17 35.35
CA VAL C 95 -54.56 -14.48 35.67
C VAL C 95 -56.05 -14.37 36.01
N THR C 96 -56.46 -13.35 36.73
CA THR C 96 -57.88 -13.20 37.06
C THR C 96 -58.62 -12.93 35.75
N TYR C 97 -58.03 -12.11 34.89
CA TYR C 97 -58.64 -11.77 33.61
C TYR C 97 -58.88 -13.03 32.78
N CYS C 98 -57.90 -13.91 32.76
CA CYS C 98 -58.01 -15.17 32.00
C CYS C 98 -59.12 -16.05 32.56
N LEU C 99 -59.22 -16.11 33.88
CA LEU C 99 -60.25 -16.92 34.52
C LEU C 99 -61.61 -16.37 34.14
N ILE C 100 -61.69 -15.04 34.05
CA ILE C 100 -62.92 -14.35 33.72
C ILE C 100 -63.32 -14.56 32.26
N ALA C 101 -62.34 -14.51 31.35
CA ALA C 101 -62.59 -14.68 29.93
C ALA C 101 -62.59 -16.16 29.53
N GLY C 102 -62.01 -17.01 30.38
CA GLY C 102 -61.96 -18.43 30.10
C GLY C 102 -60.89 -18.80 29.11
N GLY C 103 -59.84 -17.98 29.02
CA GLY C 103 -58.76 -18.26 28.10
C GLY C 103 -57.53 -17.39 28.34
N THR C 104 -56.38 -17.80 27.79
CA THR C 104 -55.15 -17.07 27.96
C THR C 104 -55.13 -15.75 27.20
N GLY C 105 -56.15 -15.54 26.36
CA GLY C 105 -56.24 -14.34 25.55
C GLY C 105 -55.79 -13.03 26.19
N PRO C 106 -56.42 -12.62 27.29
CA PRO C 106 -56.04 -11.36 27.95
C PRO C 106 -54.54 -11.28 28.27
N MET C 107 -53.99 -12.36 28.81
CA MET C 107 -52.58 -12.37 29.17
C MET C 107 -51.69 -12.35 27.94
N ASP C 108 -52.11 -13.07 26.90
CA ASP C 108 -51.34 -13.11 25.67
C ASP C 108 -51.26 -11.71 25.08
N GLU C 109 -52.40 -11.03 25.05
CA GLU C 109 -52.45 -9.69 24.49
C GLU C 109 -51.83 -8.56 25.30
N TYR C 110 -51.98 -8.60 26.62
CA TYR C 110 -51.45 -7.52 27.44
C TYR C 110 -50.09 -7.78 28.08
N LEU C 111 -49.67 -9.03 28.17
CA LEU C 111 -48.39 -9.30 28.82
C LEU C 111 -47.40 -10.21 28.09
N ILE C 112 -47.86 -11.33 27.56
CA ILE C 112 -46.98 -12.27 26.87
C ILE C 112 -46.28 -11.70 25.64
N ALA C 113 -47.06 -11.23 24.67
CA ALA C 113 -46.50 -10.68 23.44
C ALA C 113 -45.52 -9.54 23.74
N GLY C 114 -44.25 -9.76 23.42
CA GLY C 114 -43.23 -8.74 23.65
C GLY C 114 -42.48 -8.84 24.98
N ILE C 115 -42.89 -9.75 25.85
CA ILE C 115 -42.24 -9.91 27.14
C ILE C 115 -40.75 -10.20 27.00
N ASP C 116 -40.38 -10.97 25.98
CA ASP C 116 -38.99 -11.31 25.74
C ASP C 116 -38.15 -10.07 25.48
N GLU C 117 -38.66 -9.17 24.65
CA GLU C 117 -37.97 -7.94 24.33
C GLU C 117 -37.71 -7.13 25.60
N ILE C 118 -38.76 -6.98 26.40
CA ILE C 118 -38.69 -6.23 27.64
C ILE C 118 -37.64 -6.77 28.61
N ASN C 119 -37.69 -8.07 28.88
CA ASN C 119 -36.75 -8.70 29.80
C ASN C 119 -35.32 -8.65 29.29
N ARG C 120 -35.17 -8.64 27.97
CA ARG C 120 -33.86 -8.58 27.36
C ARG C 120 -33.33 -7.14 27.45
N THR C 121 -34.15 -6.19 27.03
CA THR C 121 -33.78 -4.79 27.03
C THR C 121 -33.45 -4.22 28.43
N PHE C 122 -34.27 -4.54 29.42
CA PHE C 122 -34.07 -4.05 30.78
C PHE C 122 -33.33 -5.04 31.67
N GLU C 123 -32.80 -6.09 31.06
CA GLU C 123 -32.05 -7.12 31.79
C GLU C 123 -32.76 -7.66 33.03
N LEU C 124 -34.02 -8.03 32.86
CA LEU C 124 -34.80 -8.61 33.93
C LEU C 124 -34.74 -10.11 33.64
N SER C 125 -34.61 -10.92 34.68
CA SER C 125 -34.53 -12.36 34.50
C SER C 125 -35.85 -13.10 34.64
N PRO C 126 -36.25 -13.84 33.59
CA PRO C 126 -37.49 -14.62 33.56
C PRO C 126 -37.60 -15.55 34.77
N SER C 127 -36.46 -16.06 35.24
CA SER C 127 -36.45 -16.96 36.39
C SER C 127 -37.03 -16.31 37.65
N TRP C 128 -36.89 -15.01 37.76
CA TRP C 128 -37.40 -14.28 38.92
C TRP C 128 -38.92 -14.41 38.97
N TYR C 129 -39.55 -14.19 37.83
CA TYR C 129 -41.00 -14.24 37.71
C TYR C 129 -41.51 -15.67 37.88
N ILE C 130 -40.79 -16.63 37.32
CA ILE C 130 -41.17 -18.03 37.44
C ILE C 130 -41.31 -18.41 38.92
N GLU C 131 -40.45 -17.86 39.77
CA GLU C 131 -40.53 -18.16 41.20
C GLU C 131 -41.77 -17.50 41.80
N ALA C 132 -42.07 -16.27 41.35
CA ALA C 132 -43.24 -15.55 41.85
C ALA C 132 -44.51 -16.34 41.48
N LEU C 133 -44.55 -16.83 40.24
CA LEU C 133 -45.69 -17.60 39.77
C LEU C 133 -45.83 -18.91 40.52
N LYS C 134 -44.72 -19.54 40.87
CA LYS C 134 -44.78 -20.80 41.62
C LYS C 134 -45.37 -20.54 43.01
N TYR C 135 -45.06 -19.38 43.57
CA TYR C 135 -45.56 -19.03 44.89
C TYR C 135 -47.07 -18.88 44.85
N ILE C 136 -47.57 -18.10 43.90
CA ILE C 136 -49.00 -17.89 43.76
C ILE C 136 -49.73 -19.23 43.65
N LYS C 137 -49.21 -20.12 42.82
CA LYS C 137 -49.80 -21.45 42.65
C LYS C 137 -49.95 -22.15 44.00
N ALA C 138 -48.87 -22.17 44.78
CA ALA C 138 -48.88 -22.85 46.07
C ALA C 138 -49.60 -22.13 47.20
N ASN C 139 -49.90 -20.85 47.02
CA ASN C 139 -50.54 -20.07 48.08
C ASN C 139 -51.89 -19.42 47.80
N HIS C 140 -52.45 -19.64 46.60
CA HIS C 140 -53.75 -19.02 46.30
C HIS C 140 -54.89 -19.69 47.08
N GLY C 141 -54.65 -20.90 47.56
CA GLY C 141 -55.65 -21.62 48.33
C GLY C 141 -56.93 -22.04 47.65
N LEU C 142 -56.93 -22.07 46.32
CA LEU C 142 -58.12 -22.48 45.58
C LEU C 142 -58.26 -24.00 45.53
N SER C 143 -59.47 -24.48 45.30
CA SER C 143 -59.70 -25.90 45.22
C SER C 143 -60.54 -26.22 43.99
N GLY C 144 -60.64 -27.49 43.66
CA GLY C 144 -61.43 -27.90 42.51
C GLY C 144 -60.99 -27.28 41.20
N ASP C 145 -61.95 -27.12 40.31
CA ASP C 145 -61.71 -26.56 38.98
C ASP C 145 -61.18 -25.13 38.98
N ALA C 146 -61.47 -24.39 40.03
CA ALA C 146 -60.99 -23.01 40.15
C ALA C 146 -59.47 -23.09 40.24
N ALA C 147 -58.99 -24.05 41.00
CA ALA C 147 -57.55 -24.23 41.18
C ALA C 147 -56.88 -24.73 39.90
N THR C 148 -57.49 -25.74 39.28
CA THR C 148 -56.94 -26.31 38.05
C THR C 148 -56.81 -25.26 36.94
N GLU C 149 -57.89 -24.55 36.65
CA GLU C 149 -57.85 -23.53 35.60
C GLU C 149 -56.81 -22.47 35.96
N ALA C 150 -56.90 -21.96 37.18
CA ALA C 150 -55.99 -20.92 37.66
C ALA C 150 -54.55 -21.37 37.47
N ASN C 151 -54.25 -22.60 37.87
CA ASN C 151 -52.90 -23.10 37.75
C ASN C 151 -52.48 -23.28 36.30
N SER C 152 -53.44 -23.54 35.42
CA SER C 152 -53.11 -23.71 34.01
C SER C 152 -52.59 -22.38 33.49
N TYR C 153 -53.15 -21.27 33.98
CA TYR C 153 -52.70 -19.95 33.53
C TYR C 153 -51.36 -19.58 34.12
N LEU C 154 -51.14 -19.94 35.37
CA LEU C 154 -49.86 -19.65 36.01
C LEU C 154 -48.76 -20.44 35.30
N ASP C 155 -49.04 -21.71 35.00
CA ASP C 155 -48.06 -22.54 34.30
C ASP C 155 -47.89 -22.07 32.85
N TYR C 156 -48.94 -21.50 32.28
CA TYR C 156 -48.86 -21.00 30.91
C TYR C 156 -47.83 -19.87 30.92
N ALA C 157 -47.93 -18.99 31.91
CA ALA C 157 -47.00 -17.87 32.04
C ALA C 157 -45.59 -18.41 32.27
N ILE C 158 -45.46 -19.42 33.12
CA ILE C 158 -44.15 -20.01 33.39
C ILE C 158 -43.54 -20.60 32.12
N ASN C 159 -44.38 -21.29 31.33
CA ASN C 159 -43.89 -21.89 30.09
C ASN C 159 -43.43 -20.85 29.07
N ALA C 160 -44.06 -19.69 29.08
CA ALA C 160 -43.70 -18.62 28.17
C ALA C 160 -42.39 -17.95 28.59
N LEU C 161 -42.02 -18.13 29.86
CA LEU C 161 -40.79 -17.53 30.40
C LEU C 161 -39.64 -18.53 30.40
N SER C 162 -39.85 -19.69 29.78
CA SER C 162 -38.81 -20.70 29.74
C SER C 162 -38.93 -21.57 28.49
N MET D 1 -62.25 -8.25 17.89
CA MET D 1 -63.63 -8.31 18.48
C MET D 1 -63.55 -8.66 19.96
N PHE D 2 -64.58 -8.29 20.71
CA PHE D 2 -64.65 -8.61 22.13
C PHE D 2 -65.90 -9.40 22.39
N ASP D 3 -65.85 -10.34 23.33
CA ASP D 3 -67.06 -11.05 23.71
C ASP D 3 -67.42 -10.38 25.05
N ALA D 4 -68.55 -10.74 25.64
CA ALA D 4 -68.96 -10.11 26.89
C ALA D 4 -67.87 -10.04 27.96
N PHE D 5 -67.15 -11.14 28.17
CA PHE D 5 -66.10 -11.20 29.17
C PHE D 5 -64.90 -10.31 28.84
N THR D 6 -64.36 -10.47 27.63
CA THR D 6 -63.20 -9.67 27.23
C THR D 6 -63.51 -8.19 27.08
N LYS D 7 -64.79 -7.85 26.93
CA LYS D 7 -65.17 -6.45 26.80
C LYS D 7 -64.97 -5.73 28.12
N VAL D 8 -65.38 -6.38 29.21
CA VAL D 8 -65.24 -5.78 30.54
C VAL D 8 -63.77 -5.85 30.98
N VAL D 9 -63.08 -6.89 30.56
CA VAL D 9 -61.67 -7.07 30.89
C VAL D 9 -60.81 -5.94 30.31
N SER D 10 -61.00 -5.64 29.01
CA SER D 10 -60.23 -4.58 28.37
C SER D 10 -60.52 -3.22 29.01
N GLN D 11 -61.77 -3.01 29.43
CA GLN D 11 -62.10 -1.74 30.06
C GLN D 11 -61.38 -1.64 31.40
N ALA D 12 -61.31 -2.75 32.13
CA ALA D 12 -60.65 -2.77 33.43
C ALA D 12 -59.13 -2.67 33.29
N ASP D 13 -58.58 -3.28 32.24
CA ASP D 13 -57.13 -3.23 32.04
C ASP D 13 -56.67 -1.80 31.82
N THR D 14 -57.48 -1.02 31.11
CA THR D 14 -57.17 0.37 30.84
C THR D 14 -57.04 1.16 32.15
N ARG D 15 -57.75 0.72 33.17
CA ARG D 15 -57.71 1.38 34.48
C ARG D 15 -56.73 0.66 35.39
N GLY D 16 -56.18 -0.45 34.89
CA GLY D 16 -55.24 -1.23 35.68
C GLY D 16 -55.88 -1.79 36.94
N GLU D 17 -57.16 -2.12 36.85
CA GLU D 17 -57.88 -2.65 38.00
C GLU D 17 -58.51 -4.01 37.74
N MET D 18 -58.68 -4.76 38.81
CA MET D 18 -59.33 -6.05 38.68
C MET D 18 -60.83 -5.75 38.64
N LEU D 19 -61.59 -6.61 37.98
CA LEU D 19 -63.03 -6.39 37.89
C LEU D 19 -63.66 -6.09 39.24
N SER D 20 -64.61 -5.17 39.24
CA SER D 20 -65.33 -4.80 40.46
C SER D 20 -66.39 -5.87 40.72
N THR D 21 -67.13 -5.74 41.82
CA THR D 21 -68.15 -6.72 42.15
C THR D 21 -69.30 -6.60 41.15
N ALA D 22 -69.67 -5.36 40.86
CA ALA D 22 -70.75 -5.07 39.93
C ALA D 22 -70.44 -5.61 38.53
N GLN D 23 -69.16 -5.66 38.18
CA GLN D 23 -68.76 -6.14 36.86
C GLN D 23 -68.80 -7.66 36.79
N ILE D 24 -68.23 -8.34 37.78
CA ILE D 24 -68.24 -9.79 37.75
C ILE D 24 -69.67 -10.32 37.83
N ASP D 25 -70.51 -9.66 38.63
CA ASP D 25 -71.90 -10.09 38.78
C ASP D 25 -72.68 -10.01 37.48
N ALA D 26 -72.43 -8.97 36.69
CA ALA D 26 -73.13 -8.82 35.43
C ALA D 26 -72.82 -10.04 34.56
N LEU D 27 -71.54 -10.44 34.57
CA LEU D 27 -71.10 -11.58 33.78
C LEU D 27 -71.70 -12.89 34.33
N SER D 28 -71.84 -12.98 35.66
CA SER D 28 -72.41 -14.18 36.26
C SER D 28 -73.87 -14.35 35.83
N GLN D 29 -74.58 -13.23 35.73
CA GLN D 29 -75.97 -13.26 35.31
C GLN D 29 -76.03 -13.78 33.88
N MET D 30 -75.10 -13.33 33.05
CA MET D 30 -75.06 -13.79 31.65
C MET D 30 -74.78 -15.29 31.61
N VAL D 31 -73.88 -15.77 32.45
CA VAL D 31 -73.55 -17.18 32.51
C VAL D 31 -74.78 -18.00 32.93
N ALA D 32 -75.45 -17.57 33.99
CA ALA D 32 -76.63 -18.28 34.50
C ALA D 32 -77.78 -18.40 33.49
N GLU D 33 -77.92 -17.43 32.60
CA GLU D 33 -79.00 -17.43 31.60
C GLU D 33 -78.53 -17.77 30.19
N SER D 34 -77.25 -18.11 30.07
CA SER D 34 -76.65 -18.45 28.77
C SER D 34 -77.35 -19.51 27.95
N ASN D 35 -78.09 -20.41 28.60
CA ASN D 35 -78.78 -21.45 27.84
C ASN D 35 -79.77 -20.82 26.84
N LYS D 36 -80.52 -19.84 27.30
CA LYS D 36 -81.50 -19.18 26.44
C LYS D 36 -80.82 -18.40 25.31
N ARG D 37 -79.65 -17.84 25.61
CA ARG D 37 -78.91 -17.08 24.62
C ARG D 37 -78.52 -18.04 23.49
N LEU D 38 -78.12 -19.26 23.85
CA LEU D 38 -77.72 -20.25 22.87
C LEU D 38 -78.93 -20.76 22.08
N ASP D 39 -80.09 -20.81 22.74
CA ASP D 39 -81.30 -21.25 22.05
C ASP D 39 -81.65 -20.21 20.99
N ALA D 40 -81.48 -18.93 21.31
CA ALA D 40 -81.78 -17.85 20.37
C ALA D 40 -80.86 -17.94 19.16
N VAL D 41 -79.59 -18.25 19.39
CA VAL D 41 -78.62 -18.38 18.30
C VAL D 41 -79.06 -19.54 17.42
N ASN D 42 -79.30 -20.70 18.04
CA ASN D 42 -79.70 -21.89 17.29
C ASN D 42 -81.01 -21.68 16.52
N ARG D 43 -81.98 -21.02 17.15
CA ARG D 43 -83.27 -20.76 16.52
C ARG D 43 -83.19 -19.84 15.33
N ILE D 44 -82.45 -18.74 15.47
CA ILE D 44 -82.34 -17.81 14.34
C ILE D 44 -81.55 -18.47 13.21
N THR D 45 -80.44 -19.12 13.58
CA THR D 45 -79.61 -19.78 12.58
C THR D 45 -80.39 -20.87 11.84
N SER D 46 -81.20 -21.63 12.57
CA SER D 46 -81.97 -22.71 11.95
C SER D 46 -83.06 -22.20 11.00
N ASN D 47 -83.37 -20.91 11.05
CA ASN D 47 -84.38 -20.33 10.17
C ASN D 47 -83.81 -19.21 9.31
N ALA D 48 -82.49 -19.25 9.12
CA ALA D 48 -81.80 -18.24 8.33
C ALA D 48 -82.38 -18.07 6.94
N SER D 49 -82.47 -19.18 6.20
CA SER D 49 -83.00 -19.14 4.84
C SER D 49 -84.38 -18.49 4.78
N THR D 50 -85.26 -18.90 5.68
CA THR D 50 -86.62 -18.38 5.72
C THR D 50 -86.69 -16.90 6.08
N ILE D 51 -85.95 -16.50 7.11
CA ILE D 51 -85.93 -15.11 7.54
C ILE D 51 -85.42 -14.20 6.41
N VAL D 52 -84.32 -14.58 5.78
CA VAL D 52 -83.75 -13.80 4.69
C VAL D 52 -84.68 -13.74 3.48
N SER D 53 -85.10 -14.91 3.00
CA SER D 53 -85.98 -14.96 1.83
C SER D 53 -87.33 -14.29 2.06
N ASN D 54 -87.95 -14.50 3.21
CA ASN D 54 -89.24 -13.89 3.49
C ASN D 54 -89.12 -12.36 3.58
N ALA D 55 -88.05 -11.89 4.21
CA ALA D 55 -87.82 -10.46 4.36
C ALA D 55 -87.51 -9.80 3.02
N ALA D 56 -86.70 -10.48 2.20
CA ALA D 56 -86.33 -9.93 0.90
C ALA D 56 -87.58 -9.83 0.03
N ARG D 57 -88.41 -10.87 0.06
CA ARG D 57 -89.62 -10.89 -0.74
C ARG D 57 -90.55 -9.73 -0.34
N SER D 58 -90.76 -9.54 0.97
CA SER D 58 -91.63 -8.47 1.43
C SER D 58 -91.09 -7.12 1.01
N LEU D 59 -89.77 -6.97 1.11
CA LEU D 59 -89.13 -5.72 0.73
C LEU D 59 -89.36 -5.38 -0.74
N PHE D 60 -89.24 -6.38 -1.62
CA PHE D 60 -89.42 -6.15 -3.05
C PHE D 60 -90.85 -5.89 -3.46
N ALA D 61 -91.80 -6.54 -2.79
CA ALA D 61 -93.20 -6.35 -3.10
C ALA D 61 -93.61 -4.96 -2.62
N GLU D 62 -92.97 -4.52 -1.54
CA GLU D 62 -93.23 -3.23 -0.92
C GLU D 62 -92.53 -2.11 -1.67
N GLN D 63 -91.46 -2.44 -2.37
CA GLN D 63 -90.69 -1.48 -3.13
C GLN D 63 -90.30 -2.06 -4.49
N PRO D 64 -91.28 -2.15 -5.40
CA PRO D 64 -91.07 -2.69 -6.75
C PRO D 64 -90.00 -2.01 -7.59
N GLN D 65 -89.64 -0.79 -7.25
CA GLN D 65 -88.63 -0.08 -8.02
C GLN D 65 -87.26 -0.71 -7.83
N LEU D 66 -87.11 -1.53 -6.81
CA LEU D 66 -85.83 -2.18 -6.55
C LEU D 66 -85.56 -3.27 -7.59
N ILE D 67 -86.61 -4.02 -7.96
CA ILE D 67 -86.44 -5.10 -8.91
C ILE D 67 -86.82 -4.76 -10.36
N ALA D 68 -87.42 -3.60 -10.58
CA ALA D 68 -87.78 -3.22 -11.93
C ALA D 68 -86.49 -2.97 -12.71
N PRO D 69 -86.49 -3.19 -14.03
CA PRO D 69 -85.28 -2.95 -14.82
C PRO D 69 -84.69 -1.60 -14.44
N GLY D 70 -83.38 -1.55 -14.27
CA GLY D 70 -82.72 -0.30 -13.90
C GLY D 70 -82.57 -0.16 -12.40
N GLY D 71 -83.41 -0.87 -11.64
CA GLY D 71 -83.37 -0.83 -10.20
C GLY D 71 -82.09 -1.43 -9.66
N MEN D 72 -81.73 -1.10 -8.43
CA MEN D 72 -80.49 -1.61 -7.86
C MEN D 72 -80.50 -3.12 -7.59
O MEN D 72 -79.44 -3.73 -7.51
CB MEN D 72 -80.13 -0.87 -6.57
CG MEN D 72 -78.66 -1.00 -6.23
OD1 MEN D 72 -78.29 -1.64 -5.24
ND2 MEN D 72 -77.81 -0.38 -7.06
CE2 MEN D 72 -76.37 -0.44 -6.82
N ALA D 73 -81.68 -3.71 -7.47
CA ALA D 73 -81.77 -5.15 -7.21
C ALA D 73 -82.07 -5.91 -8.49
N TYR D 74 -82.10 -5.20 -9.62
CA TYR D 74 -82.36 -5.79 -10.93
C TYR D 74 -81.08 -6.47 -11.47
N THR D 75 -81.29 -7.53 -12.26
CA THR D 75 -80.26 -8.40 -12.87
C THR D 75 -79.95 -9.46 -11.82
N SER D 76 -79.60 -10.67 -12.28
CA SER D 76 -79.32 -11.76 -11.35
C SER D 76 -78.16 -11.48 -10.40
N ARG D 77 -77.11 -10.87 -10.90
CA ARG D 77 -75.96 -10.60 -10.05
C ARG D 77 -76.28 -9.64 -8.89
N ARG D 78 -77.02 -8.57 -9.16
CA ARG D 78 -77.34 -7.62 -8.10
C ARG D 78 -78.31 -8.23 -7.10
N MET D 79 -79.26 -9.02 -7.58
CA MET D 79 -80.22 -9.67 -6.71
C MET D 79 -79.46 -10.63 -5.79
N ALA D 80 -78.52 -11.37 -6.35
CA ALA D 80 -77.73 -12.33 -5.59
C ALA D 80 -76.89 -11.60 -4.54
N ALA D 81 -76.41 -10.40 -4.89
CA ALA D 81 -75.61 -9.59 -4.00
C ALA D 81 -76.49 -9.08 -2.85
N CYS D 82 -77.71 -8.65 -3.19
CA CYS D 82 -78.64 -8.14 -2.21
C CYS D 82 -79.07 -9.22 -1.21
N LEU D 83 -79.34 -10.41 -1.71
CA LEU D 83 -79.72 -11.52 -0.85
C LEU D 83 -78.57 -11.83 0.10
N ARG D 84 -77.36 -11.81 -0.44
CA ARG D 84 -76.14 -12.07 0.32
C ARG D 84 -75.96 -11.05 1.45
N ASP D 85 -76.21 -9.77 1.16
CA ASP D 85 -76.08 -8.73 2.18
C ASP D 85 -77.06 -9.02 3.32
N MET D 86 -78.26 -9.45 2.98
CA MET D 86 -79.26 -9.77 3.99
C MET D 86 -78.72 -10.90 4.88
N GLU D 87 -78.18 -11.93 4.24
CA GLU D 87 -77.65 -13.08 4.95
C GLU D 87 -76.44 -12.69 5.79
N ILE D 88 -75.56 -11.86 5.23
CA ILE D 88 -74.36 -11.41 5.94
C ILE D 88 -74.73 -10.67 7.22
N ILE D 89 -75.67 -9.74 7.13
CA ILE D 89 -76.10 -8.98 8.29
C ILE D 89 -76.71 -9.90 9.35
N LEU D 90 -77.59 -10.80 8.91
CA LEU D 90 -78.22 -11.72 9.85
C LEU D 90 -77.14 -12.60 10.50
N ARG D 91 -76.11 -12.95 9.73
CA ARG D 91 -75.03 -13.78 10.27
C ARG D 91 -74.31 -13.04 11.40
N TYR D 92 -73.96 -11.78 11.17
CA TYR D 92 -73.24 -11.00 12.19
C TYR D 92 -74.08 -10.65 13.40
N VAL D 93 -75.39 -10.59 13.24
CA VAL D 93 -76.22 -10.29 14.38
C VAL D 93 -76.21 -11.51 15.30
N THR D 94 -76.32 -12.70 14.71
CA THR D 94 -76.30 -13.91 15.53
C THR D 94 -74.93 -14.04 16.21
N TYR D 95 -73.89 -13.55 15.55
CA TYR D 95 -72.55 -13.57 16.16
C TYR D 95 -72.57 -12.71 17.43
N ALA D 96 -73.05 -11.48 17.29
CA ALA D 96 -73.12 -10.54 18.40
C ALA D 96 -73.92 -11.14 19.55
N VAL D 97 -75.02 -11.79 19.21
CA VAL D 97 -75.86 -12.43 20.22
C VAL D 97 -75.11 -13.54 20.93
N PHE D 98 -74.34 -14.32 20.17
CA PHE D 98 -73.58 -15.42 20.73
C PHE D 98 -72.44 -14.91 21.62
N ALA D 99 -71.83 -13.80 21.23
CA ALA D 99 -70.73 -13.23 21.99
C ALA D 99 -71.20 -12.36 23.15
N GLY D 100 -72.42 -11.86 23.05
CA GLY D 100 -72.93 -10.99 24.09
C GLY D 100 -72.26 -9.64 23.99
N ASP D 101 -71.83 -9.27 22.79
CA ASP D 101 -71.18 -7.98 22.54
C ASP D 101 -71.31 -7.61 21.05
N ALA D 102 -71.64 -6.35 20.77
CA ALA D 102 -71.83 -5.90 19.38
C ALA D 102 -70.57 -5.59 18.60
N SER D 103 -69.40 -5.65 19.23
CA SER D 103 -68.18 -5.30 18.52
C SER D 103 -67.98 -6.03 17.17
N VAL D 104 -68.12 -7.35 17.16
CA VAL D 104 -67.94 -8.09 15.91
C VAL D 104 -68.84 -7.56 14.81
N LEU D 105 -70.10 -7.31 15.14
CA LEU D 105 -71.07 -6.77 14.19
C LEU D 105 -70.61 -5.39 13.71
N GLU D 106 -70.28 -4.53 14.67
CA GLU D 106 -69.83 -3.19 14.36
C GLU D 106 -68.57 -3.20 13.51
N ASP D 107 -67.53 -3.84 14.03
CA ASP D 107 -66.23 -3.91 13.38
C ASP D 107 -66.15 -4.53 11.99
N ARG D 108 -66.76 -5.69 11.82
CA ARG D 108 -66.68 -6.40 10.55
C ARG D 108 -67.82 -6.26 9.56
N CYS D 109 -68.97 -5.79 10.01
CA CYS D 109 -70.10 -5.69 9.10
C CYS D 109 -70.63 -4.28 8.84
N LEU D 110 -70.99 -3.56 9.89
CA LEU D 110 -71.55 -2.22 9.75
C LEU D 110 -70.54 -1.12 9.46
N ASN D 111 -69.36 -1.23 10.05
CA ASN D 111 -68.33 -0.21 9.88
C ASN D 111 -67.91 0.04 8.43
N GLY D 112 -68.31 1.20 7.92
CA GLY D 112 -67.97 1.57 6.56
C GLY D 112 -69.05 1.19 5.56
N LEU D 113 -70.02 0.40 6.01
CA LEU D 113 -71.10 -0.04 5.13
C LEU D 113 -71.87 1.11 4.48
N ARG D 114 -72.25 2.11 5.25
CA ARG D 114 -72.99 3.25 4.68
C ARG D 114 -72.24 3.86 3.51
N GLU D 115 -70.92 4.01 3.64
CA GLU D 115 -70.11 4.59 2.56
C GLU D 115 -70.09 3.64 1.36
N THR D 116 -70.09 2.34 1.63
CA THR D 116 -70.07 1.35 0.56
C THR D 116 -71.32 1.49 -0.30
N TYR D 117 -72.48 1.59 0.34
CA TYR D 117 -73.74 1.71 -0.40
C TYR D 117 -73.83 3.06 -1.12
N LEU D 118 -73.26 4.09 -0.51
CA LEU D 118 -73.29 5.42 -1.11
C LEU D 118 -72.55 5.43 -2.44
N ALA D 119 -71.37 4.80 -2.46
CA ALA D 119 -70.55 4.75 -3.67
C ALA D 119 -71.09 3.82 -4.75
N LEU D 120 -71.97 2.89 -4.36
CA LEU D 120 -72.58 1.93 -5.29
C LEU D 120 -73.90 2.47 -5.81
N GLY D 121 -74.59 3.23 -4.98
CA GLY D 121 -75.88 3.77 -5.35
C GLY D 121 -76.99 2.93 -4.74
N THR D 122 -76.62 2.06 -3.79
CA THR D 122 -77.59 1.18 -3.13
C THR D 122 -78.40 1.94 -2.09
N PRO D 123 -79.74 1.91 -2.20
CA PRO D 123 -80.58 2.61 -1.23
C PRO D 123 -80.47 2.04 0.17
N GLY D 124 -79.65 2.67 1.01
CA GLY D 124 -79.46 2.21 2.37
C GLY D 124 -80.75 2.18 3.19
N SER D 125 -81.67 3.09 2.88
CA SER D 125 -82.94 3.14 3.58
C SER D 125 -83.74 1.87 3.30
N SER D 126 -83.55 1.32 2.11
CA SER D 126 -84.24 0.09 1.71
C SER D 126 -83.63 -1.09 2.46
N VAL D 127 -82.31 -1.09 2.58
CA VAL D 127 -81.62 -2.15 3.30
C VAL D 127 -82.17 -2.20 4.72
N ALA D 128 -82.36 -1.03 5.32
CA ALA D 128 -82.88 -0.94 6.68
C ALA D 128 -84.25 -1.59 6.80
N VAL D 129 -85.14 -1.33 5.85
CA VAL D 129 -86.48 -1.92 5.88
C VAL D 129 -86.34 -3.45 5.80
N GLY D 130 -85.35 -3.92 5.06
CA GLY D 130 -85.12 -5.35 4.93
C GLY D 130 -84.67 -5.91 6.26
N VAL D 131 -83.73 -5.23 6.90
CA VAL D 131 -83.21 -5.64 8.19
C VAL D 131 -84.34 -5.63 9.23
N GLY D 132 -85.16 -4.58 9.22
CA GLY D 132 -86.27 -4.49 10.15
C GLY D 132 -87.22 -5.67 10.04
N LYS D 133 -87.45 -6.13 8.82
CA LYS D 133 -88.33 -7.28 8.61
C LYS D 133 -87.69 -8.54 9.20
N MET D 134 -86.38 -8.70 8.99
CA MET D 134 -85.68 -9.85 9.53
C MET D 134 -85.72 -9.78 11.06
N LYS D 135 -85.65 -8.56 11.58
CA LYS D 135 -85.69 -8.34 13.03
C LYS D 135 -86.95 -8.91 13.66
N GLU D 136 -88.10 -8.55 13.13
CA GLU D 136 -89.34 -9.06 13.72
C GLU D 136 -89.53 -10.56 13.50
N ALA D 137 -89.18 -11.06 12.32
CA ALA D 137 -89.32 -12.48 12.04
C ALA D 137 -88.40 -13.24 12.98
N ALA D 138 -87.17 -12.74 13.15
CA ALA D 138 -86.21 -13.37 14.04
C ALA D 138 -86.75 -13.40 15.47
N LEU D 139 -87.24 -12.26 15.95
CA LEU D 139 -87.78 -12.16 17.31
C LEU D 139 -88.93 -13.14 17.56
N ALA D 140 -89.90 -13.18 16.67
CA ALA D 140 -91.03 -14.09 16.83
C ALA D 140 -90.54 -15.54 16.91
N ILE D 141 -89.48 -15.84 16.16
CA ILE D 141 -88.91 -17.18 16.14
C ILE D 141 -88.25 -17.50 17.48
N VAL D 142 -87.59 -16.51 18.07
CA VAL D 142 -86.94 -16.69 19.36
C VAL D 142 -87.96 -16.83 20.47
N ASN D 143 -89.06 -16.10 20.35
CA ASN D 143 -90.11 -16.13 21.37
C ASN D 143 -91.13 -17.25 21.27
N ASP D 144 -91.05 -18.07 20.22
CA ASP D 144 -91.98 -19.17 20.06
C ASP D 144 -91.80 -20.10 21.27
N PRO D 145 -92.83 -20.25 22.10
CA PRO D 145 -92.74 -21.11 23.28
C PRO D 145 -92.83 -22.61 22.99
N ALA D 146 -93.11 -22.97 21.74
CA ALA D 146 -93.23 -24.37 21.37
C ALA D 146 -91.87 -25.06 21.22
N GLY D 147 -91.77 -26.29 21.72
CA GLY D 147 -90.54 -27.05 21.63
C GLY D 147 -89.37 -26.58 22.48
N ILE D 148 -89.65 -25.93 23.60
CA ILE D 148 -88.59 -25.43 24.45
C ILE D 148 -89.03 -25.27 25.91
N THR D 149 -88.11 -25.50 26.84
CA THR D 149 -88.44 -25.38 28.27
C THR D 149 -88.98 -23.97 28.48
N PRO D 150 -90.22 -23.87 28.99
CA PRO D 150 -90.83 -22.55 29.23
C PRO D 150 -90.06 -21.64 30.17
N GLY D 151 -90.10 -20.34 29.90
CA GLY D 151 -89.39 -19.38 30.73
C GLY D 151 -89.45 -18.00 30.12
N ASP D 152 -88.71 -17.07 30.70
CA ASP D 152 -88.69 -15.69 30.24
C ASP D 152 -87.46 -15.27 29.44
N CYS D 153 -87.68 -14.87 28.19
CA CYS D 153 -86.60 -14.44 27.32
C CYS D 153 -86.73 -12.97 26.90
N SER D 154 -87.51 -12.21 27.65
CA SER D 154 -87.73 -10.80 27.32
C SER D 154 -86.46 -9.97 27.25
N ALA D 155 -85.55 -10.17 28.20
CA ALA D 155 -84.29 -9.41 28.21
C ALA D 155 -83.49 -9.72 26.95
N LEU D 156 -83.34 -11.01 26.66
CA LEU D 156 -82.62 -11.48 25.49
C LEU D 156 -83.26 -10.90 24.23
N ALA D 157 -84.59 -10.81 24.23
CA ALA D 157 -85.32 -10.25 23.10
C ALA D 157 -84.91 -8.80 22.84
N SER D 158 -84.70 -8.04 23.91
CA SER D 158 -84.29 -6.65 23.79
C SER D 158 -82.86 -6.54 23.28
N GLU D 159 -81.98 -7.40 23.77
CA GLU D 159 -80.59 -7.38 23.35
C GLU D 159 -80.56 -7.68 21.84
N ILE D 160 -81.23 -8.75 21.45
CA ILE D 160 -81.28 -9.13 20.05
C ILE D 160 -81.80 -7.97 19.21
N ALA D 161 -82.92 -7.39 19.64
CA ALA D 161 -83.51 -6.27 18.92
C ALA D 161 -82.51 -5.13 18.75
N SER D 162 -81.74 -4.84 19.79
CA SER D 162 -80.77 -3.75 19.73
C SER D 162 -79.67 -3.95 18.70
N TYR D 163 -79.25 -5.19 18.46
CA TYR D 163 -78.22 -5.44 17.46
C TYR D 163 -78.80 -5.18 16.07
N PHE D 164 -80.06 -5.56 15.87
CA PHE D 164 -80.70 -5.32 14.57
C PHE D 164 -80.81 -3.81 14.34
N ASP D 165 -81.25 -3.08 15.37
CA ASP D 165 -81.39 -1.63 15.26
C ASP D 165 -80.06 -0.99 14.90
N ARG D 166 -78.97 -1.52 15.45
CA ARG D 166 -77.64 -0.99 15.14
C ARG D 166 -77.43 -1.09 13.64
N ALA D 167 -77.77 -2.24 13.06
CA ALA D 167 -77.61 -2.47 11.64
C ALA D 167 -78.46 -1.50 10.84
N CYS D 168 -79.70 -1.31 11.27
CA CYS D 168 -80.59 -0.38 10.57
C CYS D 168 -79.98 1.03 10.60
N ALA D 169 -79.66 1.50 11.80
CA ALA D 169 -79.07 2.84 11.97
C ALA D 169 -77.80 3.02 11.15
N ALA D 170 -77.02 1.95 11.03
CA ALA D 170 -75.76 1.98 10.30
C ALA D 170 -75.86 2.28 8.79
N VAL D 171 -77.04 2.09 8.20
CA VAL D 171 -77.20 2.36 6.78
C VAL D 171 -78.38 3.28 6.46
N SER D 172 -79.11 3.68 7.50
CA SER D 172 -80.26 4.57 7.33
C SER D 172 -79.82 6.00 7.07
N MET E 1 -67.40 -9.07 -20.47
CA MET E 1 -68.50 -9.06 -21.48
C MET E 1 -68.02 -9.87 -22.68
N LYS E 2 -68.52 -11.09 -22.83
CA LYS E 2 -68.09 -11.92 -23.94
C LYS E 2 -68.75 -11.60 -25.29
N THR E 3 -68.03 -10.83 -26.09
CA THR E 3 -68.47 -10.46 -27.43
C THR E 3 -67.17 -10.34 -28.24
N PRO E 4 -67.24 -10.60 -29.55
CA PRO E 4 -66.07 -10.52 -30.42
C PRO E 4 -65.20 -9.26 -30.23
N LEU E 5 -65.76 -8.09 -30.52
CA LEU E 5 -65.02 -6.84 -30.42
C LEU E 5 -64.39 -6.61 -29.05
N THR E 6 -65.18 -6.79 -28.00
CA THR E 6 -64.71 -6.58 -26.64
C THR E 6 -63.59 -7.54 -26.24
N GLU E 7 -63.71 -8.81 -26.60
CA GLU E 7 -62.66 -9.77 -26.24
C GLU E 7 -61.40 -9.51 -27.05
N ALA E 8 -61.56 -9.15 -28.31
CA ALA E 8 -60.41 -8.88 -29.17
C ALA E 8 -59.57 -7.76 -28.56
N VAL E 9 -60.23 -6.68 -28.16
CA VAL E 9 -59.53 -5.55 -27.56
C VAL E 9 -58.98 -5.95 -26.20
N SER E 10 -59.78 -6.66 -25.41
CA SER E 10 -59.34 -7.10 -24.10
C SER E 10 -58.07 -7.92 -24.16
N ILE E 11 -58.01 -8.88 -25.06
CA ILE E 11 -56.81 -9.70 -25.16
C ILE E 11 -55.60 -8.86 -25.59
N ALA E 12 -55.78 -7.99 -26.58
CA ALA E 12 -54.69 -7.15 -27.04
C ALA E 12 -54.20 -6.26 -25.89
N ASP E 13 -55.14 -5.60 -25.22
CA ASP E 13 -54.77 -4.73 -24.12
C ASP E 13 -54.02 -5.53 -23.04
N SER E 14 -54.55 -6.69 -22.66
CA SER E 14 -53.87 -7.49 -21.63
C SER E 14 -52.45 -7.85 -22.06
N GLN E 15 -52.21 -7.83 -23.37
CA GLN E 15 -50.90 -8.15 -23.92
C GLN E 15 -50.08 -6.89 -24.17
N GLY E 16 -50.69 -5.73 -23.97
CA GLY E 16 -49.99 -4.48 -24.18
C GLY E 16 -49.63 -4.21 -25.62
N ARG E 17 -50.34 -4.84 -26.56
CA ARG E 17 -50.04 -4.65 -27.96
C ARG E 17 -51.15 -4.00 -28.77
N PHE E 18 -50.79 -3.46 -29.92
CA PHE E 18 -51.76 -2.85 -30.81
C PHE E 18 -52.55 -4.00 -31.41
N LEU E 19 -53.68 -3.68 -32.05
CA LEU E 19 -54.50 -4.68 -32.71
C LEU E 19 -53.77 -5.06 -33.99
N SER E 20 -53.83 -6.33 -34.36
CA SER E 20 -53.17 -6.82 -35.57
C SER E 20 -54.19 -7.56 -36.45
N SER E 21 -53.70 -8.22 -37.50
CA SER E 21 -54.58 -8.93 -38.41
C SER E 21 -55.51 -9.91 -37.68
N THR E 22 -55.05 -10.48 -36.57
CA THR E 22 -55.88 -11.42 -35.83
C THR E 22 -57.16 -10.76 -35.34
N GLU E 23 -57.03 -9.67 -34.59
CA GLU E 23 -58.21 -8.98 -34.08
C GLU E 23 -59.05 -8.45 -35.21
N ILE E 24 -58.44 -8.18 -36.36
CA ILE E 24 -59.22 -7.68 -37.49
C ILE E 24 -60.11 -8.77 -38.07
N GLN E 25 -59.59 -10.00 -38.14
CA GLN E 25 -60.37 -11.12 -38.65
C GLN E 25 -61.52 -11.42 -37.68
N VAL E 26 -61.25 -11.22 -36.40
CA VAL E 26 -62.27 -11.43 -35.36
C VAL E 26 -63.41 -10.46 -35.65
N ALA E 27 -63.06 -9.24 -36.04
CA ALA E 27 -64.05 -8.22 -36.35
C ALA E 27 -64.80 -8.56 -37.63
N PHE E 28 -64.07 -9.01 -38.65
CA PHE E 28 -64.69 -9.40 -39.94
C PHE E 28 -65.76 -10.45 -39.65
N GLY E 29 -65.39 -11.44 -38.83
CA GLY E 29 -66.32 -12.50 -38.48
C GLY E 29 -67.56 -11.95 -37.81
N ARG E 30 -67.36 -11.03 -36.87
CA ARG E 30 -68.48 -10.43 -36.16
C ARG E 30 -69.38 -9.65 -37.10
N PHE E 31 -68.79 -8.80 -37.93
CA PHE E 31 -69.60 -8.00 -38.85
C PHE E 31 -70.33 -8.86 -39.87
N ARG E 32 -69.73 -9.99 -40.25
CA ARG E 32 -70.35 -10.89 -41.21
C ARG E 32 -71.59 -11.53 -40.58
N GLN E 33 -71.45 -12.03 -39.36
CA GLN E 33 -72.52 -12.68 -38.61
C GLN E 33 -73.62 -11.70 -38.18
N ALA E 34 -73.25 -10.45 -37.94
CA ALA E 34 -74.22 -9.45 -37.49
C ALA E 34 -75.37 -9.22 -38.47
N LYS E 35 -75.15 -9.55 -39.74
CA LYS E 35 -76.20 -9.38 -40.74
C LYS E 35 -77.33 -10.37 -40.46
N ALA E 36 -76.97 -11.61 -40.11
CA ALA E 36 -77.97 -12.61 -39.80
C ALA E 36 -78.50 -12.34 -38.38
N GLY E 37 -77.58 -12.01 -37.48
CA GLY E 37 -77.93 -11.76 -36.10
C GLY E 37 -78.89 -10.61 -35.82
N LEU E 38 -78.66 -9.45 -36.43
CA LEU E 38 -79.52 -8.30 -36.21
C LEU E 38 -80.92 -8.52 -36.76
N GLU E 39 -81.02 -9.24 -37.86
CA GLU E 39 -82.34 -9.52 -38.42
C GLU E 39 -83.08 -10.49 -37.51
N ALA E 40 -82.38 -11.49 -37.01
CA ALA E 40 -82.96 -12.48 -36.11
C ALA E 40 -83.48 -11.77 -34.87
N ALA E 41 -82.74 -10.76 -34.41
CA ALA E 41 -83.15 -9.98 -33.25
C ALA E 41 -84.46 -9.28 -33.55
N LYS E 42 -84.57 -8.70 -34.75
CA LYS E 42 -85.80 -8.01 -35.16
C LYS E 42 -86.98 -8.97 -35.16
N ALA E 43 -86.77 -10.14 -35.74
CA ALA E 43 -87.81 -11.15 -35.85
C ALA E 43 -88.32 -11.61 -34.48
N LEU E 44 -87.40 -11.98 -33.60
CA LEU E 44 -87.77 -12.43 -32.27
C LEU E 44 -88.53 -11.32 -31.56
N THR E 45 -88.13 -10.08 -31.81
CA THR E 45 -88.77 -8.95 -31.18
C THR E 45 -90.24 -8.77 -31.59
N SER E 46 -90.54 -8.86 -32.87
CA SER E 46 -91.93 -8.68 -33.29
C SER E 46 -92.82 -9.84 -32.81
N LYS E 47 -92.21 -11.00 -32.60
CA LYS E 47 -92.94 -12.19 -32.16
C LYS E 47 -92.86 -12.39 -30.64
N ALA E 48 -92.24 -11.43 -29.95
CA ALA E 48 -92.03 -11.49 -28.49
C ALA E 48 -93.24 -11.84 -27.63
N ASP E 49 -94.29 -11.03 -27.68
CA ASP E 49 -95.46 -11.29 -26.86
C ASP E 49 -96.03 -12.68 -27.04
N SER E 50 -96.05 -13.16 -28.27
CA SER E 50 -96.56 -14.47 -28.58
C SER E 50 -95.64 -15.57 -28.04
N LEU E 51 -94.33 -15.37 -28.17
CA LEU E 51 -93.37 -16.37 -27.70
C LEU E 51 -93.39 -16.49 -26.19
N ILE E 52 -93.43 -15.35 -25.52
CA ILE E 52 -93.43 -15.30 -24.08
C ILE E 52 -94.68 -15.92 -23.45
N SER E 53 -95.86 -15.46 -23.86
CA SER E 53 -97.09 -16.01 -23.30
C SER E 53 -97.21 -17.50 -23.68
N GLY E 54 -96.90 -17.82 -24.93
CA GLY E 54 -96.99 -19.19 -25.38
C GLY E 54 -96.04 -20.11 -24.61
N ALA E 55 -94.87 -19.60 -24.29
CA ALA E 55 -93.88 -20.38 -23.56
C ALA E 55 -94.33 -20.60 -22.12
N ALA E 56 -94.93 -19.58 -21.52
CA ALA E 56 -95.39 -19.69 -20.14
C ALA E 56 -96.48 -20.75 -20.03
N GLN E 57 -97.41 -20.75 -20.99
CA GLN E 57 -98.48 -21.73 -20.98
C GLN E 57 -97.88 -23.12 -21.14
N ALA E 58 -96.88 -23.24 -22.01
CA ALA E 58 -96.22 -24.53 -22.25
C ALA E 58 -95.71 -25.11 -20.93
N VAL E 59 -95.09 -24.27 -20.12
CA VAL E 59 -94.57 -24.71 -18.84
C VAL E 59 -95.72 -25.14 -17.92
N TYR E 60 -96.74 -24.29 -17.78
CA TYR E 60 -97.86 -24.61 -16.91
C TYR E 60 -98.50 -25.95 -17.26
N ASN E 61 -98.60 -26.23 -18.56
CA ASN E 61 -99.21 -27.46 -19.02
C ASN E 61 -98.27 -28.67 -18.88
N LYS E 62 -96.97 -28.45 -19.03
CA LYS E 62 -96.05 -29.55 -18.86
C LYS E 62 -95.88 -29.86 -17.38
N PHE E 63 -95.92 -28.82 -16.54
CA PHE E 63 -95.78 -28.98 -15.10
C PHE E 63 -97.04 -28.40 -14.43
N PRO E 64 -98.18 -29.10 -14.58
CA PRO E 64 -99.44 -28.64 -13.98
C PRO E 64 -99.44 -28.32 -12.49
N TYR E 65 -98.53 -28.94 -11.75
CA TYR E 65 -98.47 -28.68 -10.32
C TYR E 65 -98.01 -27.24 -10.02
N THR E 66 -97.36 -26.59 -10.98
CA THR E 66 -96.90 -25.21 -10.77
C THR E 66 -98.02 -24.20 -10.62
N THR E 67 -99.23 -24.54 -11.04
CA THR E 67 -100.37 -23.63 -10.88
C THR E 67 -101.34 -24.14 -9.81
N GLN E 68 -100.98 -25.25 -9.14
CA GLN E 68 -101.82 -25.82 -8.08
C GLN E 68 -101.28 -25.53 -6.69
N MET E 69 -99.98 -25.72 -6.50
CA MET E 69 -99.34 -25.50 -5.20
C MET E 69 -99.39 -24.03 -4.77
N GLN E 70 -99.67 -23.81 -3.49
CA GLN E 70 -99.83 -22.47 -2.90
C GLN E 70 -98.64 -21.55 -2.60
N GLY E 71 -97.44 -22.11 -2.45
CA GLY E 71 -96.30 -21.26 -2.15
C GLY E 71 -96.09 -20.10 -3.13
N PRO E 72 -95.32 -19.07 -2.74
CA PRO E 72 -95.05 -17.91 -3.59
C PRO E 72 -94.13 -18.20 -4.78
N ASN E 73 -93.40 -19.31 -4.73
CA ASN E 73 -92.51 -19.69 -5.82
C ASN E 73 -93.27 -20.35 -6.98
N TYR E 74 -94.57 -20.53 -6.81
CA TYR E 74 -95.41 -21.14 -7.84
C TYR E 74 -96.35 -20.12 -8.49
N ALA E 75 -97.11 -20.58 -9.48
CA ALA E 75 -98.05 -19.73 -10.22
C ALA E 75 -99.51 -20.08 -10.00
N ALA E 76 -99.92 -20.25 -8.75
CA ALA E 76 -101.31 -20.57 -8.41
C ALA E 76 -102.18 -19.32 -8.28
N ASP E 77 -101.63 -18.19 -8.68
CA ASP E 77 -102.35 -16.91 -8.65
C ASP E 77 -101.77 -16.07 -9.78
N GLN E 78 -102.42 -14.95 -10.10
CA GLN E 78 -101.93 -14.11 -11.20
C GLN E 78 -100.54 -13.53 -10.91
N ARG E 79 -100.27 -13.21 -9.65
CA ARG E 79 -98.97 -12.67 -9.27
C ARG E 79 -97.87 -13.59 -9.76
N GLY E 80 -98.03 -14.89 -9.48
CA GLY E 80 -97.05 -15.89 -9.89
C GLY E 80 -96.98 -16.14 -11.38
N LYS E 81 -98.13 -16.10 -12.05
CA LYS E 81 -98.12 -16.31 -13.50
C LYS E 81 -97.44 -15.11 -14.16
N ASP E 82 -97.56 -13.92 -13.55
CA ASP E 82 -96.92 -12.74 -14.10
C ASP E 82 -95.42 -12.76 -13.88
N LYS E 83 -95.00 -13.16 -12.68
CA LYS E 83 -93.57 -13.26 -12.37
C LYS E 83 -92.95 -14.19 -13.41
N CYS E 84 -93.60 -15.32 -13.63
CA CYS E 84 -93.14 -16.32 -14.58
C CYS E 84 -92.96 -15.78 -16.00
N ALA E 85 -94.01 -15.18 -16.54
CA ALA E 85 -93.98 -14.62 -17.89
C ALA E 85 -92.92 -13.53 -17.93
N ARG E 86 -92.78 -12.81 -16.83
CA ARG E 86 -91.77 -11.75 -16.74
C ARG E 86 -90.39 -12.40 -16.93
N ASP E 87 -90.10 -13.42 -16.14
CA ASP E 87 -88.83 -14.14 -16.23
C ASP E 87 -88.57 -14.65 -17.65
N ILE E 88 -89.54 -15.35 -18.22
CA ILE E 88 -89.38 -15.86 -19.58
C ILE E 88 -89.06 -14.70 -20.51
N GLY E 89 -89.74 -13.57 -20.32
CA GLY E 89 -89.47 -12.41 -21.13
C GLY E 89 -88.04 -11.94 -20.93
N TYR E 90 -87.49 -12.16 -19.75
CA TYR E 90 -86.11 -11.75 -19.48
C TYR E 90 -85.16 -12.63 -20.29
N TYR E 91 -85.43 -13.94 -20.34
CA TYR E 91 -84.57 -14.82 -21.12
C TYR E 91 -84.61 -14.47 -22.61
N LEU E 92 -85.82 -14.23 -23.13
CA LEU E 92 -85.97 -13.87 -24.55
C LEU E 92 -85.27 -12.55 -24.87
N ARG E 93 -85.42 -11.57 -23.99
CA ARG E 93 -84.78 -10.28 -24.20
C ARG E 93 -83.27 -10.45 -24.22
N MET E 94 -82.74 -11.30 -23.34
CA MET E 94 -81.30 -11.55 -23.31
C MET E 94 -80.84 -12.19 -24.61
N VAL E 95 -81.64 -13.10 -25.15
CA VAL E 95 -81.25 -13.74 -26.40
C VAL E 95 -81.11 -12.69 -27.51
N THR E 96 -82.06 -11.76 -27.60
CA THR E 96 -81.98 -10.72 -28.62
C THR E 96 -80.71 -9.88 -28.44
N TYR E 97 -80.35 -9.61 -27.18
CA TYR E 97 -79.15 -8.82 -26.89
C TYR E 97 -77.92 -9.61 -27.36
N CYS E 98 -77.93 -10.91 -27.12
CA CYS E 98 -76.81 -11.76 -27.53
C CYS E 98 -76.66 -11.77 -29.03
N LEU E 99 -77.79 -11.78 -29.74
CA LEU E 99 -77.76 -11.76 -31.19
C LEU E 99 -77.21 -10.43 -31.66
N ILE E 100 -77.54 -9.36 -30.94
CA ILE E 100 -77.08 -8.02 -31.29
C ILE E 100 -75.58 -7.80 -31.04
N ALA E 101 -75.07 -8.32 -29.91
CA ALA E 101 -73.66 -8.17 -29.54
C ALA E 101 -72.78 -9.26 -30.13
N GLY E 102 -73.40 -10.32 -30.64
CA GLY E 102 -72.63 -11.40 -31.22
C GLY E 102 -71.98 -12.29 -30.18
N GLY E 103 -72.57 -12.36 -28.98
CA GLY E 103 -72.00 -13.20 -27.94
C GLY E 103 -72.89 -13.38 -26.73
N THR E 104 -72.52 -14.29 -25.84
CA THR E 104 -73.33 -14.55 -24.65
C THR E 104 -73.18 -13.45 -23.59
N GLY E 105 -72.15 -12.63 -23.75
CA GLY E 105 -71.87 -11.54 -22.81
C GLY E 105 -73.05 -10.89 -22.11
N PRO E 106 -74.05 -10.40 -22.85
CA PRO E 106 -75.21 -9.76 -22.22
C PRO E 106 -75.96 -10.71 -21.28
N MET E 107 -76.19 -11.93 -21.74
CA MET E 107 -76.92 -12.91 -20.92
C MET E 107 -76.07 -13.30 -19.71
N ASP E 108 -74.77 -13.42 -19.92
CA ASP E 108 -73.85 -13.77 -18.84
C ASP E 108 -73.88 -12.71 -17.76
N GLU E 109 -73.81 -11.46 -18.16
CA GLU E 109 -73.78 -10.38 -17.19
C GLU E 109 -75.07 -10.07 -16.45
N TYR E 110 -76.18 -10.01 -17.17
CA TYR E 110 -77.45 -9.64 -16.56
C TYR E 110 -78.30 -10.76 -16.03
N LEU E 111 -78.05 -11.98 -16.50
CA LEU E 111 -78.88 -13.09 -16.05
C LEU E 111 -78.17 -14.33 -15.51
N ILE E 112 -77.19 -14.86 -16.25
CA ILE E 112 -76.48 -16.07 -15.82
C ILE E 112 -75.77 -15.94 -14.47
N ALA E 113 -75.00 -14.87 -14.28
CA ALA E 113 -74.28 -14.68 -13.02
C ALA E 113 -75.23 -14.44 -11.86
N GLY E 114 -75.29 -15.42 -10.96
CA GLY E 114 -76.16 -15.31 -9.79
C GLY E 114 -77.47 -16.07 -9.90
N ILE E 115 -77.81 -16.50 -11.12
CA ILE E 115 -79.05 -17.21 -11.35
C ILE E 115 -79.20 -18.44 -10.46
N ASP E 116 -78.13 -19.22 -10.28
CA ASP E 116 -78.21 -20.41 -9.46
C ASP E 116 -78.55 -20.09 -8.00
N GLU E 117 -78.10 -18.94 -7.51
CA GLU E 117 -78.38 -18.53 -6.15
C GLU E 117 -79.83 -18.06 -6.05
N ILE E 118 -80.32 -17.47 -7.13
CA ILE E 118 -81.71 -16.98 -7.18
C ILE E 118 -82.69 -18.15 -7.15
N ASN E 119 -82.47 -19.10 -8.05
CA ASN E 119 -83.34 -20.26 -8.15
C ASN E 119 -83.37 -21.07 -6.87
N ARG E 120 -82.26 -21.10 -6.14
CA ARG E 120 -82.21 -21.86 -4.88
C ARG E 120 -82.93 -21.11 -3.77
N THR E 121 -82.64 -19.83 -3.64
CA THR E 121 -83.25 -19.01 -2.60
C THR E 121 -84.76 -18.90 -2.75
N PHE E 122 -85.21 -18.71 -3.98
CA PHE E 122 -86.64 -18.59 -4.23
C PHE E 122 -87.30 -19.90 -4.60
N GLU E 123 -86.52 -20.98 -4.51
CA GLU E 123 -87.04 -22.30 -4.80
C GLU E 123 -87.74 -22.39 -6.16
N LEU E 124 -87.06 -21.91 -7.19
CA LEU E 124 -87.58 -21.95 -8.56
C LEU E 124 -86.85 -23.09 -9.25
N SER E 125 -87.59 -23.97 -9.91
CA SER E 125 -86.96 -25.10 -10.59
C SER E 125 -86.34 -24.78 -11.94
N PRO E 126 -85.06 -25.14 -12.12
CA PRO E 126 -84.40 -24.88 -13.40
C PRO E 126 -85.20 -25.49 -14.54
N SER E 127 -85.82 -26.64 -14.26
CA SER E 127 -86.61 -27.38 -15.24
C SER E 127 -87.72 -26.57 -15.89
N TRP E 128 -88.35 -25.69 -15.10
CA TRP E 128 -89.43 -24.89 -15.63
C TRP E 128 -88.93 -24.01 -16.77
N TYR E 129 -87.79 -23.37 -16.55
CA TYR E 129 -87.21 -22.49 -17.55
C TYR E 129 -86.69 -23.24 -18.77
N ILE E 130 -86.13 -24.42 -18.56
CA ILE E 130 -85.63 -25.20 -19.69
C ILE E 130 -86.78 -25.45 -20.66
N GLU E 131 -87.95 -25.82 -20.15
CA GLU E 131 -89.11 -26.06 -21.00
C GLU E 131 -89.49 -24.81 -21.78
N ALA E 132 -89.43 -23.66 -21.12
CA ALA E 132 -89.76 -22.39 -21.76
C ALA E 132 -88.79 -22.14 -22.91
N LEU E 133 -87.51 -22.42 -22.66
CA LEU E 133 -86.47 -22.21 -23.67
C LEU E 133 -86.63 -23.16 -24.85
N LYS E 134 -87.04 -24.40 -24.57
CA LYS E 134 -87.27 -25.38 -25.64
C LYS E 134 -88.44 -24.91 -26.49
N TYR E 135 -89.45 -24.33 -25.84
CA TYR E 135 -90.62 -23.84 -26.55
C TYR E 135 -90.22 -22.74 -27.52
N ILE E 136 -89.41 -21.80 -27.05
CA ILE E 136 -88.98 -20.70 -27.90
C ILE E 136 -88.18 -21.23 -29.09
N LYS E 137 -87.38 -22.27 -28.88
CA LYS E 137 -86.61 -22.84 -29.98
C LYS E 137 -87.56 -23.37 -31.04
N ALA E 138 -88.49 -24.21 -30.60
CA ALA E 138 -89.47 -24.83 -31.49
C ALA E 138 -90.48 -23.87 -32.10
N ASN E 139 -90.55 -22.64 -31.59
CA ASN E 139 -91.55 -21.69 -32.11
C ASN E 139 -91.10 -20.31 -32.62
N HIS E 140 -89.82 -19.99 -32.58
CA HIS E 140 -89.41 -18.67 -33.07
C HIS E 140 -89.56 -18.57 -34.58
N GLY E 141 -89.54 -19.72 -35.25
CA GLY E 141 -89.71 -19.76 -36.70
C GLY E 141 -88.58 -19.22 -37.56
N LEU E 142 -87.41 -19.01 -36.96
CA LEU E 142 -86.25 -18.49 -37.70
C LEU E 142 -85.68 -19.56 -38.65
N SER E 143 -84.83 -19.13 -39.57
CA SER E 143 -84.21 -20.04 -40.53
C SER E 143 -82.76 -19.63 -40.79
N GLY E 144 -82.02 -20.49 -41.48
CA GLY E 144 -80.63 -20.18 -41.80
C GLY E 144 -79.76 -19.86 -40.59
N ASP E 145 -78.78 -19.00 -40.78
CA ASP E 145 -77.87 -18.62 -39.69
C ASP E 145 -78.57 -17.92 -38.53
N ALA E 146 -79.67 -17.25 -38.82
CA ALA E 146 -80.44 -16.56 -37.79
C ALA E 146 -80.90 -17.59 -36.76
N ALA E 147 -81.38 -18.73 -37.25
CA ALA E 147 -81.86 -19.78 -36.36
C ALA E 147 -80.72 -20.42 -35.58
N THR E 148 -79.63 -20.75 -36.29
CA THR E 148 -78.48 -21.38 -35.67
C THR E 148 -77.88 -20.54 -34.53
N GLU E 149 -77.68 -19.25 -34.75
CA GLU E 149 -77.11 -18.40 -33.70
C GLU E 149 -78.09 -18.26 -32.54
N ALA E 150 -79.34 -17.95 -32.84
CA ALA E 150 -80.34 -17.79 -31.79
C ALA E 150 -80.42 -19.06 -30.95
N ASN E 151 -80.43 -20.22 -31.60
CA ASN E 151 -80.50 -21.47 -30.86
C ASN E 151 -79.25 -21.74 -30.03
N SER E 152 -78.11 -21.23 -30.49
CA SER E 152 -76.89 -21.42 -29.72
C SER E 152 -77.04 -20.71 -28.38
N TYR E 153 -77.75 -19.58 -28.37
CA TYR E 153 -77.95 -18.84 -27.12
C TYR E 153 -79.03 -19.51 -26.27
N LEU E 154 -80.10 -19.95 -26.91
CA LEU E 154 -81.19 -20.62 -26.19
C LEU E 154 -80.62 -21.88 -25.54
N ASP E 155 -79.78 -22.62 -26.27
CA ASP E 155 -79.18 -23.84 -25.73
C ASP E 155 -78.10 -23.53 -24.69
N TYR E 156 -77.49 -22.35 -24.81
CA TYR E 156 -76.47 -21.94 -23.85
C TYR E 156 -77.16 -21.71 -22.50
N ALA E 157 -78.34 -21.11 -22.53
CA ALA E 157 -79.08 -20.87 -21.29
C ALA E 157 -79.54 -22.21 -20.72
N ILE E 158 -79.97 -23.12 -21.60
CA ILE E 158 -80.40 -24.43 -21.14
C ILE E 158 -79.25 -25.19 -20.48
N ASN E 159 -78.04 -25.04 -21.02
CA ASN E 159 -76.87 -25.71 -20.45
C ASN E 159 -76.45 -25.11 -19.11
N ALA E 160 -76.68 -23.80 -18.94
CA ALA E 160 -76.33 -23.14 -17.68
C ALA E 160 -77.27 -23.60 -16.59
N LEU E 161 -78.46 -24.04 -16.99
CA LEU E 161 -79.50 -24.49 -16.06
C LEU E 161 -79.53 -25.99 -15.81
N SER E 162 -78.62 -26.75 -16.42
CA SER E 162 -78.59 -28.21 -16.26
C SER E 162 -77.20 -28.79 -16.10
N MET F 1 -65.46 -2.49 -20.44
CA MET F 1 -65.58 -1.54 -21.58
C MET F 1 -66.79 -1.92 -22.41
N PHE F 2 -67.15 -1.06 -23.35
CA PHE F 2 -68.27 -1.32 -24.24
C PHE F 2 -67.79 -1.23 -25.68
N ASP F 3 -68.48 -1.92 -26.58
CA ASP F 3 -68.19 -1.81 -28.01
C ASP F 3 -69.50 -1.22 -28.50
N ALA F 4 -69.54 -0.74 -29.74
CA ALA F 4 -70.76 -0.14 -30.26
C ALA F 4 -72.03 -0.95 -29.98
N PHE F 5 -71.94 -2.28 -30.10
CA PHE F 5 -73.10 -3.12 -29.87
C PHE F 5 -73.54 -3.17 -28.41
N THR F 6 -72.61 -3.53 -27.52
CA THR F 6 -72.92 -3.65 -26.10
C THR F 6 -73.28 -2.33 -25.45
N LYS F 7 -72.87 -1.22 -26.06
CA LYS F 7 -73.19 0.08 -25.49
C LYS F 7 -74.70 0.32 -25.55
N VAL F 8 -75.29 0.06 -26.71
CA VAL F 8 -76.72 0.25 -26.89
C VAL F 8 -77.49 -0.81 -26.10
N VAL F 9 -76.89 -2.00 -25.99
CA VAL F 9 -77.52 -3.08 -25.25
C VAL F 9 -77.62 -2.75 -23.76
N SER F 10 -76.53 -2.27 -23.16
CA SER F 10 -76.56 -1.96 -21.74
C SER F 10 -77.59 -0.87 -21.43
N GLN F 11 -77.73 0.09 -22.34
CA GLN F 11 -78.70 1.18 -22.15
C GLN F 11 -80.11 0.62 -22.28
N ALA F 12 -80.28 -0.34 -23.19
CA ALA F 12 -81.59 -0.96 -23.39
C ALA F 12 -81.97 -1.79 -22.16
N ASP F 13 -80.99 -2.47 -21.56
CA ASP F 13 -81.27 -3.29 -20.39
C ASP F 13 -81.69 -2.43 -19.20
N THR F 14 -81.07 -1.26 -19.06
CA THR F 14 -81.41 -0.34 -17.97
C THR F 14 -82.89 0.06 -18.10
N ARG F 15 -83.42 -0.02 -19.30
CA ARG F 15 -84.81 0.32 -19.55
C ARG F 15 -85.65 -0.96 -19.64
N GLY F 16 -85.00 -2.12 -19.56
CA GLY F 16 -85.71 -3.38 -19.65
C GLY F 16 -86.42 -3.50 -20.97
N GLU F 17 -85.86 -2.88 -22.00
CA GLU F 17 -86.48 -2.93 -23.32
C GLU F 17 -85.61 -3.54 -24.41
N MET F 18 -86.25 -4.11 -25.43
CA MET F 18 -85.53 -4.69 -26.54
C MET F 18 -85.25 -3.54 -27.51
N LEU F 19 -84.14 -3.62 -28.23
CA LEU F 19 -83.78 -2.56 -29.15
C LEU F 19 -84.89 -2.27 -30.15
N SER F 20 -85.13 -0.98 -30.40
CA SER F 20 -86.13 -0.56 -31.35
C SER F 20 -85.56 -0.81 -32.74
N THR F 21 -86.41 -0.74 -33.75
CA THR F 21 -85.94 -0.96 -35.12
C THR F 21 -84.99 0.16 -35.50
N ALA F 22 -85.24 1.36 -34.98
CA ALA F 22 -84.41 2.52 -35.27
C ALA F 22 -82.99 2.28 -34.80
N GLN F 23 -82.85 1.74 -33.59
CA GLN F 23 -81.55 1.45 -33.00
C GLN F 23 -80.85 0.31 -33.74
N ILE F 24 -81.62 -0.70 -34.15
CA ILE F 24 -81.05 -1.82 -34.88
C ILE F 24 -80.58 -1.39 -36.27
N ASP F 25 -81.35 -0.53 -36.93
CA ASP F 25 -80.97 -0.05 -38.25
C ASP F 25 -79.67 0.74 -38.15
N ALA F 26 -79.56 1.53 -37.08
CA ALA F 26 -78.36 2.33 -36.85
C ALA F 26 -77.15 1.41 -36.77
N LEU F 27 -77.27 0.34 -35.98
CA LEU F 27 -76.18 -0.61 -35.83
C LEU F 27 -75.86 -1.30 -37.15
N SER F 28 -76.88 -1.54 -37.96
CA SER F 28 -76.67 -2.18 -39.26
C SER F 28 -75.85 -1.25 -40.14
N GLN F 29 -76.04 0.05 -39.95
CA GLN F 29 -75.32 1.07 -40.70
C GLN F 29 -73.83 0.88 -40.42
N MET F 30 -73.48 0.86 -39.14
CA MET F 30 -72.10 0.69 -38.73
C MET F 30 -71.54 -0.59 -39.32
N VAL F 31 -72.28 -1.68 -39.20
CA VAL F 31 -71.85 -2.96 -39.73
C VAL F 31 -71.55 -2.87 -41.24
N ALA F 32 -72.36 -2.12 -41.97
CA ALA F 32 -72.19 -1.97 -43.41
C ALA F 32 -70.92 -1.23 -43.81
N GLU F 33 -70.43 -0.38 -42.91
CA GLU F 33 -69.23 0.40 -43.20
C GLU F 33 -68.02 -0.05 -42.38
N SER F 34 -68.14 -1.21 -41.74
CA SER F 34 -67.07 -1.73 -40.90
C SER F 34 -65.74 -1.95 -41.62
N ASN F 35 -65.77 -2.13 -42.94
CA ASN F 35 -64.54 -2.33 -43.68
C ASN F 35 -63.67 -1.07 -43.57
N LYS F 36 -64.30 0.10 -43.70
CA LYS F 36 -63.58 1.37 -43.62
C LYS F 36 -62.95 1.51 -42.23
N ARG F 37 -63.73 1.19 -41.21
CA ARG F 37 -63.28 1.27 -39.83
C ARG F 37 -62.05 0.40 -39.60
N LEU F 38 -62.09 -0.82 -40.14
CA LEU F 38 -60.98 -1.76 -39.98
C LEU F 38 -59.73 -1.32 -40.74
N ASP F 39 -59.91 -0.60 -41.86
CA ASP F 39 -58.76 -0.11 -42.59
C ASP F 39 -58.07 0.95 -41.74
N ALA F 40 -58.88 1.84 -41.15
CA ALA F 40 -58.37 2.90 -40.30
C ALA F 40 -57.49 2.30 -39.22
N VAL F 41 -58.00 1.28 -38.53
CA VAL F 41 -57.25 0.60 -37.49
C VAL F 41 -55.92 0.06 -37.99
N ASN F 42 -55.96 -0.65 -39.12
CA ASN F 42 -54.76 -1.23 -39.70
C ASN F 42 -53.77 -0.15 -40.12
N ARG F 43 -54.28 0.88 -40.80
CA ARG F 43 -53.45 1.98 -41.25
C ARG F 43 -52.75 2.76 -40.14
N ILE F 44 -53.46 3.08 -39.06
CA ILE F 44 -52.81 3.81 -37.99
C ILE F 44 -51.85 2.90 -37.23
N THR F 45 -52.25 1.66 -37.00
CA THR F 45 -51.39 0.71 -36.31
C THR F 45 -50.10 0.45 -37.07
N SER F 46 -50.24 0.22 -38.37
CA SER F 46 -49.11 -0.06 -39.25
C SER F 46 -48.09 1.07 -39.33
N ASN F 47 -48.48 2.26 -38.86
CA ASN F 47 -47.61 3.43 -38.87
C ASN F 47 -47.44 4.02 -37.48
N ALA F 48 -47.69 3.21 -36.46
CA ALA F 48 -47.58 3.67 -35.08
C ALA F 48 -46.23 4.30 -34.71
N SER F 49 -45.14 3.62 -35.03
CA SER F 49 -43.79 4.12 -34.72
C SER F 49 -43.48 5.45 -35.40
N THR F 50 -43.88 5.56 -36.65
CA THR F 50 -43.66 6.77 -37.41
C THR F 50 -44.47 7.93 -36.83
N ILE F 51 -45.74 7.65 -36.54
CA ILE F 51 -46.64 8.66 -35.98
C ILE F 51 -46.13 9.18 -34.63
N VAL F 52 -45.68 8.27 -33.78
CA VAL F 52 -45.18 8.64 -32.45
C VAL F 52 -43.86 9.38 -32.56
N SER F 53 -42.87 8.78 -33.21
CA SER F 53 -41.56 9.41 -33.33
C SER F 53 -41.59 10.79 -34.00
N ASN F 54 -42.28 10.92 -35.12
CA ASN F 54 -42.36 12.22 -35.82
C ASN F 54 -43.02 13.30 -34.96
N ALA F 55 -44.07 12.92 -34.24
CA ALA F 55 -44.79 13.85 -33.38
C ALA F 55 -43.92 14.21 -32.18
N ALA F 56 -43.18 13.26 -31.65
CA ALA F 56 -42.32 13.54 -30.50
C ALA F 56 -41.17 14.45 -30.94
N ARG F 57 -40.58 14.18 -32.09
CA ARG F 57 -39.48 15.01 -32.59
C ARG F 57 -39.94 16.43 -32.85
N SER F 58 -41.13 16.57 -33.44
CA SER F 58 -41.69 17.89 -33.73
C SER F 58 -42.02 18.62 -32.45
N LEU F 59 -42.52 17.89 -31.45
CA LEU F 59 -42.88 18.49 -30.17
C LEU F 59 -41.65 19.06 -29.47
N PHE F 60 -40.57 18.29 -29.44
CA PHE F 60 -39.34 18.76 -28.77
C PHE F 60 -38.69 19.90 -29.53
N ALA F 61 -38.80 19.89 -30.85
CA ALA F 61 -38.21 20.95 -31.65
C ALA F 61 -39.02 22.22 -31.43
N GLU F 62 -40.29 22.02 -31.12
CA GLU F 62 -41.22 23.10 -30.90
C GLU F 62 -41.12 23.62 -29.47
N GLN F 63 -40.86 22.72 -28.54
CA GLN F 63 -40.73 23.08 -27.12
C GLN F 63 -39.40 22.57 -26.61
N PRO F 64 -38.30 23.27 -26.92
CA PRO F 64 -36.98 22.85 -26.48
C PRO F 64 -36.77 22.72 -24.96
N GLN F 65 -37.55 23.45 -24.18
CA GLN F 65 -37.45 23.39 -22.72
C GLN F 65 -37.70 21.96 -22.24
N LEU F 66 -38.52 21.22 -22.97
CA LEU F 66 -38.83 19.85 -22.60
C LEU F 66 -37.58 18.98 -22.54
N ILE F 67 -36.61 19.26 -23.42
CA ILE F 67 -35.40 18.45 -23.43
C ILE F 67 -34.16 19.15 -22.89
N ALA F 68 -34.31 20.38 -22.42
CA ALA F 68 -33.18 21.10 -21.83
C ALA F 68 -32.91 20.35 -20.54
N PRO F 69 -31.64 20.29 -20.12
CA PRO F 69 -31.35 19.57 -18.87
C PRO F 69 -32.25 20.10 -17.76
N GLY F 70 -32.87 19.20 -17.02
CA GLY F 70 -33.78 19.61 -15.95
C GLY F 70 -35.20 19.67 -16.46
N GLY F 71 -35.37 19.56 -17.79
CA GLY F 71 -36.69 19.58 -18.41
C GLY F 71 -37.38 18.26 -18.15
N MEN F 72 -38.70 18.20 -18.26
CA MEN F 72 -39.41 16.97 -17.96
C MEN F 72 -39.05 15.76 -18.85
O MEN F 72 -39.17 14.63 -18.40
CB MEN F 72 -40.92 17.17 -17.96
CG MEN F 72 -41.64 16.12 -17.12
OD1 MEN F 72 -42.54 15.41 -17.58
ND2 MEN F 72 -41.22 16.02 -15.85
CE2 MEN F 72 -41.82 15.05 -14.94
N ALA F 73 -38.62 16.01 -20.07
CA ALA F 73 -38.25 14.91 -20.96
C ALA F 73 -36.74 14.70 -20.96
N TYR F 74 -36.03 15.40 -20.08
CA TYR F 74 -34.58 15.24 -19.99
C TYR F 74 -34.24 13.94 -19.24
N THR F 75 -33.12 13.31 -19.61
CA THR F 75 -32.61 12.03 -19.09
C THR F 75 -33.25 10.92 -19.93
N SER F 76 -32.49 9.86 -20.21
CA SER F 76 -33.02 8.76 -21.01
C SER F 76 -34.33 8.18 -20.49
N ARG F 77 -34.38 7.88 -19.19
CA ARG F 77 -35.59 7.30 -18.62
C ARG F 77 -36.85 8.15 -18.80
N ARG F 78 -36.74 9.47 -18.71
CA ARG F 78 -37.93 10.31 -18.88
C ARG F 78 -38.30 10.41 -20.34
N MET F 79 -37.30 10.51 -21.21
CA MET F 79 -37.57 10.56 -22.64
C MET F 79 -38.29 9.25 -23.03
N ALA F 80 -37.80 8.12 -22.51
CA ALA F 80 -38.42 6.84 -22.82
C ALA F 80 -39.88 6.80 -22.35
N ALA F 81 -40.13 7.29 -21.14
CA ALA F 81 -41.48 7.31 -20.60
C ALA F 81 -42.37 8.21 -21.44
N CYS F 82 -41.83 9.34 -21.87
CA CYS F 82 -42.59 10.27 -22.68
C CYS F 82 -43.03 9.61 -23.99
N LEU F 83 -42.06 9.03 -24.70
CA LEU F 83 -42.35 8.33 -25.95
C LEU F 83 -43.36 7.21 -25.70
N ARG F 84 -43.21 6.54 -24.57
CA ARG F 84 -44.12 5.45 -24.22
C ARG F 84 -45.55 5.95 -24.03
N ASP F 85 -45.72 7.12 -23.42
CA ASP F 85 -47.05 7.67 -23.22
C ASP F 85 -47.71 8.00 -24.57
N MET F 86 -46.92 8.53 -25.49
CA MET F 86 -47.42 8.87 -26.82
C MET F 86 -47.96 7.61 -27.48
N GLU F 87 -47.18 6.53 -27.41
CA GLU F 87 -47.58 5.26 -27.99
C GLU F 87 -48.80 4.67 -27.26
N ILE F 88 -48.82 4.77 -25.94
CA ILE F 88 -49.94 4.25 -25.16
C ILE F 88 -51.24 4.93 -25.59
N ILE F 89 -51.20 6.26 -25.65
CA ILE F 89 -52.37 7.03 -26.03
C ILE F 89 -52.80 6.66 -27.46
N LEU F 90 -51.85 6.53 -28.36
CA LEU F 90 -52.20 6.18 -29.73
C LEU F 90 -52.89 4.81 -29.73
N ARG F 91 -52.34 3.85 -28.97
CA ARG F 91 -52.89 2.50 -28.89
C ARG F 91 -54.34 2.48 -28.39
N TYR F 92 -54.60 3.21 -27.30
CA TYR F 92 -55.96 3.23 -26.77
C TYR F 92 -56.95 3.89 -27.72
N VAL F 93 -56.47 4.82 -28.54
CA VAL F 93 -57.34 5.46 -29.52
C VAL F 93 -57.71 4.43 -30.60
N THR F 94 -56.74 3.64 -31.06
CA THR F 94 -57.03 2.63 -32.08
C THR F 94 -58.05 1.63 -31.54
N TYR F 95 -57.98 1.34 -30.24
CA TYR F 95 -58.92 0.42 -29.62
C TYR F 95 -60.33 0.99 -29.75
N ALA F 96 -60.48 2.27 -29.43
CA ALA F 96 -61.76 2.95 -29.48
C ALA F 96 -62.32 2.94 -30.90
N VAL F 97 -61.44 3.11 -31.89
CA VAL F 97 -61.87 3.11 -33.28
C VAL F 97 -62.36 1.72 -33.69
N PHE F 98 -61.63 0.69 -33.27
CA PHE F 98 -61.98 -0.69 -33.55
C PHE F 98 -63.32 -1.05 -32.91
N ALA F 99 -63.44 -0.75 -31.61
CA ALA F 99 -64.65 -1.04 -30.86
C ALA F 99 -65.81 -0.13 -31.23
N GLY F 100 -65.51 1.03 -31.80
CA GLY F 100 -66.55 1.97 -32.15
C GLY F 100 -67.20 2.56 -30.90
N ASP F 101 -66.41 2.77 -29.86
CA ASP F 101 -66.88 3.33 -28.59
C ASP F 101 -65.66 3.81 -27.81
N ALA F 102 -65.76 5.00 -27.22
CA ALA F 102 -64.64 5.58 -26.47
C ALA F 102 -64.45 5.11 -25.04
N SER F 103 -65.28 4.19 -24.56
CA SER F 103 -65.14 3.74 -23.18
C SER F 103 -63.76 3.18 -22.82
N VAL F 104 -63.23 2.26 -23.61
CA VAL F 104 -61.93 1.69 -23.28
C VAL F 104 -60.85 2.76 -23.13
N LEU F 105 -60.85 3.73 -24.04
CA LEU F 105 -59.89 4.83 -24.01
C LEU F 105 -60.07 5.63 -22.71
N GLU F 106 -61.32 5.98 -22.41
CA GLU F 106 -61.65 6.74 -21.22
C GLU F 106 -61.28 6.01 -19.93
N ASP F 107 -61.80 4.79 -19.79
CA ASP F 107 -61.58 4.00 -18.58
C ASP F 107 -60.14 3.58 -18.29
N ARG F 108 -59.48 2.99 -19.28
CA ARG F 108 -58.13 2.49 -19.07
C ARG F 108 -56.98 3.43 -19.35
N CYS F 109 -57.24 4.52 -20.07
CA CYS F 109 -56.17 5.44 -20.41
C CYS F 109 -56.30 6.85 -19.85
N LEU F 110 -57.37 7.55 -20.23
CA LEU F 110 -57.57 8.93 -19.80
C LEU F 110 -58.00 9.17 -18.36
N ASN F 111 -58.87 8.32 -17.82
CA ASN F 111 -59.36 8.51 -16.47
C ASN F 111 -58.22 8.59 -15.46
N GLY F 112 -58.06 9.76 -14.86
CA GLY F 112 -57.03 9.98 -13.86
C GLY F 112 -55.67 10.32 -14.42
N LEU F 113 -55.59 10.61 -15.72
CA LEU F 113 -54.29 10.95 -16.31
C LEU F 113 -53.86 12.36 -15.94
N ARG F 114 -54.81 13.28 -15.89
CA ARG F 114 -54.49 14.67 -15.51
C ARG F 114 -53.89 14.68 -14.12
N GLU F 115 -54.48 13.90 -13.22
CA GLU F 115 -54.00 13.81 -11.84
C GLU F 115 -52.60 13.22 -11.81
N THR F 116 -52.32 12.29 -12.71
CA THR F 116 -51.00 11.66 -12.77
C THR F 116 -49.92 12.66 -13.17
N TYR F 117 -50.14 13.36 -14.28
CA TYR F 117 -49.15 14.34 -14.73
C TYR F 117 -48.97 15.47 -13.72
N LEU F 118 -50.09 15.96 -13.19
CA LEU F 118 -50.06 17.03 -12.21
C LEU F 118 -49.15 16.64 -11.05
N ALA F 119 -49.28 15.40 -10.59
CA ALA F 119 -48.47 14.89 -9.48
C ALA F 119 -46.99 14.69 -9.81
N LEU F 120 -46.69 14.43 -11.08
CA LEU F 120 -45.31 14.23 -11.52
C LEU F 120 -44.66 15.55 -11.93
N GLY F 121 -45.50 16.51 -12.32
CA GLY F 121 -44.99 17.79 -12.77
C GLY F 121 -44.80 17.77 -14.27
N THR F 122 -45.43 16.79 -14.92
CA THR F 122 -45.35 16.65 -16.38
C THR F 122 -46.34 17.64 -16.96
N PRO F 123 -45.88 18.54 -17.85
CA PRO F 123 -46.78 19.53 -18.45
C PRO F 123 -47.82 18.90 -19.37
N GLY F 124 -49.02 18.72 -18.83
CA GLY F 124 -50.11 18.12 -19.59
C GLY F 124 -50.37 18.86 -20.89
N SER F 125 -50.14 20.17 -20.84
CA SER F 125 -50.33 21.01 -22.01
C SER F 125 -49.47 20.51 -23.16
N SER F 126 -48.22 20.22 -22.85
CA SER F 126 -47.27 19.75 -23.85
C SER F 126 -47.66 18.38 -24.36
N VAL F 127 -48.24 17.56 -23.49
CA VAL F 127 -48.68 16.24 -23.90
C VAL F 127 -49.78 16.41 -24.93
N ALA F 128 -50.67 17.38 -24.69
CA ALA F 128 -51.77 17.64 -25.62
C ALA F 128 -51.26 18.01 -27.01
N VAL F 129 -50.19 18.82 -27.06
CA VAL F 129 -49.60 19.23 -28.32
C VAL F 129 -49.12 17.98 -29.05
N GLY F 130 -48.49 17.06 -28.32
CA GLY F 130 -48.02 15.84 -28.94
C GLY F 130 -49.19 15.04 -29.50
N VAL F 131 -50.23 14.88 -28.69
CA VAL F 131 -51.41 14.14 -29.11
C VAL F 131 -52.00 14.74 -30.38
N GLY F 132 -52.13 16.06 -30.39
CA GLY F 132 -52.66 16.74 -31.56
C GLY F 132 -51.84 16.51 -32.81
N LYS F 133 -50.53 16.38 -32.65
CA LYS F 133 -49.68 16.15 -33.81
C LYS F 133 -49.90 14.73 -34.34
N MET F 134 -50.03 13.77 -33.43
CA MET F 134 -50.28 12.40 -33.85
C MET F 134 -51.64 12.36 -34.54
N LYS F 135 -52.59 13.13 -34.01
CA LYS F 135 -53.93 13.17 -34.61
C LYS F 135 -53.86 13.56 -36.07
N GLU F 136 -53.14 14.65 -36.35
CA GLU F 136 -52.99 15.16 -37.69
C GLU F 136 -52.36 14.12 -38.61
N ALA F 137 -51.26 13.53 -38.16
CA ALA F 137 -50.58 12.52 -38.97
C ALA F 137 -51.47 11.29 -39.18
N ALA F 138 -52.14 10.86 -38.12
CA ALA F 138 -53.00 9.69 -38.16
C ALA F 138 -54.13 9.85 -39.18
N LEU F 139 -54.81 10.99 -39.13
CA LEU F 139 -55.92 11.24 -40.06
C LEU F 139 -55.47 11.30 -41.51
N ALA F 140 -54.31 11.92 -41.76
CA ALA F 140 -53.80 12.01 -43.13
C ALA F 140 -53.52 10.59 -43.64
N ILE F 141 -53.10 9.73 -42.73
CA ILE F 141 -52.81 8.35 -43.09
C ILE F 141 -54.11 7.62 -43.42
N VAL F 142 -55.12 7.83 -42.60
CA VAL F 142 -56.43 7.21 -42.81
C VAL F 142 -57.05 7.72 -44.12
N ASN F 143 -56.89 9.02 -44.40
CA ASN F 143 -57.45 9.61 -45.60
C ASN F 143 -56.63 9.48 -46.88
N ASP F 144 -55.51 8.78 -46.83
CA ASP F 144 -54.69 8.59 -48.02
C ASP F 144 -55.42 7.70 -49.02
N PRO F 145 -55.79 8.25 -50.19
CA PRO F 145 -56.50 7.52 -51.24
C PRO F 145 -55.68 6.47 -52.00
N ALA F 146 -54.37 6.47 -51.80
CA ALA F 146 -53.51 5.50 -52.49
C ALA F 146 -53.68 4.08 -51.98
N GLY F 147 -53.68 3.13 -52.92
CA GLY F 147 -53.80 1.72 -52.57
C GLY F 147 -55.01 1.29 -51.77
N ILE F 148 -56.18 1.84 -52.09
CA ILE F 148 -57.39 1.48 -51.37
C ILE F 148 -58.63 1.82 -52.20
N THR F 149 -59.67 1.01 -52.03
CA THR F 149 -60.94 1.22 -52.74
C THR F 149 -61.48 2.61 -52.39
N PRO F 150 -61.65 3.47 -53.40
CA PRO F 150 -62.16 4.82 -53.12
C PRO F 150 -63.50 4.80 -52.42
N GLY F 151 -63.76 5.82 -51.60
CA GLY F 151 -65.01 5.89 -50.88
C GLY F 151 -65.02 7.03 -49.89
N ASP F 152 -66.13 7.18 -49.17
CA ASP F 152 -66.27 8.27 -48.20
C ASP F 152 -66.02 7.84 -46.76
N CYS F 153 -64.90 8.31 -46.19
CA CYS F 153 -64.53 8.00 -44.83
C CYS F 153 -64.65 9.22 -43.93
N SER F 154 -65.38 10.24 -44.38
CA SER F 154 -65.55 11.48 -43.62
C SER F 154 -66.12 11.27 -42.24
N ALA F 155 -67.17 10.45 -42.13
CA ALA F 155 -67.80 10.18 -40.85
C ALA F 155 -66.83 9.46 -39.91
N LEU F 156 -66.06 8.53 -40.46
CA LEU F 156 -65.08 7.78 -39.68
C LEU F 156 -63.99 8.73 -39.18
N ALA F 157 -63.52 9.59 -40.07
CA ALA F 157 -62.48 10.54 -39.75
C ALA F 157 -62.90 11.45 -38.57
N SER F 158 -64.19 11.79 -38.51
CA SER F 158 -64.68 12.64 -37.41
C SER F 158 -64.65 11.87 -36.10
N GLU F 159 -65.09 10.62 -36.16
CA GLU F 159 -65.12 9.76 -34.99
C GLU F 159 -63.70 9.59 -34.45
N ILE F 160 -62.74 9.37 -35.34
CA ILE F 160 -61.35 9.19 -34.94
C ILE F 160 -60.80 10.46 -34.29
N ALA F 161 -61.02 11.61 -34.95
CA ALA F 161 -60.55 12.88 -34.41
C ALA F 161 -61.14 13.13 -33.04
N SER F 162 -62.39 12.70 -32.83
CA SER F 162 -63.05 12.92 -31.55
C SER F 162 -62.34 12.17 -30.43
N TYR F 163 -61.81 10.99 -30.74
CA TYR F 163 -61.10 10.22 -29.71
C TYR F 163 -59.78 10.93 -29.40
N PHE F 164 -59.11 11.44 -30.42
CA PHE F 164 -57.87 12.16 -30.19
C PHE F 164 -58.18 13.40 -29.35
N ASP F 165 -59.29 14.06 -29.66
CA ASP F 165 -59.69 15.25 -28.92
C ASP F 165 -59.99 14.93 -27.47
N ARG F 166 -60.65 13.80 -27.23
CA ARG F 166 -60.94 13.38 -25.85
C ARG F 166 -59.60 13.28 -25.12
N ALA F 167 -58.60 12.73 -25.80
CA ALA F 167 -57.27 12.58 -25.21
C ALA F 167 -56.62 13.93 -24.87
N CYS F 168 -56.74 14.90 -25.77
CA CYS F 168 -56.16 16.22 -25.52
C CYS F 168 -56.83 16.89 -24.35
N ALA F 169 -58.16 16.90 -24.37
CA ALA F 169 -58.94 17.52 -23.31
C ALA F 169 -58.77 16.80 -21.97
N ALA F 170 -58.35 15.54 -22.01
CA ALA F 170 -58.19 14.79 -20.76
C ALA F 170 -56.93 15.15 -19.99
N VAL F 171 -55.90 15.63 -20.68
CA VAL F 171 -54.64 15.99 -20.01
C VAL F 171 -54.41 17.50 -19.93
N SER F 172 -55.23 18.28 -20.62
CA SER F 172 -55.11 19.72 -20.61
C SER F 172 -55.79 20.30 -19.37
N MET G 1 -23.88 -15.16 5.60
CA MET G 1 -22.48 -14.95 6.02
C MET G 1 -22.04 -13.55 5.58
N LYS G 2 -22.42 -12.55 6.36
CA LYS G 2 -22.11 -11.16 6.07
C LYS G 2 -20.65 -10.70 6.16
N THR G 3 -20.03 -10.51 5.00
CA THR G 3 -18.65 -10.05 4.90
C THR G 3 -18.61 -9.14 3.68
N PRO G 4 -17.66 -8.21 3.63
CA PRO G 4 -17.58 -7.31 2.48
C PRO G 4 -17.61 -8.01 1.12
N LEU G 5 -16.78 -9.04 0.96
CA LEU G 5 -16.72 -9.74 -0.31
C LEU G 5 -18.00 -10.47 -0.70
N THR G 6 -18.57 -11.27 0.20
CA THR G 6 -19.79 -11.99 -0.16
C THR G 6 -20.98 -11.05 -0.31
N GLU G 7 -20.98 -9.95 0.43
CA GLU G 7 -22.08 -8.99 0.34
C GLU G 7 -22.02 -8.25 -0.99
N ALA G 8 -20.81 -7.96 -1.46
CA ALA G 8 -20.65 -7.26 -2.73
C ALA G 8 -21.17 -8.14 -3.87
N VAL G 9 -20.89 -9.43 -3.80
CA VAL G 9 -21.34 -10.37 -4.82
C VAL G 9 -22.86 -10.52 -4.75
N SER G 10 -23.39 -10.69 -3.54
CA SER G 10 -24.82 -10.84 -3.36
C SER G 10 -25.62 -9.65 -3.90
N ILE G 11 -25.09 -8.43 -3.75
CA ILE G 11 -25.79 -7.26 -4.25
C ILE G 11 -25.84 -7.34 -5.77
N ALA G 12 -24.66 -7.49 -6.37
CA ALA G 12 -24.52 -7.55 -7.82
C ALA G 12 -25.41 -8.65 -8.40
N ASP G 13 -25.36 -9.83 -7.79
CA ASP G 13 -26.15 -10.96 -8.27
C ASP G 13 -27.65 -10.68 -8.15
N SER G 14 -28.08 -10.04 -7.07
CA SER G 14 -29.49 -9.74 -6.90
C SER G 14 -29.95 -8.71 -7.94
N GLN G 15 -28.99 -7.99 -8.53
CA GLN G 15 -29.32 -6.99 -9.54
C GLN G 15 -29.02 -7.50 -10.95
N GLY G 16 -28.51 -8.72 -11.03
CA GLY G 16 -28.19 -9.33 -12.30
C GLY G 16 -27.11 -8.56 -13.06
N ARG G 17 -26.17 -7.97 -12.35
CA ARG G 17 -25.12 -7.23 -13.04
C ARG G 17 -23.72 -7.63 -12.67
N PHE G 18 -22.79 -7.36 -13.58
CA PHE G 18 -21.39 -7.67 -13.35
C PHE G 18 -20.91 -6.76 -12.23
N LEU G 19 -19.77 -7.10 -11.66
CA LEU G 19 -19.18 -6.31 -10.60
C LEU G 19 -18.64 -5.03 -11.26
N SER G 20 -18.72 -3.91 -10.55
CA SER G 20 -18.26 -2.63 -11.06
C SER G 20 -17.30 -1.96 -10.08
N SER G 21 -16.98 -0.68 -10.32
CA SER G 21 -16.05 0.05 -9.45
C SER G 21 -16.52 0.06 -8.00
N THR G 22 -17.83 0.03 -7.78
CA THR G 22 -18.39 0.02 -6.44
C THR G 22 -17.95 -1.22 -5.66
N GLU G 23 -18.18 -2.41 -6.22
CA GLU G 23 -17.78 -3.65 -5.54
C GLU G 23 -16.26 -3.73 -5.39
N ILE G 24 -15.54 -3.17 -6.35
CA ILE G 24 -14.08 -3.18 -6.27
C ILE G 24 -13.61 -2.31 -5.11
N GLN G 25 -14.26 -1.17 -4.89
CA GLN G 25 -13.87 -0.30 -3.78
C GLN G 25 -14.20 -1.00 -2.47
N VAL G 26 -15.25 -1.82 -2.49
CA VAL G 26 -15.63 -2.57 -1.30
C VAL G 26 -14.50 -3.54 -0.98
N ALA G 27 -13.90 -4.12 -2.02
CA ALA G 27 -12.80 -5.06 -1.80
C ALA G 27 -11.60 -4.28 -1.30
N PHE G 28 -11.36 -3.09 -1.88
CA PHE G 28 -10.23 -2.27 -1.45
C PHE G 28 -10.33 -1.98 0.05
N GLY G 29 -11.53 -1.66 0.52
CA GLY G 29 -11.70 -1.37 1.94
C GLY G 29 -11.41 -2.62 2.75
N ARG G 30 -11.90 -3.75 2.28
CA ARG G 30 -11.73 -5.04 2.94
C ARG G 30 -10.26 -5.43 3.06
N PHE G 31 -9.55 -5.39 1.94
CA PHE G 31 -8.16 -5.77 1.97
C PHE G 31 -7.28 -4.77 2.72
N ARG G 32 -7.72 -3.52 2.82
CA ARG G 32 -6.95 -2.53 3.55
C ARG G 32 -7.09 -2.84 5.04
N GLN G 33 -8.32 -3.18 5.44
CA GLN G 33 -8.63 -3.50 6.82
C GLN G 33 -8.10 -4.86 7.28
N ALA G 34 -7.81 -5.75 6.33
CA ALA G 34 -7.33 -7.09 6.64
C ALA G 34 -6.15 -7.12 7.62
N LYS G 35 -5.23 -6.16 7.47
CA LYS G 35 -4.06 -6.08 8.34
C LYS G 35 -4.49 -6.09 9.80
N ALA G 36 -5.39 -5.17 10.14
CA ALA G 36 -5.88 -5.04 11.51
C ALA G 36 -6.56 -6.31 11.98
N GLY G 37 -7.49 -6.80 11.19
CA GLY G 37 -8.22 -8.02 11.54
C GLY G 37 -7.35 -9.25 11.72
N LEU G 38 -6.37 -9.44 10.84
CA LEU G 38 -5.48 -10.60 10.93
C LEU G 38 -4.59 -10.51 12.16
N GLU G 39 -4.03 -9.33 12.40
CA GLU G 39 -3.18 -9.16 13.56
C GLU G 39 -4.01 -9.36 14.83
N ALA G 40 -5.20 -8.76 14.86
CA ALA G 40 -6.08 -8.86 16.02
C ALA G 40 -6.48 -10.30 16.32
N ALA G 41 -6.84 -11.04 15.27
CA ALA G 41 -7.25 -12.44 15.44
C ALA G 41 -6.10 -13.29 15.95
N LYS G 42 -4.92 -13.12 15.34
CA LYS G 42 -3.73 -13.87 15.75
C LYS G 42 -3.35 -13.57 17.19
N ALA G 43 -3.49 -12.30 17.58
CA ALA G 43 -3.15 -11.90 18.95
C ALA G 43 -4.15 -12.50 19.94
N LEU G 44 -5.44 -12.35 19.65
CA LEU G 44 -6.47 -12.90 20.53
C LEU G 44 -6.26 -14.40 20.69
N THR G 45 -5.92 -15.05 19.58
CA THR G 45 -5.70 -16.48 19.60
C THR G 45 -4.60 -16.91 20.57
N SER G 46 -3.43 -16.27 20.50
CA SER G 46 -2.33 -16.64 21.37
C SER G 46 -2.61 -16.35 22.84
N LYS G 47 -3.48 -15.37 23.09
CA LYS G 47 -3.84 -14.98 24.45
C LYS G 47 -5.20 -15.56 24.88
N ALA G 48 -5.70 -16.53 24.13
CA ALA G 48 -7.01 -17.13 24.40
C ALA G 48 -7.21 -17.68 25.82
N ASP G 49 -6.21 -18.41 26.33
CA ASP G 49 -6.34 -18.98 27.68
C ASP G 49 -6.58 -17.96 28.78
N SER G 50 -5.70 -16.98 28.90
CA SER G 50 -5.87 -15.98 29.95
C SER G 50 -7.15 -15.15 29.74
N LEU G 51 -7.47 -14.87 28.48
CA LEU G 51 -8.67 -14.10 28.19
C LEU G 51 -9.92 -14.91 28.57
N ILE G 52 -9.91 -16.19 28.25
CA ILE G 52 -11.05 -17.04 28.58
C ILE G 52 -11.23 -17.22 30.08
N SER G 53 -10.18 -17.71 30.75
CA SER G 53 -10.28 -17.92 32.20
C SER G 53 -10.51 -16.60 32.92
N GLY G 54 -9.87 -15.54 32.45
CA GLY G 54 -10.02 -14.24 33.06
C GLY G 54 -11.43 -13.72 32.89
N ALA G 55 -11.99 -13.92 31.70
CA ALA G 55 -13.35 -13.47 31.42
C ALA G 55 -14.34 -14.23 32.30
N ALA G 56 -14.14 -15.55 32.40
CA ALA G 56 -15.02 -16.38 33.21
C ALA G 56 -15.01 -15.88 34.65
N GLN G 57 -13.82 -15.51 35.12
CA GLN G 57 -13.66 -15.02 36.49
C GLN G 57 -14.31 -13.66 36.66
N ALA G 58 -14.29 -12.85 35.61
CA ALA G 58 -14.90 -11.53 35.67
C ALA G 58 -16.40 -11.70 35.90
N VAL G 59 -16.98 -12.73 35.29
CA VAL G 59 -18.40 -12.97 35.45
C VAL G 59 -18.71 -13.46 36.86
N TYR G 60 -17.97 -14.46 37.33
CA TYR G 60 -18.17 -14.99 38.66
C TYR G 60 -18.06 -13.90 39.72
N ASN G 61 -17.25 -12.88 39.42
CA ASN G 61 -17.05 -11.76 40.33
C ASN G 61 -18.20 -10.77 40.31
N LYS G 62 -18.72 -10.46 39.13
CA LYS G 62 -19.84 -9.54 39.06
C LYS G 62 -21.15 -10.21 39.48
N PHE G 63 -21.19 -11.54 39.40
CA PHE G 63 -22.39 -12.31 39.75
C PHE G 63 -22.00 -13.47 40.66
N PRO G 64 -21.56 -13.18 41.89
CA PRO G 64 -21.17 -14.25 42.81
C PRO G 64 -22.18 -15.37 43.00
N TYR G 65 -23.46 -15.11 42.72
CA TYR G 65 -24.45 -16.16 42.90
C TYR G 65 -24.27 -17.31 41.91
N THR G 66 -23.78 -17.02 40.71
CA THR G 66 -23.59 -18.06 39.69
C THR G 66 -22.58 -19.12 40.12
N THR G 67 -21.90 -18.88 41.25
CA THR G 67 -20.93 -19.84 41.74
C THR G 67 -21.38 -20.45 43.05
N GLN G 68 -22.65 -20.25 43.39
CA GLN G 68 -23.19 -20.77 44.65
C GLN G 68 -24.44 -21.62 44.46
N MET G 69 -25.34 -21.19 43.59
CA MET G 69 -26.59 -21.90 43.35
C MET G 69 -26.42 -23.27 42.68
N GLN G 70 -27.21 -24.24 43.15
CA GLN G 70 -27.18 -25.63 42.69
C GLN G 70 -27.70 -25.97 41.28
N GLY G 71 -28.52 -25.12 40.70
CA GLY G 71 -29.05 -25.40 39.38
C GLY G 71 -28.01 -25.81 38.33
N PRO G 72 -28.40 -26.60 37.32
CA PRO G 72 -27.47 -27.04 36.27
C PRO G 72 -27.10 -25.89 35.34
N ASN G 73 -27.84 -24.79 35.46
CA ASN G 73 -27.59 -23.62 34.63
C ASN G 73 -26.54 -22.69 35.28
N TYR G 74 -26.04 -23.11 36.44
CA TYR G 74 -25.03 -22.31 37.14
C TYR G 74 -23.68 -23.00 37.13
N ALA G 75 -22.65 -22.27 37.56
CA ALA G 75 -21.29 -22.80 37.61
C ALA G 75 -20.76 -23.03 39.02
N ALA G 76 -21.59 -23.57 39.90
CA ALA G 76 -21.18 -23.84 41.27
C ALA G 76 -20.28 -25.06 41.33
N ASP G 77 -20.45 -25.98 40.38
CA ASP G 77 -19.62 -27.17 40.32
C ASP G 77 -18.65 -27.04 39.15
N GLN G 78 -17.72 -27.97 39.02
CA GLN G 78 -16.73 -27.91 37.94
C GLN G 78 -17.40 -28.06 36.58
N ARG G 79 -18.51 -28.80 36.56
CA ARG G 79 -19.27 -29.04 35.34
C ARG G 79 -19.77 -27.71 34.76
N GLY G 80 -20.34 -26.88 35.63
CA GLY G 80 -20.86 -25.60 35.21
C GLY G 80 -19.75 -24.67 34.76
N LYS G 81 -18.64 -24.66 35.49
CA LYS G 81 -17.52 -23.80 35.14
C LYS G 81 -17.02 -24.17 33.76
N ASP G 82 -16.95 -25.48 33.49
CA ASP G 82 -16.49 -25.95 32.19
C ASP G 82 -17.43 -25.52 31.05
N LYS G 83 -18.73 -25.71 31.25
CA LYS G 83 -19.72 -25.30 30.25
C LYS G 83 -19.51 -23.81 30.00
N CYS G 84 -19.32 -23.06 31.08
CA CYS G 84 -19.12 -21.63 31.02
C CYS G 84 -17.87 -21.21 30.26
N ALA G 85 -16.72 -21.80 30.60
CA ALA G 85 -15.46 -21.48 29.94
C ALA G 85 -15.57 -21.88 28.47
N ARG G 86 -16.31 -22.96 28.23
CA ARG G 86 -16.52 -23.46 26.87
C ARG G 86 -17.25 -22.36 26.08
N ASP G 87 -18.41 -21.94 26.57
CA ASP G 87 -19.21 -20.90 25.93
C ASP G 87 -18.40 -19.63 25.67
N ILE G 88 -17.68 -19.16 26.69
CA ILE G 88 -16.88 -17.96 26.55
C ILE G 88 -15.81 -18.21 25.49
N GLY G 89 -15.32 -19.45 25.44
CA GLY G 89 -14.33 -19.80 24.43
C GLY G 89 -14.98 -19.66 23.08
N TYR G 90 -16.26 -20.05 22.98
CA TYR G 90 -16.99 -19.95 21.73
C TYR G 90 -17.09 -18.50 21.28
N TYR G 91 -17.52 -17.62 22.18
CA TYR G 91 -17.63 -16.21 21.82
C TYR G 91 -16.30 -15.67 21.30
N LEU G 92 -15.22 -15.95 22.02
CA LEU G 92 -13.91 -15.46 21.60
C LEU G 92 -13.52 -16.00 20.23
N ARG G 93 -13.75 -17.30 20.01
CA ARG G 93 -13.41 -17.91 18.74
C ARG G 93 -14.21 -17.25 17.61
N MET G 94 -15.47 -16.91 17.87
CA MET G 94 -16.28 -16.26 16.86
C MET G 94 -15.73 -14.87 16.56
N VAL G 95 -15.25 -14.19 17.58
CA VAL G 95 -14.70 -12.86 17.38
C VAL G 95 -13.50 -12.96 16.44
N THR G 96 -12.66 -13.98 16.60
CA THR G 96 -11.52 -14.13 15.71
C THR G 96 -11.99 -14.41 14.29
N TYR G 97 -13.08 -15.15 14.14
CA TYR G 97 -13.60 -15.46 12.81
C TYR G 97 -14.08 -14.18 12.14
N CYS G 98 -14.77 -13.33 12.91
CA CYS G 98 -15.27 -12.09 12.35
C CYS G 98 -14.12 -11.20 11.91
N LEU G 99 -13.04 -11.21 12.66
CA LEU G 99 -11.87 -10.41 12.34
C LEU G 99 -11.18 -10.99 11.11
N ILE G 100 -11.12 -12.31 11.02
CA ILE G 100 -10.50 -12.96 9.88
C ILE G 100 -11.25 -12.60 8.59
N ALA G 101 -12.57 -12.64 8.66
CA ALA G 101 -13.44 -12.37 7.53
C ALA G 101 -13.81 -10.90 7.30
N GLY G 102 -13.56 -10.06 8.28
CA GLY G 102 -13.90 -8.65 8.13
C GLY G 102 -15.41 -8.40 8.21
N GLY G 103 -16.12 -9.24 8.94
CA GLY G 103 -17.57 -9.07 9.06
C GLY G 103 -18.18 -9.91 10.18
N THR G 104 -19.43 -9.63 10.53
CA THR G 104 -20.12 -10.35 11.60
C THR G 104 -20.69 -11.70 11.14
N GLY G 105 -20.63 -11.96 9.85
CA GLY G 105 -21.16 -13.20 9.29
C GLY G 105 -20.96 -14.48 10.09
N PRO G 106 -19.71 -14.83 10.44
CA PRO G 106 -19.44 -16.05 11.20
C PRO G 106 -20.21 -16.14 12.52
N MET G 107 -20.15 -15.07 13.31
CA MET G 107 -20.83 -15.03 14.60
C MET G 107 -22.34 -15.11 14.40
N ASP G 108 -22.84 -14.33 13.45
CA ASP G 108 -24.27 -14.35 13.16
C ASP G 108 -24.75 -15.76 12.86
N GLU G 109 -24.00 -16.46 12.04
CA GLU G 109 -24.42 -17.79 11.64
C GLU G 109 -24.24 -18.92 12.62
N TYR G 110 -23.13 -18.93 13.35
CA TYR G 110 -22.84 -20.02 14.28
C TYR G 110 -23.19 -19.72 15.72
N LEU G 111 -23.46 -18.46 16.04
CA LEU G 111 -23.75 -18.14 17.43
C LEU G 111 -25.00 -17.34 17.72
N ILE G 112 -25.14 -16.17 17.10
CA ILE G 112 -26.31 -15.33 17.35
C ILE G 112 -27.66 -15.90 16.93
N ALA G 113 -27.75 -16.49 15.75
CA ALA G 113 -29.02 -17.05 15.29
C ALA G 113 -29.49 -18.16 16.23
N GLY G 114 -30.54 -17.86 17.01
CA GLY G 114 -31.08 -18.84 17.95
C GLY G 114 -30.55 -18.78 19.37
N ILE G 115 -29.61 -17.87 19.64
CA ILE G 115 -29.05 -17.76 20.98
C ILE G 115 -30.13 -17.43 22.02
N ASP G 116 -31.15 -16.68 21.61
CA ASP G 116 -32.23 -16.33 22.52
C ASP G 116 -32.94 -17.56 23.07
N GLU G 117 -33.37 -18.43 22.16
CA GLU G 117 -34.05 -19.66 22.56
C GLU G 117 -33.20 -20.45 23.53
N ILE G 118 -31.90 -20.53 23.25
CA ILE G 118 -30.99 -21.27 24.10
C ILE G 118 -30.91 -20.71 25.51
N ASN G 119 -30.72 -19.41 25.62
CA ASN G 119 -30.61 -18.78 26.92
C ASN G 119 -31.92 -18.84 27.70
N ARG G 120 -33.04 -18.81 27.00
CA ARG G 120 -34.33 -18.88 27.70
C ARG G 120 -34.58 -20.31 28.15
N THR G 121 -34.35 -21.26 27.25
CA THR G 121 -34.58 -22.66 27.57
C THR G 121 -33.72 -23.17 28.73
N PHE G 122 -32.43 -22.86 28.72
CA PHE G 122 -31.54 -23.30 29.79
C PHE G 122 -31.35 -22.29 30.92
N GLU G 123 -32.14 -21.22 30.89
CA GLU G 123 -32.07 -20.19 31.91
C GLU G 123 -30.68 -19.61 32.16
N LEU G 124 -30.03 -19.23 31.06
CA LEU G 124 -28.70 -18.65 31.13
C LEU G 124 -28.94 -17.15 30.95
N SER G 125 -28.37 -16.32 31.83
CA SER G 125 -28.57 -14.89 31.73
C SER G 125 -27.66 -14.22 30.71
N PRO G 126 -28.23 -13.39 29.83
CA PRO G 126 -27.41 -12.71 28.81
C PRO G 126 -26.38 -11.82 29.51
N SER G 127 -26.80 -11.25 30.64
CA SER G 127 -25.95 -10.37 31.42
C SER G 127 -24.61 -11.01 31.74
N TRP G 128 -24.62 -12.32 31.97
CA TRP G 128 -23.38 -13.02 32.30
C TRP G 128 -22.39 -12.91 31.14
N TYR G 129 -22.87 -13.14 29.92
CA TYR G 129 -22.03 -13.07 28.74
C TYR G 129 -21.61 -11.64 28.42
N ILE G 130 -22.47 -10.67 28.71
CA ILE G 130 -22.15 -9.29 28.45
C ILE G 130 -20.90 -8.91 29.23
N GLU G 131 -20.87 -9.28 30.51
CA GLU G 131 -19.73 -8.97 31.38
C GLU G 131 -18.46 -9.64 30.85
N ALA G 132 -18.56 -10.89 30.45
CA ALA G 132 -17.41 -11.62 29.93
C ALA G 132 -16.80 -10.89 28.74
N LEU G 133 -17.67 -10.42 27.85
CA LEU G 133 -17.26 -9.69 26.65
C LEU G 133 -16.61 -8.36 27.02
N LYS G 134 -17.10 -7.73 28.08
CA LYS G 134 -16.54 -6.45 28.54
C LYS G 134 -15.09 -6.71 28.94
N TYR G 135 -14.89 -7.79 29.68
CA TYR G 135 -13.56 -8.17 30.13
C TYR G 135 -12.60 -8.35 28.95
N ILE G 136 -13.03 -9.09 27.94
CA ILE G 136 -12.18 -9.32 26.79
C ILE G 136 -11.79 -8.00 26.12
N LYS G 137 -12.73 -7.04 26.09
CA LYS G 137 -12.46 -5.75 25.50
C LYS G 137 -11.36 -5.02 26.25
N ALA G 138 -11.47 -5.00 27.57
CA ALA G 138 -10.50 -4.31 28.42
C ALA G 138 -9.19 -5.05 28.61
N ASN G 139 -9.10 -6.28 28.11
CA ASN G 139 -7.88 -7.05 28.30
C ASN G 139 -7.15 -7.66 27.10
N HIS G 140 -7.67 -7.49 25.89
CA HIS G 140 -6.95 -8.06 24.74
C HIS G 140 -5.62 -7.33 24.51
N GLY G 141 -5.55 -6.07 24.95
CA GLY G 141 -4.34 -5.29 24.79
C GLY G 141 -3.94 -4.87 23.39
N LEU G 142 -4.87 -4.94 22.44
CA LEU G 142 -4.58 -4.54 21.06
C LEU G 142 -4.66 -3.02 20.98
N SER G 143 -4.07 -2.44 19.93
CA SER G 143 -4.09 -1.00 19.74
C SER G 143 -4.56 -0.63 18.35
N GLY G 144 -4.81 0.65 18.13
CA GLY G 144 -5.24 1.13 16.83
C GLY G 144 -6.42 0.41 16.20
N ASP G 145 -6.37 0.28 14.87
CA ASP G 145 -7.45 -0.36 14.12
C ASP G 145 -7.74 -1.79 14.57
N ALA G 146 -6.71 -2.51 14.98
CA ALA G 146 -6.89 -3.88 15.46
C ALA G 146 -7.86 -3.84 16.63
N ALA G 147 -7.57 -2.97 17.58
CA ALA G 147 -8.42 -2.80 18.76
C ALA G 147 -9.83 -2.34 18.41
N THR G 148 -9.93 -1.33 17.56
CA THR G 148 -11.22 -0.79 17.16
C THR G 148 -12.11 -1.85 16.50
N GLU G 149 -11.55 -2.62 15.58
CA GLU G 149 -12.36 -3.63 14.92
C GLU G 149 -12.71 -4.75 15.92
N ALA G 150 -11.73 -5.17 16.72
CA ALA G 150 -11.97 -6.21 17.70
C ALA G 150 -13.13 -5.82 18.63
N ASN G 151 -13.13 -4.56 19.06
CA ASN G 151 -14.18 -4.07 19.95
C ASN G 151 -15.55 -3.96 19.27
N SER G 152 -15.56 -3.60 18.00
CA SER G 152 -16.84 -3.49 17.29
C SER G 152 -17.56 -4.84 17.31
N TYR G 153 -16.81 -5.93 17.17
CA TYR G 153 -17.43 -7.26 17.20
C TYR G 153 -17.84 -7.59 18.64
N LEU G 154 -16.97 -7.27 19.59
CA LEU G 154 -17.30 -7.53 20.98
C LEU G 154 -18.55 -6.74 21.35
N ASP G 155 -18.64 -5.50 20.88
CA ASP G 155 -19.83 -4.70 21.18
C ASP G 155 -21.03 -5.17 20.37
N TYR G 156 -20.77 -5.87 19.27
CA TYR G 156 -21.85 -6.38 18.43
C TYR G 156 -22.55 -7.52 19.16
N ALA G 157 -21.77 -8.39 19.81
CA ALA G 157 -22.34 -9.50 20.55
C ALA G 157 -23.08 -8.96 21.77
N ILE G 158 -22.50 -7.94 22.40
CA ILE G 158 -23.14 -7.33 23.56
C ILE G 158 -24.52 -6.80 23.18
N ASN G 159 -24.58 -6.08 22.06
CA ASN G 159 -25.87 -5.54 21.59
C ASN G 159 -26.85 -6.63 21.23
N ALA G 160 -26.31 -7.77 20.80
CA ALA G 160 -27.15 -8.91 20.43
C ALA G 160 -27.81 -9.50 21.67
N LEU G 161 -27.17 -9.32 22.82
CA LEU G 161 -27.65 -9.86 24.09
C LEU G 161 -28.43 -8.85 24.95
N SER G 162 -28.60 -7.63 24.46
CA SER G 162 -29.28 -6.61 25.24
C SER G 162 -30.18 -5.70 24.39
N MET H 1 -23.14 -18.67 0.17
CA MET H 1 -21.82 -18.76 -0.53
C MET H 1 -20.70 -18.45 0.45
N PHE H 2 -19.46 -18.64 -0.02
CA PHE H 2 -18.27 -18.37 0.78
C PHE H 2 -17.32 -17.52 -0.03
N ASP H 3 -16.44 -16.80 0.65
CA ASP H 3 -15.38 -16.06 -0.04
C ASP H 3 -14.16 -16.75 0.54
N ALA H 4 -12.97 -16.45 0.03
CA ALA H 4 -11.76 -17.10 0.51
C ALA H 4 -11.66 -17.19 2.03
N PHE H 5 -12.04 -16.11 2.72
CA PHE H 5 -11.98 -16.06 4.17
C PHE H 5 -13.00 -16.95 4.89
N THR H 6 -14.28 -16.77 4.59
CA THR H 6 -15.32 -17.57 5.25
C THR H 6 -15.23 -19.04 4.92
N LYS H 7 -14.58 -19.37 3.82
CA LYS H 7 -14.41 -20.76 3.43
C LYS H 7 -13.53 -21.43 4.48
N VAL H 8 -12.43 -20.78 4.84
CA VAL H 8 -11.50 -21.30 5.83
C VAL H 8 -12.16 -21.29 7.22
N VAL H 9 -12.84 -20.20 7.52
CA VAL H 9 -13.53 -20.10 8.81
C VAL H 9 -14.50 -21.29 8.97
N SER H 10 -15.31 -21.55 7.94
CA SER H 10 -16.28 -22.64 8.03
C SER H 10 -15.63 -23.98 8.27
N GLN H 11 -14.43 -24.19 7.75
CA GLN H 11 -13.75 -25.47 7.95
C GLN H 11 -13.24 -25.53 9.39
N ALA H 12 -12.83 -24.38 9.90
CA ALA H 12 -12.30 -24.28 11.25
C ALA H 12 -13.39 -24.44 12.30
N ASP H 13 -14.61 -23.98 12.00
CA ASP H 13 -15.71 -24.10 12.96
C ASP H 13 -16.13 -25.56 13.10
N THR H 14 -16.01 -26.32 12.01
CA THR H 14 -16.37 -27.73 12.02
C THR H 14 -15.50 -28.46 13.04
N ARG H 15 -14.25 -28.03 13.17
CA ARG H 15 -13.30 -28.64 14.09
C ARG H 15 -13.31 -27.90 15.42
N GLY H 16 -14.07 -26.81 15.49
CA GLY H 16 -14.12 -26.03 16.70
C GLY H 16 -12.78 -25.40 17.04
N GLU H 17 -11.99 -25.08 16.02
CA GLU H 17 -10.67 -24.49 16.23
C GLU H 17 -10.50 -23.12 15.59
N MET H 18 -9.58 -22.34 16.14
CA MET H 18 -9.30 -21.03 15.60
C MET H 18 -8.28 -21.29 14.50
N LEU H 19 -8.23 -20.42 13.49
CA LEU H 19 -7.29 -20.61 12.39
C LEU H 19 -5.87 -20.73 12.91
N SER H 20 -5.08 -21.59 12.28
CA SER H 20 -3.69 -21.79 12.67
C SER H 20 -2.86 -20.62 12.15
N THR H 21 -1.59 -20.57 12.52
CA THR H 21 -0.71 -19.51 12.04
C THR H 21 -0.55 -19.67 10.53
N ALA H 22 -0.45 -20.92 10.09
CA ALA H 22 -0.29 -21.22 8.67
C ALA H 22 -1.51 -20.72 7.87
N GLN H 23 -2.70 -20.93 8.42
CA GLN H 23 -3.91 -20.51 7.74
C GLN H 23 -4.00 -19.00 7.66
N ILE H 24 -3.56 -18.32 8.72
CA ILE H 24 -3.58 -16.86 8.73
C ILE H 24 -2.55 -16.31 7.73
N ASP H 25 -1.38 -16.93 7.64
CA ASP H 25 -0.37 -16.46 6.71
C ASP H 25 -0.86 -16.59 5.28
N ALA H 26 -1.47 -17.71 4.94
CA ALA H 26 -1.99 -17.93 3.59
C ALA H 26 -3.02 -16.87 3.18
N LEU H 27 -3.93 -16.54 4.09
CA LEU H 27 -4.95 -15.54 3.79
C LEU H 27 -4.29 -14.16 3.65
N SER H 28 -3.27 -13.91 4.46
CA SER H 28 -2.55 -12.64 4.40
C SER H 28 -1.89 -12.53 3.04
N GLN H 29 -1.44 -13.67 2.53
CA GLN H 29 -0.79 -13.76 1.22
C GLN H 29 -1.81 -13.39 0.14
N MET H 30 -3.05 -13.85 0.30
CA MET H 30 -4.08 -13.52 -0.66
C MET H 30 -4.34 -12.01 -0.59
N VAL H 31 -4.39 -11.49 0.63
CA VAL H 31 -4.63 -10.06 0.84
C VAL H 31 -3.55 -9.27 0.11
N ALA H 32 -2.30 -9.70 0.23
CA ALA H 32 -1.19 -9.00 -0.40
C ALA H 32 -1.17 -9.12 -1.93
N GLU H 33 -1.94 -10.04 -2.49
CA GLU H 33 -2.01 -10.24 -3.94
C GLU H 33 -3.29 -9.63 -4.52
N SER H 34 -4.16 -9.17 -3.63
CA SER H 34 -5.47 -8.60 -3.98
C SER H 34 -5.55 -7.57 -5.11
N ASN H 35 -4.52 -6.74 -5.28
CA ASN H 35 -4.57 -5.75 -6.35
C ASN H 35 -4.65 -6.45 -7.70
N LYS H 36 -3.82 -7.47 -7.89
CA LYS H 36 -3.80 -8.22 -9.14
C LYS H 36 -5.17 -8.86 -9.38
N ARG H 37 -5.75 -9.39 -8.32
CA ARG H 37 -7.06 -10.03 -8.39
C ARG H 37 -8.13 -9.06 -8.87
N LEU H 38 -8.13 -7.85 -8.34
CA LEU H 38 -9.12 -6.85 -8.73
C LEU H 38 -8.89 -6.34 -10.14
N ASP H 39 -7.63 -6.34 -10.59
CA ASP H 39 -7.35 -5.90 -11.95
C ASP H 39 -7.99 -6.93 -12.88
N ALA H 40 -7.86 -8.21 -12.52
CA ALA H 40 -8.42 -9.30 -13.30
C ALA H 40 -9.94 -9.15 -13.45
N VAL H 41 -10.62 -8.83 -12.34
CA VAL H 41 -12.06 -8.65 -12.34
C VAL H 41 -12.49 -7.43 -13.19
N ASN H 42 -11.72 -6.35 -13.09
CA ASN H 42 -12.02 -5.13 -13.85
C ASN H 42 -11.76 -5.37 -15.33
N ARG H 43 -10.64 -5.99 -15.64
CA ARG H 43 -10.29 -6.27 -17.02
C ARG H 43 -11.28 -7.21 -17.70
N ILE H 44 -11.68 -8.29 -17.03
CA ILE H 44 -12.63 -9.20 -17.66
C ILE H 44 -13.99 -8.54 -17.83
N THR H 45 -14.45 -7.88 -16.77
CA THR H 45 -15.74 -7.22 -16.78
C THR H 45 -15.79 -6.11 -17.82
N SER H 46 -14.72 -5.34 -17.89
CA SER H 46 -14.64 -4.23 -18.84
C SER H 46 -14.74 -4.68 -20.28
N ASN H 47 -14.56 -5.99 -20.51
CA ASN H 47 -14.62 -6.56 -21.86
C ASN H 47 -15.64 -7.69 -21.98
N ALA H 48 -16.65 -7.70 -21.10
CA ALA H 48 -17.64 -8.77 -21.12
C ALA H 48 -18.40 -8.94 -22.43
N SER H 49 -18.81 -7.82 -23.03
CA SER H 49 -19.58 -7.88 -24.28
C SER H 49 -18.78 -8.44 -25.44
N THR H 50 -17.50 -8.10 -25.49
CA THR H 50 -16.62 -8.57 -26.54
C THR H 50 -16.28 -10.04 -26.34
N ILE H 51 -16.09 -10.42 -25.07
CA ILE H 51 -15.77 -11.81 -24.76
C ILE H 51 -16.93 -12.73 -25.10
N VAL H 52 -18.14 -12.30 -24.75
CA VAL H 52 -19.34 -13.09 -25.04
C VAL H 52 -19.66 -13.15 -26.54
N SER H 53 -19.72 -11.98 -27.21
CA SER H 53 -20.03 -11.95 -28.64
C SER H 53 -18.99 -12.63 -29.52
N ASN H 54 -17.71 -12.38 -29.26
CA ASN H 54 -16.63 -13.01 -30.04
C ASN H 54 -16.67 -14.53 -29.87
N ALA H 55 -16.87 -15.00 -28.65
CA ALA H 55 -16.93 -16.44 -28.36
C ALA H 55 -18.13 -17.07 -29.03
N ALA H 56 -19.29 -16.44 -28.91
CA ALA H 56 -20.49 -16.95 -29.52
C ALA H 56 -20.33 -17.04 -31.05
N ARG H 57 -19.88 -15.95 -31.67
CA ARG H 57 -19.67 -15.94 -33.13
C ARG H 57 -18.77 -17.11 -33.55
N SER H 58 -17.65 -17.27 -32.85
CA SER H 58 -16.72 -18.35 -33.14
C SER H 58 -17.38 -19.72 -32.96
N LEU H 59 -18.15 -19.90 -31.88
CA LEU H 59 -18.84 -21.16 -31.64
C LEU H 59 -19.80 -21.52 -32.78
N PHE H 60 -20.53 -20.53 -33.28
CA PHE H 60 -21.48 -20.76 -34.35
C PHE H 60 -20.78 -21.01 -35.68
N ALA H 61 -19.63 -20.39 -35.88
CA ALA H 61 -18.90 -20.60 -37.13
C ALA H 61 -18.38 -22.04 -37.13
N GLU H 62 -17.93 -22.52 -35.97
CA GLU H 62 -17.43 -23.88 -35.86
C GLU H 62 -18.54 -24.92 -35.85
N GLN H 63 -19.72 -24.53 -35.35
CA GLN H 63 -20.84 -25.46 -35.27
C GLN H 63 -22.09 -24.88 -35.91
N PRO H 64 -22.13 -24.88 -37.24
CA PRO H 64 -23.26 -24.33 -37.98
C PRO H 64 -24.62 -24.99 -37.69
N GLN H 65 -24.60 -26.22 -37.17
CA GLN H 65 -25.84 -26.91 -36.88
C GLN H 65 -26.65 -26.21 -35.78
N LEU H 66 -25.96 -25.45 -34.94
CA LEU H 66 -26.63 -24.73 -33.86
C LEU H 66 -27.56 -23.64 -34.37
N ILE H 67 -27.15 -22.98 -35.46
CA ILE H 67 -27.95 -21.89 -36.00
C ILE H 67 -28.76 -22.24 -37.24
N ALA H 68 -28.55 -23.44 -37.78
CA ALA H 68 -29.30 -23.87 -38.95
C ALA H 68 -30.75 -24.09 -38.49
N PRO H 69 -31.71 -23.86 -39.38
CA PRO H 69 -33.11 -24.05 -39.00
C PRO H 69 -33.27 -25.40 -38.28
N GLY H 70 -33.89 -25.37 -37.11
CA GLY H 70 -34.05 -26.59 -36.34
C GLY H 70 -32.98 -26.73 -35.27
N GLY H 71 -31.90 -25.96 -35.41
CA GLY H 71 -30.82 -26.03 -34.43
C GLY H 71 -31.25 -25.41 -33.12
N MEN H 72 -30.60 -25.79 -32.02
CA MEN H 72 -30.98 -25.26 -30.71
C MEN H 72 -30.81 -23.74 -30.54
O MEN H 72 -31.45 -23.15 -29.68
CB MEN H 72 -30.22 -25.99 -29.59
CG MEN H 72 -30.97 -25.95 -28.26
OD1 MEN H 72 -30.46 -25.46 -27.25
ND2 MEN H 72 -32.20 -26.47 -28.26
CE2 MEN H 72 -33.01 -26.48 -27.06
N ALA H 73 -29.96 -23.12 -31.35
CA ALA H 73 -29.75 -21.68 -31.24
C ALA H 73 -30.46 -20.94 -32.38
N TYR H 74 -31.35 -21.65 -33.07
CA TYR H 74 -32.11 -21.09 -34.18
C TYR H 74 -33.34 -20.40 -33.57
N THR H 75 -33.84 -19.38 -34.26
CA THR H 75 -34.97 -18.52 -33.82
C THR H 75 -34.37 -17.50 -32.85
N SER H 76 -34.85 -16.25 -32.92
CA SER H 76 -34.34 -15.19 -32.05
C SER H 76 -34.42 -15.50 -30.57
N ARG H 77 -35.56 -16.02 -30.12
CA ARG H 77 -35.71 -16.32 -28.71
C ARG H 77 -34.63 -17.27 -28.19
N ARG H 78 -34.34 -18.34 -28.93
CA ARG H 78 -33.32 -19.28 -28.49
C ARG H 78 -31.92 -18.67 -28.56
N MET H 79 -31.62 -17.96 -29.64
CA MET H 79 -30.30 -17.33 -29.77
C MET H 79 -30.07 -16.40 -28.57
N ALA H 80 -31.05 -15.56 -28.29
CA ALA H 80 -30.97 -14.62 -27.17
C ALA H 80 -30.73 -15.36 -25.85
N ALA H 81 -31.42 -16.48 -25.65
CA ALA H 81 -31.25 -17.26 -24.43
C ALA H 81 -29.83 -17.82 -24.39
N CYS H 82 -29.34 -18.25 -25.54
CA CYS H 82 -28.00 -18.80 -25.65
C CYS H 82 -26.96 -17.71 -25.33
N LEU H 83 -27.18 -16.52 -25.87
CA LEU H 83 -26.26 -15.40 -25.61
C LEU H 83 -26.30 -15.06 -24.12
N ARG H 84 -27.49 -15.14 -23.54
CA ARG H 84 -27.68 -14.86 -22.12
C ARG H 84 -26.91 -15.85 -21.22
N ASP H 85 -26.97 -17.14 -21.55
CA ASP H 85 -26.26 -18.15 -20.74
C ASP H 85 -24.75 -17.86 -20.74
N MET H 86 -24.23 -17.48 -21.90
CA MET H 86 -22.80 -17.16 -22.02
C MET H 86 -22.48 -16.04 -21.03
N GLU H 87 -23.23 -14.96 -21.13
CA GLU H 87 -23.07 -13.81 -20.25
C GLU H 87 -23.19 -14.25 -18.79
N ILE H 88 -24.28 -14.94 -18.49
CA ILE H 88 -24.56 -15.45 -17.14
C ILE H 88 -23.38 -16.20 -16.55
N ILE H 89 -22.85 -17.17 -17.30
CA ILE H 89 -21.72 -17.94 -16.80
C ILE H 89 -20.49 -17.06 -16.61
N LEU H 90 -20.23 -16.17 -17.56
CA LEU H 90 -19.08 -15.27 -17.42
C LEU H 90 -19.22 -14.44 -16.16
N ARG H 91 -20.42 -13.93 -15.91
CA ARG H 91 -20.70 -13.12 -14.73
C ARG H 91 -20.37 -13.88 -13.43
N TYR H 92 -20.83 -15.13 -13.33
CA TYR H 92 -20.57 -15.91 -12.13
C TYR H 92 -19.10 -16.28 -12.01
N VAL H 93 -18.42 -16.48 -13.13
CA VAL H 93 -17.00 -16.77 -13.07
C VAL H 93 -16.31 -15.57 -12.42
N THR H 94 -16.60 -14.36 -12.91
CA THR H 94 -15.99 -13.16 -12.33
C THR H 94 -16.33 -13.06 -10.83
N TYR H 95 -17.53 -13.50 -10.45
CA TYR H 95 -17.91 -13.46 -9.04
C TYR H 95 -16.94 -14.33 -8.23
N ALA H 96 -16.57 -15.49 -8.77
CA ALA H 96 -15.66 -16.41 -8.08
C ALA H 96 -14.25 -15.88 -7.99
N VAL H 97 -13.83 -15.14 -9.02
CA VAL H 97 -12.49 -14.55 -9.02
C VAL H 97 -12.40 -13.49 -7.92
N PHE H 98 -13.44 -12.68 -7.81
CA PHE H 98 -13.51 -11.60 -6.84
C PHE H 98 -13.54 -12.13 -5.42
N ALA H 99 -14.40 -13.11 -5.18
CA ALA H 99 -14.54 -13.71 -3.85
C ALA H 99 -13.40 -14.65 -3.49
N GLY H 100 -12.72 -15.16 -4.51
CA GLY H 100 -11.63 -16.08 -4.26
C GLY H 100 -12.13 -17.45 -3.86
N ASP H 101 -13.35 -17.79 -4.28
CA ASP H 101 -13.96 -19.09 -3.98
C ASP H 101 -14.96 -19.40 -5.08
N ALA H 102 -15.08 -20.68 -5.42
CA ALA H 102 -15.99 -21.13 -6.48
C ALA H 102 -17.42 -21.38 -6.04
N SER H 103 -17.70 -21.28 -4.75
CA SER H 103 -19.05 -21.57 -4.24
C SER H 103 -20.20 -20.82 -4.89
N VAL H 104 -20.05 -19.53 -5.11
CA VAL H 104 -21.12 -18.76 -5.72
C VAL H 104 -21.40 -19.31 -7.12
N LEU H 105 -20.34 -19.65 -7.84
CA LEU H 105 -20.46 -20.20 -9.18
C LEU H 105 -21.16 -21.58 -9.15
N GLU H 106 -20.62 -22.49 -8.34
CA GLU H 106 -21.21 -23.82 -8.24
C GLU H 106 -22.62 -23.79 -7.67
N ASP H 107 -22.81 -23.03 -6.60
CA ASP H 107 -24.10 -22.94 -5.93
C ASP H 107 -25.24 -22.31 -6.72
N ARG H 108 -24.99 -21.15 -7.35
CA ARG H 108 -26.05 -20.47 -8.06
C ARG H 108 -26.07 -20.59 -9.58
N CYS H 109 -25.01 -21.10 -10.17
CA CYS H 109 -25.00 -21.19 -11.62
C CYS H 109 -24.88 -22.59 -12.21
N LEU H 110 -23.93 -23.38 -11.71
CA LEU H 110 -23.72 -24.72 -12.27
C LEU H 110 -24.55 -25.87 -11.70
N ASN H 111 -25.07 -25.72 -10.49
CA ASN H 111 -25.85 -26.79 -9.89
C ASN H 111 -27.17 -27.01 -10.62
N GLY H 112 -27.37 -28.23 -11.11
CA GLY H 112 -28.59 -28.56 -11.82
C GLY H 112 -28.64 -28.04 -13.24
N LEU H 113 -27.58 -27.38 -13.69
CA LEU H 113 -27.55 -26.85 -15.05
C LEU H 113 -27.62 -27.92 -16.12
N ARG H 114 -26.88 -29.02 -15.93
CA ARG H 114 -26.89 -30.11 -16.91
C ARG H 114 -28.31 -30.67 -17.03
N GLU H 115 -28.98 -30.82 -15.90
CA GLU H 115 -30.35 -31.34 -15.88
C GLU H 115 -31.27 -30.36 -16.62
N THR H 116 -30.98 -29.08 -16.51
CA THR H 116 -31.76 -28.05 -17.18
C THR H 116 -31.63 -28.21 -18.70
N TYR H 117 -30.39 -28.42 -19.15
CA TYR H 117 -30.12 -28.58 -20.58
C TYR H 117 -30.66 -29.90 -21.13
N LEU H 118 -30.56 -30.96 -20.34
CA LEU H 118 -31.06 -32.26 -20.77
C LEU H 118 -32.56 -32.16 -20.99
N ALA H 119 -33.24 -31.48 -20.07
CA ALA H 119 -34.68 -31.32 -20.15
C ALA H 119 -35.10 -30.42 -21.32
N LEU H 120 -34.23 -29.51 -21.74
CA LEU H 120 -34.54 -28.60 -22.84
C LEU H 120 -34.09 -29.15 -24.20
N GLY H 121 -33.12 -30.05 -24.18
CA GLY H 121 -32.61 -30.59 -25.42
C GLY H 121 -31.47 -29.71 -25.90
N THR H 122 -30.97 -28.87 -24.99
CA THR H 122 -29.86 -27.96 -25.29
C THR H 122 -28.52 -28.69 -25.19
N PRO H 123 -27.74 -28.68 -26.28
CA PRO H 123 -26.44 -29.35 -26.26
C PRO H 123 -25.47 -28.67 -25.29
N GLY H 124 -25.53 -29.08 -24.02
CA GLY H 124 -24.67 -28.51 -23.00
C GLY H 124 -23.20 -28.59 -23.40
N SER H 125 -22.81 -29.64 -24.11
CA SER H 125 -21.43 -29.79 -24.54
C SER H 125 -21.01 -28.61 -25.42
N SER H 126 -21.96 -28.07 -26.17
CA SER H 126 -21.67 -26.93 -27.03
C SER H 126 -21.51 -25.67 -26.20
N VAL H 127 -22.18 -25.66 -25.04
CA VAL H 127 -22.08 -24.53 -24.11
C VAL H 127 -20.65 -24.57 -23.58
N ALA H 128 -20.16 -25.78 -23.33
CA ALA H 128 -18.81 -25.99 -22.84
C ALA H 128 -17.78 -25.43 -23.83
N VAL H 129 -17.94 -25.76 -25.11
CA VAL H 129 -17.01 -25.27 -26.12
C VAL H 129 -17.02 -23.74 -26.06
N GLY H 130 -18.21 -23.15 -25.93
CA GLY H 130 -18.33 -21.71 -25.85
C GLY H 130 -17.62 -21.12 -24.64
N VAL H 131 -17.83 -21.74 -23.48
CA VAL H 131 -17.18 -21.27 -22.27
C VAL H 131 -15.67 -21.33 -22.45
N GLY H 132 -15.19 -22.42 -23.04
CA GLY H 132 -13.76 -22.58 -23.26
C GLY H 132 -13.19 -21.41 -24.05
N LYS H 133 -13.94 -20.94 -25.04
CA LYS H 133 -13.50 -19.81 -25.86
C LYS H 133 -13.47 -18.54 -25.01
N MET H 134 -14.47 -18.36 -24.16
CA MET H 134 -14.50 -17.18 -23.30
C MET H 134 -13.32 -17.22 -22.33
N LYS H 135 -12.92 -18.44 -21.95
CA LYS H 135 -11.79 -18.59 -21.04
C LYS H 135 -10.49 -18.07 -21.62
N GLU H 136 -10.09 -18.58 -22.79
CA GLU H 136 -8.84 -18.15 -23.39
C GLU H 136 -8.84 -16.66 -23.71
N ALA H 137 -9.97 -16.14 -24.15
CA ALA H 137 -10.06 -14.72 -24.44
C ALA H 137 -9.91 -13.93 -23.13
N ALA H 138 -10.58 -14.37 -22.08
CA ALA H 138 -10.51 -13.70 -20.77
C ALA H 138 -9.09 -13.73 -20.19
N LEU H 139 -8.44 -14.88 -20.29
CA LEU H 139 -7.08 -15.01 -19.79
C LEU H 139 -6.11 -14.12 -20.55
N ALA H 140 -6.29 -14.02 -21.87
CA ALA H 140 -5.43 -13.17 -22.67
C ALA H 140 -5.62 -11.72 -22.24
N ILE H 141 -6.86 -11.35 -21.91
CA ILE H 141 -7.16 -10.00 -21.47
C ILE H 141 -6.56 -9.73 -20.09
N VAL H 142 -6.66 -10.70 -19.20
CA VAL H 142 -6.08 -10.52 -17.87
C VAL H 142 -4.56 -10.43 -17.97
N ASN H 143 -3.98 -11.27 -18.83
CA ASN H 143 -2.52 -11.30 -19.02
C ASN H 143 -1.88 -10.20 -19.85
N ASP H 144 -2.69 -9.27 -20.35
CA ASP H 144 -2.17 -8.17 -21.16
C ASP H 144 -1.17 -7.33 -20.36
N PRO H 145 0.12 -7.39 -20.74
CA PRO H 145 1.20 -6.65 -20.07
C PRO H 145 1.16 -5.11 -20.16
N ALA H 146 0.48 -4.57 -21.14
CA ALA H 146 0.42 -3.12 -21.31
C ALA H 146 -0.54 -2.38 -20.37
N GLY H 147 -0.13 -1.16 -19.99
CA GLY H 147 -0.95 -0.31 -19.13
C GLY H 147 -1.16 -0.80 -17.72
N ILE H 148 -0.13 -1.38 -17.13
CA ILE H 148 -0.26 -1.92 -15.78
C ILE H 148 1.11 -2.21 -15.16
N THR H 149 1.20 -2.07 -13.83
CA THR H 149 2.44 -2.33 -13.12
C THR H 149 2.86 -3.77 -13.40
N PRO H 150 4.05 -3.97 -13.98
CA PRO H 150 4.50 -5.34 -14.29
C PRO H 150 4.51 -6.21 -13.04
N GLY H 151 4.35 -7.52 -13.24
CA GLY H 151 4.33 -8.46 -12.14
C GLY H 151 3.84 -9.81 -12.63
N ASP H 152 3.98 -10.84 -11.79
CA ASP H 152 3.54 -12.18 -12.18
C ASP H 152 2.13 -12.53 -11.70
N CYS H 153 1.23 -12.79 -12.65
CA CYS H 153 -0.15 -13.14 -12.34
C CYS H 153 -0.46 -14.60 -12.68
N SER H 154 0.59 -15.42 -12.72
CA SER H 154 0.49 -16.85 -13.02
C SER H 154 -0.48 -17.61 -12.14
N ALA H 155 -0.36 -17.44 -10.83
CA ALA H 155 -1.23 -18.15 -9.89
C ALA H 155 -2.67 -17.75 -10.10
N LEU H 156 -2.90 -16.45 -10.18
CA LEU H 156 -4.24 -15.91 -10.37
C LEU H 156 -4.85 -16.39 -11.70
N ALA H 157 -4.05 -16.38 -12.77
CA ALA H 157 -4.52 -16.83 -14.08
C ALA H 157 -4.90 -18.31 -14.01
N SER H 158 -4.15 -19.06 -13.22
CA SER H 158 -4.41 -20.48 -13.04
C SER H 158 -5.74 -20.64 -12.28
N GLU H 159 -5.97 -19.78 -11.29
CA GLU H 159 -7.18 -19.82 -10.49
C GLU H 159 -8.38 -19.45 -11.34
N ILE H 160 -8.23 -18.42 -12.16
CA ILE H 160 -9.31 -17.96 -13.04
C ILE H 160 -9.68 -19.07 -14.02
N ALA H 161 -8.68 -19.77 -14.54
CA ALA H 161 -8.92 -20.85 -15.49
C ALA H 161 -9.72 -21.96 -14.83
N SER H 162 -9.40 -22.27 -13.58
CA SER H 162 -10.13 -23.33 -12.87
C SER H 162 -11.61 -23.00 -12.74
N TYR H 163 -11.97 -21.72 -12.63
CA TYR H 163 -13.38 -21.38 -12.51
C TYR H 163 -14.09 -21.62 -13.84
N PHE H 164 -13.45 -21.24 -14.95
CA PHE H 164 -14.03 -21.48 -16.26
C PHE H 164 -14.16 -23.00 -16.46
N ASP H 165 -13.11 -23.75 -16.09
CA ASP H 165 -13.12 -25.20 -16.25
C ASP H 165 -14.20 -25.90 -15.45
N ARG H 166 -14.55 -25.35 -14.29
CA ARG H 166 -15.61 -25.95 -13.49
C ARG H 166 -16.91 -25.83 -14.27
N ALA H 167 -17.12 -24.66 -14.87
CA ALA H 167 -18.33 -24.42 -15.66
C ALA H 167 -18.41 -25.41 -16.81
N CYS H 168 -17.30 -25.65 -17.48
CA CYS H 168 -17.28 -26.58 -18.59
C CYS H 168 -17.61 -27.99 -18.11
N ALA H 169 -17.00 -28.40 -17.00
CA ALA H 169 -17.24 -29.73 -16.42
C ALA H 169 -18.68 -29.90 -15.91
N ALA H 170 -19.34 -28.79 -15.61
CA ALA H 170 -20.71 -28.83 -15.08
C ALA H 170 -21.79 -29.09 -16.14
N VAL H 171 -21.51 -28.78 -17.40
CA VAL H 171 -22.47 -28.99 -18.47
C VAL H 171 -22.01 -30.06 -19.47
N SER H 172 -20.79 -30.54 -19.29
CA SER H 172 -20.25 -31.58 -20.17
C SER H 172 -20.59 -32.98 -19.62
N MET I 1 -49.82 -18.51 -28.87
CA MET I 1 -49.38 -17.85 -30.13
C MET I 1 -50.54 -17.02 -30.68
N LYS I 2 -50.24 -15.86 -31.26
CA LYS I 2 -51.29 -15.00 -31.79
C LYS I 2 -51.80 -15.34 -33.20
N THR I 3 -52.94 -16.03 -33.24
CA THR I 3 -53.63 -16.42 -34.46
C THR I 3 -55.09 -16.59 -34.02
N PRO I 4 -56.04 -16.26 -34.89
CA PRO I 4 -57.47 -16.37 -34.55
C PRO I 4 -57.89 -17.64 -33.79
N LEU I 5 -57.72 -18.81 -34.41
CA LEU I 5 -58.11 -20.06 -33.78
C LEU I 5 -57.45 -20.30 -32.42
N THR I 6 -56.13 -20.15 -32.39
CA THR I 6 -55.39 -20.38 -31.15
C THR I 6 -55.78 -19.45 -30.01
N GLU I 7 -56.03 -18.17 -30.30
CA GLU I 7 -56.43 -17.25 -29.23
C GLU I 7 -57.89 -17.49 -28.84
N ALA I 8 -58.70 -17.93 -29.79
CA ALA I 8 -60.11 -18.18 -29.49
C ALA I 8 -60.15 -19.28 -28.43
N VAL I 9 -59.40 -20.36 -28.67
CA VAL I 9 -59.33 -21.45 -27.73
C VAL I 9 -58.67 -21.02 -26.41
N SER I 10 -57.50 -20.39 -26.48
CA SER I 10 -56.79 -19.96 -25.28
C SER I 10 -57.62 -19.10 -24.34
N ILE I 11 -58.40 -18.18 -24.90
CA ILE I 11 -59.23 -17.29 -24.10
C ILE I 11 -60.39 -18.07 -23.46
N ALA I 12 -61.02 -18.95 -24.21
CA ALA I 12 -62.12 -19.72 -23.66
C ALA I 12 -61.62 -20.66 -22.56
N ASP I 13 -60.45 -21.25 -22.76
CA ASP I 13 -59.87 -22.17 -21.78
C ASP I 13 -59.50 -21.45 -20.48
N SER I 14 -58.98 -20.23 -20.61
CA SER I 14 -58.60 -19.43 -19.45
C SER I 14 -59.83 -19.06 -18.63
N GLN I 15 -60.99 -19.02 -19.29
CA GLN I 15 -62.26 -18.71 -18.64
C GLN I 15 -62.98 -20.00 -18.23
N GLY I 16 -62.39 -21.13 -18.61
CA GLY I 16 -62.95 -22.43 -18.28
C GLY I 16 -64.29 -22.72 -18.94
N ARG I 17 -64.52 -22.19 -20.13
CA ARG I 17 -65.79 -22.44 -20.80
C ARG I 17 -65.73 -23.06 -22.18
N PHE I 18 -66.84 -23.65 -22.60
CA PHE I 18 -66.93 -24.24 -23.91
C PHE I 18 -66.92 -23.09 -24.91
N LEU I 19 -66.58 -23.41 -26.15
CA LEU I 19 -66.58 -22.40 -27.18
C LEU I 19 -68.05 -22.04 -27.41
N SER I 20 -68.29 -20.81 -27.85
CA SER I 20 -69.65 -20.34 -28.11
C SER I 20 -69.67 -19.55 -29.41
N SER I 21 -70.80 -18.90 -29.70
CA SER I 21 -70.95 -18.12 -30.92
C SER I 21 -69.81 -17.14 -31.18
N THR I 22 -69.24 -16.58 -30.11
CA THR I 22 -68.15 -15.62 -30.26
C THR I 22 -66.92 -16.24 -30.94
N GLU I 23 -66.44 -17.36 -30.42
CA GLU I 23 -65.29 -18.02 -31.00
C GLU I 23 -65.63 -18.56 -32.40
N ILE I 24 -66.87 -18.99 -32.60
CA ILE I 24 -67.25 -19.49 -33.91
C ILE I 24 -67.16 -18.38 -34.95
N GLN I 25 -67.44 -17.14 -34.53
CA GLN I 25 -67.34 -16.00 -35.45
C GLN I 25 -65.88 -15.71 -35.75
N VAL I 26 -65.02 -15.89 -34.74
CA VAL I 26 -63.59 -15.68 -34.95
C VAL I 26 -63.16 -16.62 -36.07
N ALA I 27 -63.56 -17.89 -35.95
CA ALA I 27 -63.24 -18.90 -36.95
C ALA I 27 -63.78 -18.46 -38.31
N PHE I 28 -65.02 -17.96 -38.33
CA PHE I 28 -65.61 -17.50 -39.58
C PHE I 28 -64.69 -16.43 -40.19
N GLY I 29 -64.17 -15.55 -39.33
CA GLY I 29 -63.28 -14.50 -39.80
C GLY I 29 -61.98 -15.06 -40.35
N ARG I 30 -61.40 -16.03 -39.65
CA ARG I 30 -60.15 -16.65 -40.07
C ARG I 30 -60.31 -17.42 -41.37
N PHE I 31 -61.30 -18.31 -41.42
CA PHE I 31 -61.51 -19.11 -42.61
C PHE I 31 -61.84 -18.28 -43.85
N ARG I 32 -62.58 -17.19 -43.68
CA ARG I 32 -62.91 -16.33 -44.80
C ARG I 32 -61.61 -15.70 -45.33
N GLN I 33 -60.83 -15.16 -44.40
CA GLN I 33 -59.55 -14.52 -44.71
C GLN I 33 -58.53 -15.52 -45.25
N ALA I 34 -58.53 -16.73 -44.71
CA ALA I 34 -57.60 -17.78 -45.11
C ALA I 34 -57.48 -17.98 -46.61
N LYS I 35 -58.57 -17.74 -47.34
CA LYS I 35 -58.56 -17.92 -48.79
C LYS I 35 -57.52 -17.03 -49.46
N ALA I 36 -57.61 -15.73 -49.23
CA ALA I 36 -56.68 -14.76 -49.81
C ALA I 36 -55.29 -14.89 -49.22
N GLY I 37 -55.23 -15.26 -47.94
CA GLY I 37 -53.95 -15.42 -47.27
C GLY I 37 -53.10 -16.56 -47.78
N LEU I 38 -53.74 -17.69 -48.08
CA LEU I 38 -52.99 -18.83 -48.60
C LEU I 38 -52.51 -18.52 -50.02
N GLU I 39 -53.34 -17.79 -50.78
CA GLU I 39 -52.93 -17.43 -52.14
C GLU I 39 -51.77 -16.45 -52.08
N ALA I 40 -51.79 -15.56 -51.09
CA ALA I 40 -50.71 -14.59 -50.92
C ALA I 40 -49.40 -15.30 -50.54
N ALA I 41 -49.48 -16.32 -49.70
CA ALA I 41 -48.29 -17.05 -49.30
C ALA I 41 -47.67 -17.74 -50.52
N LYS I 42 -48.53 -18.28 -51.38
CA LYS I 42 -48.08 -18.95 -52.59
C LYS I 42 -47.37 -17.96 -53.50
N ALA I 43 -47.98 -16.79 -53.65
CA ALA I 43 -47.42 -15.75 -54.50
C ALA I 43 -46.06 -15.31 -53.98
N LEU I 44 -45.96 -15.06 -52.67
CA LEU I 44 -44.68 -14.64 -52.09
C LEU I 44 -43.62 -15.71 -52.26
N THR I 45 -44.02 -16.97 -52.06
CA THR I 45 -43.10 -18.09 -52.18
C THR I 45 -42.52 -18.27 -53.59
N SER I 46 -43.35 -18.15 -54.62
CA SER I 46 -42.87 -18.32 -55.98
C SER I 46 -41.92 -17.22 -56.42
N LYS I 47 -41.96 -16.07 -55.74
CA LYS I 47 -41.11 -14.94 -56.10
C LYS I 47 -40.06 -14.66 -55.01
N ALA I 48 -39.87 -15.63 -54.12
CA ALA I 48 -38.92 -15.50 -53.01
C ALA I 48 -37.49 -15.10 -53.36
N ASP I 49 -36.87 -15.79 -54.32
CA ASP I 49 -35.49 -15.48 -54.69
C ASP I 49 -35.32 -14.04 -55.17
N SER I 50 -36.22 -13.60 -56.04
CA SER I 50 -36.16 -12.26 -56.58
C SER I 50 -36.39 -11.20 -55.49
N LEU I 51 -37.37 -11.42 -54.62
CA LEU I 51 -37.65 -10.47 -53.55
C LEU I 51 -36.49 -10.37 -52.56
N ILE I 52 -35.91 -11.52 -52.20
CA ILE I 52 -34.80 -11.55 -51.26
C ILE I 52 -33.57 -10.85 -51.83
N SER I 53 -33.22 -11.21 -53.07
CA SER I 53 -32.07 -10.61 -53.74
C SER I 53 -32.26 -9.12 -53.97
N GLY I 54 -33.46 -8.73 -54.37
CA GLY I 54 -33.74 -7.32 -54.61
C GLY I 54 -33.72 -6.51 -53.34
N ALA I 55 -34.26 -7.09 -52.27
CA ALA I 55 -34.31 -6.43 -50.98
C ALA I 55 -32.89 -6.20 -50.44
N ALA I 56 -32.04 -7.20 -50.57
CA ALA I 56 -30.67 -7.07 -50.11
C ALA I 56 -29.97 -5.93 -50.86
N GLN I 57 -30.16 -5.88 -52.18
CA GLN I 57 -29.54 -4.83 -52.96
C GLN I 57 -30.10 -3.46 -52.59
N ALA I 58 -31.39 -3.42 -52.26
CA ALA I 58 -32.00 -2.16 -51.85
C ALA I 58 -31.33 -1.67 -50.56
N VAL I 59 -31.03 -2.58 -49.65
CA VAL I 59 -30.38 -2.20 -48.39
C VAL I 59 -28.97 -1.66 -48.64
N TYR I 60 -28.18 -2.39 -49.43
CA TYR I 60 -26.82 -1.96 -49.73
C TYR I 60 -26.80 -0.63 -50.46
N ASN I 61 -27.83 -0.36 -51.24
CA ASN I 61 -27.90 0.88 -51.99
C ASN I 61 -28.21 2.06 -51.08
N LYS I 62 -29.05 1.83 -50.08
CA LYS I 62 -29.41 2.88 -49.14
C LYS I 62 -28.30 3.10 -48.11
N PHE I 63 -27.60 2.02 -47.75
CA PHE I 63 -26.53 2.11 -46.78
C PHE I 63 -25.27 1.47 -47.38
N PRO I 64 -24.66 2.14 -48.36
CA PRO I 64 -23.46 1.56 -48.98
C PRO I 64 -22.31 1.19 -48.05
N TYR I 65 -22.23 1.81 -46.88
CA TYR I 65 -21.15 1.48 -45.96
C TYR I 65 -21.20 0.02 -45.49
N THR I 66 -22.36 -0.63 -45.60
CA THR I 66 -22.48 -2.01 -45.15
C THR I 66 -21.75 -3.03 -46.05
N THR I 67 -21.45 -2.60 -47.26
CA THR I 67 -20.77 -3.44 -48.23
C THR I 67 -19.28 -3.12 -48.22
N GLN I 68 -18.91 -2.18 -47.37
CA GLN I 68 -17.54 -1.71 -47.27
C GLN I 68 -16.84 -1.95 -45.93
N MET I 69 -17.46 -1.56 -44.82
CA MET I 69 -16.81 -1.77 -43.52
C MET I 69 -16.44 -3.24 -43.29
N GLN I 70 -15.24 -3.44 -42.75
CA GLN I 70 -14.66 -4.76 -42.54
C GLN I 70 -15.10 -5.63 -41.36
N GLY I 71 -15.82 -5.06 -40.41
CA GLY I 71 -16.26 -5.83 -39.27
C GLY I 71 -17.18 -6.99 -39.64
N PRO I 72 -17.28 -8.02 -38.78
CA PRO I 72 -18.12 -9.20 -39.02
C PRO I 72 -19.61 -8.90 -39.10
N ASN I 73 -20.02 -7.75 -38.58
CA ASN I 73 -21.42 -7.36 -38.60
C ASN I 73 -21.83 -6.77 -39.95
N TYR I 74 -20.86 -6.62 -40.86
CA TYR I 74 -21.14 -6.05 -42.16
C TYR I 74 -21.06 -7.07 -43.30
N ALA I 75 -21.41 -6.63 -44.50
CA ALA I 75 -21.41 -7.51 -45.67
C ALA I 75 -20.39 -7.11 -46.72
N ALA I 76 -19.17 -6.82 -46.28
CA ALA I 76 -18.09 -6.45 -47.20
C ALA I 76 -17.60 -7.69 -47.96
N ASP I 77 -17.76 -8.86 -47.36
CA ASP I 77 -17.34 -10.10 -47.97
C ASP I 77 -18.53 -11.02 -48.29
N GLN I 78 -18.25 -12.17 -48.90
CA GLN I 78 -19.30 -13.09 -49.27
C GLN I 78 -20.04 -13.66 -48.05
N ARG I 79 -19.27 -13.90 -46.97
CA ARG I 79 -19.83 -14.43 -45.73
C ARG I 79 -20.91 -13.47 -45.21
N GLY I 80 -20.60 -12.17 -45.16
CA GLY I 80 -21.56 -11.18 -44.68
C GLY I 80 -22.77 -11.05 -45.61
N LYS I 81 -22.52 -11.03 -46.91
CA LYS I 81 -23.60 -10.93 -47.88
C LYS I 81 -24.56 -12.11 -47.75
N ASP I 82 -24.03 -13.31 -47.50
CA ASP I 82 -24.88 -14.48 -47.36
C ASP I 82 -25.70 -14.42 -46.07
N LYS I 83 -25.10 -13.96 -44.97
CA LYS I 83 -25.81 -13.84 -43.70
C LYS I 83 -27.00 -12.90 -43.89
N CYS I 84 -26.74 -11.79 -44.55
CA CYS I 84 -27.76 -10.78 -44.81
C CYS I 84 -28.90 -11.31 -45.65
N ALA I 85 -28.59 -11.89 -46.81
CA ALA I 85 -29.63 -12.45 -47.67
C ALA I 85 -30.37 -13.52 -46.87
N ARG I 86 -29.63 -14.26 -46.05
CA ARG I 86 -30.25 -15.30 -45.22
C ARG I 86 -31.27 -14.67 -44.29
N ASP I 87 -30.87 -13.64 -43.54
CA ASP I 87 -31.78 -12.97 -42.60
C ASP I 87 -33.00 -12.39 -43.30
N ILE I 88 -32.79 -11.80 -44.46
CA ILE I 88 -33.92 -11.24 -45.19
C ILE I 88 -34.81 -12.39 -45.63
N GLY I 89 -34.20 -13.53 -45.94
CA GLY I 89 -34.97 -14.69 -46.31
C GLY I 89 -35.84 -15.13 -45.15
N TYR I 90 -35.30 -15.04 -43.94
CA TYR I 90 -36.07 -15.40 -42.74
C TYR I 90 -37.30 -14.49 -42.59
N TYR I 91 -37.10 -13.19 -42.72
CA TYR I 91 -38.22 -12.26 -42.58
C TYR I 91 -39.31 -12.60 -43.59
N LEU I 92 -38.92 -12.86 -44.83
CA LEU I 92 -39.91 -13.17 -45.85
C LEU I 92 -40.63 -14.48 -45.52
N ARG I 93 -39.87 -15.48 -45.09
CA ARG I 93 -40.47 -16.76 -44.73
C ARG I 93 -41.46 -16.54 -43.59
N MET I 94 -41.04 -15.80 -42.57
CA MET I 94 -41.94 -15.54 -41.44
C MET I 94 -43.24 -14.89 -41.93
N VAL I 95 -43.13 -14.00 -42.90
CA VAL I 95 -44.31 -13.33 -43.44
C VAL I 95 -45.24 -14.35 -44.07
N THR I 96 -44.69 -15.37 -44.76
CA THR I 96 -45.55 -16.37 -45.38
C THR I 96 -46.25 -17.18 -44.30
N TYR I 97 -45.54 -17.50 -43.22
CA TYR I 97 -46.14 -18.26 -42.14
C TYR I 97 -47.29 -17.48 -41.50
N CYS I 98 -47.13 -16.17 -41.37
CA CYS I 98 -48.17 -15.34 -40.77
C CYS I 98 -49.42 -15.31 -41.63
N LEU I 99 -49.24 -15.39 -42.94
CA LEU I 99 -50.37 -15.41 -43.85
C LEU I 99 -51.05 -16.78 -43.73
N ILE I 100 -50.23 -17.83 -43.60
CA ILE I 100 -50.76 -19.18 -43.47
C ILE I 100 -51.59 -19.32 -42.20
N ALA I 101 -51.06 -18.80 -41.09
CA ALA I 101 -51.74 -18.87 -39.80
C ALA I 101 -52.79 -17.79 -39.61
N GLY I 102 -52.64 -16.70 -40.36
CA GLY I 102 -53.59 -15.61 -40.23
C GLY I 102 -53.32 -14.78 -38.98
N GLY I 103 -52.06 -14.68 -38.60
CA GLY I 103 -51.70 -13.89 -37.42
C GLY I 103 -50.19 -13.75 -37.29
N THR I 104 -49.75 -12.77 -36.50
CA THR I 104 -48.32 -12.52 -36.30
C THR I 104 -47.69 -13.63 -35.47
N GLY I 105 -48.52 -14.54 -34.97
CA GLY I 105 -48.04 -15.65 -34.16
C GLY I 105 -46.68 -16.25 -34.50
N PRO I 106 -46.52 -16.81 -35.70
CA PRO I 106 -45.24 -17.41 -36.10
C PRO I 106 -44.06 -16.45 -36.04
N MET I 107 -44.24 -15.24 -36.55
CA MET I 107 -43.16 -14.26 -36.53
C MET I 107 -42.77 -13.87 -35.11
N ASP I 108 -43.75 -13.73 -34.22
CA ASP I 108 -43.45 -13.36 -32.83
C ASP I 108 -42.59 -14.43 -32.18
N GLU I 109 -43.03 -15.67 -32.32
CA GLU I 109 -42.36 -16.80 -31.72
C GLU I 109 -40.97 -17.09 -32.28
N TYR I 110 -40.85 -17.09 -33.60
CA TYR I 110 -39.58 -17.42 -34.23
C TYR I 110 -38.58 -16.30 -34.50
N LEU I 111 -39.06 -15.08 -34.66
CA LEU I 111 -38.18 -13.98 -34.99
C LEU I 111 -38.22 -12.73 -34.09
N ILE I 112 -39.41 -12.22 -33.82
CA ILE I 112 -39.53 -11.00 -33.00
C ILE I 112 -39.01 -11.11 -31.56
N ALA I 113 -39.48 -12.12 -30.83
CA ALA I 113 -39.04 -12.30 -29.44
C ALA I 113 -37.55 -12.53 -29.38
N GLY I 114 -36.84 -11.56 -28.80
CA GLY I 114 -35.40 -11.66 -28.67
C GLY I 114 -34.60 -10.92 -29.75
N ILE I 115 -35.26 -10.47 -30.81
CA ILE I 115 -34.55 -9.78 -31.90
C ILE I 115 -33.70 -8.61 -31.42
N ASP I 116 -34.23 -7.87 -30.44
CA ASP I 116 -33.53 -6.71 -29.90
C ASP I 116 -32.16 -7.05 -29.35
N GLU I 117 -32.10 -8.11 -28.54
CA GLU I 117 -30.83 -8.52 -27.94
C GLU I 117 -29.85 -8.98 -29.03
N ILE I 118 -30.34 -9.67 -30.04
CA ILE I 118 -29.52 -10.14 -31.14
C ILE I 118 -28.87 -8.97 -31.90
N ASN I 119 -29.71 -8.02 -32.32
CA ASN I 119 -29.24 -6.86 -33.04
C ASN I 119 -28.24 -6.02 -32.25
N ARG I 120 -28.45 -5.92 -30.94
CA ARG I 120 -27.53 -5.16 -30.10
C ARG I 120 -26.21 -5.91 -29.94
N THR I 121 -26.30 -7.21 -29.64
CA THR I 121 -25.10 -8.01 -29.44
C THR I 121 -24.20 -8.12 -30.67
N PHE I 122 -24.79 -8.37 -31.83
CA PHE I 122 -23.98 -8.50 -33.05
C PHE I 122 -23.88 -7.17 -33.80
N GLU I 123 -24.32 -6.10 -33.16
CA GLU I 123 -24.29 -4.75 -33.74
C GLU I 123 -24.87 -4.67 -35.14
N LEU I 124 -26.10 -5.16 -35.28
CA LEU I 124 -26.80 -5.13 -36.55
C LEU I 124 -27.82 -4.00 -36.43
N SER I 125 -27.86 -3.13 -37.44
CA SER I 125 -28.79 -2.00 -37.39
C SER I 125 -30.21 -2.32 -37.82
N PRO I 126 -31.18 -2.03 -36.94
CA PRO I 126 -32.58 -2.30 -37.26
C PRO I 126 -32.96 -1.59 -38.56
N SER I 127 -32.32 -0.46 -38.82
CA SER I 127 -32.56 0.31 -40.05
C SER I 127 -32.33 -0.50 -41.32
N TRP I 128 -31.29 -1.33 -41.32
CA TRP I 128 -30.97 -2.15 -42.47
C TRP I 128 -32.18 -2.99 -42.86
N TYR I 129 -32.69 -3.73 -41.89
CA TYR I 129 -33.83 -4.60 -42.10
C TYR I 129 -35.09 -3.84 -42.50
N ILE I 130 -35.31 -2.66 -41.92
CA ILE I 130 -36.48 -1.87 -42.27
C ILE I 130 -36.48 -1.51 -43.76
N GLU I 131 -35.31 -1.21 -44.33
CA GLU I 131 -35.24 -0.87 -45.75
C GLU I 131 -35.59 -2.10 -46.57
N ALA I 132 -35.13 -3.26 -46.11
CA ALA I 132 -35.40 -4.53 -46.79
C ALA I 132 -36.90 -4.82 -46.82
N LEU I 133 -37.56 -4.59 -45.68
CA LEU I 133 -38.99 -4.83 -45.55
C LEU I 133 -39.79 -3.88 -46.46
N LYS I 134 -39.35 -2.63 -46.56
CA LYS I 134 -40.03 -1.66 -47.42
C LYS I 134 -39.91 -2.10 -48.87
N TYR I 135 -38.75 -2.64 -49.23
CA TYR I 135 -38.56 -3.11 -50.60
C TYR I 135 -39.55 -4.22 -50.88
N ILE I 136 -39.66 -5.17 -49.96
CA ILE I 136 -40.59 -6.27 -50.13
C ILE I 136 -42.03 -5.76 -50.29
N LYS I 137 -42.42 -4.77 -49.50
CA LYS I 137 -43.77 -4.23 -49.63
C LYS I 137 -43.97 -3.61 -51.01
N ALA I 138 -42.94 -2.91 -51.49
CA ALA I 138 -43.03 -2.24 -52.78
C ALA I 138 -42.83 -3.15 -53.99
N ASN I 139 -42.49 -4.41 -53.77
CA ASN I 139 -42.23 -5.30 -54.91
C ASN I 139 -42.88 -6.68 -54.91
N HIS I 140 -43.61 -7.05 -53.86
CA HIS I 140 -44.23 -8.37 -53.85
C HIS I 140 -45.27 -8.52 -54.95
N GLY I 141 -45.84 -7.40 -55.41
CA GLY I 141 -46.83 -7.45 -56.47
C GLY I 141 -48.20 -8.00 -56.11
N LEU I 142 -48.48 -8.14 -54.83
CA LEU I 142 -49.78 -8.66 -54.39
C LEU I 142 -50.78 -7.52 -54.51
N SER I 143 -52.07 -7.85 -54.43
CA SER I 143 -53.12 -6.86 -54.50
C SER I 143 -54.33 -7.33 -53.67
N GLY I 144 -55.27 -6.43 -53.41
CA GLY I 144 -56.43 -6.81 -52.64
C GLY I 144 -56.12 -7.23 -51.21
N ASP I 145 -56.94 -8.10 -50.64
CA ASP I 145 -56.75 -8.56 -49.26
C ASP I 145 -55.40 -9.22 -49.05
N ALA I 146 -54.88 -9.85 -50.11
CA ALA I 146 -53.58 -10.51 -50.02
C ALA I 146 -52.53 -9.48 -49.65
N ALA I 147 -52.62 -8.32 -50.29
CA ALA I 147 -51.66 -7.25 -50.05
C ALA I 147 -51.83 -6.60 -48.69
N THR I 148 -53.08 -6.27 -48.34
CA THR I 148 -53.33 -5.62 -47.06
C THR I 148 -52.80 -6.47 -45.90
N GLU I 149 -53.11 -7.76 -45.91
CA GLU I 149 -52.65 -8.64 -44.84
C GLU I 149 -51.11 -8.81 -44.87
N ALA I 150 -50.57 -9.09 -46.05
CA ALA I 150 -49.13 -9.26 -46.21
C ALA I 150 -48.40 -8.02 -45.71
N ASN I 151 -48.87 -6.85 -46.12
CA ASN I 151 -48.25 -5.60 -45.69
C ASN I 151 -48.42 -5.36 -44.19
N SER I 152 -49.51 -5.85 -43.61
CA SER I 152 -49.71 -5.66 -42.17
C SER I 152 -48.59 -6.39 -41.41
N TYR I 153 -48.14 -7.54 -41.92
CA TYR I 153 -47.06 -8.29 -41.27
C TYR I 153 -45.72 -7.62 -41.52
N LEU I 154 -45.53 -7.10 -42.73
CA LEU I 154 -44.28 -6.41 -43.08
C LEU I 154 -44.14 -5.13 -42.24
N ASP I 155 -45.26 -4.42 -42.04
CA ASP I 155 -45.24 -3.19 -41.25
C ASP I 155 -45.16 -3.52 -39.76
N TYR I 156 -45.66 -4.69 -39.39
CA TYR I 156 -45.60 -5.12 -38.00
C TYR I 156 -44.11 -5.28 -37.65
N ALA I 157 -43.37 -5.96 -38.52
CA ALA I 157 -41.94 -6.15 -38.30
C ALA I 157 -41.23 -4.80 -38.27
N ILE I 158 -41.59 -3.90 -39.19
CA ILE I 158 -40.95 -2.60 -39.20
C ILE I 158 -41.19 -1.86 -37.87
N ASN I 159 -42.38 -2.02 -37.30
CA ASN I 159 -42.71 -1.36 -36.03
C ASN I 159 -41.91 -1.93 -34.87
N ALA I 160 -41.69 -3.23 -34.87
CA ALA I 160 -40.92 -3.86 -33.81
C ALA I 160 -39.47 -3.41 -33.89
N LEU I 161 -39.06 -2.97 -35.07
CA LEU I 161 -37.68 -2.53 -35.31
C LEU I 161 -37.48 -1.03 -35.19
N SER I 162 -38.52 -0.31 -34.77
CA SER I 162 -38.41 1.14 -34.65
C SER I 162 -39.30 1.75 -33.56
N MET J 1 -49.81 -24.84 -27.72
CA MET J 1 -50.92 -25.41 -28.53
C MET J 1 -50.81 -25.00 -30.01
N PHE J 2 -51.25 -25.89 -30.89
CA PHE J 2 -51.23 -25.59 -32.32
C PHE J 2 -52.64 -25.75 -32.87
N ASP J 3 -52.93 -25.01 -33.94
CA ASP J 3 -54.21 -25.18 -34.63
C ASP J 3 -53.77 -25.80 -35.97
N ALA J 4 -54.70 -26.20 -36.82
CA ALA J 4 -54.33 -26.81 -38.09
C ALA J 4 -53.26 -26.04 -38.87
N PHE J 5 -53.33 -24.71 -38.82
CA PHE J 5 -52.37 -23.87 -39.55
C PHE J 5 -50.97 -23.83 -38.94
N THR J 6 -50.90 -23.45 -37.67
CA THR J 6 -49.62 -23.35 -36.99
C THR J 6 -48.96 -24.70 -36.81
N LYS J 7 -49.73 -25.78 -36.94
CA LYS J 7 -49.15 -27.10 -36.80
C LYS J 7 -48.20 -27.34 -37.97
N VAL J 8 -48.68 -27.05 -39.17
CA VAL J 8 -47.86 -27.23 -40.37
C VAL J 8 -46.74 -26.20 -40.44
N VAL J 9 -47.01 -25.01 -39.89
CA VAL J 9 -46.02 -23.94 -39.86
C VAL J 9 -44.81 -24.36 -39.03
N SER J 10 -45.06 -24.86 -37.82
CA SER J 10 -43.98 -25.28 -36.94
C SER J 10 -43.10 -26.37 -37.56
N GLN J 11 -43.71 -27.29 -38.28
CA GLN J 11 -42.95 -28.36 -38.92
C GLN J 11 -42.10 -27.76 -40.04
N ALA J 12 -42.68 -26.81 -40.78
CA ALA J 12 -41.96 -26.18 -41.87
C ALA J 12 -40.80 -25.31 -41.35
N ASP J 13 -40.97 -24.70 -40.19
CA ASP J 13 -39.92 -23.85 -39.64
C ASP J 13 -38.74 -24.66 -39.12
N THR J 14 -39.00 -25.91 -38.71
CA THR J 14 -37.95 -26.79 -38.22
C THR J 14 -37.03 -27.14 -39.39
N ARG J 15 -37.60 -27.17 -40.59
CA ARG J 15 -36.86 -27.48 -41.82
C ARG J 15 -36.38 -26.18 -42.46
N GLY J 16 -36.81 -25.06 -41.89
CA GLY J 16 -36.43 -23.76 -42.43
C GLY J 16 -36.99 -23.55 -43.82
N GLU J 17 -38.16 -24.11 -44.08
CA GLU J 17 -38.78 -24.00 -45.40
C GLU J 17 -40.14 -23.33 -45.44
N MET J 18 -40.49 -22.83 -46.62
CA MET J 18 -41.79 -22.22 -46.84
C MET J 18 -42.68 -23.37 -47.29
N LEU J 19 -43.95 -23.34 -46.90
CA LEU J 19 -44.87 -24.40 -47.28
C LEU J 19 -44.87 -24.64 -48.80
N SER J 20 -45.05 -25.89 -49.18
CA SER J 20 -45.09 -26.26 -50.59
C SER J 20 -46.51 -26.06 -51.11
N THR J 21 -46.66 -26.04 -52.43
CA THR J 21 -47.97 -25.87 -53.02
C THR J 21 -48.94 -26.91 -52.47
N ALA J 22 -48.50 -28.16 -52.38
CA ALA J 22 -49.33 -29.24 -51.88
C ALA J 22 -49.83 -28.96 -50.46
N GLN J 23 -48.89 -28.69 -49.55
CA GLN J 23 -49.21 -28.39 -48.16
C GLN J 23 -50.24 -27.27 -48.06
N ILE J 24 -50.08 -26.24 -48.88
CA ILE J 24 -51.03 -25.13 -48.87
C ILE J 24 -52.39 -25.57 -49.41
N ASP J 25 -52.39 -26.37 -50.47
CA ASP J 25 -53.64 -26.84 -51.04
C ASP J 25 -54.38 -27.71 -50.03
N ALA J 26 -53.63 -28.55 -49.31
CA ALA J 26 -54.25 -29.40 -48.29
C ALA J 26 -54.98 -28.52 -47.27
N LEU J 27 -54.39 -27.37 -46.95
CA LEU J 27 -54.99 -26.44 -46.00
C LEU J 27 -56.23 -25.74 -46.58
N SER J 28 -56.17 -25.41 -47.87
CA SER J 28 -57.31 -24.76 -48.52
C SER J 28 -58.50 -25.70 -48.48
N GLN J 29 -58.20 -26.99 -48.53
CA GLN J 29 -59.22 -28.02 -48.48
C GLN J 29 -59.95 -27.99 -47.15
N MET J 30 -59.20 -27.93 -46.06
CA MET J 30 -59.83 -27.90 -44.75
C MET J 30 -60.63 -26.61 -44.59
N VAL J 31 -60.12 -25.51 -45.13
CA VAL J 31 -60.81 -24.23 -45.06
C VAL J 31 -62.17 -24.33 -45.73
N ALA J 32 -62.24 -25.13 -46.79
CA ALA J 32 -63.48 -25.30 -47.55
C ALA J 32 -64.50 -26.18 -46.82
N GLU J 33 -64.02 -26.93 -45.84
CA GLU J 33 -64.88 -27.82 -45.04
C GLU J 33 -65.14 -27.22 -43.65
N SER J 34 -64.58 -26.03 -43.40
CA SER J 34 -64.70 -25.36 -42.11
C SER J 34 -66.11 -25.14 -41.58
N ASN J 35 -67.08 -24.93 -42.45
CA ASN J 35 -68.46 -24.74 -41.98
C ASN J 35 -68.91 -25.99 -41.20
N LYS J 36 -68.65 -27.16 -41.76
CA LYS J 36 -69.04 -28.41 -41.11
C LYS J 36 -68.34 -28.53 -39.76
N ARG J 37 -67.09 -28.13 -39.72
CA ARG J 37 -66.29 -28.18 -38.50
C ARG J 37 -66.95 -27.34 -37.40
N LEU J 38 -67.38 -26.13 -37.77
CA LEU J 38 -68.02 -25.24 -36.80
C LEU J 38 -69.41 -25.72 -36.36
N ASP J 39 -70.09 -26.46 -37.23
CA ASP J 39 -71.39 -27.02 -36.86
C ASP J 39 -71.15 -28.11 -35.83
N ALA J 40 -70.13 -28.94 -36.06
CA ALA J 40 -69.82 -30.02 -35.13
C ALA J 40 -69.55 -29.43 -33.75
N VAL J 41 -68.78 -28.35 -33.71
CA VAL J 41 -68.44 -27.70 -32.44
C VAL J 41 -69.69 -27.19 -31.73
N ASN J 42 -70.52 -26.44 -32.45
CA ASN J 42 -71.75 -25.89 -31.92
C ASN J 42 -72.73 -26.98 -31.45
N ARG J 43 -72.91 -28.01 -32.27
CA ARG J 43 -73.83 -29.08 -31.92
C ARG J 43 -73.43 -29.84 -30.68
N ILE J 44 -72.15 -30.15 -30.53
CA ILE J 44 -71.71 -30.88 -29.35
C ILE J 44 -71.81 -29.97 -28.14
N THR J 45 -71.29 -28.77 -28.28
CA THR J 45 -71.32 -27.77 -27.21
C THR J 45 -72.75 -27.52 -26.74
N SER J 46 -73.65 -27.29 -27.68
CA SER J 46 -75.05 -27.01 -27.35
C SER J 46 -75.76 -28.16 -26.64
N ASN J 47 -75.18 -29.35 -26.70
CA ASN J 47 -75.77 -30.51 -26.04
C ASN J 47 -74.84 -31.09 -24.99
N ALA J 48 -73.92 -30.27 -24.49
CA ALA J 48 -72.94 -30.71 -23.49
C ALA J 48 -73.52 -31.33 -22.23
N SER J 49 -74.49 -30.66 -21.61
CA SER J 49 -75.10 -31.14 -20.37
C SER J 49 -75.77 -32.49 -20.54
N THR J 50 -76.43 -32.67 -21.68
CA THR J 50 -77.11 -33.90 -22.03
C THR J 50 -76.12 -35.04 -22.24
N ILE J 51 -75.06 -34.77 -23.00
CA ILE J 51 -74.04 -35.77 -23.29
C ILE J 51 -73.39 -36.29 -22.02
N VAL J 52 -73.06 -35.37 -21.11
CA VAL J 52 -72.42 -35.74 -19.86
C VAL J 52 -73.36 -36.50 -18.91
N SER J 53 -74.54 -35.94 -18.66
CA SER J 53 -75.49 -36.58 -17.75
C SER J 53 -75.97 -37.96 -18.18
N ASN J 54 -76.32 -38.13 -19.47
CA ASN J 54 -76.78 -39.44 -19.94
C ASN J 54 -75.64 -40.46 -19.91
N ALA J 55 -74.43 -40.01 -20.26
CA ALA J 55 -73.25 -40.88 -20.25
C ALA J 55 -72.91 -41.30 -18.83
N ALA J 56 -72.98 -40.35 -17.90
CA ALA J 56 -72.68 -40.65 -16.50
C ALA J 56 -73.72 -41.61 -15.93
N ARG J 57 -74.99 -41.27 -16.09
CA ARG J 57 -76.06 -42.12 -15.57
C ARG J 57 -75.98 -43.52 -16.13
N SER J 58 -75.59 -43.61 -17.41
CA SER J 58 -75.48 -44.92 -18.04
C SER J 58 -74.29 -45.66 -17.43
N LEU J 59 -73.20 -44.94 -17.18
CA LEU J 59 -72.00 -45.54 -16.58
C LEU J 59 -72.32 -46.15 -15.21
N PHE J 60 -72.94 -45.36 -14.33
CA PHE J 60 -73.27 -45.83 -12.99
C PHE J 60 -74.23 -47.00 -12.98
N ALA J 61 -75.24 -46.98 -13.83
CA ALA J 61 -76.20 -48.08 -13.92
C ALA J 61 -75.44 -49.33 -14.32
N GLU J 62 -74.47 -49.12 -15.19
CA GLU J 62 -73.63 -50.18 -15.74
C GLU J 62 -72.59 -50.66 -14.73
N GLN J 63 -72.09 -49.73 -13.91
CA GLN J 63 -71.08 -50.05 -12.91
C GLN J 63 -71.53 -49.55 -11.53
N PRO J 64 -72.51 -50.24 -10.93
CA PRO J 64 -73.04 -49.89 -9.61
C PRO J 64 -72.02 -49.71 -8.49
N GLN J 65 -70.88 -50.39 -8.58
CA GLN J 65 -69.87 -50.26 -7.53
C GLN J 65 -69.23 -48.88 -7.50
N LEU J 66 -69.39 -48.12 -8.58
CA LEU J 66 -68.82 -46.78 -8.63
C LEU J 66 -69.57 -45.86 -7.67
N ILE J 67 -70.88 -46.06 -7.55
CA ILE J 67 -71.69 -45.22 -6.68
C ILE J 67 -72.05 -45.82 -5.33
N ALA J 68 -71.89 -47.13 -5.18
CA ALA J 68 -72.19 -47.77 -3.89
C ALA J 68 -71.32 -47.09 -2.83
N PRO J 69 -71.76 -47.11 -1.56
CA PRO J 69 -70.95 -46.48 -0.52
C PRO J 69 -69.52 -47.01 -0.58
N GLY J 70 -68.55 -46.11 -0.52
CA GLY J 70 -67.16 -46.52 -0.56
C GLY J 70 -66.60 -46.51 -1.98
N GLY J 71 -67.50 -46.47 -2.96
CA GLY J 71 -67.08 -46.43 -4.35
C GLY J 71 -66.42 -45.09 -4.64
N MEN J 72 -65.67 -44.99 -5.73
CA MEN J 72 -64.99 -43.75 -6.05
C MEN J 72 -65.90 -42.58 -6.41
O MEN J 72 -65.51 -41.43 -6.27
CB MEN J 72 -63.96 -43.96 -7.16
CG MEN J 72 -62.88 -42.90 -7.14
OD1 MEN J 72 -62.75 -42.10 -8.07
ND2 MEN J 72 -62.08 -42.91 -6.07
CE2 MEN J 72 -61.00 -41.94 -5.92
N ALA J 73 -67.12 -42.87 -6.86
CA ALA J 73 -68.05 -41.81 -7.22
C ALA J 73 -69.10 -41.60 -6.13
N TYR J 74 -68.85 -42.18 -4.96
CA TYR J 74 -69.77 -42.06 -3.82
C TYR J 74 -69.45 -40.78 -3.06
N THR J 75 -70.48 -40.20 -2.42
CA THR J 75 -70.41 -38.92 -1.69
C THR J 75 -70.57 -37.84 -2.77
N SER J 76 -71.28 -36.78 -2.44
CA SER J 76 -71.53 -35.69 -3.38
C SER J 76 -70.28 -35.04 -3.94
N ARG J 77 -69.28 -34.81 -3.11
CA ARG J 77 -68.07 -34.15 -3.60
C ARG J 77 -67.44 -34.97 -4.71
N ARG J 78 -67.31 -36.29 -4.50
CA ARG J 78 -66.72 -37.15 -5.52
C ARG J 78 -67.62 -37.32 -6.73
N MET J 79 -68.94 -37.31 -6.52
CA MET J 79 -69.86 -37.43 -7.65
C MET J 79 -69.71 -36.18 -8.53
N ALA J 80 -69.64 -35.01 -7.89
CA ALA J 80 -69.49 -33.75 -8.62
C ALA J 80 -68.16 -33.71 -9.38
N ALA J 81 -67.10 -34.19 -8.73
CA ALA J 81 -65.77 -34.22 -9.34
C ALA J 81 -65.75 -35.12 -10.57
N CYS J 82 -66.50 -36.23 -10.49
CA CYS J 82 -66.58 -37.17 -11.59
C CYS J 82 -67.35 -36.56 -12.76
N LEU J 83 -68.45 -35.89 -12.47
CA LEU J 83 -69.25 -35.25 -13.52
C LEU J 83 -68.40 -34.14 -14.15
N ARG J 84 -67.64 -33.47 -13.30
CA ARG J 84 -66.76 -32.38 -13.73
C ARG J 84 -65.66 -32.89 -14.67
N ASP J 85 -65.14 -34.09 -14.39
CA ASP J 85 -64.12 -34.67 -15.25
C ASP J 85 -64.70 -35.00 -16.61
N MET J 86 -65.95 -35.48 -16.62
CA MET J 86 -66.63 -35.81 -17.86
C MET J 86 -66.74 -34.57 -18.75
N GLU J 87 -67.25 -33.49 -18.15
CA GLU J 87 -67.42 -32.23 -18.84
C GLU J 87 -66.08 -31.65 -19.29
N ILE J 88 -65.06 -31.78 -18.45
CA ILE J 88 -63.75 -31.26 -18.80
C ILE J 88 -63.21 -31.93 -20.05
N ILE J 89 -63.23 -33.26 -20.07
CA ILE J 89 -62.73 -34.01 -21.20
C ILE J 89 -63.50 -33.62 -22.47
N LEU J 90 -64.83 -33.49 -22.35
CA LEU J 90 -65.66 -33.11 -23.48
C LEU J 90 -65.28 -31.71 -23.97
N ARG J 91 -65.09 -30.78 -23.02
CA ARG J 91 -64.71 -29.42 -23.35
C ARG J 91 -63.41 -29.37 -24.18
N TYR J 92 -62.37 -30.04 -23.69
CA TYR J 92 -61.10 -30.08 -24.40
C TYR J 92 -61.20 -30.81 -25.73
N VAL J 93 -62.14 -31.74 -25.87
CA VAL J 93 -62.30 -32.44 -27.14
C VAL J 93 -62.87 -31.46 -28.17
N THR J 94 -63.86 -30.67 -27.77
CA THR J 94 -64.43 -29.71 -28.70
C THR J 94 -63.36 -28.69 -29.11
N TYR J 95 -62.44 -28.38 -28.20
CA TYR J 95 -61.35 -27.45 -28.52
C TYR J 95 -60.54 -28.03 -29.66
N ALA J 96 -60.19 -29.30 -29.56
CA ALA J 96 -59.41 -29.97 -30.59
C ALA J 96 -60.12 -29.92 -31.93
N VAL J 97 -61.43 -30.17 -31.92
CA VAL J 97 -62.23 -30.15 -33.14
C VAL J 97 -62.26 -28.74 -33.75
N PHE J 98 -62.35 -27.73 -32.89
CA PHE J 98 -62.38 -26.35 -33.34
C PHE J 98 -61.05 -25.95 -33.96
N ALA J 99 -59.96 -26.23 -33.25
CA ALA J 99 -58.62 -25.88 -33.71
C ALA J 99 -58.11 -26.81 -34.81
N GLY J 100 -58.71 -27.99 -34.91
CA GLY J 100 -58.28 -28.93 -35.93
C GLY J 100 -56.91 -29.53 -35.64
N ASP J 101 -56.62 -29.72 -34.35
CA ASP J 101 -55.35 -30.31 -33.92
C ASP J 101 -55.55 -30.83 -32.49
N ALA J 102 -54.97 -32.00 -32.21
CA ALA J 102 -55.12 -32.64 -30.90
C ALA J 102 -54.30 -32.04 -29.77
N SER J 103 -53.25 -31.31 -30.13
CA SER J 103 -52.37 -30.71 -29.13
C SER J 103 -53.05 -30.14 -27.88
N VAL J 104 -54.04 -29.26 -28.03
CA VAL J 104 -54.68 -28.69 -26.85
C VAL J 104 -55.25 -29.77 -25.93
N LEU J 105 -55.83 -30.81 -26.51
CA LEU J 105 -56.40 -31.91 -25.74
C LEU J 105 -55.28 -32.67 -25.02
N GLU J 106 -54.23 -33.00 -25.78
CA GLU J 106 -53.07 -33.72 -25.25
C GLU J 106 -52.33 -32.97 -24.16
N ASP J 107 -51.91 -31.75 -24.48
CA ASP J 107 -51.14 -30.90 -23.59
C ASP J 107 -51.81 -30.44 -22.30
N ARG J 108 -53.06 -29.96 -22.40
CA ARG J 108 -53.72 -29.44 -21.22
C ARG J 108 -54.68 -30.35 -20.48
N CYS J 109 -55.15 -31.41 -21.14
CA CYS J 109 -56.09 -32.30 -20.48
C CYS J 109 -55.56 -33.72 -20.25
N LEU J 110 -55.24 -34.42 -21.33
CA LEU J 110 -54.77 -35.80 -21.24
C LEU J 110 -53.41 -36.06 -20.59
N ASN J 111 -52.44 -35.20 -20.84
CA ASN J 111 -51.10 -35.38 -20.28
C ASN J 111 -51.07 -35.42 -18.75
N GLY J 112 -50.61 -36.55 -18.22
CA GLY J 112 -50.52 -36.72 -16.79
C GLY J 112 -51.79 -37.16 -16.11
N LEU J 113 -52.88 -37.23 -16.88
CA LEU J 113 -54.17 -37.62 -16.34
C LEU J 113 -54.23 -39.05 -15.82
N ARG J 114 -53.53 -39.96 -16.48
CA ARG J 114 -53.52 -41.35 -16.02
C ARG J 114 -52.86 -41.44 -14.64
N GLU J 115 -51.76 -40.70 -14.46
CA GLU J 115 -51.05 -40.70 -13.18
C GLU J 115 -51.93 -40.15 -12.06
N THR J 116 -52.70 -39.12 -12.37
CA THR J 116 -53.59 -38.50 -11.39
C THR J 116 -54.59 -39.52 -10.85
N TYR J 117 -55.20 -40.28 -11.75
CA TYR J 117 -56.19 -41.28 -11.33
C TYR J 117 -55.52 -42.39 -10.53
N LEU J 118 -54.36 -42.85 -10.98
CA LEU J 118 -53.63 -43.89 -10.28
C LEU J 118 -53.43 -43.48 -8.82
N ALA J 119 -52.99 -42.24 -8.62
CA ALA J 119 -52.76 -41.71 -7.28
C ALA J 119 -54.05 -41.66 -6.48
N LEU J 120 -55.07 -41.03 -7.05
CA LEU J 120 -56.37 -40.88 -6.40
C LEU J 120 -57.05 -42.21 -6.11
N GLY J 121 -56.84 -43.19 -6.98
CA GLY J 121 -57.47 -44.48 -6.78
C GLY J 121 -58.70 -44.52 -7.67
N THR J 122 -58.78 -43.58 -8.61
CA THR J 122 -59.92 -43.52 -9.52
C THR J 122 -59.70 -44.50 -10.67
N PRO J 123 -60.70 -45.35 -10.94
CA PRO J 123 -60.64 -46.35 -12.02
C PRO J 123 -60.60 -45.75 -13.42
N GLY J 124 -59.41 -45.70 -14.01
CA GLY J 124 -59.24 -45.16 -15.34
C GLY J 124 -60.07 -45.86 -16.39
N SER J 125 -60.23 -47.18 -16.26
CA SER J 125 -60.99 -47.96 -17.21
C SER J 125 -62.45 -47.53 -17.21
N SER J 126 -62.95 -47.13 -16.05
CA SER J 126 -64.33 -46.69 -15.92
C SER J 126 -64.50 -45.32 -16.59
N VAL J 127 -63.48 -44.49 -16.49
CA VAL J 127 -63.51 -43.17 -17.12
C VAL J 127 -63.58 -43.34 -18.64
N ALA J 128 -62.82 -44.30 -19.16
CA ALA J 128 -62.82 -44.56 -20.59
C ALA J 128 -64.21 -45.01 -21.05
N VAL J 129 -64.88 -45.83 -20.25
CA VAL J 129 -66.23 -46.26 -20.60
C VAL J 129 -67.13 -45.03 -20.67
N GLY J 130 -67.00 -44.14 -19.69
CA GLY J 130 -67.79 -42.93 -19.70
C GLY J 130 -67.49 -42.06 -20.91
N VAL J 131 -66.21 -41.90 -21.21
CA VAL J 131 -65.78 -41.11 -22.36
C VAL J 131 -66.28 -41.72 -23.66
N GLY J 132 -66.23 -43.06 -23.73
CA GLY J 132 -66.69 -43.75 -24.92
C GLY J 132 -68.17 -43.53 -25.16
N LYS J 133 -68.93 -43.43 -24.09
CA LYS J 133 -70.37 -43.19 -24.21
C LYS J 133 -70.64 -41.78 -24.72
N MET J 134 -69.87 -40.79 -24.23
CA MET J 134 -70.04 -39.42 -24.70
C MET J 134 -69.69 -39.35 -26.18
N LYS J 135 -68.67 -40.10 -26.60
CA LYS J 135 -68.25 -40.13 -28.00
C LYS J 135 -69.41 -40.50 -28.91
N GLU J 136 -69.99 -41.67 -28.64
CA GLU J 136 -71.12 -42.18 -29.43
C GLU J 136 -72.26 -41.17 -29.47
N ALA J 137 -72.63 -40.61 -28.33
CA ALA J 137 -73.71 -39.64 -28.28
C ALA J 137 -73.31 -38.38 -29.06
N ALA J 138 -72.06 -37.97 -28.90
CA ALA J 138 -71.55 -36.78 -29.58
C ALA J 138 -71.57 -36.94 -31.09
N LEU J 139 -71.18 -38.12 -31.58
CA LEU J 139 -71.17 -38.39 -33.02
C LEU J 139 -72.58 -38.44 -33.59
N ALA J 140 -73.50 -39.09 -32.89
CA ALA J 140 -74.88 -39.17 -33.35
C ALA J 140 -75.44 -37.75 -33.51
N ILE J 141 -75.12 -36.88 -32.56
CA ILE J 141 -75.60 -35.50 -32.60
C ILE J 141 -75.01 -34.76 -33.80
N VAL J 142 -73.70 -34.91 -34.00
CA VAL J 142 -73.05 -34.25 -35.12
C VAL J 142 -73.58 -34.78 -36.44
N ASN J 143 -73.81 -36.09 -36.52
CA ASN J 143 -74.30 -36.72 -37.74
C ASN J 143 -75.79 -36.55 -38.04
N ASP J 144 -76.55 -36.01 -37.11
CA ASP J 144 -77.99 -35.84 -37.33
C ASP J 144 -78.30 -34.93 -38.52
N PRO J 145 -78.96 -35.47 -39.56
CA PRO J 145 -79.33 -34.72 -40.77
C PRO J 145 -80.44 -33.69 -40.61
N ALA J 146 -81.06 -33.64 -39.44
CA ALA J 146 -82.15 -32.70 -39.22
C ALA J 146 -81.71 -31.25 -38.96
N GLY J 147 -82.38 -30.31 -39.62
CA GLY J 147 -82.09 -28.90 -39.45
C GLY J 147 -80.73 -28.40 -39.88
N ILE J 148 -80.16 -29.00 -40.92
CA ILE J 148 -78.85 -28.60 -41.38
C ILE J 148 -78.72 -28.90 -42.87
N THR J 149 -77.90 -28.11 -43.56
CA THR J 149 -77.71 -28.31 -44.99
C THR J 149 -77.12 -29.69 -45.19
N PRO J 150 -77.75 -30.50 -46.04
CA PRO J 150 -77.26 -31.86 -46.31
C PRO J 150 -75.88 -31.87 -46.96
N GLY J 151 -75.08 -32.86 -46.57
CA GLY J 151 -73.74 -32.99 -47.11
C GLY J 151 -72.99 -34.05 -46.34
N ASP J 152 -71.75 -34.30 -46.73
CA ASP J 152 -70.93 -35.32 -46.09
C ASP J 152 -69.97 -34.81 -45.01
N CYS J 153 -70.07 -35.40 -43.82
CA CYS J 153 -69.22 -35.04 -42.69
C CYS J 153 -68.48 -36.25 -42.17
N SER J 154 -68.40 -37.30 -42.99
CA SER J 154 -67.74 -38.53 -42.60
C SER J 154 -66.31 -38.30 -42.15
N ALA J 155 -65.52 -37.60 -42.95
CA ALA J 155 -64.13 -37.32 -42.60
C ALA J 155 -64.05 -36.59 -41.27
N LEU J 156 -64.87 -35.56 -41.11
CA LEU J 156 -64.89 -34.79 -39.87
C LEU J 156 -65.26 -35.69 -38.70
N ALA J 157 -66.27 -36.54 -38.91
CA ALA J 157 -66.73 -37.45 -37.87
C ALA J 157 -65.57 -38.37 -37.48
N SER J 158 -64.82 -38.82 -38.47
CA SER J 158 -63.68 -39.68 -38.22
C SER J 158 -62.67 -38.94 -37.34
N GLU J 159 -62.41 -37.68 -37.67
CA GLU J 159 -61.47 -36.85 -36.92
C GLU J 159 -61.97 -36.68 -35.49
N ILE J 160 -63.25 -36.36 -35.34
CA ILE J 160 -63.84 -36.17 -34.02
C ILE J 160 -63.68 -37.42 -33.17
N ALA J 161 -63.97 -38.57 -33.76
CA ALA J 161 -63.86 -39.83 -33.04
C ALA J 161 -62.44 -40.09 -32.57
N SER J 162 -61.44 -39.67 -33.36
CA SER J 162 -60.04 -39.90 -32.99
C SER J 162 -59.65 -39.13 -31.72
N TYR J 163 -60.20 -37.94 -31.55
CA TYR J 163 -59.89 -37.15 -30.36
C TYR J 163 -60.46 -37.84 -29.13
N PHE J 164 -61.69 -38.35 -29.26
CA PHE J 164 -62.32 -39.06 -28.16
C PHE J 164 -61.48 -40.29 -27.79
N ASP J 165 -61.03 -41.01 -28.81
CA ASP J 165 -60.22 -42.20 -28.59
C ASP J 165 -58.92 -41.88 -27.88
N ARG J 166 -58.36 -40.71 -28.16
CA ARG J 166 -57.12 -40.31 -27.50
C ARG J 166 -57.42 -40.25 -26.01
N ALA J 167 -58.50 -39.54 -25.67
CA ALA J 167 -58.91 -39.38 -24.28
C ALA J 167 -59.10 -40.72 -23.60
N CYS J 168 -59.71 -41.67 -24.30
CA CYS J 168 -59.92 -43.02 -23.76
C CYS J 168 -58.58 -43.70 -23.50
N ALA J 169 -57.73 -43.70 -24.52
CA ALA J 169 -56.41 -44.32 -24.41
C ALA J 169 -55.55 -43.68 -23.33
N ALA J 170 -55.69 -42.36 -23.20
CA ALA J 170 -54.93 -41.58 -22.23
C ALA J 170 -55.19 -41.95 -20.76
N VAL J 171 -56.34 -42.55 -20.48
CA VAL J 171 -56.67 -42.91 -19.10
C VAL J 171 -56.78 -44.40 -18.85
N SER J 172 -56.66 -45.20 -19.91
CA SER J 172 -56.75 -46.66 -19.78
C SER J 172 -55.40 -47.25 -19.38
N MET K 1 -62.53 -30.88 9.34
CA MET K 1 -63.98 -31.22 9.43
C MET K 1 -64.58 -30.49 10.63
N LYS K 2 -65.78 -29.95 10.47
CA LYS K 2 -66.45 -29.21 11.53
C LYS K 2 -66.96 -30.04 12.71
N THR K 3 -66.13 -30.18 13.74
CA THR K 3 -66.51 -30.87 14.98
C THR K 3 -65.73 -30.17 16.09
N PRO K 4 -66.29 -30.12 17.30
CA PRO K 4 -65.59 -29.46 18.41
C PRO K 4 -64.13 -29.89 18.60
N LEU K 5 -63.90 -31.19 18.79
CA LEU K 5 -62.54 -31.67 19.01
C LEU K 5 -61.59 -31.38 17.85
N THR K 6 -62.03 -31.66 16.63
CA THR K 6 -61.19 -31.42 15.47
C THR K 6 -60.87 -29.95 15.27
N GLU K 7 -61.84 -29.06 15.42
CA GLU K 7 -61.57 -27.64 15.25
C GLU K 7 -60.63 -27.12 16.34
N ALA K 8 -60.83 -27.58 17.57
CA ALA K 8 -59.99 -27.14 18.68
C ALA K 8 -58.52 -27.38 18.31
N VAL K 9 -58.21 -28.62 17.93
CA VAL K 9 -56.85 -28.96 17.55
C VAL K 9 -56.36 -28.16 16.34
N SER K 10 -57.21 -28.03 15.32
CA SER K 10 -56.83 -27.29 14.12
C SER K 10 -56.49 -25.84 14.38
N ILE K 11 -57.29 -25.18 15.21
CA ILE K 11 -57.06 -23.78 15.53
C ILE K 11 -55.72 -23.62 16.25
N ALA K 12 -55.47 -24.46 17.25
CA ALA K 12 -54.22 -24.41 18.00
C ALA K 12 -53.03 -24.71 17.09
N ASP K 13 -53.15 -25.76 16.27
CA ASP K 13 -52.06 -26.12 15.37
C ASP K 13 -51.82 -24.95 14.42
N SER K 14 -52.91 -24.38 13.93
CA SER K 14 -52.86 -23.23 13.03
C SER K 14 -52.06 -22.09 13.65
N GLN K 15 -52.08 -22.01 14.98
CA GLN K 15 -51.39 -20.96 15.71
C GLN K 15 -50.05 -21.42 16.29
N GLY K 16 -49.71 -22.69 16.09
CA GLY K 16 -48.47 -23.22 16.62
C GLY K 16 -48.49 -23.21 18.13
N ARG K 17 -49.67 -23.46 18.69
CA ARG K 17 -49.85 -23.46 20.13
C ARG K 17 -50.22 -24.80 20.75
N PHE K 18 -49.74 -25.02 21.97
CA PHE K 18 -50.12 -26.23 22.69
C PHE K 18 -51.58 -25.94 23.03
N LEU K 19 -52.34 -26.97 23.37
CA LEU K 19 -53.73 -26.77 23.74
C LEU K 19 -53.73 -26.08 25.11
N SER K 20 -54.77 -25.31 25.40
CA SER K 20 -54.87 -24.63 26.68
C SER K 20 -56.29 -24.72 27.23
N SER K 21 -56.59 -23.95 28.28
CA SER K 21 -57.92 -23.98 28.89
C SER K 21 -59.06 -23.84 27.88
N THR K 22 -58.89 -22.96 26.89
CA THR K 22 -59.92 -22.74 25.88
C THR K 22 -60.31 -24.04 25.18
N GLU K 23 -59.33 -24.76 24.66
CA GLU K 23 -59.59 -26.01 23.99
C GLU K 23 -60.12 -27.07 24.96
N ILE K 24 -59.68 -27.02 26.22
CA ILE K 24 -60.19 -28.00 27.17
C ILE K 24 -61.67 -27.73 27.44
N GLN K 25 -62.07 -26.46 27.48
CA GLN K 25 -63.48 -26.13 27.70
C GLN K 25 -64.28 -26.56 26.47
N VAL K 26 -63.68 -26.45 25.29
CA VAL K 26 -64.36 -26.88 24.06
C VAL K 26 -64.69 -28.37 24.20
N ALA K 27 -63.71 -29.16 24.62
CA ALA K 27 -63.87 -30.59 24.81
C ALA K 27 -64.91 -30.89 25.89
N PHE K 28 -64.90 -30.12 26.97
CA PHE K 28 -65.89 -30.32 28.04
C PHE K 28 -67.28 -30.19 27.41
N GLY K 29 -67.42 -29.17 26.56
CA GLY K 29 -68.69 -28.94 25.89
C GLY K 29 -69.08 -30.11 25.02
N ARG K 30 -68.12 -30.62 24.24
CA ARG K 30 -68.38 -31.76 23.37
C ARG K 30 -68.78 -33.00 24.17
N PHE K 31 -68.00 -33.32 25.18
CA PHE K 31 -68.25 -34.50 26.00
C PHE K 31 -69.56 -34.46 26.78
N ARG K 32 -69.95 -33.28 27.23
CA ARG K 32 -71.21 -33.13 27.95
C ARG K 32 -72.35 -33.40 26.96
N GLN K 33 -72.28 -32.74 25.80
CA GLN K 33 -73.30 -32.89 24.77
C GLN K 33 -73.33 -34.33 24.22
N ALA K 34 -72.18 -34.99 24.22
CA ALA K 34 -72.06 -36.36 23.71
C ALA K 34 -73.06 -37.35 24.30
N LYS K 35 -73.34 -37.25 25.59
CA LYS K 35 -74.27 -38.16 26.22
C LYS K 35 -75.61 -38.18 25.51
N ALA K 36 -76.17 -36.99 25.26
CA ALA K 36 -77.45 -36.88 24.57
C ALA K 36 -77.33 -37.21 23.08
N GLY K 37 -76.26 -36.72 22.45
CA GLY K 37 -76.06 -36.97 21.04
C GLY K 37 -75.95 -38.44 20.67
N LEU K 38 -75.20 -39.21 21.46
CA LEU K 38 -75.01 -40.63 21.20
C LEU K 38 -76.28 -41.44 21.37
N GLU K 39 -77.14 -41.07 22.33
CA GLU K 39 -78.38 -41.81 22.54
C GLU K 39 -79.35 -41.42 21.44
N ALA K 40 -79.26 -40.17 20.99
CA ALA K 40 -80.11 -39.70 19.92
C ALA K 40 -79.75 -40.44 18.63
N ALA K 41 -78.45 -40.58 18.36
CA ALA K 41 -78.00 -41.29 17.15
C ALA K 41 -78.54 -42.72 17.18
N LYS K 42 -78.50 -43.30 18.37
CA LYS K 42 -78.97 -44.65 18.63
C LYS K 42 -80.48 -44.82 18.42
N ALA K 43 -81.25 -43.80 18.83
CA ALA K 43 -82.71 -43.83 18.69
C ALA K 43 -83.16 -43.68 17.24
N LEU K 44 -82.50 -42.78 16.50
CA LEU K 44 -82.84 -42.55 15.10
C LEU K 44 -82.55 -43.82 14.31
N THR K 45 -81.38 -44.39 14.56
CA THR K 45 -80.95 -45.61 13.91
C THR K 45 -81.96 -46.75 14.09
N SER K 46 -82.52 -46.88 15.29
CA SER K 46 -83.47 -47.93 15.58
C SER K 46 -84.78 -47.78 14.82
N LYS K 47 -85.14 -46.55 14.46
CA LYS K 47 -86.37 -46.34 13.71
C LYS K 47 -86.11 -45.76 12.34
N ALA K 48 -84.93 -46.05 11.79
CA ALA K 48 -84.56 -45.55 10.47
C ALA K 48 -85.51 -46.03 9.38
N ASP K 49 -85.90 -47.29 9.45
CA ASP K 49 -86.82 -47.86 8.47
C ASP K 49 -88.16 -47.12 8.39
N SER K 50 -88.82 -46.91 9.53
CA SER K 50 -90.11 -46.21 9.50
C SER K 50 -89.94 -44.73 9.20
N LEU K 51 -88.80 -44.16 9.57
CA LEU K 51 -88.53 -42.76 9.30
C LEU K 51 -88.28 -42.55 7.81
N ILE K 52 -87.48 -43.42 7.22
CA ILE K 52 -87.17 -43.32 5.79
C ILE K 52 -88.41 -43.54 4.93
N SER K 53 -89.09 -44.66 5.14
CA SER K 53 -90.28 -44.95 4.35
C SER K 53 -91.35 -43.88 4.58
N GLY K 54 -91.45 -43.41 5.81
CA GLY K 54 -92.43 -42.38 6.12
C GLY K 54 -92.11 -41.06 5.45
N ALA K 55 -90.84 -40.66 5.52
CA ALA K 55 -90.43 -39.39 4.90
C ALA K 55 -90.62 -39.43 3.39
N ALA K 56 -90.38 -40.60 2.80
CA ALA K 56 -90.54 -40.75 1.36
C ALA K 56 -92.02 -40.53 0.99
N GLN K 57 -92.91 -41.13 1.77
CA GLN K 57 -94.33 -41.00 1.51
C GLN K 57 -94.75 -39.54 1.68
N ALA K 58 -94.10 -38.86 2.61
CA ALA K 58 -94.38 -37.45 2.86
C ALA K 58 -94.09 -36.66 1.58
N VAL K 59 -92.98 -37.01 0.93
CA VAL K 59 -92.59 -36.31 -0.30
C VAL K 59 -93.57 -36.60 -1.42
N TYR K 60 -93.99 -37.85 -1.56
CA TYR K 60 -94.92 -38.23 -2.62
C TYR K 60 -96.31 -37.61 -2.42
N ASN K 61 -96.72 -37.43 -1.18
CA ASN K 61 -98.04 -36.84 -0.90
C ASN K 61 -98.04 -35.38 -1.32
N LYS K 62 -96.98 -34.65 -0.97
CA LYS K 62 -96.90 -33.24 -1.30
C LYS K 62 -96.61 -33.03 -2.78
N PHE K 63 -95.73 -33.85 -3.33
CA PHE K 63 -95.36 -33.75 -4.74
C PHE K 63 -95.81 -35.02 -5.47
N PRO K 64 -97.13 -35.18 -5.65
CA PRO K 64 -97.61 -36.39 -6.33
C PRO K 64 -97.10 -36.60 -7.76
N TYR K 65 -96.80 -35.53 -8.47
CA TYR K 65 -96.31 -35.69 -9.83
C TYR K 65 -95.05 -36.54 -9.89
N THR K 66 -94.31 -36.61 -8.78
CA THR K 66 -93.08 -37.38 -8.74
C THR K 66 -93.29 -38.90 -8.81
N THR K 67 -94.52 -39.34 -8.59
CA THR K 67 -94.80 -40.77 -8.68
C THR K 67 -95.62 -41.02 -9.94
N GLN K 68 -95.63 -40.04 -10.84
CA GLN K 68 -96.38 -40.17 -12.08
C GLN K 68 -95.58 -39.88 -13.36
N MET K 69 -94.78 -38.82 -13.36
CA MET K 69 -93.99 -38.47 -14.56
C MET K 69 -92.94 -39.51 -14.92
N GLN K 70 -92.65 -39.63 -16.21
CA GLN K 70 -91.73 -40.64 -16.73
C GLN K 70 -90.20 -40.51 -16.59
N GLY K 71 -89.68 -39.29 -16.56
CA GLY K 71 -88.23 -39.13 -16.45
C GLY K 71 -87.47 -40.00 -15.45
N PRO K 72 -86.14 -40.16 -15.64
CA PRO K 72 -85.32 -40.96 -14.73
C PRO K 72 -85.11 -40.23 -13.40
N ASN K 73 -85.43 -38.94 -13.39
CA ASN K 73 -85.29 -38.14 -12.18
C ASN K 73 -86.51 -38.29 -11.25
N TYR K 74 -87.56 -38.95 -11.74
CA TYR K 74 -88.75 -39.14 -10.92
C TYR K 74 -88.88 -40.55 -10.34
N ALA K 75 -89.91 -40.75 -9.51
CA ALA K 75 -90.14 -42.04 -8.86
C ALA K 75 -91.47 -42.69 -9.28
N ALA K 76 -91.72 -42.74 -10.58
CA ALA K 76 -92.94 -43.34 -11.09
C ALA K 76 -92.78 -44.84 -11.24
N ASP K 77 -91.55 -45.33 -11.10
CA ASP K 77 -91.25 -46.76 -11.18
C ASP K 77 -90.48 -47.18 -9.94
N GLN K 78 -90.31 -48.48 -9.74
CA GLN K 78 -89.61 -48.97 -8.55
C GLN K 78 -88.17 -48.45 -8.49
N ARG K 79 -87.51 -48.39 -9.63
CA ARG K 79 -86.13 -47.88 -9.69
C ARG K 79 -86.03 -46.51 -9.01
N GLY K 80 -86.93 -45.60 -9.38
CA GLY K 80 -86.94 -44.26 -8.83
C GLY K 80 -87.28 -44.21 -7.36
N LYS K 81 -88.25 -45.01 -6.93
CA LYS K 81 -88.61 -45.02 -5.53
C LYS K 81 -87.46 -45.53 -4.69
N ASP K 82 -86.65 -46.44 -5.24
CA ASP K 82 -85.51 -46.96 -4.51
C ASP K 82 -84.40 -45.89 -4.43
N LYS K 83 -84.18 -45.18 -5.53
CA LYS K 83 -83.18 -44.11 -5.53
C LYS K 83 -83.59 -43.09 -4.48
N CYS K 84 -84.88 -42.82 -4.40
CA CYS K 84 -85.41 -41.85 -3.45
C CYS K 84 -85.21 -42.30 -2.02
N ALA K 85 -85.72 -43.49 -1.68
CA ALA K 85 -85.57 -44.02 -0.33
C ALA K 85 -84.09 -44.04 0.05
N ARG K 86 -83.25 -44.40 -0.93
CA ARG K 86 -81.81 -44.45 -0.73
C ARG K 86 -81.28 -43.09 -0.30
N ASP K 87 -81.63 -42.06 -1.06
CA ASP K 87 -81.19 -40.69 -0.78
C ASP K 87 -81.63 -40.21 0.60
N ILE K 88 -82.90 -40.44 0.93
CA ILE K 88 -83.42 -40.03 2.22
C ILE K 88 -82.66 -40.75 3.32
N GLY K 89 -82.33 -42.03 3.08
CA GLY K 89 -81.56 -42.80 4.05
C GLY K 89 -80.18 -42.20 4.23
N TYR K 90 -79.62 -41.65 3.16
CA TYR K 90 -78.31 -41.06 3.26
C TYR K 90 -78.43 -39.85 4.19
N TYR K 91 -79.42 -39.00 3.96
CA TYR K 91 -79.59 -37.85 4.84
C TYR K 91 -79.72 -38.27 6.31
N LEU K 92 -80.58 -39.25 6.58
CA LEU K 92 -80.77 -39.70 7.96
C LEU K 92 -79.44 -40.20 8.55
N ARG K 93 -78.71 -40.99 7.77
CA ARG K 93 -77.43 -41.51 8.22
C ARG K 93 -76.48 -40.36 8.55
N MET K 94 -76.42 -39.34 7.69
CA MET K 94 -75.53 -38.20 7.95
C MET K 94 -75.91 -37.50 9.26
N VAL K 95 -77.20 -37.46 9.55
CA VAL K 95 -77.65 -36.81 10.77
C VAL K 95 -77.14 -37.59 11.98
N THR K 96 -77.18 -38.92 11.90
CA THR K 96 -76.68 -39.72 13.01
C THR K 96 -75.18 -39.50 13.16
N TYR K 97 -74.48 -39.34 12.03
CA TYR K 97 -73.04 -39.10 12.07
C TYR K 97 -72.73 -37.77 12.73
N CYS K 98 -73.51 -36.74 12.41
CA CYS K 98 -73.30 -35.43 13.01
C CYS K 98 -73.50 -35.49 14.52
N LEU K 99 -74.55 -36.20 14.95
CA LEU K 99 -74.84 -36.35 16.37
C LEU K 99 -73.68 -37.04 17.09
N ILE K 100 -73.09 -38.02 16.41
CA ILE K 100 -71.98 -38.78 16.98
C ILE K 100 -70.72 -37.92 17.07
N ALA K 101 -70.43 -37.19 16.00
CA ALA K 101 -69.25 -36.35 15.95
C ALA K 101 -69.45 -35.05 16.73
N GLY K 102 -70.71 -34.63 16.86
CA GLY K 102 -71.00 -33.41 17.58
C GLY K 102 -70.86 -32.19 16.68
N GLY K 103 -71.01 -32.40 15.37
CA GLY K 103 -70.90 -31.30 14.43
C GLY K 103 -71.38 -31.66 13.03
N THR K 104 -71.60 -30.64 12.21
CA THR K 104 -72.08 -30.83 10.84
C THR K 104 -71.01 -31.44 9.91
N GLY K 105 -69.78 -31.55 10.40
CA GLY K 105 -68.69 -32.08 9.61
C GLY K 105 -69.00 -33.25 8.68
N PRO K 106 -69.49 -34.36 9.23
CA PRO K 106 -69.82 -35.53 8.39
C PRO K 106 -70.72 -35.16 7.23
N MET K 107 -71.78 -34.41 7.52
CA MET K 107 -72.72 -34.01 6.48
C MET K 107 -72.06 -33.08 5.47
N ASP K 108 -71.23 -32.16 5.95
CA ASP K 108 -70.54 -31.23 5.06
C ASP K 108 -69.64 -31.99 4.08
N GLU K 109 -68.83 -32.88 4.64
CA GLU K 109 -67.87 -33.66 3.86
C GLU K 109 -68.47 -34.67 2.89
N TYR K 110 -69.43 -35.46 3.39
CA TYR K 110 -70.01 -36.51 2.57
C TYR K 110 -71.26 -36.18 1.73
N LEU K 111 -72.03 -35.19 2.14
CA LEU K 111 -73.26 -34.87 1.40
C LEU K 111 -73.45 -33.48 0.85
N ILE K 112 -73.20 -32.45 1.66
CA ILE K 112 -73.41 -31.07 1.23
C ILE K 112 -72.46 -30.52 0.16
N ALA K 113 -71.16 -30.78 0.31
CA ALA K 113 -70.21 -30.28 -0.68
C ALA K 113 -70.48 -30.92 -2.04
N GLY K 114 -70.96 -30.12 -2.99
CA GLY K 114 -71.25 -30.63 -4.32
C GLY K 114 -72.69 -31.04 -4.56
N ILE K 115 -73.51 -31.07 -3.51
CA ILE K 115 -74.90 -31.47 -3.68
C ILE K 115 -75.64 -30.58 -4.68
N ASP K 116 -75.21 -29.32 -4.80
CA ASP K 116 -75.84 -28.40 -5.74
C ASP K 116 -75.68 -28.91 -7.17
N GLU K 117 -74.44 -29.27 -7.52
CA GLU K 117 -74.12 -29.78 -8.85
C GLU K 117 -74.90 -31.05 -9.18
N ILE K 118 -75.03 -31.93 -8.19
CA ILE K 118 -75.76 -33.18 -8.39
C ILE K 118 -77.23 -32.92 -8.71
N ASN K 119 -77.90 -32.16 -7.86
CA ASN K 119 -79.31 -31.86 -8.05
C ASN K 119 -79.61 -31.13 -9.36
N ARG K 120 -78.72 -30.21 -9.75
CA ARG K 120 -78.93 -29.48 -10.99
C ARG K 120 -78.71 -30.41 -12.17
N THR K 121 -77.63 -31.17 -12.12
CA THR K 121 -77.29 -32.10 -13.19
C THR K 121 -78.35 -33.17 -13.43
N PHE K 122 -78.81 -33.80 -12.35
CA PHE K 122 -79.82 -34.85 -12.46
C PHE K 122 -81.25 -34.35 -12.32
N GLU K 123 -81.42 -33.04 -12.31
CA GLU K 123 -82.73 -32.43 -12.19
C GLU K 123 -83.55 -32.98 -11.02
N LEU K 124 -82.95 -32.91 -9.83
CA LEU K 124 -83.63 -33.34 -8.61
C LEU K 124 -83.97 -32.04 -7.90
N SER K 125 -85.19 -31.95 -7.37
CA SER K 125 -85.61 -30.72 -6.70
C SER K 125 -85.30 -30.66 -5.20
N PRO K 126 -84.62 -29.60 -4.76
CA PRO K 126 -84.26 -29.43 -3.35
C PRO K 126 -85.51 -29.49 -2.45
N SER K 127 -86.63 -29.07 -3.01
CA SER K 127 -87.91 -29.07 -2.29
C SER K 127 -88.33 -30.46 -1.84
N TRP K 128 -88.09 -31.47 -2.68
CA TRP K 128 -88.47 -32.84 -2.32
C TRP K 128 -87.78 -33.27 -1.04
N TYR K 129 -86.49 -32.99 -0.98
CA TYR K 129 -85.67 -33.34 0.16
C TYR K 129 -86.04 -32.51 1.37
N ILE K 130 -86.33 -31.25 1.16
CA ILE K 130 -86.72 -30.39 2.27
C ILE K 130 -87.92 -30.99 2.99
N GLU K 131 -88.90 -31.48 2.24
CA GLU K 131 -90.09 -32.08 2.83
C GLU K 131 -89.75 -33.33 3.65
N ALA K 132 -88.87 -34.17 3.10
CA ALA K 132 -88.45 -35.38 3.79
C ALA K 132 -87.83 -35.01 5.14
N LEU K 133 -86.97 -33.99 5.12
CA LEU K 133 -86.31 -33.51 6.34
C LEU K 133 -87.33 -33.02 7.37
N LYS K 134 -88.31 -32.25 6.92
CA LYS K 134 -89.33 -31.75 7.83
C LYS K 134 -90.11 -32.92 8.43
N TYR K 135 -90.32 -33.96 7.64
CA TYR K 135 -91.03 -35.13 8.15
C TYR K 135 -90.23 -35.83 9.24
N ILE K 136 -88.92 -35.85 9.09
CA ILE K 136 -88.08 -36.51 10.09
C ILE K 136 -88.08 -35.70 11.38
N LYS K 137 -88.01 -34.38 11.26
CA LYS K 137 -88.00 -33.50 12.43
C LYS K 137 -89.23 -33.77 13.29
N ALA K 138 -90.39 -33.83 12.63
CA ALA K 138 -91.65 -34.03 13.30
C ALA K 138 -91.90 -35.45 13.82
N ASN K 139 -91.22 -36.44 13.25
CA ASN K 139 -91.49 -37.82 13.65
C ASN K 139 -90.42 -38.68 14.32
N HIS K 140 -89.24 -38.13 14.57
CA HIS K 140 -88.20 -38.95 15.18
C HIS K 140 -88.52 -39.36 16.62
N GLY K 141 -89.38 -38.60 17.27
CA GLY K 141 -89.75 -38.92 18.65
C GLY K 141 -88.69 -38.67 19.70
N LEU K 142 -87.70 -37.83 19.39
CA LEU K 142 -86.64 -37.52 20.34
C LEU K 142 -87.13 -36.45 21.34
N SER K 143 -86.43 -36.35 22.47
CA SER K 143 -86.79 -35.38 23.49
C SER K 143 -85.56 -34.65 24.00
N GLY K 144 -85.77 -33.52 24.66
CA GLY K 144 -84.67 -32.76 25.23
C GLY K 144 -83.56 -32.38 24.27
N ASP K 145 -82.33 -32.36 24.77
CA ASP K 145 -81.16 -32.00 23.96
C ASP K 145 -81.00 -32.91 22.74
N ALA K 146 -81.32 -34.19 22.90
CA ALA K 146 -81.21 -35.12 21.79
C ALA K 146 -81.99 -34.57 20.59
N ALA K 147 -83.20 -34.10 20.86
CA ALA K 147 -84.06 -33.54 19.82
C ALA K 147 -83.53 -32.21 19.30
N THR K 148 -83.11 -31.32 20.20
CA THR K 148 -82.61 -30.02 19.77
C THR K 148 -81.38 -30.15 18.88
N GLU K 149 -80.44 -31.00 19.26
CA GLU K 149 -79.24 -31.17 18.43
C GLU K 149 -79.59 -31.83 17.10
N ALA K 150 -80.42 -32.87 17.15
CA ALA K 150 -80.82 -33.56 15.93
C ALA K 150 -81.54 -32.57 15.02
N ASN K 151 -82.48 -31.83 15.59
CA ASN K 151 -83.23 -30.84 14.83
C ASN K 151 -82.33 -29.78 14.23
N SER K 152 -81.21 -29.48 14.89
CA SER K 152 -80.31 -28.47 14.36
C SER K 152 -79.66 -28.98 13.06
N TYR K 153 -79.29 -30.26 13.01
CA TYR K 153 -78.68 -30.82 11.79
C TYR K 153 -79.70 -30.96 10.67
N LEU K 154 -80.94 -31.27 11.02
CA LEU K 154 -81.99 -31.41 10.03
C LEU K 154 -82.27 -30.04 9.37
N ASP K 155 -82.35 -29.00 10.20
CA ASP K 155 -82.58 -27.65 9.66
C ASP K 155 -81.32 -27.17 8.92
N TYR K 156 -80.16 -27.64 9.37
CA TYR K 156 -78.92 -27.25 8.73
C TYR K 156 -78.97 -27.76 7.28
N ALA K 157 -79.48 -28.97 7.10
CA ALA K 157 -79.58 -29.52 5.77
C ALA K 157 -80.61 -28.74 4.97
N ILE K 158 -81.73 -28.42 5.62
CA ILE K 158 -82.77 -27.66 4.94
C ILE K 158 -82.22 -26.32 4.47
N ASN K 159 -81.45 -25.65 5.32
CA ASN K 159 -80.86 -24.37 4.97
C ASN K 159 -79.87 -24.50 3.81
N ALA K 160 -79.08 -25.57 3.82
CA ALA K 160 -78.11 -25.77 2.75
C ALA K 160 -78.81 -26.01 1.41
N LEU K 161 -80.07 -26.41 1.45
CA LEU K 161 -80.84 -26.69 0.24
C LEU K 161 -81.79 -25.57 -0.17
N SER K 162 -81.71 -24.42 0.50
CA SER K 162 -82.56 -23.29 0.19
C SER K 162 -81.82 -21.97 0.39
N MET L 1 -57.26 -34.68 9.63
CA MET L 1 -57.21 -35.47 10.89
C MET L 1 -58.59 -35.96 11.33
N PHE L 2 -58.59 -36.90 12.26
CA PHE L 2 -59.81 -37.47 12.82
C PHE L 2 -59.71 -37.42 14.34
N ASP L 3 -60.85 -37.28 15.01
CA ASP L 3 -60.84 -37.36 16.46
C ASP L 3 -61.52 -38.70 16.73
N ALA L 4 -61.62 -39.11 17.99
CA ALA L 4 -62.22 -40.40 18.33
C ALA L 4 -63.58 -40.65 17.67
N PHE L 5 -64.39 -39.60 17.58
CA PHE L 5 -65.71 -39.72 16.97
C PHE L 5 -65.66 -39.84 15.44
N THR L 6 -65.02 -38.88 14.77
CA THR L 6 -64.95 -38.88 13.32
C THR L 6 -64.16 -40.05 12.74
N LYS L 7 -63.29 -40.65 13.53
CA LYS L 7 -62.53 -41.80 13.05
C LYS L 7 -63.53 -42.93 12.81
N VAL L 8 -64.44 -43.13 13.75
CA VAL L 8 -65.44 -44.17 13.62
C VAL L 8 -66.45 -43.81 12.53
N VAL L 9 -66.81 -42.53 12.46
CA VAL L 9 -67.76 -42.04 11.46
C VAL L 9 -67.27 -42.20 10.01
N SER L 10 -66.04 -41.80 9.71
CA SER L 10 -65.53 -41.95 8.34
C SER L 10 -65.48 -43.41 7.93
N GLN L 11 -65.13 -44.30 8.85
CA GLN L 11 -65.08 -45.72 8.53
C GLN L 11 -66.49 -46.23 8.27
N ALA L 12 -67.46 -45.70 8.99
CA ALA L 12 -68.85 -46.12 8.80
C ALA L 12 -69.38 -45.65 7.45
N ASP L 13 -69.02 -44.43 7.05
CA ASP L 13 -69.49 -43.90 5.78
C ASP L 13 -68.97 -44.74 4.62
N THR L 14 -67.73 -45.19 4.72
CA THR L 14 -67.15 -46.02 3.68
C THR L 14 -67.98 -47.27 3.46
N ARG L 15 -68.57 -47.79 4.54
CA ARG L 15 -69.41 -48.97 4.46
C ARG L 15 -70.85 -48.54 4.25
N GLY L 16 -71.09 -47.23 4.30
CA GLY L 16 -72.45 -46.72 4.14
C GLY L 16 -73.37 -47.25 5.21
N GLU L 17 -72.84 -47.40 6.42
CA GLU L 17 -73.65 -47.93 7.52
C GLU L 17 -73.69 -47.03 8.76
N MET L 18 -74.73 -47.22 9.55
CA MET L 18 -74.87 -46.47 10.78
C MET L 18 -74.14 -47.25 11.87
N LEU L 19 -73.55 -46.55 12.83
CA LEU L 19 -72.82 -47.22 13.90
C LEU L 19 -73.71 -48.21 14.63
N SER L 20 -73.16 -49.37 14.96
CA SER L 20 -73.92 -50.38 15.69
C SER L 20 -74.13 -49.87 17.11
N THR L 21 -75.03 -50.53 17.84
CA THR L 21 -75.29 -50.15 19.22
C THR L 21 -74.04 -50.35 20.09
N ALA L 22 -73.38 -51.48 19.92
CA ALA L 22 -72.18 -51.78 20.68
C ALA L 22 -71.10 -50.72 20.47
N GLN L 23 -70.93 -50.26 19.24
CA GLN L 23 -69.94 -49.23 18.93
C GLN L 23 -70.29 -47.95 19.66
N ILE L 24 -71.56 -47.56 19.59
CA ILE L 24 -72.02 -46.34 20.25
C ILE L 24 -71.77 -46.40 21.76
N ASP L 25 -71.94 -47.58 22.34
CA ASP L 25 -71.71 -47.75 23.78
C ASP L 25 -70.24 -47.54 24.13
N ALA L 26 -69.35 -47.95 23.24
CA ALA L 26 -67.92 -47.78 23.47
C ALA L 26 -67.59 -46.30 23.49
N LEU L 27 -68.16 -45.54 22.56
CA LEU L 27 -67.91 -44.11 22.52
C LEU L 27 -68.46 -43.44 23.77
N SER L 28 -69.54 -43.99 24.32
CA SER L 28 -70.14 -43.46 25.55
C SER L 28 -69.22 -43.67 26.74
N GLN L 29 -68.56 -44.83 26.76
CA GLN L 29 -67.64 -45.16 27.85
C GLN L 29 -66.42 -44.26 27.77
N MET L 30 -65.98 -43.99 26.55
CA MET L 30 -64.84 -43.11 26.35
C MET L 30 -65.23 -41.71 26.81
N VAL L 31 -66.48 -41.34 26.59
CA VAL L 31 -66.96 -40.02 27.01
C VAL L 31 -66.97 -39.98 28.55
N ALA L 32 -67.32 -41.11 29.16
CA ALA L 32 -67.39 -41.21 30.61
C ALA L 32 -66.03 -41.04 31.29
N GLU L 33 -64.95 -41.21 30.53
CA GLU L 33 -63.61 -41.07 31.06
C GLU L 33 -62.85 -39.87 30.50
N SER L 34 -63.57 -39.00 29.82
CA SER L 34 -62.96 -37.82 29.21
C SER L 34 -62.26 -36.87 30.18
N ASN L 35 -62.74 -36.77 31.42
CA ASN L 35 -62.09 -35.88 32.38
C ASN L 35 -60.61 -36.28 32.53
N LYS L 36 -60.36 -37.57 32.69
CA LYS L 36 -58.99 -38.07 32.84
C LYS L 36 -58.14 -37.64 31.66
N ARG L 37 -58.68 -37.83 30.47
CA ARG L 37 -58.00 -37.47 29.22
C ARG L 37 -57.60 -35.98 29.23
N LEU L 38 -58.52 -35.12 29.64
CA LEU L 38 -58.24 -33.68 29.66
C LEU L 38 -57.25 -33.27 30.76
N ASP L 39 -57.21 -34.04 31.85
CA ASP L 39 -56.26 -33.76 32.92
C ASP L 39 -54.86 -34.07 32.37
N ALA L 40 -54.76 -35.17 31.62
CA ALA L 40 -53.50 -35.58 31.04
C ALA L 40 -52.95 -34.49 30.12
N VAL L 41 -53.81 -33.98 29.25
CA VAL L 41 -53.42 -32.92 28.33
C VAL L 41 -52.94 -31.71 29.12
N ASN L 42 -53.76 -31.30 30.08
CA ASN L 42 -53.44 -30.15 30.93
C ASN L 42 -52.09 -30.31 31.60
N ARG L 43 -51.89 -31.47 32.22
CA ARG L 43 -50.65 -31.77 32.93
C ARG L 43 -49.41 -31.80 32.05
N ILE L 44 -49.49 -32.45 30.91
CA ILE L 44 -48.33 -32.49 30.02
C ILE L 44 -48.03 -31.09 29.47
N THR L 45 -49.06 -30.41 28.98
CA THR L 45 -48.87 -29.07 28.44
C THR L 45 -48.28 -28.15 29.50
N SER L 46 -48.84 -28.21 30.71
CA SER L 46 -48.37 -27.36 31.81
C SER L 46 -46.92 -27.58 32.19
N ASN L 47 -46.35 -28.73 31.79
CA ASN L 47 -44.96 -29.03 32.09
C ASN L 47 -44.13 -29.19 30.82
N ALA L 48 -44.65 -28.67 29.72
CA ALA L 48 -43.97 -28.78 28.43
C ALA L 48 -42.52 -28.33 28.44
N SER L 49 -42.28 -27.14 28.98
CA SER L 49 -40.91 -26.62 29.02
C SER L 49 -39.92 -27.47 29.78
N THR L 50 -40.29 -27.95 30.97
CA THR L 50 -39.36 -28.78 31.75
C THR L 50 -39.20 -30.15 31.10
N ILE L 51 -40.26 -30.66 30.50
CA ILE L 51 -40.20 -31.96 29.85
C ILE L 51 -39.19 -31.91 28.70
N VAL L 52 -39.24 -30.82 27.92
CA VAL L 52 -38.35 -30.64 26.79
C VAL L 52 -36.90 -30.42 27.21
N SER L 53 -36.66 -29.40 28.04
CA SER L 53 -35.31 -29.09 28.50
C SER L 53 -34.62 -30.20 29.29
N ASN L 54 -35.34 -30.83 30.22
CA ASN L 54 -34.74 -31.91 31.01
C ASN L 54 -34.37 -33.10 30.13
N ALA L 55 -35.21 -33.42 29.15
CA ALA L 55 -34.93 -34.53 28.25
C ALA L 55 -33.72 -34.17 27.40
N ALA L 56 -33.75 -32.98 26.82
CA ALA L 56 -32.66 -32.50 25.98
C ALA L 56 -31.31 -32.51 26.70
N ARG L 57 -31.26 -31.91 27.89
CA ARG L 57 -30.02 -31.85 28.65
C ARG L 57 -29.50 -33.24 28.92
N SER L 58 -30.42 -34.14 29.23
CA SER L 58 -30.07 -35.52 29.52
C SER L 58 -29.51 -36.20 28.28
N LEU L 59 -30.13 -35.93 27.13
CA LEU L 59 -29.68 -36.51 25.86
C LEU L 59 -28.28 -36.04 25.51
N PHE L 60 -28.04 -34.74 25.66
CA PHE L 60 -26.73 -34.19 25.33
C PHE L 60 -25.66 -34.70 26.30
N ALA L 61 -26.06 -34.96 27.54
CA ALA L 61 -25.13 -35.47 28.54
C ALA L 61 -24.72 -36.90 28.15
N GLU L 62 -25.68 -37.65 27.61
CA GLU L 62 -25.44 -39.02 27.19
C GLU L 62 -24.76 -39.13 25.82
N GLN L 63 -25.02 -38.17 24.95
CA GLN L 63 -24.43 -38.16 23.63
C GLN L 63 -23.74 -36.82 23.38
N PRO L 64 -22.57 -36.62 24.01
CA PRO L 64 -21.79 -35.38 23.88
C PRO L 64 -21.33 -35.10 22.45
N GLN L 65 -21.28 -36.16 21.64
CA GLN L 65 -20.88 -36.01 20.25
C GLN L 65 -21.88 -35.12 19.53
N LEU L 66 -23.11 -35.04 20.06
CA LEU L 66 -24.16 -34.22 19.46
C LEU L 66 -23.89 -32.73 19.56
N ILE L 67 -23.29 -32.31 20.66
CA ILE L 67 -23.01 -30.90 20.87
C ILE L 67 -21.57 -30.47 20.59
N ALA L 68 -20.66 -31.44 20.47
CA ALA L 68 -19.26 -31.11 20.20
C ALA L 68 -19.17 -30.44 18.83
N PRO L 69 -18.17 -29.55 18.65
CA PRO L 69 -18.01 -28.85 17.37
C PRO L 69 -18.11 -29.83 16.22
N GLY L 70 -18.94 -29.49 15.23
CA GLY L 70 -19.12 -30.38 14.10
C GLY L 70 -20.34 -31.26 14.32
N GLY L 71 -20.76 -31.43 15.57
CA GLY L 71 -21.91 -32.25 15.89
C GLY L 71 -23.19 -31.70 15.30
N MEN L 72 -24.20 -32.54 15.14
CA MEN L 72 -25.46 -32.10 14.56
C MEN L 72 -26.21 -31.04 15.39
O MEN L 72 -27.00 -30.26 14.85
CB MEN L 72 -26.40 -33.28 14.29
CG MEN L 72 -27.45 -32.95 13.25
OD1 MEN L 72 -28.65 -33.17 13.45
ND2 MEN L 72 -26.99 -32.39 12.13
CE2 MEN L 72 -27.90 -32.03 11.05
N ALA L 73 -25.96 -31.02 16.70
CA ALA L 73 -26.62 -30.04 17.56
C ALA L 73 -25.69 -28.87 17.91
N TYR L 74 -24.56 -28.79 17.20
CA TYR L 74 -23.59 -27.72 17.42
C TYR L 74 -24.03 -26.44 16.69
N THR L 75 -23.72 -25.29 17.29
CA THR L 75 -24.08 -23.94 16.83
C THR L 75 -25.47 -23.63 17.39
N SER L 76 -25.69 -22.37 17.75
CA SER L 76 -26.98 -21.96 18.32
C SER L 76 -28.16 -22.30 17.44
N ARG L 77 -28.03 -22.03 16.15
CA ARG L 77 -29.11 -22.32 15.21
C ARG L 77 -29.51 -23.80 15.25
N ARG L 78 -28.54 -24.70 15.13
CA ARG L 78 -28.87 -26.14 15.15
C ARG L 78 -29.40 -26.59 16.50
N MET L 79 -28.81 -26.08 17.58
CA MET L 79 -29.30 -26.43 18.92
C MET L 79 -30.78 -26.02 19.03
N ALA L 80 -31.07 -24.76 18.69
CA ALA L 80 -32.43 -24.24 18.76
C ALA L 80 -33.40 -25.10 17.94
N ALA L 81 -33.00 -25.47 16.73
CA ALA L 81 -33.84 -26.30 15.87
C ALA L 81 -34.10 -27.65 16.55
N CYS L 82 -33.08 -28.18 17.22
CA CYS L 82 -33.22 -29.45 17.92
C CYS L 82 -34.23 -29.37 19.06
N LEU L 83 -34.12 -28.30 19.86
CA LEU L 83 -35.02 -28.10 20.99
C LEU L 83 -36.42 -27.92 20.45
N ARG L 84 -36.52 -27.20 19.33
CA ARG L 84 -37.79 -26.94 18.69
C ARG L 84 -38.48 -28.22 18.25
N ASP L 85 -37.72 -29.14 17.66
CA ASP L 85 -38.28 -30.42 17.22
C ASP L 85 -38.84 -31.19 18.41
N MET L 86 -38.12 -31.17 19.54
CA MET L 86 -38.58 -31.85 20.74
C MET L 86 -39.96 -31.31 21.10
N GLU L 87 -40.05 -29.99 21.19
CA GLU L 87 -41.29 -29.31 21.53
C GLU L 87 -42.39 -29.63 20.52
N ILE L 88 -42.03 -29.65 19.24
CA ILE L 88 -43.01 -29.93 18.20
C ILE L 88 -43.60 -31.33 18.38
N ILE L 89 -42.73 -32.32 18.55
CA ILE L 89 -43.17 -33.69 18.73
C ILE L 89 -44.06 -33.78 19.96
N LEU L 90 -43.61 -33.19 21.07
CA LEU L 90 -44.41 -33.21 22.30
C LEU L 90 -45.79 -32.62 22.03
N ARG L 91 -45.80 -31.47 21.37
CA ARG L 91 -47.05 -30.78 21.04
C ARG L 91 -48.02 -31.68 20.26
N TYR L 92 -47.55 -32.27 19.17
CA TYR L 92 -48.41 -33.13 18.38
C TYR L 92 -48.90 -34.35 19.18
N VAL L 93 -48.08 -34.82 20.11
CA VAL L 93 -48.50 -35.95 20.93
C VAL L 93 -49.66 -35.53 21.84
N THR L 94 -49.64 -34.29 22.33
CA THR L 94 -50.75 -33.85 23.20
C THR L 94 -51.99 -33.61 22.36
N TYR L 95 -51.82 -33.32 21.07
CA TYR L 95 -52.97 -33.13 20.19
C TYR L 95 -53.69 -34.46 20.06
N ALA L 96 -52.91 -35.53 19.90
CA ALA L 96 -53.45 -36.86 19.73
C ALA L 96 -54.17 -37.35 20.98
N VAL L 97 -53.65 -37.03 22.16
CA VAL L 97 -54.31 -37.44 23.40
C VAL L 97 -55.63 -36.69 23.55
N PHE L 98 -55.63 -35.41 23.19
CA PHE L 98 -56.83 -34.59 23.28
C PHE L 98 -57.89 -35.09 22.31
N ALA L 99 -57.51 -35.38 21.08
CA ALA L 99 -58.46 -35.85 20.07
C ALA L 99 -58.78 -37.34 20.22
N GLY L 100 -57.92 -38.07 20.93
CA GLY L 100 -58.15 -39.49 21.12
C GLY L 100 -57.95 -40.26 19.82
N ASP L 101 -57.01 -39.78 19.00
CA ASP L 101 -56.69 -40.41 17.73
C ASP L 101 -55.31 -39.93 17.28
N ALA L 102 -54.49 -40.86 16.80
CA ALA L 102 -53.13 -40.54 16.36
C ALA L 102 -53.00 -39.91 14.97
N SER L 103 -54.11 -39.74 14.26
CA SER L 103 -54.05 -39.16 12.93
C SER L 103 -53.37 -37.80 12.85
N VAL L 104 -53.62 -36.91 13.81
CA VAL L 104 -53.00 -35.60 13.74
C VAL L 104 -51.47 -35.75 13.85
N LEU L 105 -51.04 -36.62 14.74
CA LEU L 105 -49.63 -36.88 14.96
C LEU L 105 -48.99 -37.51 13.71
N GLU L 106 -49.60 -38.57 13.20
CA GLU L 106 -49.09 -39.25 12.02
C GLU L 106 -48.99 -38.34 10.79
N ASP L 107 -50.10 -37.70 10.44
CA ASP L 107 -50.15 -36.86 9.26
C ASP L 107 -49.37 -35.55 9.25
N ARG L 108 -49.47 -34.79 10.33
CA ARG L 108 -48.80 -33.50 10.35
C ARG L 108 -47.45 -33.45 11.04
N CYS L 109 -46.98 -34.58 11.56
CA CYS L 109 -45.70 -34.58 12.25
C CYS L 109 -44.72 -35.68 11.85
N LEU L 110 -45.13 -36.93 12.05
CA LEU L 110 -44.29 -38.09 11.76
C LEU L 110 -44.13 -38.49 10.29
N ASN L 111 -45.12 -38.17 9.47
CA ASN L 111 -45.05 -38.54 8.05
C ASN L 111 -43.95 -37.78 7.31
N GLY L 112 -42.95 -38.50 6.83
CA GLY L 112 -41.86 -37.89 6.10
C GLY L 112 -40.73 -37.33 6.97
N LEU L 113 -40.87 -37.47 8.28
CA LEU L 113 -39.86 -36.96 9.19
C LEU L 113 -38.55 -37.76 9.12
N ARG L 114 -38.66 -39.07 8.93
CA ARG L 114 -37.48 -39.91 8.83
C ARG L 114 -36.65 -39.49 7.62
N GLU L 115 -37.34 -39.17 6.53
CA GLU L 115 -36.68 -38.74 5.30
C GLU L 115 -36.06 -37.35 5.45
N THR L 116 -36.71 -36.50 6.25
CA THR L 116 -36.19 -35.16 6.49
C THR L 116 -34.85 -35.26 7.22
N TYR L 117 -34.82 -36.10 8.25
CA TYR L 117 -33.58 -36.29 9.01
C TYR L 117 -32.50 -36.95 8.16
N LEU L 118 -32.90 -37.91 7.33
CA LEU L 118 -31.93 -38.59 6.48
C LEU L 118 -31.19 -37.57 5.63
N ALA L 119 -31.94 -36.67 5.00
CA ALA L 119 -31.38 -35.65 4.12
C ALA L 119 -30.51 -34.60 4.82
N LEU L 120 -30.84 -34.29 6.08
CA LEU L 120 -30.09 -33.29 6.86
C LEU L 120 -28.86 -33.87 7.54
N GLY L 121 -28.89 -35.17 7.80
CA GLY L 121 -27.78 -35.79 8.48
C GLY L 121 -28.09 -35.87 9.97
N THR L 122 -29.32 -35.55 10.34
CA THR L 122 -29.75 -35.60 11.73
C THR L 122 -29.95 -37.06 12.10
N PRO L 123 -29.31 -37.53 13.19
CA PRO L 123 -29.43 -38.91 13.64
C PRO L 123 -30.78 -39.20 14.29
N GLY L 124 -31.63 -39.93 13.59
CA GLY L 124 -32.95 -40.25 14.12
C GLY L 124 -32.96 -41.07 15.39
N SER L 125 -31.97 -41.93 15.57
CA SER L 125 -31.91 -42.76 16.78
C SER L 125 -31.77 -41.84 17.97
N SER L 126 -30.98 -40.78 17.79
CA SER L 126 -30.75 -39.82 18.87
C SER L 126 -32.05 -39.08 19.17
N VAL L 127 -32.82 -38.76 18.14
CA VAL L 127 -34.10 -38.10 18.33
C VAL L 127 -34.99 -39.04 19.15
N ALA L 128 -35.01 -40.32 18.77
CA ALA L 128 -35.82 -41.31 19.47
C ALA L 128 -35.47 -41.35 20.96
N VAL L 129 -34.18 -41.30 21.27
CA VAL L 129 -33.74 -41.32 22.66
C VAL L 129 -34.37 -40.12 23.38
N GLY L 130 -34.30 -38.95 22.74
CA GLY L 130 -34.87 -37.76 23.33
C GLY L 130 -36.37 -37.89 23.54
N VAL L 131 -37.06 -38.46 22.56
CA VAL L 131 -38.50 -38.64 22.65
C VAL L 131 -38.83 -39.62 23.78
N GLY L 132 -38.05 -40.70 23.87
CA GLY L 132 -38.27 -41.67 24.92
C GLY L 132 -38.15 -41.04 26.30
N LYS L 133 -37.23 -40.08 26.45
CA LYS L 133 -37.06 -39.40 27.73
C LYS L 133 -38.25 -38.49 28.04
N MET L 134 -38.85 -37.92 27.00
CA MET L 134 -40.01 -37.06 27.21
C MET L 134 -41.20 -37.92 27.59
N LYS L 135 -41.33 -39.09 26.97
CA LYS L 135 -42.42 -39.99 27.27
C LYS L 135 -42.41 -40.32 28.76
N GLU L 136 -41.30 -40.91 29.22
CA GLU L 136 -41.17 -41.29 30.61
C GLU L 136 -41.51 -40.14 31.55
N ALA L 137 -40.97 -38.95 31.27
CA ALA L 137 -41.23 -37.79 32.11
C ALA L 137 -42.70 -37.36 32.06
N ALA L 138 -43.28 -37.38 30.87
CA ALA L 138 -44.68 -36.99 30.70
C ALA L 138 -45.61 -37.97 31.43
N LEU L 139 -45.35 -39.27 31.28
CA LEU L 139 -46.17 -40.29 31.92
C LEU L 139 -46.11 -40.17 33.44
N ALA L 140 -44.96 -39.73 33.96
CA ALA L 140 -44.82 -39.57 35.41
C ALA L 140 -45.68 -38.41 35.88
N ILE L 141 -45.74 -37.36 35.06
CA ILE L 141 -46.55 -36.19 35.40
C ILE L 141 -48.04 -36.56 35.32
N VAL L 142 -48.38 -37.45 34.40
CA VAL L 142 -49.76 -37.88 34.25
C VAL L 142 -50.20 -38.75 35.41
N ASN L 143 -49.34 -39.70 35.79
CA ASN L 143 -49.64 -40.62 36.89
C ASN L 143 -49.49 -40.03 38.30
N ASP L 144 -48.97 -38.81 38.41
CA ASP L 144 -48.79 -38.20 39.72
C ASP L 144 -50.14 -38.08 40.43
N PRO L 145 -50.30 -38.79 41.57
CA PRO L 145 -51.53 -38.79 42.37
C PRO L 145 -51.82 -37.51 43.17
N ALA L 146 -50.82 -36.65 43.30
CA ALA L 146 -50.99 -35.41 44.06
C ALA L 146 -51.92 -34.39 43.41
N GLY L 147 -52.76 -33.77 44.24
CA GLY L 147 -53.68 -32.74 43.77
C GLY L 147 -54.68 -33.11 42.69
N ILE L 148 -55.24 -34.32 42.79
CA ILE L 148 -56.21 -34.75 41.79
C ILE L 148 -57.11 -35.83 42.39
N THR L 149 -58.33 -35.94 41.87
CA THR L 149 -59.27 -36.94 42.35
C THR L 149 -58.71 -38.31 42.02
N PRO L 150 -58.47 -39.14 43.05
CA PRO L 150 -57.93 -40.49 42.85
C PRO L 150 -58.78 -41.36 41.93
N GLY L 151 -58.11 -42.06 41.01
CA GLY L 151 -58.81 -42.92 40.08
C GLY L 151 -57.82 -43.68 39.22
N ASP L 152 -58.33 -44.51 38.32
CA ASP L 152 -57.48 -45.34 37.47
C ASP L 152 -57.26 -44.77 36.05
N CYS L 153 -56.03 -44.34 35.77
CA CYS L 153 -55.69 -43.79 34.45
C CYS L 153 -54.76 -44.69 33.67
N SER L 154 -54.70 -45.96 34.05
CA SER L 154 -53.82 -46.90 33.37
C SER L 154 -54.13 -47.03 31.88
N ALA L 155 -55.42 -47.07 31.53
CA ALA L 155 -55.83 -47.19 30.14
C ALA L 155 -55.34 -45.99 29.34
N LEU L 156 -55.58 -44.80 29.87
CA LEU L 156 -55.17 -43.57 29.24
C LEU L 156 -53.66 -43.50 29.08
N ALA L 157 -52.93 -43.83 30.14
CA ALA L 157 -51.47 -43.80 30.12
C ALA L 157 -50.93 -44.71 29.01
N SER L 158 -51.54 -45.88 28.85
CA SER L 158 -51.13 -46.81 27.80
C SER L 158 -51.33 -46.16 26.43
N GLU L 159 -52.46 -45.49 26.25
CA GLU L 159 -52.76 -44.81 24.99
C GLU L 159 -51.71 -43.73 24.76
N ILE L 160 -51.47 -42.92 25.79
CA ILE L 160 -50.49 -41.85 25.70
C ILE L 160 -49.13 -42.45 25.34
N ALA L 161 -48.74 -43.51 26.04
CA ALA L 161 -47.46 -44.16 25.77
C ALA L 161 -47.38 -44.64 24.33
N SER L 162 -48.50 -45.07 23.76
CA SER L 162 -48.49 -45.57 22.39
C SER L 162 -48.23 -44.45 21.37
N TYR L 163 -48.57 -43.21 21.72
CA TYR L 163 -48.32 -42.10 20.80
C TYR L 163 -46.82 -41.77 20.81
N PHE L 164 -46.22 -41.74 21.99
CA PHE L 164 -44.78 -41.47 22.07
C PHE L 164 -44.02 -42.54 21.30
N ASP L 165 -44.46 -43.80 21.41
CA ASP L 165 -43.78 -44.89 20.71
C ASP L 165 -43.92 -44.76 19.20
N ARG L 166 -45.03 -44.19 18.75
CA ARG L 166 -45.23 -43.99 17.31
C ARG L 166 -44.13 -43.05 16.80
N ALA L 167 -43.93 -41.94 17.51
CA ALA L 167 -42.92 -40.94 17.14
C ALA L 167 -41.52 -41.54 17.13
N CYS L 168 -41.18 -42.34 18.14
CA CYS L 168 -39.87 -42.97 18.19
C CYS L 168 -39.66 -43.90 17.01
N ALA L 169 -40.67 -44.72 16.72
CA ALA L 169 -40.59 -45.65 15.61
C ALA L 169 -40.51 -44.94 14.26
N ALA L 170 -41.10 -43.74 14.19
CA ALA L 170 -41.10 -42.95 12.96
C ALA L 170 -39.73 -42.35 12.63
N VAL L 171 -38.86 -42.27 13.61
CA VAL L 171 -37.52 -41.71 13.39
C VAL L 171 -36.37 -42.69 13.60
N SER L 172 -36.67 -43.86 14.16
CA SER L 172 -35.65 -44.88 14.39
C SER L 172 -35.27 -45.59 13.11
N MET M 1 54.32 27.49 -17.22
CA MET M 1 54.06 27.66 -18.69
C MET M 1 55.18 26.99 -19.47
N LYS M 2 54.84 26.13 -20.43
CA LYS M 2 55.90 25.45 -21.15
C LYS M 2 56.66 26.23 -22.23
N THR M 3 57.80 26.76 -21.83
CA THR M 3 58.71 27.48 -22.70
C THR M 3 60.07 27.05 -22.14
N PRO M 4 61.12 27.07 -22.96
CA PRO M 4 62.46 26.67 -22.51
C PRO M 4 62.99 27.39 -21.26
N LEU M 5 62.93 28.72 -21.28
CA LEU M 5 63.44 29.51 -20.17
C LEU M 5 62.66 29.33 -18.86
N THR M 6 61.33 29.31 -18.96
CA THR M 6 60.49 29.16 -17.80
C THR M 6 60.58 27.76 -17.18
N GLU M 7 60.57 26.72 -18.02
CA GLU M 7 60.66 25.37 -17.50
C GLU M 7 61.98 25.15 -16.80
N ALA M 8 63.06 25.62 -17.42
CA ALA M 8 64.40 25.49 -16.86
C ALA M 8 64.43 26.03 -15.43
N VAL M 9 63.94 27.26 -15.25
CA VAL M 9 63.92 27.86 -13.92
C VAL M 9 62.98 27.09 -12.98
N SER M 10 61.80 26.73 -13.47
CA SER M 10 60.83 26.00 -12.65
C SER M 10 61.39 24.69 -12.09
N ILE M 11 62.03 23.91 -12.95
CA ILE M 11 62.62 22.63 -12.54
C ILE M 11 63.70 22.84 -11.48
N ALA M 12 64.61 23.78 -11.76
CA ALA M 12 65.69 24.08 -10.84
C ALA M 12 65.13 24.48 -9.48
N ASP M 13 64.19 25.43 -9.49
CA ASP M 13 63.59 25.88 -8.24
C ASP M 13 62.91 24.71 -7.54
N SER M 14 62.28 23.86 -8.34
CA SER M 14 61.61 22.68 -7.85
C SER M 14 62.56 21.79 -7.05
N GLN M 15 63.81 21.76 -7.46
CA GLN M 15 64.82 20.94 -6.80
C GLN M 15 65.60 21.77 -5.78
N GLY M 16 65.21 23.03 -5.63
CA GLY M 16 65.89 23.92 -4.70
C GLY M 16 67.36 24.16 -5.05
N ARG M 17 67.67 24.23 -6.33
CA ARG M 17 69.07 24.45 -6.69
C ARG M 17 69.33 25.56 -7.68
N PHE M 18 70.57 26.05 -7.67
CA PHE M 18 71.01 27.08 -8.58
C PHE M 18 71.03 26.49 -9.97
N LEU M 19 70.98 27.36 -10.98
CA LEU M 19 71.03 26.92 -12.36
C LEU M 19 72.44 26.39 -12.59
N SER M 20 72.60 25.52 -13.58
CA SER M 20 73.89 24.96 -13.91
C SER M 20 73.99 24.83 -15.41
N SER M 21 75.03 24.14 -15.89
CA SER M 21 75.23 23.97 -17.32
C SER M 21 73.98 23.42 -18.03
N THR M 22 73.23 22.57 -17.33
CA THR M 22 72.03 22.01 -17.94
C THR M 22 71.07 23.12 -18.38
N GLU M 23 70.67 23.98 -17.44
CA GLU M 23 69.77 25.07 -17.78
C GLU M 23 70.40 26.04 -18.79
N ILE M 24 71.72 26.21 -18.74
CA ILE M 24 72.34 27.11 -19.69
C ILE M 24 72.25 26.54 -21.09
N GLN M 25 72.33 25.22 -21.20
CA GLN M 25 72.23 24.59 -22.51
C GLN M 25 70.81 24.71 -23.03
N VAL M 26 69.84 24.73 -22.12
CA VAL M 26 68.44 24.89 -22.52
C VAL M 26 68.31 26.27 -23.15
N ALA M 27 68.93 27.27 -22.52
CA ALA M 27 68.90 28.63 -23.02
C ALA M 27 69.55 28.70 -24.41
N PHE M 28 70.71 28.07 -24.58
CA PHE M 28 71.39 28.09 -25.88
C PHE M 28 70.45 27.59 -26.97
N GLY M 29 69.77 26.48 -26.68
CA GLY M 29 68.84 25.93 -27.64
C GLY M 29 67.76 26.93 -27.97
N ARG M 30 67.18 27.51 -26.92
CA ARG M 30 66.12 28.50 -27.07
C ARG M 30 66.51 29.70 -27.92
N PHE M 31 67.60 30.35 -27.51
CA PHE M 31 68.08 31.54 -28.21
C PHE M 31 68.55 31.27 -29.62
N ARG M 32 68.93 30.03 -29.90
CA ARG M 32 69.38 29.68 -31.24
C ARG M 32 68.15 29.56 -32.13
N GLN M 33 67.15 28.86 -31.63
CA GLN M 33 65.90 28.65 -32.36
C GLN M 33 65.05 29.93 -32.46
N ALA M 34 65.21 30.84 -31.50
CA ALA M 34 64.43 32.07 -31.50
C ALA M 34 64.45 32.87 -32.80
N LYS M 35 65.59 32.91 -33.47
CA LYS M 35 65.69 33.67 -34.72
C LYS M 35 64.61 33.20 -35.70
N ALA M 36 64.60 31.91 -35.99
CA ALA M 36 63.61 31.35 -36.91
C ALA M 36 62.21 31.66 -36.38
N GLY M 37 61.99 31.36 -35.10
CA GLY M 37 60.69 31.61 -34.51
C GLY M 37 60.21 33.04 -34.62
N LEU M 38 61.05 33.99 -34.23
CA LEU M 38 60.68 35.40 -34.30
C LEU M 38 60.36 35.82 -35.73
N GLU M 39 61.07 35.26 -36.70
CA GLU M 39 60.81 35.63 -38.09
C GLU M 39 59.52 34.97 -38.56
N ALA M 40 59.27 33.75 -38.10
CA ALA M 40 58.07 33.03 -38.47
C ALA M 40 56.85 33.80 -37.99
N ALA M 41 56.91 34.30 -36.75
CA ALA M 41 55.79 35.06 -36.20
C ALA M 41 55.52 36.31 -37.03
N LYS M 42 56.58 36.98 -37.47
CA LYS M 42 56.46 38.18 -38.30
C LYS M 42 55.76 37.87 -39.61
N ALA M 43 56.15 36.75 -40.23
CA ALA M 43 55.59 36.32 -41.49
C ALA M 43 54.12 35.92 -41.37
N LEU M 44 53.75 35.32 -40.23
CA LEU M 44 52.36 34.92 -40.03
C LEU M 44 51.50 36.14 -39.76
N THR M 45 52.08 37.11 -39.07
CA THR M 45 51.37 38.33 -38.72
C THR M 45 51.04 39.19 -39.94
N SER M 46 51.97 39.26 -40.90
CA SER M 46 51.73 40.07 -42.10
C SER M 46 50.76 39.39 -43.06
N LYS M 47 50.64 38.07 -42.94
CA LYS M 47 49.75 37.30 -43.80
C LYS M 47 48.54 36.82 -43.00
N ALA M 48 48.29 37.47 -41.88
CA ALA M 48 47.18 37.10 -41.00
C ALA M 48 45.82 37.08 -41.68
N ASP M 49 45.31 38.26 -42.05
CA ASP M 49 44.01 38.38 -42.69
C ASP M 49 43.75 37.34 -43.77
N SER M 50 44.71 37.19 -44.68
CA SER M 50 44.56 36.22 -45.74
C SER M 50 44.42 34.80 -45.17
N LEU M 51 45.22 34.47 -44.16
CA LEU M 51 45.17 33.15 -43.54
C LEU M 51 43.87 32.89 -42.81
N ILE M 52 43.46 33.84 -41.98
CA ILE M 52 42.22 33.70 -41.22
C ILE M 52 41.02 33.52 -42.14
N SER M 53 40.93 34.35 -43.18
CA SER M 53 39.82 34.26 -44.12
C SER M 53 39.86 32.96 -44.90
N GLY M 54 41.01 32.66 -45.47
CA GLY M 54 41.14 31.42 -46.23
C GLY M 54 40.91 30.20 -45.37
N ALA M 55 41.26 30.30 -44.09
CA ALA M 55 41.07 29.20 -43.16
C ALA M 55 39.58 29.06 -42.86
N ALA M 56 38.94 30.16 -42.49
CA ALA M 56 37.51 30.18 -42.18
C ALA M 56 36.74 29.59 -43.35
N GLN M 57 37.06 30.07 -44.55
CA GLN M 57 36.40 29.62 -45.77
C GLN M 57 36.61 28.12 -45.94
N ALA M 58 37.85 27.67 -45.77
CA ALA M 58 38.17 26.26 -45.90
C ALA M 58 37.24 25.42 -45.04
N VAL M 59 36.85 25.96 -43.89
CA VAL M 59 35.96 25.24 -42.99
C VAL M 59 34.58 25.12 -43.60
N TYR M 60 34.07 26.23 -44.13
CA TYR M 60 32.75 26.23 -44.75
C TYR M 60 32.70 25.29 -45.95
N ASN M 61 33.82 25.14 -46.64
CA ASN M 61 33.88 24.26 -47.80
C ASN M 61 33.84 22.78 -47.41
N LYS M 62 34.47 22.43 -46.30
CA LYS M 62 34.48 21.04 -45.85
C LYS M 62 33.19 20.68 -45.12
N PHE M 63 32.67 21.64 -44.37
CA PHE M 63 31.45 21.45 -43.60
C PHE M 63 30.44 22.51 -44.03
N PRO M 64 29.91 22.39 -45.26
CA PRO M 64 28.93 23.35 -45.81
C PRO M 64 27.73 23.63 -44.92
N TYR M 65 27.30 22.64 -44.15
CA TYR M 65 26.14 22.82 -43.28
C TYR M 65 26.33 23.91 -42.23
N THR M 66 27.58 24.21 -41.88
CA THR M 66 27.86 25.24 -40.88
C THR M 66 27.46 26.63 -41.35
N THR M 67 27.27 26.79 -42.66
CA THR M 67 26.87 28.07 -43.22
C THR M 67 25.40 28.01 -43.63
N GLN M 68 24.68 27.04 -43.08
CA GLN M 68 23.26 26.87 -43.40
C GLN M 68 22.36 26.67 -42.17
N MET M 69 22.74 25.71 -41.31
CA MET M 69 21.96 25.40 -40.11
C MET M 69 21.63 26.61 -39.25
N GLN M 70 20.48 26.54 -38.57
CA GLN M 70 19.97 27.62 -37.73
C GLN M 70 20.68 27.91 -36.41
N GLY M 71 21.09 26.87 -35.70
CA GLY M 71 21.76 27.06 -34.42
C GLY M 71 22.73 28.22 -34.25
N PRO M 72 22.80 28.81 -33.04
CA PRO M 72 23.70 29.93 -32.75
C PRO M 72 25.16 29.47 -32.70
N ASN M 73 25.35 28.16 -32.81
CA ASN M 73 26.69 27.58 -32.79
C ASN M 73 27.20 27.44 -34.21
N TYR M 74 26.37 27.87 -35.16
CA TYR M 74 26.73 27.79 -36.56
C TYR M 74 26.96 29.16 -37.18
N ALA M 75 27.51 29.18 -38.39
CA ALA M 75 27.79 30.43 -39.10
C ALA M 75 26.90 30.64 -40.32
N ALA M 76 25.59 30.53 -40.13
CA ALA M 76 24.63 30.72 -41.21
C ALA M 76 24.49 32.23 -41.43
N ASP M 77 24.56 32.98 -40.34
CA ASP M 77 24.45 34.44 -40.39
C ASP M 77 25.83 35.09 -40.22
N GLN M 78 25.85 36.42 -40.29
CA GLN M 78 27.08 37.19 -40.16
C GLN M 78 27.68 37.07 -38.76
N ARG M 79 26.81 36.96 -37.75
CA ARG M 79 27.24 36.83 -36.36
C ARG M 79 28.09 35.58 -36.18
N GLY M 80 27.59 34.44 -36.66
CA GLY M 80 28.33 33.21 -36.53
C GLY M 80 29.60 33.24 -37.34
N LYS M 81 29.55 33.88 -38.50
CA LYS M 81 30.71 33.99 -39.38
C LYS M 81 31.82 34.80 -38.70
N ASP M 82 31.43 35.80 -37.93
CA ASP M 82 32.39 36.63 -37.23
C ASP M 82 32.98 35.89 -36.02
N LYS M 83 32.14 35.12 -35.33
CA LYS M 83 32.61 34.36 -34.18
C LYS M 83 33.67 33.39 -34.70
N CYS M 84 33.37 32.76 -35.82
CA CYS M 84 34.25 31.78 -36.44
C CYS M 84 35.61 32.37 -36.84
N ALA M 85 35.57 33.50 -37.54
CA ALA M 85 36.80 34.16 -37.98
C ALA M 85 37.56 34.57 -36.73
N ARG M 86 36.85 35.12 -35.75
CA ARG M 86 37.47 35.54 -34.51
C ARG M 86 38.25 34.37 -33.90
N ASP M 87 37.57 33.25 -33.68
CA ASP M 87 38.19 32.06 -33.11
C ASP M 87 39.43 31.63 -33.86
N ILE M 88 39.32 31.61 -35.19
CA ILE M 88 40.43 31.21 -36.04
C ILE M 88 41.57 32.21 -35.87
N GLY M 89 41.22 33.46 -35.60
CA GLY M 89 42.22 34.49 -35.40
C GLY M 89 42.93 34.24 -34.08
N TYR M 90 42.17 33.73 -33.11
CA TYR M 90 42.71 33.42 -31.80
C TYR M 90 43.77 32.33 -31.92
N TYR M 91 43.45 31.27 -32.66
CA TYR M 91 44.40 30.17 -32.84
C TYR M 91 45.67 30.65 -33.54
N LEU M 92 45.52 31.45 -34.59
CA LEU M 92 46.67 31.96 -35.31
C LEU M 92 47.49 32.83 -34.38
N ARG M 93 46.81 33.69 -33.62
CA ARG M 93 47.49 34.59 -32.68
C ARG M 93 48.25 33.81 -31.62
N MET M 94 47.66 32.71 -31.15
CA MET M 94 48.32 31.88 -30.15
C MET M 94 49.56 31.26 -30.76
N VAL M 95 49.46 30.84 -32.01
CA VAL M 95 50.60 30.22 -32.67
C VAL M 95 51.78 31.18 -32.78
N THR M 96 51.51 32.45 -33.08
CA THR M 96 52.60 33.42 -33.19
C THR M 96 53.21 33.62 -31.80
N TYR M 97 52.37 33.55 -30.76
CA TYR M 97 52.83 33.69 -29.39
C TYR M 97 53.76 32.53 -29.03
N CYS M 98 53.43 31.35 -29.53
CA CYS M 98 54.23 30.17 -29.27
C CYS M 98 55.58 30.25 -29.97
N LEU M 99 55.60 30.86 -31.14
CA LEU M 99 56.84 31.00 -31.88
C LEU M 99 57.74 32.00 -31.16
N ILE M 100 57.13 33.06 -30.66
CA ILE M 100 57.85 34.10 -29.94
C ILE M 100 58.46 33.58 -28.64
N ALA M 101 57.68 32.80 -27.89
CA ALA M 101 58.14 32.24 -26.61
C ALA M 101 58.95 30.95 -26.76
N GLY M 102 58.79 30.30 -27.91
CA GLY M 102 59.49 29.04 -28.14
C GLY M 102 58.85 27.85 -27.44
N GLY M 103 57.53 27.88 -27.27
CA GLY M 103 56.85 26.78 -26.61
C GLY M 103 55.33 26.89 -26.65
N THR M 104 54.64 25.78 -26.36
CA THR M 104 53.19 25.77 -26.37
C THR M 104 52.59 26.57 -25.22
N GLY M 105 53.44 26.90 -24.24
CA GLY M 105 52.99 27.65 -23.07
C GLY M 105 51.87 28.65 -23.29
N PRO M 106 52.07 29.65 -24.16
CA PRO M 106 51.03 30.66 -24.41
C PRO M 106 49.69 30.07 -24.86
N MET M 107 49.74 29.11 -25.78
CA MET M 107 48.52 28.50 -26.28
C MET M 107 47.88 27.66 -25.17
N ASP M 108 48.70 26.94 -24.41
CA ASP M 108 48.20 26.11 -23.32
C ASP M 108 47.40 26.93 -22.33
N GLU M 109 48.01 28.02 -21.90
CA GLU M 109 47.41 28.88 -20.90
C GLU M 109 46.22 29.70 -21.37
N TYR M 110 46.27 30.20 -22.60
CA TYR M 110 45.18 31.03 -23.09
C TYR M 110 44.09 30.33 -23.88
N LEU M 111 44.40 29.18 -24.46
CA LEU M 111 43.40 28.52 -25.29
C LEU M 111 43.10 27.04 -25.05
N ILE M 112 44.14 26.22 -24.88
CA ILE M 112 43.93 24.79 -24.68
C ILE M 112 43.23 24.45 -23.37
N ALA M 113 43.72 25.03 -22.27
CA ALA M 113 43.14 24.77 -20.96
C ALA M 113 41.68 25.18 -20.93
N GLY M 114 40.79 24.19 -20.92
CA GLY M 114 39.36 24.48 -20.87
C GLY M 114 38.65 24.45 -22.21
N ILE M 115 39.40 24.28 -23.29
CA ILE M 115 38.78 24.27 -24.61
C ILE M 115 37.75 23.13 -24.73
N ASP M 116 37.98 22.04 -24.01
CA ASP M 116 37.06 20.90 -24.04
C ASP M 116 35.68 21.27 -23.51
N GLU M 117 35.65 21.98 -22.39
CA GLU M 117 34.38 22.39 -21.79
C GLU M 117 33.65 23.37 -22.69
N ILE M 118 34.39 24.32 -23.27
CA ILE M 118 33.80 25.31 -24.15
C ILE M 118 33.14 24.72 -25.38
N ASN M 119 33.86 23.88 -26.12
CA ASN M 119 33.31 23.27 -27.32
C ASN M 119 32.12 22.39 -27.02
N ARG M 120 32.11 21.81 -25.83
CA ARG M 120 31.01 20.94 -25.42
C ARG M 120 29.79 21.76 -25.03
N THR M 121 29.99 22.80 -24.22
CA THR M 121 28.89 23.64 -23.79
C THR M 121 28.19 24.39 -24.92
N PHE M 122 28.97 24.89 -25.88
CA PHE M 122 28.41 25.65 -27.01
C PHE M 122 28.25 24.82 -28.28
N GLU M 123 28.36 23.50 -28.13
CA GLU M 123 28.22 22.56 -29.23
C GLU M 123 28.97 22.95 -30.49
N LEU M 124 30.25 23.24 -30.33
CA LEU M 124 31.12 23.60 -31.44
C LEU M 124 31.93 22.33 -31.68
N SER M 125 32.10 21.94 -32.94
CA SER M 125 32.85 20.73 -33.24
C SER M 125 34.35 20.94 -33.37
N PRO M 126 35.14 20.07 -32.73
CA PRO M 126 36.60 20.18 -32.80
C PRO M 126 37.07 20.02 -34.25
N SER M 127 36.34 19.21 -35.01
CA SER M 127 36.67 18.96 -36.41
C SER M 127 36.68 20.22 -37.29
N TRP M 128 35.87 21.22 -36.93
CA TRP M 128 35.82 22.45 -37.70
C TRP M 128 37.17 23.14 -37.60
N TYR M 129 37.59 23.38 -36.37
CA TYR M 129 38.85 24.05 -36.10
C TYR M 129 40.03 23.27 -36.68
N ILE M 130 39.98 21.93 -36.58
CA ILE M 130 41.06 21.12 -37.13
C ILE M 130 41.26 21.44 -38.60
N GLU M 131 40.17 21.62 -39.33
CA GLU M 131 40.27 21.95 -40.75
C GLU M 131 40.89 23.33 -40.92
N ALA M 132 40.55 24.26 -40.03
CA ALA M 132 41.10 25.60 -40.11
C ALA M 132 42.62 25.59 -39.92
N LEU M 133 43.09 24.77 -39.01
CA LEU M 133 44.52 24.66 -38.72
C LEU M 133 45.26 24.00 -39.89
N LYS M 134 44.63 23.02 -40.53
CA LYS M 134 45.25 22.34 -41.66
C LYS M 134 45.45 23.32 -42.82
N TYR M 135 44.50 24.24 -42.97
CA TYR M 135 44.60 25.23 -44.03
C TYR M 135 45.76 26.17 -43.73
N ILE M 136 45.82 26.68 -42.51
CA ILE M 136 46.89 27.60 -42.13
C ILE M 136 48.23 26.94 -42.40
N LYS M 137 48.32 25.67 -42.03
CA LYS M 137 49.55 24.91 -42.24
C LYS M 137 49.92 24.81 -43.72
N ALA M 138 48.91 24.56 -44.56
CA ALA M 138 49.16 24.43 -45.99
C ALA M 138 49.35 25.75 -46.72
N ASN M 139 48.95 26.86 -46.10
CA ASN M 139 49.05 28.16 -46.74
C ASN M 139 49.92 29.25 -46.09
N HIS M 140 50.67 28.94 -45.05
CA HIS M 140 51.48 29.98 -44.44
C HIS M 140 52.70 30.33 -45.28
N GLY M 141 53.12 29.39 -46.12
CA GLY M 141 54.26 29.62 -46.99
C GLY M 141 55.62 29.70 -46.33
N LEU M 142 55.69 29.33 -45.05
CA LEU M 142 56.96 29.36 -44.33
C LEU M 142 57.88 28.27 -44.84
N SER M 143 59.18 28.47 -44.71
CA SER M 143 60.15 27.47 -45.15
C SER M 143 61.18 27.28 -44.04
N GLY M 144 62.00 26.25 -44.18
CA GLY M 144 63.02 25.99 -43.17
C GLY M 144 62.49 25.77 -41.76
N ASP M 145 63.36 26.02 -40.79
CA ASP M 145 63.01 25.85 -39.37
C ASP M 145 61.76 26.60 -38.98
N ALA M 146 61.55 27.77 -39.56
CA ALA M 146 60.37 28.56 -39.25
C ALA M 146 59.13 27.71 -39.47
N ALA M 147 59.05 27.06 -40.63
CA ALA M 147 57.92 26.21 -40.98
C ALA M 147 57.75 25.06 -39.99
N THR M 148 58.85 24.36 -39.70
CA THR M 148 58.80 23.22 -38.78
C THR M 148 58.30 23.58 -37.39
N GLU M 149 58.83 24.66 -36.82
CA GLU M 149 58.39 25.04 -35.48
C GLU M 149 56.93 25.47 -35.52
N ALA M 150 56.57 26.27 -36.51
CA ALA M 150 55.19 26.74 -36.65
C ALA M 150 54.27 25.54 -36.76
N ASN M 151 54.63 24.61 -37.64
CA ASN M 151 53.83 23.41 -37.83
C ASN M 151 53.68 22.58 -36.58
N SER M 152 54.72 22.55 -35.74
CA SER M 152 54.63 21.76 -34.52
C SER M 152 53.49 22.29 -33.66
N TYR M 153 53.34 23.60 -33.60
CA TYR M 153 52.27 24.19 -32.80
C TYR M 153 50.91 23.96 -33.45
N LEU M 154 50.84 24.13 -34.77
CA LEU M 154 49.60 23.91 -35.49
C LEU M 154 49.15 22.47 -35.28
N ASP M 155 50.09 21.53 -35.34
CA ASP M 155 49.78 20.12 -35.14
C ASP M 155 49.54 19.82 -33.67
N TYR M 156 50.09 20.65 -32.80
CA TYR M 156 49.88 20.47 -31.36
C TYR M 156 48.43 20.80 -31.10
N ALA M 157 47.97 21.90 -31.69
CA ALA M 157 46.58 22.32 -31.53
C ALA M 157 45.64 21.25 -32.08
N ILE M 158 45.99 20.69 -33.23
CA ILE M 158 45.19 19.66 -33.85
C ILE M 158 45.09 18.39 -32.99
N ASN M 159 46.15 18.08 -32.26
CA ASN M 159 46.12 16.89 -31.41
C ASN M 159 45.30 17.10 -30.15
N ALA M 160 45.22 18.35 -29.72
CA ALA M 160 44.46 18.69 -28.52
C ALA M 160 42.97 18.62 -28.83
N LEU M 161 42.64 18.67 -30.11
CA LEU M 161 41.26 18.63 -30.56
C LEU M 161 40.82 17.25 -31.06
N SER M 162 41.75 16.30 -31.11
CA SER M 162 41.44 14.94 -31.58
C SER M 162 41.94 13.86 -30.64
N MET N 1 55.20 32.35 -13.55
CA MET N 1 56.29 33.34 -13.79
C MET N 1 56.40 33.63 -15.27
N PHE N 2 57.13 34.67 -15.62
CA PHE N 2 57.32 35.05 -17.01
C PHE N 2 58.82 35.14 -17.30
N ASP N 3 59.17 34.98 -18.56
CA ASP N 3 60.56 35.15 -18.97
C ASP N 3 60.46 36.34 -19.93
N ALA N 4 61.58 36.85 -20.43
CA ALA N 4 61.52 38.02 -21.31
C ALA N 4 60.49 37.88 -22.43
N PHE N 5 60.42 36.69 -23.03
CA PHE N 5 59.49 36.43 -24.13
C PHE N 5 58.01 36.40 -23.69
N THR N 6 57.66 35.48 -22.79
CA THR N 6 56.28 35.37 -22.34
C THR N 6 55.75 36.63 -21.68
N LYS N 7 56.63 37.47 -21.17
CA LYS N 7 56.20 38.71 -20.53
C LYS N 7 55.59 39.61 -21.60
N VAL N 8 56.30 39.77 -22.72
CA VAL N 8 55.82 40.60 -23.81
C VAL N 8 54.57 39.94 -24.41
N VAL N 9 54.56 38.62 -24.45
CA VAL N 9 53.43 37.88 -24.98
C VAL N 9 52.15 38.07 -24.15
N SER N 10 52.28 38.02 -22.82
CA SER N 10 51.12 38.15 -21.97
C SER N 10 50.47 39.53 -22.08
N GLN N 11 51.27 40.60 -22.04
CA GLN N 11 50.68 41.92 -22.14
C GLN N 11 50.01 42.15 -23.50
N ALA N 12 50.56 41.51 -24.54
CA ALA N 12 49.98 41.63 -25.88
C ALA N 12 48.64 40.90 -25.92
N ASP N 13 48.56 39.76 -25.23
CA ASP N 13 47.33 39.00 -25.19
C ASP N 13 46.24 39.81 -24.49
N THR N 14 46.63 40.57 -23.48
CA THR N 14 45.69 41.41 -22.75
C THR N 14 45.07 42.42 -23.72
N ARG N 15 45.86 42.81 -24.71
CA ARG N 15 45.40 43.76 -25.73
C ARG N 15 44.81 42.99 -26.90
N GLY N 16 44.88 41.66 -26.81
CA GLY N 16 44.37 40.81 -27.86
C GLY N 16 45.01 41.07 -29.21
N GLU N 17 46.28 41.46 -29.20
CA GLU N 17 47.01 41.77 -30.44
C GLU N 17 48.27 40.92 -30.60
N MET N 18 48.72 40.80 -31.84
CA MET N 18 49.95 40.08 -32.11
C MET N 18 51.03 41.14 -31.93
N LEU N 19 52.27 40.73 -31.67
CA LEU N 19 53.33 41.71 -31.48
C LEU N 19 53.63 42.49 -32.74
N SER N 20 54.08 43.73 -32.57
CA SER N 20 54.41 44.57 -33.71
C SER N 20 55.81 44.20 -34.18
N THR N 21 56.21 44.73 -35.33
CA THR N 21 57.53 44.44 -35.86
C THR N 21 58.59 45.04 -34.94
N ALA N 22 58.26 46.15 -34.30
CA ALA N 22 59.17 46.81 -33.36
C ALA N 22 59.35 45.97 -32.11
N GLN N 23 58.25 45.42 -31.58
CA GLN N 23 58.31 44.58 -30.39
C GLN N 23 59.13 43.32 -30.66
N ILE N 24 58.96 42.74 -31.84
CA ILE N 24 59.70 41.53 -32.19
C ILE N 24 61.19 41.84 -32.36
N ASP N 25 61.52 42.98 -32.95
CA ASP N 25 62.91 43.37 -33.14
C ASP N 25 63.59 43.55 -31.78
N ALA N 26 62.88 44.17 -30.85
CA ALA N 26 63.41 44.37 -29.50
C ALA N 26 63.80 43.02 -28.93
N LEU N 27 62.98 42.00 -29.18
CA LEU N 27 63.26 40.67 -28.69
C LEU N 27 64.45 40.06 -29.45
N SER N 28 64.54 40.33 -30.76
CA SER N 28 65.65 39.83 -31.55
C SER N 28 66.96 40.40 -31.01
N GLN N 29 66.91 41.64 -30.56
CA GLN N 29 68.11 42.29 -30.03
C GLN N 29 68.52 41.70 -28.69
N MET N 30 67.56 41.32 -27.86
CA MET N 30 67.91 40.74 -26.58
C MET N 30 68.47 39.34 -26.85
N VAL N 31 67.99 38.70 -27.92
CA VAL N 31 68.47 37.37 -28.29
C VAL N 31 69.94 37.44 -28.67
N ALA N 32 70.31 38.49 -29.40
CA ALA N 32 71.68 38.68 -29.83
C ALA N 32 72.62 38.97 -28.67
N GLU N 33 72.05 39.32 -27.52
CA GLU N 33 72.85 39.64 -26.35
C GLU N 33 72.85 38.46 -25.38
N SER N 34 72.02 37.47 -25.67
CA SER N 34 71.87 36.30 -24.81
C SER N 34 73.15 35.69 -24.21
N ASN N 35 74.22 35.55 -24.99
CA ASN N 35 75.46 34.98 -24.49
C ASN N 35 75.98 35.68 -23.23
N LYS N 36 75.94 37.01 -23.22
CA LYS N 36 76.41 37.78 -22.07
C LYS N 36 75.59 37.39 -20.84
N ARG N 37 74.28 37.34 -21.04
CA ARG N 37 73.34 36.99 -20.00
C ARG N 37 73.67 35.64 -19.37
N LEU N 38 73.92 34.64 -20.21
CA LEU N 38 74.24 33.29 -19.72
C LEU N 38 75.58 33.26 -18.96
N ASP N 39 76.55 34.07 -19.36
CA ASP N 39 77.83 34.15 -18.65
C ASP N 39 77.62 34.75 -17.26
N ALA N 40 76.73 35.74 -17.18
CA ALA N 40 76.43 36.39 -15.90
C ALA N 40 75.89 35.34 -14.94
N VAL N 41 74.95 34.54 -15.44
CA VAL N 41 74.35 33.48 -14.65
C VAL N 41 75.39 32.43 -14.24
N ASN N 42 76.19 31.98 -15.19
CA ASN N 42 77.23 30.99 -14.89
C ASN N 42 78.27 31.50 -13.90
N ARG N 43 78.70 32.74 -14.08
CA ARG N 43 79.70 33.34 -13.20
C ARG N 43 79.20 33.58 -11.78
N ILE N 44 77.97 34.07 -11.63
CA ILE N 44 77.45 34.32 -10.29
C ILE N 44 77.21 32.97 -9.60
N THR N 45 76.64 32.04 -10.35
CA THR N 45 76.37 30.71 -9.84
C THR N 45 77.66 30.03 -9.36
N SER N 46 78.68 30.02 -10.21
CA SER N 46 79.95 29.39 -9.88
C SER N 46 80.67 30.01 -8.68
N ASN N 47 80.25 31.20 -8.25
CA ASN N 47 80.90 31.84 -7.11
C ASN N 47 79.90 32.09 -5.99
N ALA N 48 78.81 31.34 -5.99
CA ALA N 48 77.73 31.47 -5.00
C ALA N 48 78.17 31.35 -3.55
N SER N 49 78.92 30.30 -3.24
CA SER N 49 79.40 30.08 -1.88
C SER N 49 80.29 31.22 -1.40
N THR N 50 81.17 31.68 -2.29
CA THR N 50 82.07 32.78 -1.96
C THR N 50 81.27 34.06 -1.78
N ILE N 51 80.38 34.34 -2.74
CA ILE N 51 79.57 35.54 -2.67
C ILE N 51 78.79 35.58 -1.35
N VAL N 52 78.19 34.46 -0.96
CA VAL N 52 77.43 34.41 0.28
C VAL N 52 78.33 34.51 1.53
N SER N 53 79.37 33.70 1.59
CA SER N 53 80.25 33.72 2.76
C SER N 53 80.92 35.08 2.99
N ASN N 54 81.48 35.66 1.93
CA ASN N 54 82.12 36.98 2.06
C ASN N 54 81.10 38.05 2.46
N ALA N 55 79.94 38.05 1.80
CA ALA N 55 78.90 39.03 2.10
C ALA N 55 78.42 38.89 3.55
N ALA N 56 78.28 37.65 4.00
CA ALA N 56 77.86 37.40 5.38
C ALA N 56 78.93 37.86 6.36
N ARG N 57 80.18 37.53 6.08
CA ARG N 57 81.27 37.94 6.97
C ARG N 57 81.36 39.47 7.04
N SER N 58 81.21 40.12 5.89
CA SER N 58 81.26 41.58 5.85
C SER N 58 80.12 42.17 6.65
N LEU N 59 78.91 41.64 6.44
CA LEU N 59 77.73 42.12 7.16
C LEU N 59 77.95 42.05 8.66
N PHE N 60 78.37 40.88 9.16
CA PHE N 60 78.57 40.72 10.59
C PHE N 60 79.70 41.61 11.12
N ALA N 61 80.66 41.94 10.26
CA ALA N 61 81.76 42.81 10.68
C ALA N 61 81.24 44.24 10.85
N GLU N 62 80.37 44.67 9.95
CA GLU N 62 79.81 46.02 10.01
C GLU N 62 78.69 46.16 11.02
N GLN N 63 77.98 45.07 11.28
CA GLN N 63 76.88 45.10 12.25
C GLN N 63 76.99 43.97 13.25
N PRO N 64 77.98 44.07 14.15
CA PRO N 64 78.27 43.09 15.20
C PRO N 64 77.13 42.77 16.15
N GLN N 65 76.09 43.62 16.18
CA GLN N 65 74.98 43.37 17.08
C GLN N 65 74.21 42.13 16.64
N LEU N 66 74.27 41.80 15.36
CA LEU N 66 73.58 40.64 14.83
C LEU N 66 74.10 39.32 15.39
N ILE N 67 75.41 39.23 15.60
CA ILE N 67 76.01 38.01 16.13
C ILE N 67 76.25 37.99 17.63
N ALA N 68 76.08 39.14 18.28
CA ALA N 68 76.28 39.20 19.72
C ALA N 68 75.13 38.43 20.38
N PRO N 69 75.38 37.82 21.54
CA PRO N 69 74.28 37.07 22.20
C PRO N 69 73.04 37.95 22.21
N GLY N 70 71.91 37.39 21.82
CA GLY N 70 70.67 38.15 21.77
C GLY N 70 70.40 38.60 20.35
N GLY N 71 71.45 38.84 19.58
CA GLY N 71 71.31 39.27 18.20
C GLY N 71 70.49 38.26 17.42
N MEN N 72 69.85 38.71 16.33
CA MEN N 72 69.01 37.82 15.56
C MEN N 72 69.77 36.71 14.84
O MEN N 72 69.21 35.67 14.55
CB MEN N 72 68.17 38.60 14.54
CG MEN N 72 66.96 37.82 14.07
OD1 MEN N 72 66.76 37.64 12.86
ND2 MEN N 72 66.14 37.36 15.00
CE2 MEN N 72 64.94 36.60 14.66
N ALA N 73 71.04 36.93 14.54
CA ALA N 73 71.83 35.89 13.88
C ALA N 73 72.65 35.11 14.90
N TYR N 74 72.38 35.31 16.18
CA TYR N 74 73.09 34.60 17.24
C TYR N 74 72.46 33.21 17.42
N THR N 75 73.30 32.24 17.77
CA THR N 75 72.96 30.81 17.95
C THR N 75 73.15 30.19 16.58
N SER N 76 73.65 28.96 16.55
CA SER N 76 73.91 28.27 15.30
C SER N 76 72.70 28.15 14.38
N ARG N 77 71.54 27.84 14.94
CA ARG N 77 70.32 27.70 14.13
C ARG N 77 69.98 29.00 13.40
N ARG N 78 69.99 30.12 14.11
CA ARG N 78 69.67 31.40 13.48
C ARG N 78 70.74 31.77 12.47
N MET N 79 72.01 31.59 12.82
CA MET N 79 73.09 31.89 11.88
C MET N 79 72.88 31.06 10.59
N ALA N 80 72.60 29.76 10.76
CA ALA N 80 72.38 28.89 9.60
C ALA N 80 71.20 29.37 8.77
N ALA N 81 70.10 29.73 9.44
CA ALA N 81 68.92 30.23 8.73
C ALA N 81 69.27 31.49 7.95
N CYS N 82 70.05 32.37 8.56
CA CYS N 82 70.46 33.63 7.93
C CYS N 82 71.32 33.38 6.69
N LEU N 83 72.27 32.46 6.78
CA LEU N 83 73.12 32.14 5.64
C LEU N 83 72.23 31.57 4.54
N ARG N 84 71.28 30.73 4.94
CA ARG N 84 70.36 30.11 4.00
C ARG N 84 69.55 31.17 3.25
N ASP N 85 69.07 32.20 3.97
CA ASP N 85 68.31 33.27 3.33
C ASP N 85 69.19 33.97 2.30
N MET N 86 70.44 34.24 2.66
CA MET N 86 71.37 34.89 1.75
C MET N 86 71.41 34.06 0.47
N GLU N 87 71.73 32.79 0.63
CA GLU N 87 71.81 31.86 -0.49
C GLU N 87 70.51 31.79 -1.31
N ILE N 88 69.38 31.79 -0.63
CA ILE N 88 68.07 31.73 -1.30
C ILE N 88 67.81 32.96 -2.18
N ILE N 89 68.02 34.15 -1.63
CA ILE N 89 67.78 35.37 -2.41
C ILE N 89 68.72 35.45 -3.61
N LEU N 90 69.98 35.03 -3.44
CA LEU N 90 70.95 35.06 -4.52
C LEU N 90 70.50 34.10 -5.64
N ARG N 91 69.97 32.96 -5.23
CA ARG N 91 69.50 31.97 -6.19
C ARG N 91 68.36 32.54 -7.04
N TYR N 92 67.36 33.11 -6.39
CA TYR N 92 66.25 33.67 -7.12
C TYR N 92 66.68 34.84 -8.00
N VAL N 93 67.68 35.59 -7.54
CA VAL N 93 68.18 36.69 -8.34
C VAL N 93 68.77 36.15 -9.63
N THR N 94 69.52 35.04 -9.54
CA THR N 94 70.12 34.48 -10.74
C THR N 94 69.03 33.93 -11.66
N TYR N 95 67.93 33.48 -11.07
CA TYR N 95 66.82 32.97 -11.85
C TYR N 95 66.28 34.12 -12.71
N ALA N 96 66.11 35.29 -12.11
CA ALA N 96 65.60 36.46 -12.83
C ALA N 96 66.54 36.86 -13.96
N VAL N 97 67.84 36.82 -13.69
CA VAL N 97 68.83 37.17 -14.71
C VAL N 97 68.71 36.22 -15.89
N PHE N 98 68.53 34.94 -15.60
CA PHE N 98 68.41 33.90 -16.62
C PHE N 98 67.12 34.07 -17.41
N ALA N 99 66.00 34.22 -16.71
CA ALA N 99 64.71 34.37 -17.36
C ALA N 99 64.59 35.73 -18.04
N GLY N 100 65.31 36.73 -17.53
CA GLY N 100 65.23 38.06 -18.11
C GLY N 100 63.95 38.75 -17.65
N ASP N 101 63.47 38.38 -16.47
CA ASP N 101 62.26 38.96 -15.90
C ASP N 101 62.32 38.77 -14.39
N ALA N 102 61.91 39.80 -13.66
CA ALA N 102 61.94 39.76 -12.19
C ALA N 102 60.78 39.02 -11.56
N SER N 103 59.80 38.60 -12.35
CA SER N 103 58.63 37.93 -11.80
C SER N 103 58.91 36.74 -10.88
N VAL N 104 59.83 35.86 -11.27
CA VAL N 104 60.13 34.69 -10.43
C VAL N 104 60.68 35.12 -9.07
N LEU N 105 61.47 36.18 -9.08
CA LEU N 105 62.06 36.71 -7.86
C LEU N 105 60.96 37.33 -6.99
N GLU N 106 60.06 38.08 -7.62
CA GLU N 106 58.95 38.74 -6.94
C GLU N 106 57.89 37.77 -6.46
N ASP N 107 57.44 36.89 -7.36
CA ASP N 107 56.39 35.93 -7.06
C ASP N 107 56.73 34.81 -6.07
N ARG N 108 57.96 34.32 -6.09
CA ARG N 108 58.32 33.21 -5.22
C ARG N 108 59.27 33.50 -4.06
N CYS N 109 59.87 34.69 -4.07
CA CYS N 109 60.84 35.00 -3.03
C CYS N 109 60.56 36.24 -2.19
N LEU N 110 60.38 37.38 -2.85
CA LEU N 110 60.15 38.65 -2.17
C LEU N 110 58.73 38.87 -1.65
N ASN N 111 57.76 38.19 -2.26
CA ASN N 111 56.37 38.32 -1.87
C ASN N 111 56.10 37.83 -0.45
N GLY N 112 55.72 38.76 0.42
CA GLY N 112 55.42 38.41 1.80
C GLY N 112 56.63 38.17 2.68
N LEU N 113 57.81 38.53 2.18
CA LEU N 113 59.03 38.34 2.95
C LEU N 113 59.13 39.36 4.08
N ARG N 114 58.79 40.62 3.77
CA ARG N 114 58.82 41.68 4.78
C ARG N 114 58.00 41.29 6.00
N GLU N 115 56.77 40.85 5.75
CA GLU N 115 55.88 40.44 6.83
C GLU N 115 56.44 39.24 7.57
N THR N 116 57.17 38.40 6.86
CA THR N 116 57.78 37.23 7.48
C THR N 116 58.81 37.67 8.50
N TYR N 117 59.68 38.60 8.09
CA TYR N 117 60.71 39.09 8.99
C TYR N 117 60.14 39.89 10.14
N LEU N 118 59.04 40.60 9.88
CA LEU N 118 58.40 41.40 10.92
C LEU N 118 57.84 40.48 11.99
N ALA N 119 57.27 39.35 11.57
CA ALA N 119 56.70 38.39 12.51
C ALA N 119 57.80 37.68 13.30
N LEU N 120 58.90 37.38 12.62
CA LEU N 120 60.02 36.68 13.25
C LEU N 120 60.84 37.60 14.14
N GLY N 121 60.88 38.88 13.78
CA GLY N 121 61.67 39.82 14.55
C GLY N 121 63.04 39.95 13.90
N THR N 122 63.12 39.55 12.63
CA THR N 122 64.36 39.63 11.86
C THR N 122 64.45 41.03 11.28
N PRO N 123 65.59 41.70 11.48
CA PRO N 123 65.75 43.07 10.94
C PRO N 123 65.88 43.07 9.42
N GLY N 124 64.76 43.30 8.74
CA GLY N 124 64.73 43.33 7.30
C GLY N 124 65.78 44.21 6.65
N SER N 125 66.00 45.40 7.20
CA SER N 125 66.98 46.33 6.65
C SER N 125 68.38 45.73 6.68
N SER N 126 68.63 44.85 7.65
CA SER N 126 69.94 44.20 7.77
C SER N 126 70.03 43.14 6.68
N VAL N 127 68.89 42.52 6.38
CA VAL N 127 68.87 41.52 5.33
C VAL N 127 69.21 42.22 4.02
N ALA N 128 68.60 43.38 3.81
CA ALA N 128 68.82 44.18 2.61
C ALA N 128 70.30 44.50 2.44
N VAL N 129 70.97 44.79 3.54
CA VAL N 129 72.40 45.09 3.48
C VAL N 129 73.18 43.86 3.04
N GLY N 130 72.77 42.68 3.52
CA GLY N 130 73.44 41.46 3.13
C GLY N 130 73.34 41.30 1.63
N VAL N 131 72.13 41.48 1.11
CA VAL N 131 71.88 41.39 -0.31
C VAL N 131 72.71 42.42 -1.07
N GLY N 132 72.78 43.64 -0.53
CA GLY N 132 73.55 44.69 -1.17
C GLY N 132 75.02 44.33 -1.34
N LYS N 133 75.55 43.62 -0.36
CA LYS N 133 76.96 43.20 -0.41
C LYS N 133 77.13 42.11 -1.45
N MET N 134 76.17 41.21 -1.54
CA MET N 134 76.25 40.16 -2.55
C MET N 134 76.24 40.80 -3.92
N LYS N 135 75.42 41.84 -4.08
CA LYS N 135 75.32 42.54 -5.35
C LYS N 135 76.66 43.09 -5.84
N GLU N 136 77.36 43.81 -4.96
CA GLU N 136 78.64 44.39 -5.34
C GLU N 136 79.64 43.32 -5.77
N ALA N 137 79.70 42.22 -5.01
CA ALA N 137 80.62 41.14 -5.34
C ALA N 137 80.19 40.46 -6.64
N ALA N 138 78.90 40.18 -6.77
CA ALA N 138 78.36 39.54 -7.95
C ALA N 138 78.65 40.35 -9.22
N LEU N 139 78.44 41.66 -9.14
CA LEU N 139 78.69 42.54 -10.28
C LEU N 139 80.17 42.58 -10.65
N ALA N 140 81.03 42.62 -9.65
CA ALA N 140 82.47 42.64 -9.90
C ALA N 140 82.84 41.36 -10.64
N ILE N 141 82.25 40.25 -10.21
CA ILE N 141 82.51 38.95 -10.84
C ILE N 141 81.95 38.90 -12.26
N VAL N 142 80.78 39.50 -12.47
CA VAL N 142 80.19 39.52 -13.81
C VAL N 142 81.00 40.44 -14.74
N ASN N 143 81.48 41.56 -14.21
CA ASN N 143 82.24 42.53 -15.00
C ASN N 143 83.75 42.23 -15.15
N ASP N 144 84.20 41.11 -14.60
CA ASP N 144 85.62 40.77 -14.71
C ASP N 144 85.94 40.36 -16.14
N PRO N 145 86.83 41.12 -16.81
CA PRO N 145 87.26 40.88 -18.20
C PRO N 145 88.19 39.69 -18.41
N ALA N 146 88.71 39.12 -17.33
CA ALA N 146 89.62 37.99 -17.43
C ALA N 146 88.94 36.68 -17.86
N GLY N 147 89.53 36.01 -18.85
CA GLY N 147 89.01 34.74 -19.32
C GLY N 147 87.67 34.73 -20.01
N ILE N 148 87.37 35.77 -20.78
CA ILE N 148 86.07 35.82 -21.45
C ILE N 148 86.17 36.78 -22.63
N THR N 149 85.37 36.54 -23.67
CA THR N 149 85.40 37.42 -24.85
C THR N 149 85.01 38.84 -24.47
N PRO N 150 85.89 39.81 -24.77
CA PRO N 150 85.63 41.22 -24.44
C PRO N 150 84.37 41.75 -25.11
N GLY N 151 83.66 42.60 -24.37
CA GLY N 151 82.44 43.20 -24.87
C GLY N 151 81.79 44.08 -23.82
N ASP N 152 80.71 44.75 -24.19
CA ASP N 152 80.03 45.63 -23.25
C ASP N 152 78.86 44.96 -22.56
N CYS N 153 78.96 44.83 -21.24
CA CYS N 153 77.91 44.22 -20.44
C CYS N 153 77.26 45.24 -19.51
N SER N 154 77.53 46.53 -19.74
CA SER N 154 76.99 47.59 -18.90
C SER N 154 75.48 47.53 -18.77
N ALA N 155 74.77 47.37 -19.89
CA ALA N 155 73.31 47.31 -19.85
C ALA N 155 72.85 46.11 -19.02
N LEU N 156 73.46 44.95 -19.27
CA LEU N 156 73.11 43.74 -18.53
C LEU N 156 73.41 43.92 -17.05
N ALA N 157 74.51 44.61 -16.74
CA ALA N 157 74.90 44.88 -15.36
C ALA N 157 73.83 45.71 -14.64
N SER N 158 73.21 46.64 -15.36
CA SER N 158 72.16 47.48 -14.79
C SER N 158 70.93 46.63 -14.50
N GLU N 159 70.59 45.73 -15.42
CA GLU N 159 69.45 44.85 -15.22
C GLU N 159 69.72 43.95 -14.01
N ILE N 160 70.94 43.45 -13.91
CA ILE N 160 71.31 42.58 -12.79
C ILE N 160 71.21 43.35 -11.48
N ALA N 161 71.66 44.60 -11.50
CA ALA N 161 71.61 45.44 -10.31
C ALA N 161 70.17 45.73 -9.89
N SER N 162 69.26 45.82 -10.86
CA SER N 162 67.87 46.12 -10.55
C SER N 162 67.18 44.95 -9.86
N TYR N 163 67.61 43.73 -10.13
CA TYR N 163 67.01 42.59 -9.48
C TYR N 163 67.44 42.58 -8.02
N PHE N 164 68.74 42.76 -7.78
CA PHE N 164 69.25 42.80 -6.41
C PHE N 164 68.56 43.92 -5.63
N ASP N 165 68.47 45.10 -6.24
CA ASP N 165 67.84 46.26 -5.60
C ASP N 165 66.38 46.00 -5.28
N ARG N 166 65.72 45.25 -6.17
CA ARG N 166 64.32 44.93 -5.99
C ARG N 166 64.16 44.08 -4.73
N ALA N 167 65.09 43.14 -4.55
CA ALA N 167 65.05 42.27 -3.38
C ALA N 167 65.30 43.07 -2.10
N CYS N 168 66.11 44.11 -2.19
CA CYS N 168 66.43 44.96 -1.03
C CYS N 168 65.25 45.84 -0.62
N ALA N 169 64.55 46.40 -1.61
CA ALA N 169 63.40 47.25 -1.36
C ALA N 169 62.20 46.45 -0.85
N ALA N 170 62.24 45.14 -1.07
CA ALA N 170 61.14 44.26 -0.64
C ALA N 170 61.18 43.96 0.86
N VAL N 171 62.35 44.11 1.48
CA VAL N 171 62.51 43.83 2.90
C VAL N 171 62.89 45.08 3.69
N SER N 172 63.38 46.10 2.99
CA SER N 172 63.76 47.33 3.68
C SER N 172 62.49 48.08 4.06
N MET O 1 63.24 20.66 23.38
CA MET O 1 64.25 20.85 24.46
C MET O 1 64.40 19.53 25.22
N LYS O 2 65.57 18.90 25.09
CA LYS O 2 65.84 17.63 25.77
C LYS O 2 66.32 17.79 27.22
N THR O 3 65.36 17.85 28.14
CA THR O 3 65.64 17.95 29.57
C THR O 3 64.57 17.06 30.21
N PRO O 4 64.90 16.44 31.35
CA PRO O 4 63.92 15.57 32.02
C PRO O 4 62.51 16.17 32.16
N LEU O 5 62.39 17.27 32.91
CA LEU O 5 61.08 17.88 33.12
C LEU O 5 60.31 18.22 31.84
N THR O 6 60.97 18.85 30.89
CA THR O 6 60.33 19.23 29.64
C THR O 6 59.91 18.02 28.81
N GLU O 7 60.74 16.99 28.79
CA GLU O 7 60.43 15.77 28.06
C GLU O 7 59.24 15.05 28.67
N ALA O 8 59.20 14.99 29.99
CA ALA O 8 58.11 14.33 30.69
C ALA O 8 56.79 15.00 30.32
N VAL O 9 56.75 16.32 30.47
CA VAL O 9 55.56 17.09 30.15
C VAL O 9 55.18 16.94 28.68
N SER O 10 56.16 17.05 27.78
CA SER O 10 55.89 16.94 26.35
C SER O 10 55.29 15.59 25.95
N ILE O 11 55.79 14.52 26.55
CA ILE O 11 55.30 13.17 26.23
C ILE O 11 53.86 12.98 26.69
N ALA O 12 53.59 13.35 27.95
CA ALA O 12 52.24 13.23 28.50
C ALA O 12 51.26 14.08 27.70
N ASP O 13 51.64 15.33 27.41
CA ASP O 13 50.78 16.23 26.66
C ASP O 13 50.46 15.70 25.26
N SER O 14 51.44 15.11 24.60
CA SER O 14 51.20 14.56 23.28
C SER O 14 50.28 13.34 23.40
N GLN O 15 50.23 12.74 24.58
CA GLN O 15 49.38 11.57 24.79
C GLN O 15 48.05 12.01 25.39
N GLY O 16 47.92 13.31 25.63
CA GLY O 16 46.70 13.86 26.21
C GLY O 16 46.41 13.39 27.63
N ARG O 17 47.44 13.08 28.40
CA ARG O 17 47.20 12.61 29.75
C ARG O 17 47.88 13.35 30.89
N PHE O 18 47.29 13.23 32.07
CA PHE O 18 47.84 13.84 33.26
C PHE O 18 49.15 13.12 33.56
N LEU O 19 50.03 13.81 34.28
CA LEU O 19 51.29 13.23 34.69
C LEU O 19 50.99 12.09 35.67
N SER O 20 51.83 11.06 35.66
CA SER O 20 51.65 9.92 36.53
C SER O 20 52.98 9.56 37.20
N SER O 21 53.03 8.41 37.87
CA SER O 21 54.24 7.97 38.57
C SER O 21 55.47 7.96 37.67
N THR O 22 55.28 7.69 36.39
CA THR O 22 56.41 7.64 35.46
C THR O 22 57.10 9.00 35.38
N GLU O 23 56.32 10.06 35.13
CA GLU O 23 56.90 11.39 35.04
C GLU O 23 57.44 11.83 36.40
N ILE O 24 56.79 11.37 37.46
CA ILE O 24 57.22 11.69 38.82
C ILE O 24 58.62 11.12 39.05
N GLN O 25 58.84 9.87 38.60
CA GLN O 25 60.16 9.26 38.76
C GLN O 25 61.20 9.98 37.92
N VAL O 26 60.78 10.49 36.77
CA VAL O 26 61.69 11.24 35.90
C VAL O 26 62.15 12.48 36.68
N ALA O 27 61.20 13.14 37.35
CA ALA O 27 61.51 14.32 38.13
C ALA O 27 62.43 13.94 39.29
N PHE O 28 62.17 12.79 39.92
CA PHE O 28 63.03 12.33 41.03
C PHE O 28 64.45 12.19 40.55
N GLY O 29 64.62 11.57 39.38
CA GLY O 29 65.95 11.38 38.82
C GLY O 29 66.61 12.72 38.54
N ARG O 30 65.83 13.67 38.01
CA ARG O 30 66.36 14.99 37.70
C ARG O 30 66.82 15.70 38.96
N PHE O 31 65.92 15.85 39.91
CA PHE O 31 66.25 16.52 41.16
C PHE O 31 67.35 15.84 41.97
N ARG O 32 67.59 14.56 41.71
CA ARG O 32 68.66 13.83 42.39
C ARG O 32 69.99 14.23 41.76
N GLN O 33 70.00 14.27 40.43
CA GLN O 33 71.19 14.61 39.66
C GLN O 33 71.55 16.10 39.84
N ALA O 34 70.54 16.96 39.79
CA ALA O 34 70.72 18.41 39.93
C ALA O 34 71.66 18.83 41.05
N LYS O 35 71.74 18.03 42.11
CA LYS O 35 72.63 18.37 43.22
C LYS O 35 74.09 18.39 42.78
N ALA O 36 74.48 17.43 41.97
CA ALA O 36 75.83 17.34 41.47
C ALA O 36 76.02 18.32 40.32
N GLY O 37 75.03 18.36 39.42
CA GLY O 37 75.08 19.22 38.27
C GLY O 37 75.18 20.72 38.54
N LEU O 38 74.31 21.23 39.41
CA LEU O 38 74.34 22.66 39.72
C LEU O 38 75.72 23.07 40.25
N GLU O 39 76.31 22.22 41.09
CA GLU O 39 77.64 22.51 41.63
C GLU O 39 78.71 22.32 40.57
N ALA O 40 78.45 21.43 39.61
CA ALA O 40 79.42 21.21 38.53
C ALA O 40 79.41 22.47 37.66
N ALA O 41 78.23 23.06 37.49
CA ALA O 41 78.09 24.26 36.69
C ALA O 41 78.87 25.42 37.29
N LYS O 42 78.71 25.66 38.59
CA LYS O 42 79.43 26.78 39.21
C LYS O 42 80.93 26.49 39.28
N ALA O 43 81.28 25.21 39.41
CA ALA O 43 82.69 24.85 39.45
C ALA O 43 83.32 25.29 38.12
N LEU O 44 82.71 24.88 37.00
CA LEU O 44 83.21 25.23 35.68
C LEU O 44 83.18 26.74 35.47
N THR O 45 82.14 27.39 35.97
CA THR O 45 82.00 28.84 35.83
C THR O 45 83.14 29.60 36.50
N SER O 46 83.50 29.20 37.72
CA SER O 46 84.59 29.88 38.42
C SER O 46 85.93 29.63 37.74
N LYS O 47 86.01 28.55 36.96
CA LYS O 47 87.24 28.20 36.27
C LYS O 47 87.18 28.53 34.77
N ALA O 48 86.09 29.16 34.35
CA ALA O 48 85.87 29.53 32.94
C ALA O 48 87.08 30.12 32.21
N ASP O 49 87.63 31.21 32.71
CA ASP O 49 88.78 31.86 32.07
C ASP O 49 89.92 30.87 31.78
N SER O 50 90.38 30.18 32.82
CA SER O 50 91.46 29.23 32.69
C SER O 50 91.19 28.13 31.64
N LEU O 51 90.00 27.54 31.71
CA LEU O 51 89.61 26.47 30.78
C LEU O 51 89.49 26.95 29.34
N ILE O 52 88.96 28.14 29.13
CA ILE O 52 88.79 28.67 27.78
C ILE O 52 90.11 29.01 27.09
N SER O 53 90.97 29.79 27.74
CA SER O 53 92.24 30.12 27.12
C SER O 53 93.12 28.87 27.03
N GLY O 54 93.02 28.00 28.03
CA GLY O 54 93.80 26.77 27.99
C GLY O 54 93.37 25.89 26.83
N ALA O 55 92.06 25.76 26.64
CA ALA O 55 91.52 24.94 25.55
C ALA O 55 91.88 25.54 24.19
N ALA O 56 91.80 26.86 24.07
CA ALA O 56 92.15 27.52 22.81
C ALA O 56 93.62 27.23 22.50
N GLN O 57 94.48 27.31 23.52
CA GLN O 57 95.90 27.01 23.31
C GLN O 57 96.06 25.58 22.86
N ALA O 58 95.27 24.67 23.44
CA ALA O 58 95.35 23.25 23.10
C ALA O 58 95.06 23.02 21.64
N VAL O 59 94.15 23.82 21.07
CA VAL O 59 93.81 23.69 19.67
C VAL O 59 94.96 24.17 18.80
N TYR O 60 95.54 25.32 19.16
CA TYR O 60 96.67 25.87 18.42
C TYR O 60 97.87 24.94 18.52
N ASN O 61 97.96 24.19 19.61
CA ASN O 61 99.08 23.28 19.83
C ASN O 61 98.93 21.97 19.07
N LYS O 62 97.71 21.53 18.88
CA LYS O 62 97.45 20.30 18.14
C LYS O 62 97.46 20.62 16.64
N PHE O 63 97.05 21.84 16.32
CA PHE O 63 96.99 22.30 14.94
C PHE O 63 97.70 23.65 14.83
N PRO O 64 99.03 23.66 14.96
CA PRO O 64 99.84 24.89 14.89
C PRO O 64 99.71 25.75 13.63
N TYR O 65 99.22 25.17 12.54
CA TYR O 65 99.04 25.95 11.31
C TYR O 65 97.95 27.01 11.51
N THR O 66 97.09 26.82 12.51
CA THR O 66 96.02 27.77 12.77
C THR O 66 96.57 29.06 13.38
N THR O 67 97.83 29.05 13.80
CA THR O 67 98.44 30.23 14.41
C THR O 67 99.24 30.98 13.35
N GLN O 68 99.36 30.37 12.18
CA GLN O 68 100.15 30.93 11.10
C GLN O 68 99.46 31.23 9.78
N MET O 69 98.65 30.31 9.27
CA MET O 69 97.99 30.54 7.97
C MET O 69 97.14 31.80 7.84
N GLN O 70 97.24 32.43 6.67
CA GLN O 70 96.50 33.64 6.35
C GLN O 70 95.09 33.18 6.00
N GLY O 71 94.11 34.02 6.31
CA GLY O 71 92.74 33.64 6.00
C GLY O 71 91.85 33.97 7.18
N PRO O 72 90.61 34.40 6.93
CA PRO O 72 89.68 34.75 8.00
C PRO O 72 89.26 33.57 8.87
N ASN O 73 89.38 32.36 8.35
CA ASN O 73 88.98 31.18 9.13
C ASN O 73 90.03 30.73 10.15
N TYR O 74 91.23 31.30 10.08
CA TYR O 74 92.32 30.93 11.00
C TYR O 74 92.54 31.96 12.11
N ALA O 75 93.45 31.62 13.03
CA ALA O 75 93.76 32.50 14.14
C ALA O 75 95.21 32.98 14.16
N ALA O 76 95.72 33.43 13.02
CA ALA O 76 97.09 33.93 12.94
C ALA O 76 97.16 35.38 13.41
N ASP O 77 96.00 36.03 13.55
CA ASP O 77 95.98 37.42 14.01
C ASP O 77 95.14 37.49 15.27
N GLN O 78 95.03 38.67 15.87
CA GLN O 78 94.26 38.79 17.09
C GLN O 78 92.77 38.57 16.85
N ARG O 79 92.27 39.01 15.70
CA ARG O 79 90.86 38.85 15.35
C ARG O 79 90.44 37.38 15.40
N GLY O 80 91.25 36.53 14.77
CA GLY O 80 90.96 35.11 14.75
C GLY O 80 91.08 34.47 16.11
N LYS O 81 92.05 34.90 16.90
CA LYS O 81 92.23 34.34 18.23
C LYS O 81 91.03 34.64 19.10
N ASP O 82 90.49 35.85 18.99
CA ASP O 82 89.33 36.23 19.80
C ASP O 82 88.07 35.47 19.34
N LYS O 83 87.95 35.23 18.03
CA LYS O 83 86.82 34.48 17.49
C LYS O 83 86.85 33.07 18.07
N CYS O 84 88.03 32.48 18.07
CA CYS O 84 88.24 31.13 18.58
C CYS O 84 87.93 31.01 20.06
N ALA O 85 88.53 31.88 20.88
CA ALA O 85 88.29 31.84 22.32
C ALA O 85 86.80 32.09 22.57
N ARG O 86 86.19 32.91 21.72
CA ARG O 86 84.76 33.22 21.88
C ARG O 86 83.95 31.94 21.68
N ASP O 87 84.17 31.27 20.54
CA ASP O 87 83.46 30.02 20.24
C ASP O 87 83.63 29.01 21.38
N ILE O 88 84.87 28.81 21.83
CA ILE O 88 85.14 27.86 22.89
C ILE O 88 84.37 28.27 24.15
N GLY O 89 84.31 29.57 24.40
CA GLY O 89 83.57 30.06 25.55
C GLY O 89 82.13 29.64 25.37
N TYR O 90 81.62 29.72 24.13
CA TYR O 90 80.26 29.32 23.86
C TYR O 90 80.08 27.84 24.23
N TYR O 91 80.99 26.98 23.77
CA TYR O 91 80.87 25.56 24.09
C TYR O 91 80.83 25.30 25.58
N LEU O 92 81.78 25.87 26.31
CA LEU O 92 81.82 25.68 27.75
C LEU O 92 80.54 26.22 28.38
N ARG O 93 80.09 27.40 27.93
CA ARG O 93 78.88 27.97 28.48
C ARG O 93 77.71 27.01 28.25
N MET O 94 77.61 26.47 27.04
CA MET O 94 76.53 25.52 26.74
C MET O 94 76.57 24.33 27.70
N VAL O 95 77.77 23.88 28.05
CA VAL O 95 77.90 22.75 28.96
C VAL O 95 77.39 23.10 30.35
N THR O 96 77.64 24.32 30.83
CA THR O 96 77.13 24.67 32.15
C THR O 96 75.60 24.63 32.07
N TYR O 97 75.06 25.06 30.92
CA TYR O 97 73.61 25.09 30.70
C TYR O 97 73.00 23.69 30.75
N CYS O 98 73.66 22.74 30.11
CA CYS O 98 73.18 21.36 30.08
C CYS O 98 73.19 20.78 31.49
N LEU O 99 74.22 21.11 32.25
CA LEU O 99 74.35 20.63 33.61
C LEU O 99 73.24 21.22 34.48
N ILE O 100 72.91 22.47 34.22
CA ILE O 100 71.86 23.15 34.99
C ILE O 100 70.48 22.61 34.64
N ALA O 101 70.24 22.33 33.37
CA ALA O 101 68.94 21.83 32.93
C ALA O 101 68.81 20.29 32.99
N GLY O 102 69.94 19.60 33.10
CA GLY O 102 69.90 18.14 33.16
C GLY O 102 69.77 17.44 31.83
N GLY O 103 70.08 18.13 30.74
CA GLY O 103 69.96 17.51 29.43
C GLY O 103 70.76 18.27 28.39
N THR O 104 70.83 17.72 27.18
CA THR O 104 71.57 18.37 26.11
C THR O 104 70.74 19.47 25.47
N GLY O 105 69.51 19.63 25.95
CA GLY O 105 68.60 20.63 25.43
C GLY O 105 69.19 21.99 25.09
N PRO O 106 69.84 22.68 26.04
CA PRO O 106 70.43 23.99 25.75
C PRO O 106 71.43 23.97 24.60
N MET O 107 72.30 22.96 24.61
CA MET O 107 73.32 22.81 23.57
C MET O 107 72.69 22.49 22.21
N ASP O 108 71.66 21.66 22.20
CA ASP O 108 71.02 21.31 20.93
C ASP O 108 70.43 22.54 20.25
N GLU O 109 69.68 23.32 21.02
CA GLU O 109 69.02 24.49 20.47
C GLU O 109 69.89 25.69 20.16
N TYR O 110 70.85 25.99 21.04
CA TYR O 110 71.70 27.17 20.79
C TYR O 110 72.98 26.92 20.01
N LEU O 111 73.47 25.69 20.00
CA LEU O 111 74.73 25.41 19.32
C LEU O 111 74.78 24.27 18.31
N ILE O 112 74.20 23.11 18.63
CA ILE O 112 74.26 21.98 17.70
C ILE O 112 73.48 22.16 16.39
N ALA O 113 72.19 22.49 16.48
CA ALA O 113 71.38 22.68 15.29
C ALA O 113 72.02 23.72 14.37
N GLY O 114 72.45 23.28 13.19
CA GLY O 114 73.07 24.19 12.23
C GLY O 114 74.58 24.36 12.31
N ILE O 115 75.23 23.72 13.28
CA ILE O 115 76.68 23.88 13.42
C ILE O 115 77.40 23.40 12.16
N ASP O 116 76.82 22.43 11.46
CA ASP O 116 77.39 21.88 10.23
C ASP O 116 77.50 22.96 9.16
N GLU O 117 76.42 23.71 8.97
CA GLU O 117 76.35 24.78 7.98
C GLU O 117 77.38 25.85 8.25
N ILE O 118 77.54 26.18 9.52
CA ILE O 118 78.49 27.21 9.94
C ILE O 118 79.92 26.80 9.64
N ASN O 119 80.29 25.58 10.04
CA ASN O 119 81.64 25.09 9.80
C ASN O 119 81.99 24.94 8.32
N ARG O 120 81.02 24.55 7.50
CA ARG O 120 81.26 24.41 6.07
C ARG O 120 81.39 25.78 5.40
N THR O 121 80.51 26.70 5.79
CA THR O 121 80.49 28.05 5.21
C THR O 121 81.70 28.90 5.56
N PHE O 122 82.20 28.78 6.79
CA PHE O 122 83.35 29.57 7.21
C PHE O 122 84.64 28.74 7.24
N GLU O 123 84.57 27.54 6.69
CA GLU O 123 85.70 26.63 6.62
C GLU O 123 86.40 26.45 7.96
N LEU O 124 85.63 26.07 8.97
CA LEU O 124 86.16 25.82 10.30
C LEU O 124 86.15 24.31 10.45
N SER O 125 87.26 23.73 10.84
CA SER O 125 87.34 22.28 10.99
C SER O 125 86.77 21.79 12.31
N PRO O 126 85.78 20.89 12.26
CA PRO O 126 85.15 20.33 13.46
C PRO O 126 86.21 19.80 14.43
N SER O 127 87.31 19.28 13.87
CA SER O 127 88.43 18.71 14.62
C SER O 127 89.08 19.70 15.57
N TRP O 128 89.05 20.97 15.21
CA TRP O 128 89.64 22.01 16.05
C TRP O 128 88.87 22.07 17.37
N TYR O 129 87.55 22.09 17.26
CA TYR O 129 86.69 22.16 18.43
C TYR O 129 86.76 20.86 19.22
N ILE O 130 86.91 19.73 18.53
CA ILE O 130 87.00 18.47 19.22
C ILE O 130 88.18 18.47 20.19
N GLU O 131 89.32 19.05 19.78
CA GLU O 131 90.50 19.09 20.66
C GLU O 131 90.26 20.00 21.86
N ALA O 132 89.56 21.11 21.66
CA ALA O 132 89.28 22.03 22.77
C ALA O 132 88.39 21.33 23.79
N LEU O 133 87.47 20.52 23.30
CA LEU O 133 86.55 19.78 24.16
C LEU O 133 87.29 18.72 24.95
N LYS O 134 88.23 18.04 24.30
CA LYS O 134 89.00 17.01 24.98
C LYS O 134 89.82 17.66 26.09
N TYR O 135 90.40 18.82 25.79
CA TYR O 135 91.20 19.53 26.78
C TYR O 135 90.34 19.83 28.00
N ILE O 136 89.16 20.42 27.77
CA ILE O 136 88.27 20.74 28.86
C ILE O 136 87.95 19.51 29.69
N LYS O 137 87.73 18.38 29.04
CA LYS O 137 87.44 17.14 29.75
C LYS O 137 88.59 16.82 30.70
N ALA O 138 89.81 16.94 30.17
CA ALA O 138 91.02 16.63 30.91
C ALA O 138 91.46 17.68 31.93
N ASN O 139 90.81 18.84 31.95
CA ASN O 139 91.23 19.88 32.88
C ASN O 139 90.20 20.54 33.79
N HIS O 140 88.92 20.20 33.64
CA HIS O 140 87.91 20.82 34.49
C HIS O 140 88.10 20.39 35.95
N GLY O 141 88.82 19.28 36.15
CA GLY O 141 89.09 18.80 37.49
C GLY O 141 87.90 18.40 38.35
N LEU O 142 86.79 18.07 37.72
CA LEU O 142 85.60 17.65 38.47
C LEU O 142 85.74 16.19 38.88
N SER O 143 84.98 15.77 39.88
CA SER O 143 85.02 14.39 40.34
C SER O 143 83.61 13.85 40.54
N GLY O 144 83.50 12.52 40.59
CA GLY O 144 82.22 11.88 40.80
C GLY O 144 81.17 12.10 39.73
N ASP O 145 79.91 12.17 40.15
CA ASP O 145 78.80 12.37 39.23
C ASP O 145 78.92 13.69 38.47
N ALA O 146 79.52 14.70 39.11
CA ALA O 146 79.69 15.98 38.44
C ALA O 146 80.53 15.74 37.19
N ALA O 147 81.65 15.05 37.37
CA ALA O 147 82.54 14.75 36.26
C ALA O 147 81.86 13.90 35.20
N THR O 148 81.16 12.86 35.62
CA THR O 148 80.52 11.98 34.65
C THR O 148 79.52 12.71 33.75
N GLU O 149 78.64 13.52 34.35
CA GLU O 149 77.65 14.25 33.57
C GLU O 149 78.31 15.29 32.67
N ALA O 150 79.25 16.03 33.22
CA ALA O 150 79.93 17.05 32.44
C ALA O 150 80.59 16.41 31.23
N ASN O 151 81.25 15.28 31.44
CA ASN O 151 81.92 14.61 30.33
C ASN O 151 80.92 14.08 29.30
N SER O 152 79.72 13.71 29.75
CA SER O 152 78.72 13.19 28.85
C SER O 152 78.32 14.28 27.85
N TYR O 153 78.28 15.54 28.30
CA TYR O 153 77.93 16.65 27.42
C TYR O 153 79.11 17.00 26.52
N LEU O 154 80.29 17.06 27.10
CA LEU O 154 81.50 17.35 26.32
C LEU O 154 81.62 16.28 25.23
N ASP O 155 81.40 15.02 25.59
CA ASP O 155 81.48 13.93 24.61
C ASP O 155 80.32 13.98 23.63
N TYR O 156 79.19 14.53 24.07
CA TYR O 156 78.03 14.66 23.20
C TYR O 156 78.40 15.62 22.07
N ALA O 157 79.02 16.74 22.43
CA ALA O 157 79.43 17.75 21.45
C ALA O 157 80.47 17.17 20.48
N ILE O 158 81.38 16.36 21.00
CA ILE O 158 82.42 15.75 20.18
C ILE O 158 81.77 14.80 19.17
N ASN O 159 80.80 14.01 19.60
CA ASN O 159 80.12 13.08 18.71
C ASN O 159 79.38 13.83 17.60
N ALA O 160 78.80 14.98 17.96
CA ALA O 160 78.08 15.76 16.96
C ALA O 160 79.05 16.31 15.91
N LEU O 161 80.29 16.57 16.33
CA LEU O 161 81.30 17.13 15.44
C LEU O 161 82.07 16.08 14.65
N SER O 162 81.73 14.81 14.83
CA SER O 162 82.43 13.74 14.12
C SER O 162 81.51 12.60 13.70
N MET P 1 58.32 25.09 25.23
CA MET P 1 58.03 25.42 26.66
C MET P 1 59.30 25.45 27.49
N PHE P 2 59.20 25.98 28.70
CA PHE P 2 60.32 26.05 29.62
C PHE P 2 59.96 25.41 30.94
N ASP P 3 60.96 24.83 31.61
CA ASP P 3 60.75 24.29 32.94
C ASP P 3 61.58 25.28 33.78
N ALA P 4 61.52 25.17 35.10
CA ALA P 4 62.26 26.09 35.96
C ALA P 4 63.73 26.32 35.57
N PHE P 5 64.43 25.24 35.26
CA PHE P 5 65.84 25.31 34.88
C PHE P 5 66.07 26.01 33.53
N THR P 6 65.37 25.55 32.49
CA THR P 6 65.54 26.12 31.16
C THR P 6 65.06 27.56 31.05
N LYS P 7 64.18 27.98 31.96
CA LYS P 7 63.70 29.37 31.93
C LYS P 7 64.89 30.29 32.23
N VAL P 8 65.60 30.00 33.31
CA VAL P 8 66.74 30.81 33.71
C VAL P 8 67.87 30.68 32.69
N VAL P 9 68.06 29.48 32.14
CA VAL P 9 69.08 29.26 31.14
C VAL P 9 68.86 30.11 29.90
N SER P 10 67.63 30.09 29.37
CA SER P 10 67.33 30.87 28.17
C SER P 10 67.52 32.38 28.35
N GLN P 11 67.25 32.89 29.54
CA GLN P 11 67.42 34.31 29.81
C GLN P 11 68.90 34.62 29.86
N ALA P 12 69.67 33.70 30.44
CA ALA P 12 71.12 33.86 30.55
C ALA P 12 71.78 33.83 29.17
N ASP P 13 71.26 33.00 28.27
CA ASP P 13 71.82 32.91 26.92
C ASP P 13 71.60 34.22 26.17
N THR P 14 70.43 34.82 26.35
CA THR P 14 70.11 36.08 25.71
C THR P 14 71.17 37.12 26.04
N ARG P 15 71.64 37.09 27.27
CA ARG P 15 72.66 38.04 27.72
C ARG P 15 74.04 37.41 27.52
N GLY P 16 74.05 36.19 26.98
CA GLY P 16 75.32 35.49 26.75
C GLY P 16 76.15 35.31 28.01
N GLU P 17 75.50 35.05 29.13
CA GLU P 17 76.23 34.85 30.39
C GLU P 17 75.92 33.52 31.03
N MET P 18 76.85 33.08 31.88
CA MET P 18 76.65 31.84 32.62
C MET P 18 75.90 32.30 33.86
N LEU P 19 75.17 31.40 34.50
CA LEU P 19 74.40 31.77 35.68
C LEU P 19 75.28 32.26 36.81
N SER P 20 74.78 33.25 37.53
CA SER P 20 75.50 33.80 38.69
C SER P 20 75.29 32.82 39.84
N THR P 21 76.14 32.88 40.85
CA THR P 21 76.01 31.99 42.00
C THR P 21 74.63 32.17 42.65
N ALA P 22 74.14 33.40 42.67
CA ALA P 22 72.83 33.67 43.26
C ALA P 22 71.74 32.90 42.49
N GLN P 23 71.82 32.94 41.17
CA GLN P 23 70.85 32.24 40.32
C GLN P 23 70.91 30.73 40.54
N ILE P 24 72.12 30.18 40.57
CA ILE P 24 72.29 28.75 40.78
C ILE P 24 71.75 28.34 42.15
N ASP P 25 72.12 29.08 43.19
CA ASP P 25 71.67 28.77 44.55
C ASP P 25 70.14 28.79 44.64
N ALA P 26 69.52 29.69 43.90
CA ALA P 26 68.06 29.78 43.90
C ALA P 26 67.49 28.48 43.34
N LEU P 27 68.12 27.96 42.28
CA LEU P 27 67.65 26.72 41.67
C LEU P 27 67.89 25.56 42.62
N SER P 28 69.01 25.57 43.33
CA SER P 28 69.32 24.50 44.28
C SER P 28 68.25 24.46 45.37
N GLN P 29 67.71 25.63 45.70
CA GLN P 29 66.68 25.75 46.73
C GLN P 29 65.40 25.07 46.31
N MET P 30 64.95 25.35 45.08
CA MET P 30 63.72 24.75 44.60
C MET P 30 63.94 23.25 44.48
N VAL P 31 65.17 22.84 44.18
CA VAL P 31 65.50 21.42 44.07
C VAL P 31 65.33 20.79 45.45
N ALA P 32 65.79 21.50 46.47
CA ALA P 32 65.70 21.00 47.84
C ALA P 32 64.25 20.77 48.26
N GLU P 33 63.33 21.56 47.69
CA GLU P 33 61.92 21.44 48.03
C GLU P 33 61.08 20.72 46.98
N SER P 34 61.74 20.08 46.01
CA SER P 34 61.03 19.39 44.94
C SER P 34 60.04 18.31 45.37
N ASN P 35 60.35 17.55 46.42
CA ASN P 35 59.42 16.51 46.87
C ASN P 35 58.01 17.08 47.11
N LYS P 36 57.93 18.25 47.75
CA LYS P 36 56.64 18.89 48.02
C LYS P 36 55.92 19.23 46.72
N ARG P 37 56.68 19.66 45.72
CA ARG P 37 56.13 20.01 44.42
C ARG P 37 55.52 18.76 43.77
N LEU P 38 56.25 17.65 43.83
CA LEU P 38 55.77 16.41 43.25
C LEU P 38 54.54 15.89 43.99
N ASP P 39 54.52 16.03 45.32
CA ASP P 39 53.37 15.59 46.09
C ASP P 39 52.15 16.32 45.56
N ALA P 40 52.30 17.63 45.38
CA ALA P 40 51.20 18.46 44.87
C ALA P 40 50.68 17.92 43.55
N VAL P 41 51.59 17.64 42.63
CA VAL P 41 51.21 17.12 41.32
C VAL P 41 50.45 15.81 41.46
N ASN P 42 50.97 14.90 42.27
CA ASN P 42 50.31 13.62 42.47
C ASN P 42 48.97 13.73 43.17
N ARG P 43 48.83 14.68 44.10
CA ARG P 43 47.57 14.84 44.83
C ARG P 43 46.46 15.49 44.03
N ILE P 44 46.80 16.43 43.18
CA ILE P 44 45.79 17.07 42.35
C ILE P 44 45.41 16.10 41.24
N THR P 45 46.40 15.49 40.62
CA THR P 45 46.17 14.52 39.55
C THR P 45 45.29 13.36 40.03
N SER P 46 45.63 12.82 41.20
CA SER P 46 44.90 11.69 41.79
C SER P 46 43.44 12.02 42.13
N ASN P 47 43.10 13.30 42.19
CA ASN P 47 41.73 13.70 42.49
C ASN P 47 41.14 14.55 41.37
N ALA P 48 41.65 14.35 40.15
CA ALA P 48 41.23 15.12 38.99
C ALA P 48 39.74 15.06 38.67
N SER P 49 39.19 13.86 38.60
CA SER P 49 37.77 13.67 38.27
C SER P 49 36.82 14.31 39.28
N THR P 50 37.21 14.28 40.56
CA THR P 50 36.42 14.86 41.64
C THR P 50 36.48 16.38 41.59
N ILE P 51 37.69 16.90 41.37
CA ILE P 51 37.89 18.33 41.30
C ILE P 51 37.04 18.93 40.17
N VAL P 52 37.08 18.30 39.00
CA VAL P 52 36.32 18.75 37.85
C VAL P 52 34.81 18.60 38.04
N SER P 53 34.38 17.38 38.38
CA SER P 53 32.95 17.10 38.55
C SER P 53 32.28 17.92 39.66
N ASN P 54 32.94 18.07 40.81
CA ASN P 54 32.36 18.85 41.89
C ASN P 54 32.32 20.32 41.52
N ALA P 55 33.38 20.81 40.87
CA ALA P 55 33.45 22.20 40.46
C ALA P 55 32.38 22.50 39.42
N ALA P 56 32.17 21.55 38.51
CA ALA P 56 31.17 21.72 37.47
C ALA P 56 29.75 21.69 38.04
N ARG P 57 29.45 20.69 38.86
CA ARG P 57 28.12 20.57 39.46
C ARG P 57 27.76 21.88 40.14
N SER P 58 28.68 22.36 40.98
CA SER P 58 28.48 23.59 41.72
C SER P 58 28.27 24.80 40.80
N LEU P 59 28.96 24.82 39.67
CA LEU P 59 28.84 25.93 38.71
C LEU P 59 27.46 25.97 38.06
N PHE P 60 26.95 24.81 37.67
CA PHE P 60 25.65 24.73 37.03
C PHE P 60 24.53 25.04 38.03
N ALA P 61 24.71 24.64 39.27
CA ALA P 61 23.72 24.88 40.30
C ALA P 61 23.70 26.36 40.65
N GLU P 62 24.82 27.00 40.41
CA GLU P 62 25.01 28.42 40.70
C GLU P 62 24.55 29.28 39.52
N GLN P 63 24.69 28.73 38.31
CA GLN P 63 24.29 29.44 37.12
C GLN P 63 23.42 28.56 36.24
N PRO P 64 22.16 28.34 36.65
CA PRO P 64 21.21 27.50 35.91
C PRO P 64 21.02 27.83 34.43
N GLN P 65 21.31 29.06 34.04
CA GLN P 65 21.15 29.45 32.64
C GLN P 65 22.08 28.65 31.73
N LEU P 66 23.18 28.16 32.27
CA LEU P 66 24.16 27.40 31.51
C LEU P 66 23.64 26.06 31.00
N ILE P 67 22.83 25.39 31.79
CA ILE P 67 22.30 24.10 31.39
C ILE P 67 20.87 24.17 30.91
N ALA P 68 20.21 25.30 31.12
CA ALA P 68 18.84 25.49 30.66
C ALA P 68 18.85 25.39 29.13
N PRO P 69 17.77 24.86 28.53
CA PRO P 69 17.73 24.73 27.07
C PRO P 69 18.17 26.03 26.41
N GLY P 70 19.09 25.91 25.45
CA GLY P 70 19.60 27.10 24.78
C GLY P 70 20.88 27.58 25.44
N GLY P 71 21.06 27.23 26.71
CA GLY P 71 22.25 27.62 27.45
C GLY P 71 23.49 27.10 26.74
N MEN P 72 24.64 27.70 27.01
CA MEN P 72 25.85 27.26 26.33
C MEN P 72 26.31 25.86 26.72
O MEN P 72 27.04 25.22 25.97
CB MEN P 72 26.99 28.26 26.54
CG MEN P 72 28.13 28.06 25.56
OD1 MEN P 72 29.26 27.78 25.94
ND2 MEN P 72 27.81 28.18 24.28
CE2 MEN P 72 28.83 28.00 23.25
N ALA P 73 25.89 25.38 27.89
CA ALA P 73 26.26 24.04 28.34
C ALA P 73 25.09 23.07 28.17
N TYR P 74 24.12 23.47 27.35
CA TYR P 74 22.95 22.65 27.06
C TYR P 74 23.31 21.69 25.91
N THR P 75 22.68 20.53 25.89
CA THR P 75 22.91 19.45 24.90
C THR P 75 24.13 18.65 25.36
N SER P 76 24.09 17.34 25.15
CA SER P 76 25.18 16.46 25.56
C SER P 76 26.56 16.80 25.01
N ARG P 77 26.62 17.19 23.74
CA ARG P 77 27.90 17.53 23.12
C ARG P 77 28.54 18.74 23.76
N ARG P 78 27.73 19.76 24.04
CA ARG P 78 28.25 20.97 24.66
C ARG P 78 28.63 20.72 26.12
N MET P 79 27.85 19.92 26.83
CA MET P 79 28.15 19.62 28.22
C MET P 79 29.47 18.85 28.31
N ALA P 80 29.63 17.89 27.41
CA ALA P 80 30.85 17.09 27.37
C ALA P 80 32.02 18.01 27.06
N ALA P 81 31.79 18.99 26.20
CA ALA P 81 32.83 19.94 25.81
C ALA P 81 33.21 20.83 26.99
N CYS P 82 32.22 21.18 27.81
CA CYS P 82 32.47 22.02 28.97
C CYS P 82 33.30 21.29 30.02
N LEU P 83 32.89 20.05 30.33
CA LEU P 83 33.61 19.23 31.30
C LEU P 83 35.05 19.01 30.82
N ARG P 84 35.21 18.74 29.53
CA ARG P 84 36.53 18.53 28.94
C ARG P 84 37.44 19.73 29.16
N ASP P 85 36.92 20.94 28.90
CA ASP P 85 37.71 22.15 29.08
C ASP P 85 38.16 22.33 30.53
N MET P 86 37.29 21.93 31.46
CA MET P 86 37.61 22.01 32.87
C MET P 86 38.81 21.11 33.12
N GLU P 87 38.71 19.88 32.64
CA GLU P 87 39.77 18.89 32.81
C GLU P 87 41.05 19.33 32.09
N ILE P 88 40.89 19.92 30.91
CA ILE P 88 42.04 20.38 30.14
C ILE P 88 42.83 21.44 30.91
N ILE P 89 42.11 22.45 31.41
CA ILE P 89 42.75 23.52 32.15
C ILE P 89 43.46 22.95 33.38
N LEU P 90 42.79 22.07 34.10
CA LEU P 90 43.38 21.46 35.28
C LEU P 90 44.65 20.69 34.93
N ARG P 91 44.62 19.98 33.80
CA ARG P 91 45.77 19.20 33.37
C ARG P 91 46.97 20.12 33.13
N TYR P 92 46.77 21.18 32.37
CA TYR P 92 47.85 22.12 32.07
C TYR P 92 48.35 22.85 33.31
N VAL P 93 47.50 22.98 34.32
CA VAL P 93 47.95 23.61 35.54
C VAL P 93 48.92 22.66 36.21
N THR P 94 48.55 21.38 36.29
CA THR P 94 49.46 20.41 36.90
C THR P 94 50.77 20.32 36.12
N TYR P 95 50.73 20.59 34.81
CA TYR P 95 51.96 20.58 34.01
C TYR P 95 52.87 21.70 34.49
N ALA P 96 52.30 22.88 34.67
CA ALA P 96 53.04 24.05 35.12
C ALA P 96 53.66 23.81 36.48
N VAL P 97 52.89 23.20 37.39
CA VAL P 97 53.39 22.90 38.73
C VAL P 97 54.55 21.92 38.70
N PHE P 98 54.44 20.91 37.84
CA PHE P 98 55.49 19.91 37.71
C PHE P 98 56.77 20.51 37.14
N ALA P 99 56.62 21.29 36.07
CA ALA P 99 57.75 21.94 35.40
C ALA P 99 58.33 23.11 36.20
N GLY P 100 57.48 23.75 36.99
CA GLY P 100 57.92 24.88 37.80
C GLY P 100 57.95 26.16 36.98
N ASP P 101 57.14 26.20 35.93
CA ASP P 101 57.07 27.36 35.05
C ASP P 101 55.70 27.40 34.35
N ALA P 102 55.15 28.59 34.16
CA ALA P 102 53.85 28.72 33.54
C ALA P 102 53.82 28.68 32.01
N SER P 103 54.98 28.67 31.35
CA SER P 103 54.97 28.69 29.90
C SER P 103 54.13 27.62 29.22
N VAL P 104 54.17 26.39 29.72
CA VAL P 104 53.37 25.33 29.10
C VAL P 104 51.89 25.66 29.16
N LEU P 105 51.44 26.15 30.31
CA LEU P 105 50.05 26.52 30.51
C LEU P 105 49.68 27.69 29.59
N GLU P 106 50.56 28.68 29.54
CA GLU P 106 50.35 29.86 28.71
C GLU P 106 50.35 29.57 27.23
N ASP P 107 51.39 28.87 26.79
CA ASP P 107 51.57 28.55 25.37
C ASP P 107 50.63 27.55 24.73
N ARG P 108 50.31 26.47 25.42
CA ARG P 108 49.45 25.45 24.83
C ARG P 108 47.99 25.44 25.25
N CYS P 109 47.65 26.22 26.28
CA CYS P 109 46.28 26.23 26.76
C CYS P 109 45.59 27.59 26.78
N LEU P 110 46.18 28.54 27.50
CA LEU P 110 45.58 29.86 27.63
C LEU P 110 45.70 30.81 26.44
N ASN P 111 46.78 30.70 25.66
CA ASN P 111 46.95 31.59 24.52
C ASN P 111 45.86 31.44 23.47
N GLY P 112 45.06 32.49 23.29
CA GLY P 112 43.99 32.47 22.31
C GLY P 112 42.68 31.86 22.79
N LEU P 113 42.64 31.46 24.05
CA LEU P 113 41.43 30.85 24.60
C LEU P 113 40.29 31.87 24.70
N ARG P 114 40.62 33.08 25.18
CA ARG P 114 39.60 34.13 25.29
C ARG P 114 38.93 34.32 23.93
N GLU P 115 39.76 34.40 22.90
CA GLU P 115 39.26 34.58 21.53
C GLU P 115 38.39 33.41 21.11
N THR P 116 38.83 32.19 21.41
CA THR P 116 38.06 31.00 21.05
C THR P 116 36.65 31.03 21.62
N TYR P 117 36.53 31.37 22.91
CA TYR P 117 35.22 31.43 23.56
C TYR P 117 34.37 32.59 23.04
N LEU P 118 35.02 33.69 22.66
CA LEU P 118 34.31 34.85 22.14
C LEU P 118 33.55 34.49 20.87
N ALA P 119 34.24 33.81 19.95
CA ALA P 119 33.63 33.40 18.69
C ALA P 119 32.55 32.33 18.89
N LEU P 120 32.71 31.49 19.90
CA LEU P 120 31.75 30.43 20.19
C LEU P 120 30.50 30.94 20.90
N GLY P 121 30.70 31.85 21.85
CA GLY P 121 29.58 32.39 22.59
C GLY P 121 29.57 31.75 23.98
N THR P 122 30.74 31.25 24.38
CA THR P 122 30.91 30.62 25.68
C THR P 122 31.23 31.71 26.69
N PRO P 123 30.42 31.83 27.75
CA PRO P 123 30.65 32.85 28.78
C PRO P 123 31.97 32.66 29.52
N GLY P 124 33.01 33.31 29.01
CA GLY P 124 34.33 33.22 29.63
C GLY P 124 34.31 33.47 31.12
N SER P 125 33.37 34.31 31.56
CA SER P 125 33.23 34.65 32.97
C SER P 125 32.81 33.41 33.76
N SER P 126 31.96 32.59 33.16
CA SER P 126 31.48 31.38 33.81
C SER P 126 32.64 30.38 33.91
N VAL P 127 33.43 30.28 32.86
CA VAL P 127 34.57 29.38 32.87
C VAL P 127 35.49 29.81 34.01
N ALA P 128 35.63 31.12 34.20
CA ALA P 128 36.48 31.65 35.27
C ALA P 128 35.95 31.19 36.64
N VAL P 129 34.64 31.18 36.79
CA VAL P 129 34.03 30.74 38.05
C VAL P 129 34.43 29.28 38.28
N GLY P 130 34.20 28.45 37.26
CA GLY P 130 34.54 27.04 37.36
C GLY P 130 36.00 26.80 37.71
N VAL P 131 36.90 27.48 37.02
CA VAL P 131 38.33 27.31 37.29
C VAL P 131 38.63 27.73 38.72
N GLY P 132 37.97 28.78 39.18
CA GLY P 132 38.17 29.24 40.54
C GLY P 132 37.78 28.18 41.55
N LYS P 133 36.69 27.47 41.26
CA LYS P 133 36.22 26.42 42.16
C LYS P 133 37.19 25.23 42.19
N MET P 134 37.84 24.96 41.07
CA MET P 134 38.81 23.86 41.03
C MET P 134 40.03 24.29 41.82
N LYS P 135 40.35 25.58 41.73
CA LYS P 135 41.49 26.14 42.45
C LYS P 135 41.36 25.89 43.94
N GLU P 136 40.20 26.21 44.49
CA GLU P 136 39.93 26.04 45.91
C GLU P 136 40.03 24.59 46.33
N ALA P 137 39.43 23.70 45.55
CA ALA P 137 39.46 22.28 45.88
C ALA P 137 40.86 21.72 45.71
N ALA P 138 41.59 22.20 44.71
CA ALA P 138 42.95 21.72 44.46
C ALA P 138 43.86 22.07 45.62
N LEU P 139 43.79 23.32 46.07
CA LEU P 139 44.61 23.78 47.20
C LEU P 139 44.28 23.07 48.50
N ALA P 140 42.98 22.83 48.74
CA ALA P 140 42.59 22.15 49.97
C ALA P 140 43.23 20.76 49.99
N ILE P 141 43.17 20.07 48.85
CA ILE P 141 43.75 18.75 48.71
C ILE P 141 45.27 18.80 48.89
N VAL P 142 45.92 19.76 48.25
CA VAL P 142 47.38 19.90 48.36
C VAL P 142 47.82 20.20 49.79
N ASN P 143 47.06 21.03 50.50
CA ASN P 143 47.42 21.39 51.86
C ASN P 143 46.98 20.38 52.94
N ASP P 144 46.31 19.31 52.53
CA ASP P 144 45.86 18.30 53.49
C ASP P 144 47.08 17.75 54.23
N PRO P 145 47.13 17.97 55.56
CA PRO P 145 48.23 17.52 56.43
C PRO P 145 48.21 16.03 56.77
N ALA P 146 47.15 15.34 56.41
CA ALA P 146 47.06 13.91 56.71
C ALA P 146 47.77 13.02 55.69
N GLY P 147 48.37 11.94 56.18
CA GLY P 147 49.05 10.98 55.32
C GLY P 147 50.28 11.49 54.60
N ILE P 148 50.97 12.46 55.19
CA ILE P 148 52.16 13.01 54.55
C ILE P 148 53.08 13.67 55.57
N THR P 149 54.39 13.59 55.31
CA THR P 149 55.39 14.17 56.19
C THR P 149 55.07 15.66 56.36
N PRO P 150 54.85 16.10 57.61
CA PRO P 150 54.53 17.51 57.90
C PRO P 150 55.63 18.49 57.51
N GLY P 151 55.21 19.61 56.94
CA GLY P 151 56.15 20.62 56.51
C GLY P 151 55.40 21.81 55.98
N ASP P 152 56.13 22.82 55.51
CA ASP P 152 55.53 24.04 54.99
C ASP P 152 55.44 24.04 53.46
N CYS P 153 54.23 24.11 52.94
CA CYS P 153 54.01 24.11 51.50
C CYS P 153 53.36 25.41 51.06
N SER P 154 53.44 26.42 51.93
CA SER P 154 52.83 27.72 51.65
C SER P 154 53.35 28.38 50.37
N ALA P 155 54.66 28.38 50.16
CA ALA P 155 55.21 29.00 48.96
C ALA P 155 54.72 28.25 47.73
N LEU P 156 54.72 26.92 47.83
CA LEU P 156 54.26 26.07 46.74
C LEU P 156 52.79 26.35 46.44
N ALA P 157 52.00 26.52 47.50
CA ALA P 157 50.58 26.80 47.33
C ALA P 157 50.38 28.10 46.58
N SER P 158 51.17 29.10 46.93
CA SER P 158 51.09 30.41 46.27
C SER P 158 51.38 30.24 44.79
N GLU P 159 52.40 29.45 44.47
CA GLU P 159 52.77 29.21 43.09
C GLU P 159 51.57 28.58 42.38
N ILE P 160 51.00 27.54 42.98
CA ILE P 160 49.88 26.87 42.37
C ILE P 160 48.70 27.82 42.17
N ALA P 161 48.46 28.68 43.16
CA ALA P 161 47.36 29.64 43.07
C ALA P 161 47.56 30.57 41.87
N SER P 162 48.81 30.99 41.65
CA SER P 162 49.09 31.90 40.54
C SER P 162 48.74 31.28 39.18
N TYR P 163 49.01 29.99 39.01
CA TYR P 163 48.71 29.34 37.74
C TYR P 163 47.20 29.31 37.47
N PHE P 164 46.43 28.91 38.48
CA PHE P 164 44.99 28.87 38.36
C PHE P 164 44.50 30.29 38.04
N ASP P 165 45.10 31.27 38.70
CA ASP P 165 44.74 32.67 38.47
C ASP P 165 45.00 33.09 37.04
N ARG P 166 46.15 32.70 36.49
CA ARG P 166 46.43 33.07 35.10
C ARG P 166 45.28 32.54 34.25
N ALA P 167 44.92 31.29 34.50
CA ALA P 167 43.83 30.67 33.78
C ALA P 167 42.57 31.52 33.87
N CYS P 168 42.13 31.83 35.09
CA CYS P 168 40.94 32.64 35.29
C CYS P 168 41.03 33.97 34.53
N ALA P 169 42.17 34.64 34.67
CA ALA P 169 42.37 35.92 34.00
C ALA P 169 42.32 35.79 32.48
N ALA P 170 42.85 34.69 31.96
CA ALA P 170 42.91 34.46 30.53
C ALA P 170 41.55 34.37 29.83
N VAL P 171 40.50 34.03 30.59
CA VAL P 171 39.16 33.93 30.00
C VAL P 171 38.22 35.02 30.51
N SER P 172 38.64 35.71 31.57
CA SER P 172 37.83 36.77 32.15
C SER P 172 37.88 38.04 31.30
N MET Q 1 23.51 16.19 9.49
CA MET Q 1 22.54 15.53 10.41
C MET Q 1 21.88 14.39 9.64
N LYS Q 2 21.53 13.31 10.32
CA LYS Q 2 20.92 12.19 9.62
C LYS Q 2 19.40 12.25 9.44
N THR Q 3 19.00 12.75 8.27
CA THR Q 3 17.59 12.84 7.87
C THR Q 3 17.61 12.57 6.37
N PRO Q 4 16.51 12.03 5.82
CA PRO Q 4 16.45 11.74 4.38
C PRO Q 4 16.88 12.90 3.48
N LEU Q 5 16.25 14.07 3.67
CA LEU Q 5 16.56 15.22 2.84
C LEU Q 5 18.01 15.71 2.92
N THR Q 6 18.51 15.97 4.11
CA THR Q 6 19.88 16.46 4.24
C THR Q 6 20.90 15.44 3.70
N GLU Q 7 20.73 14.18 4.08
CA GLU Q 7 21.64 13.13 3.62
C GLU Q 7 21.64 13.04 2.10
N ALA Q 8 20.47 13.15 1.49
CA ALA Q 8 20.36 13.08 0.04
C ALA Q 8 21.21 14.20 -0.57
N VAL Q 9 21.05 15.41 -0.05
CA VAL Q 9 21.79 16.55 -0.55
C VAL Q 9 23.30 16.42 -0.30
N SER Q 10 23.66 15.92 0.88
CA SER Q 10 25.07 15.74 1.24
C SER Q 10 25.79 14.80 0.27
N ILE Q 11 25.12 13.71 -0.09
CA ILE Q 11 25.71 12.75 -1.02
C ILE Q 11 25.89 13.39 -2.39
N ALA Q 12 24.86 14.11 -2.84
CA ALA Q 12 24.92 14.77 -4.13
C ALA Q 12 26.04 15.78 -4.17
N ASP Q 13 26.09 16.65 -3.15
CA ASP Q 13 27.13 17.67 -3.07
C ASP Q 13 28.49 17.01 -2.98
N SER Q 14 28.57 15.95 -2.16
CA SER Q 14 29.80 15.21 -1.98
C SER Q 14 30.35 14.74 -3.33
N GLN Q 15 29.47 14.45 -4.28
CA GLN Q 15 29.88 13.98 -5.60
C GLN Q 15 29.83 15.08 -6.68
N GLY Q 16 29.62 16.33 -6.27
CA GLY Q 16 29.55 17.43 -7.22
C GLY Q 16 28.46 17.23 -8.27
N ARG Q 17 27.43 16.49 -7.89
CA ARG Q 17 26.34 16.17 -8.81
C ARG Q 17 25.04 16.91 -8.56
N PHE Q 18 24.31 17.16 -9.64
CA PHE Q 18 23.00 17.78 -9.51
C PHE Q 18 22.18 16.63 -8.92
N LEU Q 19 21.00 16.92 -8.40
CA LEU Q 19 20.13 15.91 -7.84
C LEU Q 19 19.54 15.09 -9.01
N SER Q 20 19.25 13.82 -8.76
CA SER Q 20 18.70 12.94 -9.79
C SER Q 20 17.60 12.06 -9.19
N SER Q 21 17.02 11.19 -10.02
CA SER Q 21 15.95 10.31 -9.55
C SER Q 21 16.22 9.65 -8.20
N THR Q 22 17.48 9.29 -7.95
CA THR Q 22 17.84 8.66 -6.69
C THR Q 22 17.46 9.55 -5.50
N GLU Q 23 17.85 10.82 -5.55
CA GLU Q 23 17.52 11.75 -4.47
C GLU Q 23 16.03 12.10 -4.44
N ILE Q 24 15.40 12.11 -5.61
CA ILE Q 24 13.97 12.41 -5.68
C ILE Q 24 13.19 11.32 -4.95
N GLN Q 25 13.61 10.07 -5.16
CA GLN Q 25 12.98 8.93 -4.51
C GLN Q 25 13.16 9.01 -2.99
N VAL Q 26 14.32 9.48 -2.55
CA VAL Q 26 14.55 9.64 -1.11
C VAL Q 26 13.52 10.63 -0.57
N ALA Q 27 13.25 11.67 -1.34
CA ALA Q 27 12.29 12.67 -0.93
C ALA Q 27 10.90 12.05 -0.89
N PHE Q 28 10.55 11.30 -1.92
CA PHE Q 28 9.24 10.66 -1.94
C PHE Q 28 9.11 9.76 -0.72
N GLY Q 29 10.22 9.12 -0.35
CA GLY Q 29 10.20 8.24 0.82
C GLY Q 29 9.96 9.03 2.09
N ARG Q 30 10.66 10.15 2.23
CA ARG Q 30 10.53 10.99 3.42
C ARG Q 30 9.13 11.57 3.53
N PHE Q 31 8.67 12.22 2.47
CA PHE Q 31 7.35 12.84 2.48
C PHE Q 31 6.23 11.83 2.70
N ARG Q 32 6.40 10.61 2.19
CA ARG Q 32 5.39 9.59 2.41
C ARG Q 32 5.37 9.23 3.89
N GLN Q 33 6.55 8.93 4.43
CA GLN Q 33 6.70 8.56 5.84
C GLN Q 33 6.27 9.70 6.76
N ALA Q 34 6.41 10.94 6.28
CA ALA Q 34 6.08 12.13 7.06
C ALA Q 34 4.65 12.20 7.57
N LYS Q 35 3.71 11.61 6.85
CA LYS Q 35 2.32 11.63 7.29
C LYS Q 35 2.21 10.93 8.64
N ALA Q 36 2.69 9.69 8.69
CA ALA Q 36 2.65 8.92 9.93
C ALA Q 36 3.55 9.53 11.01
N GLY Q 37 4.74 9.97 10.61
CA GLY Q 37 5.67 10.55 11.55
C GLY Q 37 5.18 11.78 12.28
N LEU Q 38 4.60 12.72 11.53
CA LEU Q 38 4.10 13.95 12.12
C LEU Q 38 2.94 13.68 13.08
N GLU Q 39 2.07 12.75 12.71
CA GLU Q 39 0.93 12.41 13.55
C GLU Q 39 1.43 11.72 14.81
N ALA Q 40 2.49 10.92 14.68
CA ALA Q 40 3.05 10.22 15.83
C ALA Q 40 3.66 11.24 16.77
N ALA Q 41 4.29 12.27 16.20
CA ALA Q 41 4.89 13.33 17.02
C ALA Q 41 3.79 14.00 17.83
N LYS Q 42 2.65 14.25 17.20
CA LYS Q 42 1.52 14.87 17.90
C LYS Q 42 1.06 13.96 19.02
N ALA Q 43 0.84 12.69 18.67
CA ALA Q 43 0.37 11.69 19.61
C ALA Q 43 1.22 11.60 20.88
N LEU Q 44 2.54 11.66 20.71
CA LEU Q 44 3.46 11.57 21.84
C LEU Q 44 3.49 12.86 22.64
N THR Q 45 3.28 13.99 21.96
CA THR Q 45 3.30 15.28 22.63
C THR Q 45 2.08 15.49 23.54
N SER Q 46 0.93 14.97 23.13
CA SER Q 46 -0.29 15.13 23.92
C SER Q 46 -0.29 14.30 25.20
N LYS Q 47 0.49 13.21 25.23
CA LYS Q 47 0.55 12.39 26.43
C LYS Q 47 1.95 12.40 27.06
N ALA Q 48 2.72 13.43 26.75
CA ALA Q 48 4.08 13.57 27.26
C ALA Q 48 4.13 13.53 28.79
N ASP Q 49 3.27 14.31 29.45
CA ASP Q 49 3.25 14.34 30.90
C ASP Q 49 3.07 12.97 31.49
N SER Q 50 2.12 12.22 30.96
CA SER Q 50 1.86 10.88 31.44
C SER Q 50 3.01 9.91 31.15
N LEU Q 51 3.57 9.99 29.95
CA LEU Q 51 4.66 9.09 29.58
C LEU Q 51 5.89 9.35 30.42
N ILE Q 52 6.21 10.62 30.63
CA ILE Q 52 7.38 10.99 31.40
C ILE Q 52 7.25 10.63 32.87
N SER Q 53 6.11 10.96 33.48
CA SER Q 53 5.90 10.65 34.89
C SER Q 53 5.83 9.14 35.13
N GLY Q 54 5.24 8.42 34.17
CA GLY Q 54 5.14 6.98 34.31
C GLY Q 54 6.49 6.28 34.12
N ALA Q 55 7.29 6.79 33.18
CA ALA Q 55 8.60 6.19 32.92
C ALA Q 55 9.52 6.38 34.12
N ALA Q 56 9.51 7.58 34.68
CA ALA Q 56 10.34 7.84 35.84
C ALA Q 56 9.96 6.86 36.95
N GLN Q 57 8.67 6.69 37.18
CA GLN Q 57 8.21 5.79 38.22
C GLN Q 57 8.61 4.35 37.90
N ALA Q 58 8.64 4.01 36.62
CA ALA Q 58 9.04 2.66 36.22
C ALA Q 58 10.48 2.45 36.67
N VAL Q 59 11.30 3.49 36.49
CA VAL Q 59 12.70 3.41 36.88
C VAL Q 59 12.85 3.34 38.39
N TYR Q 60 12.09 4.16 39.11
CA TYR Q 60 12.18 4.14 40.57
C TYR Q 60 11.78 2.78 41.10
N ASN Q 61 10.80 2.14 40.46
CA ASN Q 61 10.35 0.83 40.88
C ASN Q 61 11.37 -0.27 40.62
N LYS Q 62 11.95 -0.29 39.43
CA LYS Q 62 12.96 -1.31 39.09
C LYS Q 62 14.28 -1.14 39.84
N PHE Q 63 14.64 0.11 40.14
CA PHE Q 63 15.87 0.43 40.84
C PHE Q 63 15.53 1.25 42.09
N PRO Q 64 14.92 0.63 43.11
CA PRO Q 64 14.53 1.33 44.34
C PRO Q 64 15.59 2.19 45.01
N TYR Q 65 16.85 1.80 44.90
CA TYR Q 65 17.93 2.57 45.51
C TYR Q 65 18.04 3.99 44.96
N THR Q 66 17.54 4.21 43.74
CA THR Q 66 17.60 5.53 43.13
C THR Q 66 16.74 6.57 43.84
N THR Q 67 15.86 6.12 44.73
CA THR Q 67 15.01 7.04 45.48
C THR Q 67 15.36 7.04 46.97
N GLN Q 68 16.44 6.36 47.32
CA GLN Q 68 16.89 6.25 48.71
C GLN Q 68 18.30 6.78 48.96
N MET Q 69 19.27 6.34 48.15
CA MET Q 69 20.64 6.80 48.33
C MET Q 69 20.72 8.33 48.21
N GLN Q 70 21.48 8.93 49.12
CA GLN Q 70 21.63 10.38 49.23
C GLN Q 70 22.48 11.12 48.20
N GLY Q 71 23.41 10.44 47.55
CA GLY Q 71 24.25 11.10 46.56
C GLY Q 71 23.51 11.98 45.57
N PRO Q 72 24.19 12.96 44.96
CA PRO Q 72 23.55 13.85 44.00
C PRO Q 72 23.18 13.19 42.67
N ASN Q 73 23.76 12.02 42.40
CA ASN Q 73 23.46 11.31 41.15
C ASN Q 73 22.15 10.53 41.26
N TYR Q 74 21.55 10.52 42.46
CA TYR Q 74 20.29 9.82 42.67
C TYR Q 74 19.11 10.77 42.83
N ALA Q 75 17.91 10.20 42.89
CA ALA Q 75 16.67 10.98 43.00
C ALA Q 75 15.92 10.78 44.32
N ALA Q 76 16.66 10.78 45.44
CA ALA Q 76 16.03 10.61 46.76
C ALA Q 76 15.29 11.89 47.18
N ASP Q 77 15.77 13.04 46.73
CA ASP Q 77 15.15 14.31 47.06
C ASP Q 77 14.37 14.85 45.87
N GLN Q 78 13.76 16.03 46.03
CA GLN Q 78 12.98 16.63 44.95
C GLN Q 78 13.91 17.07 43.82
N ARG Q 79 15.10 17.50 44.21
CA ARG Q 79 16.12 17.95 43.26
C ARG Q 79 16.40 16.83 42.26
N GLY Q 80 16.79 15.66 42.77
CA GLY Q 80 17.08 14.53 41.92
C GLY Q 80 15.89 14.11 41.07
N LYS Q 81 14.69 14.12 41.65
CA LYS Q 81 13.49 13.74 40.93
C LYS Q 81 13.25 14.65 39.73
N ASP Q 82 13.44 15.96 39.91
CA ASP Q 82 13.25 16.88 38.79
C ASP Q 82 14.31 16.67 37.72
N LYS Q 83 15.56 16.43 38.12
CA LYS Q 83 16.65 16.17 37.17
C LYS Q 83 16.28 14.97 36.30
N CYS Q 84 15.78 13.92 36.96
CA CYS Q 84 15.38 12.69 36.28
C CYS Q 84 14.22 12.89 35.31
N ALA Q 85 13.14 13.49 35.78
CA ALA Q 85 11.97 13.75 34.94
C ALA Q 85 12.39 14.64 33.78
N ARG Q 86 13.35 15.52 34.04
CA ARG Q 86 13.86 16.41 33.00
C ARG Q 86 14.55 15.57 31.92
N ASP Q 87 15.55 14.79 32.32
CA ASP Q 87 16.29 13.94 31.39
C ASP Q 87 15.37 13.08 30.53
N ILE Q 88 14.40 12.44 31.15
CA ILE Q 88 13.46 11.59 30.44
C ILE Q 88 12.65 12.43 29.45
N GLY Q 89 12.26 13.63 29.88
CA GLY Q 89 11.54 14.51 29.00
C GLY Q 89 12.42 14.84 27.81
N TYR Q 90 13.72 14.94 28.05
CA TYR Q 90 14.65 15.22 26.96
C TYR Q 90 14.64 14.08 25.94
N TYR Q 91 14.68 12.84 26.42
CA TYR Q 91 14.66 11.71 25.51
C TYR Q 91 13.38 11.70 24.68
N LEU Q 92 12.24 11.83 25.35
CA LEU Q 92 10.96 11.85 24.65
C LEU Q 92 10.92 12.98 23.62
N ARG Q 93 11.37 14.16 24.03
CA ARG Q 93 11.39 15.31 23.15
C ARG Q 93 12.23 14.96 21.93
N MET Q 94 13.39 14.35 22.15
CA MET Q 94 14.26 13.95 21.04
C MET Q 94 13.53 13.00 20.08
N VAL Q 95 12.71 12.13 20.63
CA VAL Q 95 11.96 11.18 19.81
C VAL Q 95 10.94 11.91 18.91
N THR Q 96 10.30 12.94 19.45
CA THR Q 96 9.34 13.71 18.65
C THR Q 96 10.12 14.38 17.52
N TYR Q 97 11.27 14.96 17.85
CA TYR Q 97 12.09 15.62 16.85
C TYR Q 97 12.49 14.65 15.73
N CYS Q 98 12.87 13.42 16.12
CA CYS Q 98 13.29 12.41 15.15
C CYS Q 98 12.16 12.02 14.19
N LEU Q 99 10.93 11.92 14.70
CA LEU Q 99 9.78 11.59 13.87
C LEU Q 99 9.49 12.76 12.92
N ILE Q 100 9.61 13.98 13.45
CA ILE Q 100 9.38 15.19 12.69
C ILE Q 100 10.37 15.33 11.54
N ALA Q 101 11.62 14.98 11.81
CA ALA Q 101 12.67 15.06 10.80
C ALA Q 101 12.83 13.79 9.97
N GLY Q 102 12.37 12.66 10.51
CA GLY Q 102 12.48 11.41 9.79
C GLY Q 102 13.86 10.77 9.87
N GLY Q 103 14.57 11.01 10.97
CA GLY Q 103 15.90 10.44 11.16
C GLY Q 103 16.41 10.63 12.58
N THR Q 104 17.46 9.92 12.93
CA THR Q 104 18.03 10.00 14.27
C THR Q 104 18.85 11.28 14.44
N GLY Q 105 19.01 12.02 13.35
CA GLY Q 105 19.78 13.25 13.36
C GLY Q 105 19.66 14.13 14.58
N PRO Q 106 18.44 14.59 14.92
CA PRO Q 106 18.22 15.45 16.08
C PRO Q 106 18.73 14.82 17.37
N MET Q 107 18.43 13.54 17.55
CA MET Q 107 18.88 12.84 18.74
C MET Q 107 20.39 12.68 18.74
N ASP Q 108 20.97 12.49 17.56
CA ASP Q 108 22.41 12.35 17.45
C ASP Q 108 23.14 13.64 17.87
N GLU Q 109 22.65 14.78 17.42
CA GLU Q 109 23.29 16.05 17.73
C GLU Q 109 23.05 16.66 19.11
N TYR Q 110 21.84 16.53 19.64
CA TYR Q 110 21.55 17.13 20.94
C TYR Q 110 21.67 16.21 22.15
N LEU Q 111 21.70 14.89 21.94
CA LEU Q 111 21.75 13.98 23.07
C LEU Q 111 22.78 12.86 23.02
N ILE Q 112 22.86 12.14 21.91
CA ILE Q 112 23.80 11.02 21.83
C ILE Q 112 25.27 11.44 21.97
N ALA Q 113 25.71 12.36 21.14
CA ALA Q 113 27.09 12.83 21.16
C ALA Q 113 27.50 13.36 22.53
N GLY Q 114 28.37 12.61 23.21
CA GLY Q 114 28.84 13.01 24.53
C GLY Q 114 28.11 12.39 25.72
N ILE Q 115 27.03 11.65 25.46
CA ILE Q 115 26.28 11.05 26.55
C ILE Q 115 27.15 10.12 27.40
N ASP Q 116 28.09 9.43 26.76
CA ASP Q 116 28.99 8.53 27.48
C ASP Q 116 29.74 9.26 28.60
N GLU Q 117 30.36 10.39 28.25
CA GLU Q 117 31.11 11.20 29.18
C GLU Q 117 30.25 11.70 30.34
N ILE Q 118 29.06 12.19 30.02
CA ILE Q 118 28.14 12.71 31.03
C ILE Q 118 27.76 11.66 32.06
N ASN Q 119 27.31 10.50 31.59
CA ASN Q 119 26.91 9.44 32.51
C ASN Q 119 28.09 8.94 33.32
N ARG Q 120 29.28 8.96 32.73
CA ARG Q 120 30.45 8.52 33.47
C ARG Q 120 30.84 9.58 34.50
N THR Q 121 30.90 10.84 34.08
CA THR Q 121 31.26 11.95 34.95
C THR Q 121 30.33 12.12 36.16
N PHE Q 122 29.02 12.09 35.93
CA PHE Q 122 28.05 12.26 37.02
C PHE Q 122 27.55 10.94 37.58
N GLU Q 123 28.14 9.85 37.12
CA GLU Q 123 27.77 8.53 37.59
C GLU Q 123 26.28 8.25 37.49
N LEU Q 124 25.76 8.43 36.29
CA LEU Q 124 24.36 8.17 36.00
C LEU Q 124 24.43 6.82 35.30
N SER Q 125 23.53 5.92 35.64
CA SER Q 125 23.53 4.59 35.05
C SER Q 125 22.72 4.50 33.76
N PRO Q 126 23.34 3.99 32.68
CA PRO Q 126 22.64 3.84 31.39
C PRO Q 126 21.40 2.95 31.54
N SER Q 127 21.51 2.00 32.45
CA SER Q 127 20.43 1.06 32.71
C SER Q 127 19.14 1.75 33.16
N TRP Q 128 19.28 2.85 33.89
CA TRP Q 128 18.11 3.60 34.36
C TRP Q 128 17.32 4.13 33.17
N TYR Q 129 18.04 4.73 32.22
CA TYR Q 129 17.43 5.32 31.04
C TYR Q 129 16.83 4.27 30.12
N ILE Q 130 17.46 3.11 30.02
CA ILE Q 130 16.94 2.05 29.17
C ILE Q 130 15.55 1.63 29.69
N GLU Q 131 15.40 1.58 31.01
CA GLU Q 131 14.11 1.21 31.60
C GLU Q 131 13.06 2.27 31.26
N ALA Q 132 13.42 3.54 31.32
CA ALA Q 132 12.46 4.60 31.00
C ALA Q 132 12.06 4.50 29.54
N LEU Q 133 13.04 4.22 28.67
CA LEU Q 133 12.78 4.08 27.25
C LEU Q 133 11.89 2.88 26.97
N LYS Q 134 12.09 1.80 27.72
CA LYS Q 134 11.28 0.61 27.53
C LYS Q 134 9.87 0.88 28.02
N TYR Q 135 9.73 1.71 29.03
CA TYR Q 135 8.41 2.03 29.52
C TYR Q 135 7.65 2.80 28.45
N ILE Q 136 8.32 3.77 27.83
CA ILE Q 136 7.68 4.58 26.79
C ILE Q 136 7.23 3.72 25.61
N LYS Q 137 8.04 2.72 25.26
CA LYS Q 137 7.71 1.83 24.15
C LYS Q 137 6.40 1.11 24.44
N ALA Q 138 6.26 0.64 25.68
CA ALA Q 138 5.08 -0.12 26.07
C ALA Q 138 3.85 0.73 26.38
N ASN Q 139 4.03 2.03 26.52
CA ASN Q 139 2.90 2.89 26.88
C ASN Q 139 2.50 4.02 25.93
N HIS Q 140 3.29 4.29 24.91
CA HIS Q 140 2.94 5.38 24.00
C HIS Q 140 1.60 5.12 23.30
N GLY Q 141 1.23 3.84 23.20
CA GLY Q 141 -0.03 3.47 22.58
C GLY Q 141 -0.18 3.64 21.08
N LEU Q 142 0.91 3.99 20.40
CA LEU Q 142 0.84 4.16 18.94
C LEU Q 142 0.63 2.82 18.24
N SER Q 143 0.36 2.89 16.94
CA SER Q 143 0.17 1.69 16.14
C SER Q 143 0.57 1.98 14.69
N GLY Q 144 0.64 0.95 13.85
CA GLY Q 144 1.02 1.14 12.46
C GLY Q 144 2.44 1.64 12.29
N ASP Q 145 2.66 2.40 11.21
CA ASP Q 145 3.98 2.95 10.91
C ASP Q 145 4.47 3.92 11.98
N ALA Q 146 3.54 4.60 12.63
CA ALA Q 146 3.92 5.53 13.69
C ALA Q 146 4.64 4.75 14.78
N ALA Q 147 4.06 3.65 15.20
CA ALA Q 147 4.64 2.84 16.25
C ALA Q 147 6.02 2.32 15.82
N THR Q 148 6.10 1.79 14.61
CA THR Q 148 7.34 1.26 14.11
C THR Q 148 8.47 2.29 14.11
N GLU Q 149 8.19 3.48 13.61
CA GLU Q 149 9.22 4.52 13.56
C GLU Q 149 9.58 5.02 14.95
N ALA Q 150 8.57 5.24 15.78
CA ALA Q 150 8.81 5.73 17.13
C ALA Q 150 9.65 4.70 17.88
N ASN Q 151 9.32 3.42 17.73
CA ASN Q 151 10.07 2.38 18.43
C ASN Q 151 11.50 2.26 17.93
N SER Q 152 11.72 2.54 16.65
CA SER Q 152 13.07 2.46 16.12
C SER Q 152 13.95 3.52 16.78
N TYR Q 153 13.40 4.68 17.10
CA TYR Q 153 14.18 5.73 17.74
C TYR Q 153 14.39 5.38 19.22
N LEU Q 154 13.35 4.84 19.86
CA LEU Q 154 13.46 4.45 21.26
C LEU Q 154 14.51 3.34 21.37
N ASP Q 155 14.47 2.38 20.46
CA ASP Q 155 15.46 1.29 20.47
C ASP Q 155 16.82 1.79 20.04
N TYR Q 156 16.85 2.86 19.24
CA TYR Q 156 18.13 3.40 18.79
C TYR Q 156 18.81 3.97 20.03
N ALA Q 157 18.05 4.72 20.81
CA ALA Q 157 18.55 5.33 22.04
C ALA Q 157 19.02 4.22 22.99
N ILE Q 158 18.24 3.15 23.07
CA ILE Q 158 18.61 2.03 23.94
C ILE Q 158 19.93 1.40 23.48
N ASN Q 159 20.09 1.23 22.16
CA ASN Q 159 21.32 0.64 21.66
C ASN Q 159 22.53 1.54 21.88
N ALA Q 160 22.33 2.85 21.88
CA ALA Q 160 23.43 3.77 22.09
C ALA Q 160 23.87 3.77 23.56
N LEU Q 161 23.01 3.28 24.44
CA LEU Q 161 23.32 3.21 25.87
C LEU Q 161 23.80 1.83 26.30
N SER Q 162 23.83 0.89 25.37
CA SER Q 162 24.25 -0.48 25.68
C SER Q 162 25.26 -1.08 24.70
N MET R 1 23.98 21.75 7.32
CA MET R 1 22.79 22.39 6.68
C MET R 1 21.51 21.91 7.36
N PHE R 2 20.40 22.56 7.04
CA PHE R 2 19.09 22.20 7.59
C PHE R 2 18.15 21.99 6.42
N ASP R 3 17.12 21.17 6.63
CA ASP R 3 16.10 21.01 5.62
C ASP R 3 14.89 21.65 6.31
N ALA R 4 13.76 21.75 5.64
CA ALA R 4 12.59 22.38 6.24
C ALA R 4 12.23 21.83 7.63
N PHE R 5 12.45 20.54 7.83
CA PHE R 5 12.12 19.90 9.11
C PHE R 5 13.10 20.23 10.23
N THR R 6 14.37 19.93 9.99
CA THR R 6 15.40 20.17 11.00
C THR R 6 15.57 21.66 11.28
N LYS R 7 15.09 22.51 10.37
CA LYS R 7 15.20 23.94 10.59
C LYS R 7 14.29 24.24 11.78
N VAL R 8 13.05 23.78 11.69
CA VAL R 8 12.08 23.98 12.77
C VAL R 8 12.51 23.26 14.05
N VAL R 9 12.95 22.02 13.90
CA VAL R 9 13.42 21.23 15.05
C VAL R 9 14.54 21.95 15.80
N SER R 10 15.52 22.45 15.05
CA SER R 10 16.65 23.14 15.64
C SER R 10 16.24 24.38 16.45
N GLN R 11 15.22 25.08 15.99
CA GLN R 11 14.78 26.28 16.69
C GLN R 11 14.02 25.89 17.95
N ALA R 12 13.25 24.80 17.87
CA ALA R 12 12.47 24.32 19.00
C ALA R 12 13.37 23.81 20.13
N ASP R 13 14.48 23.17 19.76
CA ASP R 13 15.40 22.67 20.78
C ASP R 13 15.98 23.81 21.60
N THR R 14 16.32 24.91 20.91
CA THR R 14 16.87 26.10 21.54
C THR R 14 15.90 26.62 22.60
N ARG R 15 14.62 26.31 22.45
CA ARG R 15 13.61 26.75 23.41
C ARG R 15 13.25 25.62 24.38
N GLY R 16 13.85 24.46 24.17
CA GLY R 16 13.60 23.31 25.03
C GLY R 16 12.17 22.82 24.94
N GLU R 17 11.53 23.02 23.80
CA GLU R 17 10.14 22.60 23.66
C GLU R 17 9.85 21.74 22.45
N MET R 18 8.79 20.95 22.55
CA MET R 18 8.38 20.12 21.44
C MET R 18 7.58 21.05 20.53
N LEU R 19 7.53 20.75 19.24
CA LEU R 19 6.79 21.59 18.32
C LEU R 19 5.33 21.66 18.72
N SER R 20 4.72 22.83 18.53
CA SER R 20 3.32 23.03 18.84
C SER R 20 2.54 22.43 17.68
N THR R 21 1.24 22.20 17.88
CA THR R 21 0.41 21.62 16.83
C THR R 21 0.45 22.48 15.58
N ALA R 22 0.50 23.80 15.77
CA ALA R 22 0.52 24.72 14.65
C ALA R 22 1.75 24.52 13.77
N GLN R 23 2.91 24.36 14.39
CA GLN R 23 4.17 24.17 13.67
C GLN R 23 4.21 22.87 12.87
N ILE R 24 3.62 21.82 13.43
CA ILE R 24 3.57 20.52 12.77
C ILE R 24 2.63 20.57 11.56
N ASP R 25 1.51 21.26 11.70
CA ASP R 25 0.55 21.37 10.60
C ASP R 25 1.15 22.17 9.45
N ALA R 26 2.01 23.12 9.77
CA ALA R 26 2.65 23.91 8.74
C ALA R 26 3.55 22.97 7.92
N LEU R 27 4.16 22.01 8.60
CA LEU R 27 5.03 21.04 7.93
C LEU R 27 4.19 20.08 7.09
N SER R 28 3.03 19.70 7.61
CA SER R 28 2.14 18.80 6.88
C SER R 28 1.75 19.48 5.57
N GLN R 29 1.57 20.80 5.64
CA GLN R 29 1.22 21.57 4.47
C GLN R 29 2.30 21.35 3.41
N MET R 30 3.54 21.63 3.78
CA MET R 30 4.65 21.46 2.85
C MET R 30 4.73 20.03 2.34
N VAL R 31 4.39 19.06 3.17
CA VAL R 31 4.43 17.67 2.75
C VAL R 31 3.39 17.41 1.66
N ALA R 32 2.16 17.83 1.90
CA ALA R 32 1.07 17.62 0.95
C ALA R 32 1.41 18.19 -0.43
N GLU R 33 2.14 19.30 -0.44
CA GLU R 33 2.53 19.94 -1.68
C GLU R 33 3.90 19.50 -2.19
N SER R 34 4.52 18.55 -1.51
CA SER R 34 5.86 18.09 -1.88
C SER R 34 6.02 17.64 -3.33
N ASN R 35 4.96 17.15 -3.95
CA ASN R 35 5.07 16.70 -5.34
C ASN R 35 5.53 17.83 -6.25
N LYS R 36 4.91 19.00 -6.10
CA LYS R 36 5.25 20.16 -6.91
C LYS R 36 6.73 20.50 -6.73
N ARG R 37 7.18 20.47 -5.48
CA ARG R 37 8.56 20.77 -5.16
C ARG R 37 9.47 19.81 -5.92
N LEU R 38 9.15 18.53 -5.87
CA LEU R 38 9.97 17.54 -6.55
C LEU R 38 9.98 17.75 -8.07
N ASP R 39 8.87 18.24 -8.63
CA ASP R 39 8.81 18.50 -10.06
C ASP R 39 9.72 19.67 -10.41
N ALA R 40 9.72 20.69 -9.55
CA ALA R 40 10.55 21.87 -9.75
C ALA R 40 12.01 21.46 -9.82
N VAL R 41 12.43 20.62 -8.89
CA VAL R 41 13.81 20.14 -8.86
C VAL R 41 14.13 19.35 -10.13
N ASN R 42 13.32 18.35 -10.45
CA ASN R 42 13.54 17.55 -11.63
C ASN R 42 13.54 18.39 -12.92
N ARG R 43 12.61 19.33 -13.01
CA ARG R 43 12.52 20.18 -14.19
C ARG R 43 13.74 21.07 -14.35
N ILE R 44 14.11 21.77 -13.28
CA ILE R 44 15.27 22.64 -13.33
C ILE R 44 16.51 21.79 -13.63
N THR R 45 16.66 20.70 -12.89
CA THR R 45 17.79 19.80 -13.06
C THR R 45 17.88 19.24 -14.48
N SER R 46 16.75 18.81 -15.03
CA SER R 46 16.73 18.23 -16.37
C SER R 46 17.07 19.24 -17.47
N ASN R 47 17.10 20.53 -17.13
CA ASN R 47 17.45 21.57 -18.10
C ASN R 47 18.67 22.40 -17.70
N ALA R 48 19.44 21.87 -16.75
CA ALA R 48 20.63 22.57 -16.25
C ALA R 48 21.57 23.06 -17.34
N SER R 49 21.90 22.20 -18.30
CA SER R 49 22.81 22.60 -19.37
C SER R 49 22.22 23.73 -20.21
N THR R 50 20.91 23.66 -20.48
CA THR R 50 20.23 24.66 -21.27
C THR R 50 20.18 25.99 -20.53
N ILE R 51 19.83 25.93 -19.25
CA ILE R 51 19.70 27.12 -18.41
C ILE R 51 21.04 27.87 -18.25
N VAL R 52 22.12 27.13 -18.09
CA VAL R 52 23.43 27.73 -17.92
C VAL R 52 23.96 28.20 -19.27
N SER R 53 23.86 27.33 -20.26
CA SER R 53 24.32 27.62 -21.61
C SER R 53 23.68 28.92 -22.13
N ASN R 54 22.36 29.01 -22.03
CA ASN R 54 21.64 30.19 -22.51
C ASN R 54 21.89 31.43 -21.66
N ALA R 55 22.00 31.26 -20.36
CA ALA R 55 22.24 32.39 -19.48
C ALA R 55 23.63 32.97 -19.75
N ALA R 56 24.60 32.08 -19.99
CA ALA R 56 25.96 32.50 -20.26
C ALA R 56 26.08 33.25 -21.58
N ARG R 57 25.49 32.69 -22.64
CA ARG R 57 25.55 33.31 -23.96
C ARG R 57 24.91 34.69 -23.94
N SER R 58 23.77 34.78 -23.25
CA SER R 58 23.05 36.02 -23.14
C SER R 58 23.88 37.04 -22.40
N LEU R 59 24.60 36.57 -21.38
CA LEU R 59 25.44 37.44 -20.57
C LEU R 59 26.57 38.09 -21.38
N PHE R 60 27.31 37.27 -22.12
CA PHE R 60 28.42 37.76 -22.91
C PHE R 60 28.00 38.63 -24.09
N ALA R 61 26.79 38.37 -24.61
CA ALA R 61 26.28 39.15 -25.73
C ALA R 61 25.90 40.54 -25.20
N GLU R 62 25.45 40.56 -23.95
CA GLU R 62 25.04 41.80 -23.29
C GLU R 62 26.23 42.57 -22.73
N GLN R 63 27.27 41.84 -22.35
CA GLN R 63 28.49 42.44 -21.81
C GLN R 63 29.68 41.88 -22.59
N PRO R 64 29.91 42.39 -23.80
CA PRO R 64 31.04 41.93 -24.62
C PRO R 64 32.41 42.16 -24.01
N GLN R 65 32.48 43.05 -23.00
CA GLN R 65 33.74 43.36 -22.34
C GLN R 65 34.29 42.15 -21.56
N LEU R 66 33.39 41.33 -21.02
CA LEU R 66 33.80 40.15 -20.26
C LEU R 66 34.58 39.14 -21.07
N ILE R 67 34.24 39.01 -22.35
CA ILE R 67 34.91 38.04 -23.22
C ILE R 67 35.91 38.62 -24.20
N ALA R 68 36.03 39.95 -24.23
CA ALA R 68 36.98 40.59 -25.11
C ALA R 68 38.35 40.46 -24.45
N PRO R 69 39.43 40.34 -25.26
CA PRO R 69 40.77 40.20 -24.71
C PRO R 69 41.00 41.12 -23.52
N GLY R 70 41.51 40.55 -22.42
CA GLY R 70 41.73 41.34 -21.23
C GLY R 70 40.54 41.23 -20.28
N GLY R 71 39.40 40.80 -20.82
CA GLY R 71 38.21 40.66 -20.00
C GLY R 71 38.34 39.50 -19.02
N MEN R 72 37.49 39.45 -18.01
CA MEN R 72 37.59 38.38 -17.02
C MEN R 72 37.16 37.01 -17.55
O MEN R 72 37.63 35.99 -17.05
CB MEN R 72 36.80 38.74 -15.76
CG MEN R 72 37.29 37.98 -14.53
OD1 MEN R 72 36.57 37.18 -13.95
ND2 MEN R 72 38.54 38.25 -14.15
CE2 MEN R 72 39.11 37.57 -12.99
N ALA R 73 36.28 36.98 -18.55
CA ALA R 73 35.83 35.71 -19.11
C ALA R 73 36.64 35.33 -20.35
N TYR R 74 37.63 36.15 -20.68
CA TYR R 74 38.49 35.90 -21.83
C TYR R 74 39.48 34.77 -21.53
N THR R 75 39.83 34.00 -22.57
CA THR R 75 40.72 32.83 -22.51
C THR R 75 39.84 31.65 -22.12
N SER R 76 40.11 30.48 -22.69
CA SER R 76 39.31 29.28 -22.39
C SER R 76 39.22 28.95 -20.91
N ARG R 77 40.37 29.01 -20.22
CA ARG R 77 40.44 28.69 -18.81
C ARG R 77 39.51 29.54 -17.97
N ARG R 78 39.45 30.84 -18.27
CA ARG R 78 38.57 31.72 -17.51
C ARG R 78 37.12 31.52 -17.92
N MET R 79 36.89 31.26 -19.20
CA MET R 79 35.54 31.04 -19.71
C MET R 79 34.96 29.79 -19.05
N ALA R 80 35.75 28.72 -19.03
CA ALA R 80 35.32 27.45 -18.44
C ALA R 80 35.03 27.63 -16.95
N ALA R 81 35.87 28.41 -16.27
CA ALA R 81 35.70 28.66 -14.86
C ALA R 81 34.41 29.43 -14.64
N CYS R 82 34.10 30.30 -15.60
CA CYS R 82 32.89 31.11 -15.53
C CYS R 82 31.65 30.25 -15.71
N LEU R 83 31.64 29.41 -16.74
CA LEU R 83 30.51 28.52 -16.99
C LEU R 83 30.31 27.63 -15.77
N ARG R 84 31.41 27.18 -15.18
CA ARG R 84 31.39 26.33 -14.00
C ARG R 84 30.68 26.99 -12.82
N ASP R 85 30.99 28.26 -12.57
CA ASP R 85 30.36 29.01 -11.48
C ASP R 85 28.85 29.12 -11.71
N MET R 86 28.45 29.19 -12.97
CA MET R 86 27.03 29.28 -13.32
C MET R 86 26.36 27.96 -12.93
N GLU R 87 26.98 26.86 -13.31
CA GLU R 87 26.48 25.53 -13.02
C GLU R 87 26.49 25.31 -11.50
N ILE R 88 27.58 25.69 -10.85
CA ILE R 88 27.70 25.54 -9.41
C ILE R 88 26.59 26.25 -8.64
N ILE R 89 26.32 27.50 -9.01
CA ILE R 89 25.28 28.26 -8.33
C ILE R 89 23.91 27.64 -8.58
N LEU R 90 23.65 27.27 -9.84
CA LEU R 90 22.37 26.67 -10.20
C LEU R 90 22.16 25.39 -9.39
N ARG R 91 23.25 24.65 -9.16
CA ARG R 91 23.20 23.40 -8.41
C ARG R 91 22.81 23.62 -6.95
N TYR R 92 23.46 24.56 -6.30
CA TYR R 92 23.17 24.82 -4.90
C TYR R 92 21.76 25.38 -4.68
N VAL R 93 21.24 26.09 -5.68
CA VAL R 93 19.89 26.64 -5.57
C VAL R 93 18.90 25.49 -5.61
N THR R 94 19.15 24.50 -6.47
CA THR R 94 18.26 23.35 -6.59
C THR R 94 18.36 22.50 -5.32
N TYR R 95 19.54 22.48 -4.69
CA TYR R 95 19.69 21.74 -3.46
C TYR R 95 18.75 22.40 -2.45
N ALA R 96 18.74 23.72 -2.45
CA ALA R 96 17.90 24.50 -1.54
C ALA R 96 16.40 24.29 -1.79
N VAL R 97 16.00 24.17 -3.05
CA VAL R 97 14.59 23.95 -3.37
C VAL R 97 14.22 22.57 -2.84
N PHE R 98 15.04 21.58 -3.17
CA PHE R 98 14.82 20.21 -2.74
C PHE R 98 14.72 20.14 -1.20
N ALA R 99 15.68 20.73 -0.51
CA ALA R 99 15.69 20.71 0.95
C ALA R 99 14.63 21.60 1.61
N GLY R 100 14.21 22.65 0.91
CA GLY R 100 13.21 23.54 1.48
C GLY R 100 13.82 24.46 2.52
N ASP R 101 15.09 24.80 2.32
CA ASP R 101 15.83 25.68 3.23
C ASP R 101 17.05 26.22 2.48
N ALA R 102 17.39 27.49 2.75
CA ALA R 102 18.51 28.14 2.08
C ALA R 102 19.89 27.84 2.66
N SER R 103 19.93 27.23 3.85
CA SER R 103 21.20 26.92 4.51
C SER R 103 22.25 26.32 3.59
N VAL R 104 21.92 25.24 2.90
CA VAL R 104 22.90 24.62 2.02
C VAL R 104 23.49 25.62 1.03
N LEU R 105 22.64 26.49 0.50
CA LEU R 105 23.06 27.51 -0.46
C LEU R 105 23.95 28.56 0.21
N GLU R 106 23.49 29.10 1.33
CA GLU R 106 24.24 30.11 2.06
C GLU R 106 25.57 29.58 2.59
N ASP R 107 25.52 28.43 3.27
CA ASP R 107 26.71 27.84 3.86
C ASP R 107 27.82 27.37 2.94
N ARG R 108 27.46 26.54 1.96
CA ARG R 108 28.47 25.98 1.06
C ARG R 108 28.73 26.73 -0.23
N CYS R 109 27.88 27.69 -0.57
CA CYS R 109 28.07 28.39 -1.85
C CYS R 109 28.30 29.89 -1.78
N LEU R 110 27.31 30.63 -1.30
CA LEU R 110 27.37 32.08 -1.22
C LEU R 110 28.36 32.63 -0.18
N ASN R 111 28.44 31.99 0.97
CA ASN R 111 29.32 32.44 2.04
C ASN R 111 30.75 32.66 1.58
N GLY R 112 31.17 33.92 1.58
CA GLY R 112 32.53 34.27 1.18
C GLY R 112 32.73 34.42 -0.33
N LEU R 113 31.66 34.24 -1.09
CA LEU R 113 31.77 34.35 -2.54
C LEU R 113 32.16 35.76 -2.97
N ARG R 114 31.53 36.78 -2.39
CA ARG R 114 31.86 38.16 -2.74
C ARG R 114 33.36 38.36 -2.60
N GLU R 115 33.87 38.02 -1.41
CA GLU R 115 35.29 38.15 -1.11
C GLU R 115 36.17 37.42 -2.13
N THR R 116 35.70 36.27 -2.61
CA THR R 116 36.45 35.50 -3.59
C THR R 116 36.55 36.26 -4.90
N TYR R 117 35.42 36.79 -5.36
CA TYR R 117 35.40 37.54 -6.62
C TYR R 117 36.14 38.88 -6.48
N LEU R 118 35.93 39.54 -5.35
CA LEU R 118 36.55 40.83 -5.10
C LEU R 118 38.08 40.72 -5.17
N ALA R 119 38.60 39.59 -4.71
CA ALA R 119 40.04 39.33 -4.70
C ALA R 119 40.56 38.88 -6.06
N LEU R 120 39.72 38.21 -6.84
CA LEU R 120 40.10 37.71 -8.16
C LEU R 120 40.02 38.80 -9.23
N GLY R 121 39.19 39.81 -8.97
CA GLY R 121 39.01 40.86 -9.94
C GLY R 121 37.81 40.56 -10.81
N THR R 122 37.07 39.52 -10.42
CA THR R 122 35.87 39.11 -11.14
C THR R 122 34.72 40.02 -10.73
N PRO R 123 33.99 40.56 -11.71
CA PRO R 123 32.85 41.46 -11.47
C PRO R 123 31.61 40.74 -10.93
N GLY R 124 31.40 40.87 -9.62
CA GLY R 124 30.25 40.23 -8.99
C GLY R 124 28.93 40.63 -9.62
N SER R 125 28.81 41.90 -9.99
CA SER R 125 27.59 42.40 -10.60
C SER R 125 27.32 41.63 -11.90
N SER R 126 28.40 41.29 -12.61
CA SER R 126 28.27 40.55 -13.85
C SER R 126 27.79 39.12 -13.57
N VAL R 127 28.23 38.57 -12.44
CA VAL R 127 27.81 37.23 -12.04
C VAL R 127 26.31 37.30 -11.71
N ALA R 128 25.92 38.30 -10.93
CA ALA R 128 24.53 38.51 -10.54
C ALA R 128 23.64 38.61 -11.78
N VAL R 129 24.13 39.26 -12.82
CA VAL R 129 23.37 39.40 -14.06
C VAL R 129 23.15 38.03 -14.70
N GLY R 130 24.19 37.19 -14.65
CA GLY R 130 24.09 35.86 -15.23
C GLY R 130 23.18 34.98 -14.40
N VAL R 131 23.23 35.17 -13.08
CA VAL R 131 22.40 34.41 -12.16
C VAL R 131 20.95 34.84 -12.34
N GLY R 132 20.73 36.12 -12.65
CA GLY R 132 19.39 36.62 -12.85
C GLY R 132 18.76 36.02 -14.08
N LYS R 133 19.58 35.80 -15.11
CA LYS R 133 19.06 35.21 -16.32
C LYS R 133 18.66 33.76 -16.09
N MET R 134 19.38 33.08 -15.19
CA MET R 134 19.08 31.70 -14.87
C MET R 134 17.78 31.63 -14.06
N LYS R 135 17.57 32.62 -13.19
CA LYS R 135 16.36 32.66 -12.37
C LYS R 135 15.11 32.69 -13.25
N GLU R 136 15.06 33.65 -14.17
CA GLU R 136 13.93 33.79 -15.09
C GLU R 136 13.78 32.55 -15.96
N ALA R 137 14.90 32.06 -16.48
CA ALA R 137 14.88 30.87 -17.32
C ALA R 137 14.40 29.66 -16.54
N ALA R 138 14.93 29.46 -15.35
CA ALA R 138 14.54 28.34 -14.51
C ALA R 138 13.08 28.47 -14.10
N LEU R 139 12.68 29.65 -13.64
CA LEU R 139 11.31 29.89 -13.21
C LEU R 139 10.30 29.60 -14.31
N ALA R 140 10.61 29.98 -15.55
CA ALA R 140 9.69 29.75 -16.66
C ALA R 140 9.55 28.25 -16.91
N ILE R 141 10.65 27.53 -16.74
CA ILE R 141 10.68 26.09 -16.92
C ILE R 141 9.81 25.42 -15.88
N VAL R 142 9.81 25.98 -14.68
CA VAL R 142 9.01 25.42 -13.60
C VAL R 142 7.53 25.70 -13.78
N ASN R 143 7.21 26.91 -14.22
CA ASN R 143 5.82 27.30 -14.43
C ASN R 143 5.20 26.84 -15.73
N ASP R 144 5.97 26.16 -16.57
CA ASP R 144 5.43 25.68 -17.84
C ASP R 144 4.30 24.69 -17.54
N PRO R 145 3.05 25.04 -17.88
CA PRO R 145 1.88 24.20 -17.66
C PRO R 145 1.80 22.95 -18.54
N ALA R 146 2.66 22.86 -19.54
CA ALA R 146 2.65 21.72 -20.44
C ALA R 146 3.24 20.45 -19.80
N GLY R 147 2.66 19.31 -20.15
CA GLY R 147 3.14 18.03 -19.64
C GLY R 147 3.12 17.79 -18.14
N ILE R 148 2.21 18.45 -17.43
CA ILE R 148 2.13 18.27 -15.98
C ILE R 148 0.76 18.62 -15.43
N THR R 149 0.33 17.87 -14.42
CA THR R 149 -0.96 18.10 -13.80
C THR R 149 -1.07 19.55 -13.36
N PRO R 150 -2.10 20.27 -13.84
CA PRO R 150 -2.33 21.68 -13.51
C PRO R 150 -2.63 21.96 -12.04
N GLY R 151 -1.96 22.98 -11.50
CA GLY R 151 -2.15 23.37 -10.12
C GLY R 151 -1.49 24.70 -9.83
N ASP R 152 -1.45 25.10 -8.56
CA ASP R 152 -0.85 26.36 -8.18
C ASP R 152 0.54 26.21 -7.58
N CYS R 153 1.56 26.59 -8.33
CA CYS R 153 2.94 26.52 -7.88
C CYS R 153 3.46 27.90 -7.53
N SER R 154 2.52 28.80 -7.25
CA SER R 154 2.81 30.18 -6.89
C SER R 154 3.81 30.32 -5.73
N ALA R 155 3.44 29.80 -4.57
CA ALA R 155 4.30 29.88 -3.39
C ALA R 155 5.67 29.25 -3.64
N LEU R 156 5.69 28.15 -4.39
CA LEU R 156 6.93 27.44 -4.71
C LEU R 156 7.79 28.30 -5.63
N ALA R 157 7.15 28.94 -6.61
CA ALA R 157 7.85 29.80 -7.55
C ALA R 157 8.46 30.95 -6.77
N SER R 158 7.71 31.46 -5.80
CA SER R 158 8.19 32.55 -4.97
C SER R 158 9.42 32.10 -4.18
N GLU R 159 9.35 30.89 -3.63
CA GLU R 159 10.46 30.34 -2.86
C GLU R 159 11.70 30.15 -3.75
N ILE R 160 11.50 29.59 -4.93
CA ILE R 160 12.59 29.37 -5.88
C ILE R 160 13.25 30.68 -6.27
N ALA R 161 12.45 31.71 -6.48
CA ALA R 161 12.96 33.02 -6.86
C ALA R 161 13.83 33.59 -5.74
N SER R 162 13.33 33.51 -4.50
CA SER R 162 14.05 34.03 -3.36
C SER R 162 15.44 33.41 -3.17
N TYR R 163 15.65 32.21 -3.69
CA TYR R 163 16.96 31.57 -3.55
C TYR R 163 17.91 32.15 -4.58
N PHE R 164 17.45 32.30 -5.81
CA PHE R 164 18.26 32.90 -6.86
C PHE R 164 18.63 34.31 -6.41
N ASP R 165 17.66 35.03 -5.85
CA ASP R 165 17.90 36.37 -5.38
C ASP R 165 18.97 36.43 -4.30
N ARG R 166 18.93 35.49 -3.36
CA ARG R 166 19.93 35.43 -2.29
C ARG R 166 21.31 35.39 -2.93
N ALA R 167 21.44 34.57 -3.98
CA ALA R 167 22.69 34.42 -4.70
C ALA R 167 23.13 35.73 -5.33
N CYS R 168 22.25 36.34 -6.13
CA CYS R 168 22.55 37.60 -6.78
C CYS R 168 23.05 38.61 -5.74
N ALA R 169 22.39 38.63 -4.58
CA ALA R 169 22.76 39.54 -3.51
C ALA R 169 24.14 39.24 -2.93
N ALA R 170 24.47 37.97 -2.78
CA ALA R 170 25.75 37.56 -2.20
C ALA R 170 27.00 37.91 -3.02
N VAL R 171 26.83 38.06 -4.33
CA VAL R 171 27.97 38.39 -5.20
C VAL R 171 28.06 39.88 -5.53
N SER R 172 26.95 40.59 -5.46
CA SER R 172 26.94 42.01 -5.76
C SER R 172 27.49 42.78 -4.57
N MET S 1 68.97 12.49 -12.20
CA MET S 1 70.27 12.63 -12.92
C MET S 1 70.21 13.91 -13.75
N LYS S 2 70.61 15.03 -13.14
CA LYS S 2 70.61 16.33 -13.81
C LYS S 2 71.38 16.37 -15.13
N THR S 3 70.67 16.15 -16.23
CA THR S 3 71.24 16.18 -17.58
C THR S 3 70.13 16.70 -18.49
N PRO S 4 70.49 17.48 -19.51
CA PRO S 4 69.51 18.03 -20.44
C PRO S 4 68.47 17.06 -20.99
N LEU S 5 68.92 15.91 -21.49
CA LEU S 5 67.97 14.95 -22.05
C LEU S 5 67.04 14.31 -21.03
N THR S 6 67.57 13.80 -19.91
CA THR S 6 66.69 13.17 -18.93
C THR S 6 65.74 14.15 -18.23
N GLU S 7 66.20 15.38 -17.98
CA GLU S 7 65.35 16.39 -17.35
C GLU S 7 64.15 16.69 -18.25
N ALA S 8 64.43 16.81 -19.54
CA ALA S 8 63.41 17.12 -20.54
C ALA S 8 62.34 16.03 -20.57
N VAL S 9 62.77 14.78 -20.53
CA VAL S 9 61.86 13.65 -20.54
C VAL S 9 61.08 13.55 -19.24
N SER S 10 61.76 13.73 -18.11
CA SER S 10 61.13 13.64 -16.80
C SER S 10 60.06 14.70 -16.54
N ILE S 11 60.32 15.94 -16.95
CA ILE S 11 59.33 16.99 -16.74
C ILE S 11 58.11 16.75 -17.62
N ALA S 12 58.34 16.30 -18.85
CA ALA S 12 57.24 16.01 -19.78
C ALA S 12 56.44 14.83 -19.26
N ASP S 13 57.14 13.84 -18.72
CA ASP S 13 56.50 12.65 -18.19
C ASP S 13 55.72 13.05 -16.95
N SER S 14 56.31 13.94 -16.17
CA SER S 14 55.70 14.44 -14.95
C SER S 14 54.34 15.08 -15.27
N GLN S 15 54.23 15.61 -16.48
CA GLN S 15 53.01 16.27 -16.91
C GLN S 15 52.15 15.36 -17.79
N GLY S 16 52.64 14.15 -18.05
CA GLY S 16 51.91 13.23 -18.89
C GLY S 16 51.77 13.78 -20.31
N ARG S 17 52.79 14.50 -20.77
CA ARG S 17 52.77 15.10 -22.10
C ARG S 17 53.80 14.51 -23.05
N PHE S 18 53.50 14.59 -24.35
CA PHE S 18 54.45 14.14 -25.34
C PHE S 18 55.47 15.28 -25.36
N LEU S 19 56.64 15.02 -25.92
CA LEU S 19 57.65 16.05 -26.00
C LEU S 19 57.16 17.08 -27.02
N SER S 20 57.55 18.33 -26.83
CA SER S 20 57.13 19.39 -27.75
C SER S 20 58.32 20.24 -28.16
N SER S 21 58.04 21.39 -28.77
CA SER S 21 59.11 22.28 -29.24
C SER S 21 60.12 22.58 -28.15
N THR S 22 59.64 22.80 -26.93
CA THR S 22 60.50 23.11 -25.78
C THR S 22 61.57 22.04 -25.57
N GLU S 23 61.15 20.81 -25.30
CA GLU S 23 62.10 19.72 -25.07
C GLU S 23 63.06 19.55 -26.25
N ILE S 24 62.58 19.85 -27.45
CA ILE S 24 63.43 19.72 -28.62
C ILE S 24 64.53 20.77 -28.59
N GLN S 25 64.20 21.98 -28.12
CA GLN S 25 65.18 23.06 -28.02
C GLN S 25 66.20 22.69 -26.92
N VAL S 26 65.76 21.97 -25.89
CA VAL S 26 66.66 21.54 -24.83
C VAL S 26 67.67 20.59 -25.49
N ALA S 27 67.17 19.71 -26.35
CA ALA S 27 68.04 18.78 -27.06
C ALA S 27 68.99 19.51 -28.00
N PHE S 28 68.51 20.56 -28.67
CA PHE S 28 69.38 21.32 -29.57
C PHE S 28 70.52 21.90 -28.75
N GLY S 29 70.17 22.41 -27.57
CA GLY S 29 71.18 22.99 -26.71
C GLY S 29 72.24 21.98 -26.32
N ARG S 30 71.79 20.82 -25.86
CA ARG S 30 72.68 19.74 -25.44
C ARG S 30 73.62 19.26 -26.56
N PHE S 31 73.05 19.00 -27.73
CA PHE S 31 73.85 18.50 -28.84
C PHE S 31 74.88 19.50 -29.35
N ARG S 32 74.58 20.79 -29.26
CA ARG S 32 75.51 21.83 -29.67
C ARG S 32 76.65 21.89 -28.66
N GLN S 33 76.31 21.88 -27.38
CA GLN S 33 77.28 21.94 -26.31
C GLN S 33 78.16 20.70 -26.29
N ALA S 34 77.53 19.55 -26.54
CA ALA S 34 78.22 18.26 -26.56
C ALA S 34 79.48 18.25 -27.41
N LYS S 35 79.46 18.95 -28.55
CA LYS S 35 80.61 18.98 -29.43
C LYS S 35 81.86 19.48 -28.72
N ALA S 36 81.71 20.52 -27.91
CA ALA S 36 82.84 21.07 -27.18
C ALA S 36 83.09 20.25 -25.92
N GLY S 37 82.01 19.82 -25.27
CA GLY S 37 82.14 19.04 -24.05
C GLY S 37 82.81 17.69 -24.21
N LEU S 38 82.48 16.98 -25.29
CA LEU S 38 83.07 15.66 -25.53
C LEU S 38 84.58 15.78 -25.74
N GLU S 39 85.02 16.87 -26.37
CA GLU S 39 86.45 17.09 -26.60
C GLU S 39 87.13 17.37 -25.26
N ALA S 40 86.47 18.18 -24.43
CA ALA S 40 86.99 18.53 -23.11
C ALA S 40 87.17 17.27 -22.30
N ALA S 41 86.18 16.38 -22.36
CA ALA S 41 86.26 15.12 -21.64
C ALA S 41 87.52 14.39 -22.06
N LYS S 42 87.77 14.29 -23.37
CA LYS S 42 88.98 13.63 -23.88
C LYS S 42 90.27 14.30 -23.40
N ALA S 43 90.36 15.62 -23.55
CA ALA S 43 91.54 16.36 -23.14
C ALA S 43 91.86 16.16 -21.65
N LEU S 44 90.83 16.17 -20.81
CA LEU S 44 91.01 15.98 -19.38
C LEU S 44 91.50 14.56 -19.10
N THR S 45 90.92 13.60 -19.83
CA THR S 45 91.29 12.19 -19.68
C THR S 45 92.75 11.93 -20.05
N SER S 46 93.19 12.47 -21.20
CA SER S 46 94.56 12.25 -21.64
C SER S 46 95.60 12.93 -20.74
N LYS S 47 95.15 13.88 -19.93
CA LYS S 47 96.05 14.61 -19.04
C LYS S 47 95.78 14.27 -17.55
N ALA S 48 95.04 13.19 -17.33
CA ALA S 48 94.67 12.75 -15.98
C ALA S 48 95.81 12.57 -14.99
N ASP S 49 96.84 11.81 -15.38
CA ASP S 49 97.95 11.57 -14.47
C ASP S 49 98.63 12.86 -14.04
N SER S 50 98.89 13.74 -15.00
CA SER S 50 99.51 15.02 -14.70
C SER S 50 98.63 15.90 -13.82
N LEU S 51 97.34 15.98 -14.14
CA LEU S 51 96.44 16.80 -13.36
C LEU S 51 96.24 16.27 -11.93
N ILE S 52 96.14 14.95 -11.79
CA ILE S 52 95.96 14.36 -10.48
C ILE S 52 97.20 14.53 -9.57
N SER S 53 98.39 14.22 -10.08
CA SER S 53 99.60 14.37 -9.26
C SER S 53 99.89 15.85 -8.98
N GLY S 54 99.66 16.70 -9.96
CA GLY S 54 99.89 18.12 -9.77
C GLY S 54 98.93 18.70 -8.74
N ALA S 55 97.68 18.25 -8.77
CA ALA S 55 96.66 18.73 -7.83
C ALA S 55 96.96 18.26 -6.41
N ALA S 56 97.34 16.99 -6.28
CA ALA S 56 97.66 16.41 -4.97
C ALA S 56 98.82 17.17 -4.37
N GLN S 57 99.83 17.46 -5.18
CA GLN S 57 101.00 18.18 -4.70
C GLN S 57 100.65 19.63 -4.33
N ALA S 58 99.68 20.21 -5.04
CA ALA S 58 99.26 21.58 -4.78
C ALA S 58 98.65 21.62 -3.38
N VAL S 59 97.91 20.56 -3.04
CA VAL S 59 97.29 20.48 -1.72
C VAL S 59 98.38 20.36 -0.65
N TYR S 60 99.34 19.46 -0.86
CA TYR S 60 100.42 19.27 0.11
C TYR S 60 101.22 20.55 0.30
N ASN S 61 101.29 21.37 -0.74
CA ASN S 61 102.03 22.63 -0.68
C ASN S 61 101.25 23.68 0.12
N LYS S 62 99.93 23.68 -0.04
CA LYS S 62 99.06 24.63 0.64
C LYS S 62 98.82 24.20 2.10
N PHE S 63 98.74 22.89 2.32
CA PHE S 63 98.51 22.33 3.64
C PHE S 63 99.64 21.34 3.95
N PRO S 64 100.87 21.86 4.10
CA PRO S 64 102.03 21.02 4.39
C PRO S 64 101.86 20.05 5.56
N TYR S 65 101.01 20.39 6.52
CA TYR S 65 100.81 19.49 7.67
C TYR S 65 100.19 18.15 7.25
N THR S 66 99.47 18.14 6.14
CA THR S 66 98.84 16.90 5.69
C THR S 66 99.87 15.82 5.35
N THR S 67 101.12 16.23 5.15
CA THR S 67 102.18 15.28 4.84
C THR S 67 103.15 15.19 6.03
N GLN S 68 102.78 15.81 7.15
CA GLN S 68 103.63 15.82 8.34
C GLN S 68 102.98 15.27 9.62
N MET S 69 101.65 15.19 9.65
CA MET S 69 100.95 14.69 10.83
C MET S 69 100.65 13.21 10.68
N GLN S 70 100.62 12.47 11.79
CA GLN S 70 100.44 11.02 11.74
C GLN S 70 99.07 10.32 11.62
N GLY S 71 97.97 10.99 11.89
CA GLY S 71 96.67 10.31 11.79
C GLY S 71 96.35 9.58 10.48
N PRO S 72 95.26 8.77 10.44
CA PRO S 72 94.89 8.04 9.22
C PRO S 72 94.22 8.92 8.18
N ASN S 73 93.77 10.10 8.59
CA ASN S 73 93.12 11.03 7.67
C ASN S 73 94.13 11.89 6.91
N TYR S 74 95.42 11.70 7.23
CA TYR S 74 96.49 12.47 6.61
C TYR S 74 97.31 11.69 5.57
N ALA S 75 98.14 12.41 4.83
CA ALA S 75 98.98 11.81 3.80
C ALA S 75 100.46 11.83 4.16
N ALA S 76 100.77 11.62 5.43
CA ALA S 76 102.16 11.60 5.89
C ALA S 76 102.87 10.32 5.41
N ASP S 77 102.10 9.29 5.11
CA ASP S 77 102.68 8.04 4.60
C ASP S 77 102.18 7.75 3.18
N GLN S 78 102.61 6.64 2.60
CA GLN S 78 102.19 6.29 1.24
C GLN S 78 100.71 5.96 1.15
N ARG S 79 100.19 5.30 2.18
CA ARG S 79 98.79 4.94 2.24
C ARG S 79 97.97 6.22 2.03
N GLY S 80 98.29 7.23 2.85
CA GLY S 80 97.58 8.50 2.77
C GLY S 80 97.65 9.16 1.42
N LYS S 81 98.86 9.28 0.88
CA LYS S 81 99.04 9.89 -0.44
C LYS S 81 98.22 9.15 -1.48
N ASP S 82 98.19 7.82 -1.40
CA ASP S 82 97.43 7.02 -2.36
C ASP S 82 95.92 7.28 -2.22
N LYS S 83 95.45 7.39 -0.99
CA LYS S 83 94.03 7.66 -0.73
C LYS S 83 93.70 9.02 -1.33
N CYS S 84 94.63 9.97 -1.15
CA CYS S 84 94.44 11.31 -1.65
C CYS S 84 94.41 11.38 -3.17
N ALA S 85 95.43 10.82 -3.82
CA ALA S 85 95.46 10.85 -5.27
C ALA S 85 94.23 10.12 -5.81
N ARG S 86 93.80 9.09 -5.10
CA ARG S 86 92.63 8.31 -5.52
C ARG S 86 91.39 9.22 -5.51
N ASP S 87 91.20 9.95 -4.41
CA ASP S 87 90.06 10.86 -4.27
C ASP S 87 90.05 11.95 -5.34
N ILE S 88 91.19 12.60 -5.52
CA ILE S 88 91.29 13.66 -6.53
C ILE S 88 90.98 13.05 -7.89
N GLY S 89 91.40 11.80 -8.07
CA GLY S 89 91.12 11.11 -9.32
C GLY S 89 89.62 10.95 -9.47
N TYR S 90 88.96 10.63 -8.36
CA TYR S 90 87.51 10.49 -8.36
C TYR S 90 86.85 11.78 -8.83
N TYR S 91 87.27 12.92 -8.28
CA TYR S 91 86.69 14.19 -8.68
C TYR S 91 86.88 14.41 -10.18
N LEU S 92 88.12 14.29 -10.64
CA LEU S 92 88.44 14.47 -12.05
C LEU S 92 87.56 13.59 -12.94
N ARG S 93 87.48 12.31 -12.61
CA ARG S 93 86.66 11.38 -13.38
C ARG S 93 85.22 11.90 -13.44
N MET S 94 84.71 12.32 -12.28
CA MET S 94 83.35 12.86 -12.21
C MET S 94 83.18 14.03 -13.17
N VAL S 95 84.19 14.88 -13.25
CA VAL S 95 84.11 16.02 -14.15
C VAL S 95 84.00 15.55 -15.59
N THR S 96 84.78 14.56 -15.99
CA THR S 96 84.68 14.07 -17.37
C THR S 96 83.27 13.53 -17.60
N TYR S 97 82.68 12.90 -16.59
CA TYR S 97 81.33 12.35 -16.75
C TYR S 97 80.30 13.46 -16.97
N CYS S 98 80.42 14.56 -16.21
CA CYS S 98 79.49 15.67 -16.34
C CYS S 98 79.55 16.30 -17.74
N LEU S 99 80.77 16.43 -18.28
CA LEU S 99 80.94 16.99 -19.62
C LEU S 99 80.29 16.09 -20.66
N ILE S 100 80.48 14.78 -20.49
CA ILE S 100 79.91 13.80 -21.41
C ILE S 100 78.38 13.82 -21.37
N ALA S 101 77.83 14.01 -20.17
CA ALA S 101 76.37 14.03 -19.98
C ALA S 101 75.76 15.42 -20.17
N GLY S 102 76.58 16.45 -20.00
CA GLY S 102 76.08 17.81 -20.15
C GLY S 102 75.35 18.31 -18.91
N GLY S 103 75.60 17.66 -17.78
CA GLY S 103 74.96 18.07 -16.54
C GLY S 103 75.77 17.64 -15.33
N THR S 104 75.34 18.08 -14.15
CA THR S 104 76.06 17.73 -12.92
C THR S 104 75.57 16.39 -12.36
N GLY S 105 74.59 15.78 -13.05
CA GLY S 105 74.01 14.53 -12.61
C GLY S 105 74.96 13.46 -12.13
N PRO S 106 75.95 13.07 -12.95
CA PRO S 106 76.92 12.05 -12.57
C PRO S 106 77.63 12.37 -11.26
N MET S 107 78.09 13.62 -11.12
CA MET S 107 78.79 14.02 -9.89
C MET S 107 77.84 14.04 -8.70
N ASP S 108 76.58 14.42 -8.94
CA ASP S 108 75.60 14.46 -7.88
C ASP S 108 75.33 13.10 -7.28
N GLU S 109 75.12 12.12 -8.15
CA GLU S 109 74.79 10.77 -7.71
C GLU S 109 75.95 9.95 -7.17
N TYR S 110 77.12 10.05 -7.79
CA TYR S 110 78.26 9.27 -7.35
C TYR S 110 79.20 9.91 -6.34
N LEU S 111 79.13 11.23 -6.19
CA LEU S 111 80.05 11.88 -5.28
C LEU S 111 79.50 12.89 -4.28
N ILE S 112 78.69 13.83 -4.73
CA ILE S 112 78.16 14.84 -3.83
C ILE S 112 77.17 14.34 -2.78
N ALA S 113 76.21 13.53 -3.20
CA ALA S 113 75.25 12.99 -2.25
C ALA S 113 76.00 12.24 -1.15
N GLY S 114 75.95 12.77 0.07
CA GLY S 114 76.62 12.12 1.20
C GLY S 114 78.09 12.48 1.45
N ILE S 115 78.68 13.33 0.61
CA ILE S 115 80.08 13.68 0.81
C ILE S 115 80.33 14.40 2.15
N ASP S 116 79.32 15.09 2.68
CA ASP S 116 79.47 15.80 3.94
C ASP S 116 79.69 14.85 5.11
N GLU S 117 78.93 13.77 5.14
CA GLU S 117 79.05 12.78 6.20
C GLU S 117 80.43 12.13 6.15
N ILE S 118 80.90 11.85 4.93
CA ILE S 118 82.20 11.23 4.75
C ILE S 118 83.32 12.07 5.31
N ASN S 119 83.39 13.33 4.88
CA ASN S 119 84.44 14.23 5.32
C ASN S 119 84.45 14.49 6.82
N ARG S 120 83.28 14.50 7.44
CA ARG S 120 83.20 14.71 8.87
C ARG S 120 83.60 13.44 9.62
N THR S 121 83.09 12.30 9.19
CA THR S 121 83.40 11.03 9.82
C THR S 121 84.89 10.70 9.78
N PHE S 122 85.53 10.93 8.64
CA PHE S 122 86.95 10.63 8.48
C PHE S 122 87.90 11.81 8.72
N GLU S 123 87.35 12.93 9.19
CA GLU S 123 88.15 14.12 9.46
C GLU S 123 88.97 14.57 8.26
N LEU S 124 88.33 14.64 7.10
CA LEU S 124 89.00 15.08 5.89
C LEU S 124 88.53 16.52 5.70
N SER S 125 89.46 17.44 5.42
CA SER S 125 89.05 18.83 5.25
C SER S 125 88.59 19.18 3.84
N PRO S 126 87.39 19.77 3.72
CA PRO S 126 86.85 20.15 2.41
C PRO S 126 87.79 21.13 1.70
N SER S 127 88.49 21.95 2.48
CA SER S 127 89.43 22.93 1.93
C SER S 127 90.57 22.27 1.16
N TRP S 128 90.93 21.05 1.57
CA TRP S 128 91.99 20.33 0.89
C TRP S 128 91.53 20.04 -0.54
N TYR S 129 90.32 19.49 -0.67
CA TYR S 129 89.77 19.16 -1.96
C TYR S 129 89.54 20.40 -2.81
N ILE S 130 89.13 21.49 -2.16
CA ILE S 130 88.90 22.72 -2.87
C ILE S 130 90.16 23.20 -3.58
N GLU S 131 91.29 23.12 -2.88
CA GLU S 131 92.56 23.54 -3.47
C GLU S 131 92.90 22.66 -4.69
N ALA S 132 92.63 21.37 -4.58
CA ALA S 132 92.93 20.45 -5.69
C ALA S 132 92.13 20.86 -6.92
N LEU S 133 90.84 21.12 -6.72
CA LEU S 133 89.94 21.53 -7.80
C LEU S 133 90.42 22.83 -8.44
N LYS S 134 90.96 23.74 -7.62
CA LYS S 134 91.45 25.00 -8.16
C LYS S 134 92.66 24.73 -9.06
N TYR S 135 93.51 23.80 -8.63
CA TYR S 135 94.69 23.47 -9.43
C TYR S 135 94.25 22.97 -10.80
N ILE S 136 93.29 22.05 -10.81
CA ILE S 136 92.79 21.51 -12.05
C ILE S 136 92.28 22.62 -12.97
N LYS S 137 91.49 23.53 -12.42
CA LYS S 137 90.97 24.65 -13.20
C LYS S 137 92.10 25.42 -13.87
N ALA S 138 93.14 25.70 -13.10
CA ALA S 138 94.28 26.47 -13.58
C ALA S 138 95.28 25.70 -14.43
N ASN S 139 95.11 24.38 -14.55
CA ASN S 139 96.06 23.60 -15.31
C ASN S 139 95.52 22.63 -16.36
N HIS S 140 94.20 22.48 -16.47
CA HIS S 140 93.65 21.56 -17.46
C HIS S 140 93.99 21.93 -18.90
N GLY S 141 94.31 23.20 -19.11
CA GLY S 141 94.69 23.69 -20.44
C GLY S 141 93.60 23.88 -21.48
N LEU S 142 92.34 23.70 -21.08
CA LEU S 142 91.23 23.85 -22.01
C LEU S 142 90.98 25.32 -22.35
N SER S 143 90.29 25.57 -23.45
CA SER S 143 89.97 26.92 -23.88
C SER S 143 88.56 26.94 -24.48
N GLY S 144 87.99 28.13 -24.61
CA GLY S 144 86.65 28.25 -25.18
C GLY S 144 85.56 27.62 -24.34
N ASP S 145 84.49 27.18 -25.01
CA ASP S 145 83.36 26.57 -24.32
C ASP S 145 83.76 25.32 -23.53
N ALA S 146 84.80 24.65 -24.00
CA ALA S 146 85.29 23.45 -23.32
C ALA S 146 85.75 23.85 -21.91
N ALA S 147 86.46 24.97 -21.83
CA ALA S 147 86.95 25.45 -20.55
C ALA S 147 85.82 25.98 -19.68
N THR S 148 84.86 26.67 -20.29
CA THR S 148 83.76 27.23 -19.51
C THR S 148 82.90 26.14 -18.88
N GLU S 149 82.59 25.09 -19.63
CA GLU S 149 81.77 24.01 -19.09
C GLU S 149 82.53 23.27 -18.00
N ALA S 150 83.77 22.88 -18.30
CA ALA S 150 84.59 22.15 -17.34
C ALA S 150 84.76 22.92 -16.04
N ASN S 151 85.01 24.22 -16.13
CA ASN S 151 85.19 25.01 -14.93
C ASN S 151 83.88 25.14 -14.16
N SER S 152 82.76 25.08 -14.87
CA SER S 152 81.47 25.19 -14.21
C SER S 152 81.29 23.98 -13.27
N TYR S 153 81.77 22.82 -13.69
CA TYR S 153 81.63 21.62 -12.86
C TYR S 153 82.64 21.61 -11.74
N LEU S 154 83.85 22.10 -12.00
CA LEU S 154 84.87 22.16 -10.97
C LEU S 154 84.43 23.15 -9.90
N ASP S 155 83.80 24.25 -10.32
CA ASP S 155 83.31 25.24 -9.38
C ASP S 155 82.07 24.71 -8.67
N TYR S 156 81.35 23.82 -9.34
CA TYR S 156 80.14 23.23 -8.75
C TYR S 156 80.55 22.33 -7.60
N ALA S 157 81.70 21.66 -7.77
CA ALA S 157 82.23 20.78 -6.73
C ALA S 157 82.71 21.66 -5.58
N ILE S 158 83.36 22.77 -5.92
CA ILE S 158 83.87 23.69 -4.91
C ILE S 158 82.71 24.28 -4.09
N ASN S 159 81.59 24.58 -4.75
CA ASN S 159 80.44 25.13 -4.05
C ASN S 159 79.80 24.11 -3.10
N ALA S 160 79.87 22.83 -3.47
CA ALA S 160 79.30 21.75 -2.67
C ALA S 160 80.12 21.51 -1.41
N LEU S 161 81.37 21.95 -1.43
CA LEU S 161 82.28 21.77 -0.30
C LEU S 161 82.48 23.07 0.51
N SER S 162 81.66 24.08 0.27
CA SER S 162 81.79 25.35 1.00
C SER S 162 80.48 26.13 1.11
N MET T 1 66.07 6.77 -14.97
CA MET T 1 66.26 6.49 -16.42
C MET T 1 67.64 6.94 -16.87
N PHE T 2 68.06 6.46 -18.02
CA PHE T 2 69.35 6.86 -18.58
C PHE T 2 69.12 7.40 -19.98
N ASP T 3 70.03 8.25 -20.45
CA ASP T 3 69.94 8.71 -21.82
C ASP T 3 71.24 8.14 -22.39
N ALA T 4 71.40 8.19 -23.71
CA ALA T 4 72.59 7.62 -24.33
C ALA T 4 73.90 7.96 -23.61
N PHE T 5 74.07 9.24 -23.27
CA PHE T 5 75.27 9.69 -22.58
C PHE T 5 75.43 9.02 -21.22
N THR T 6 74.47 9.23 -20.32
CA THR T 6 74.53 8.67 -18.96
C THR T 6 74.49 7.15 -18.89
N LYS T 7 74.03 6.51 -19.97
CA LYS T 7 73.97 5.06 -19.97
C LYS T 7 75.41 4.56 -20.00
N VAL T 8 76.23 5.21 -20.81
CA VAL T 8 77.64 4.85 -20.94
C VAL T 8 78.40 5.27 -19.68
N VAL T 9 78.13 6.47 -19.19
CA VAL T 9 78.77 6.96 -17.98
C VAL T 9 78.48 5.96 -16.85
N SER T 10 77.21 5.61 -16.71
CA SER T 10 76.79 4.67 -15.67
C SER T 10 77.68 3.42 -15.62
N GLN T 11 77.80 2.74 -16.75
CA GLN T 11 78.60 1.53 -16.85
C GLN T 11 80.09 1.84 -16.68
N ALA T 12 80.51 3.03 -17.07
CA ALA T 12 81.91 3.40 -16.93
C ALA T 12 82.25 3.60 -15.46
N ASP T 13 81.30 4.06 -14.66
CA ASP T 13 81.53 4.29 -13.22
C ASP T 13 81.63 2.97 -12.45
N THR T 14 80.84 1.98 -12.86
CA THR T 14 80.86 0.67 -12.23
C THR T 14 82.25 0.05 -12.35
N ARG T 15 82.96 0.42 -13.41
CA ARG T 15 84.31 -0.10 -13.65
C ARG T 15 85.35 0.89 -13.14
N GLY T 16 84.89 2.05 -12.66
CA GLY T 16 85.80 3.04 -12.14
C GLY T 16 86.78 3.57 -13.18
N GLU T 17 86.30 3.80 -14.38
CA GLU T 17 87.18 4.33 -15.43
C GLU T 17 86.50 5.40 -16.26
N MET T 18 87.32 6.20 -16.93
CA MET T 18 86.82 7.25 -17.78
C MET T 18 86.56 6.64 -19.16
N LEU T 19 85.69 7.29 -19.95
CA LEU T 19 85.37 6.78 -21.27
C LEU T 19 86.59 6.78 -22.18
N SER T 20 86.72 5.74 -23.00
CA SER T 20 87.83 5.63 -23.94
C SER T 20 87.56 6.57 -25.11
N THR T 21 88.59 6.84 -25.90
CA THR T 21 88.43 7.72 -27.06
C THR T 21 87.38 7.13 -27.99
N ALA T 22 87.31 5.80 -28.06
CA ALA T 22 86.34 5.12 -28.91
C ALA T 22 84.92 5.42 -28.43
N GLN T 23 84.68 5.19 -27.15
CA GLN T 23 83.36 5.44 -26.57
C GLN T 23 82.90 6.87 -26.80
N ILE T 24 83.79 7.83 -26.59
CA ILE T 24 83.44 9.22 -26.81
C ILE T 24 83.12 9.49 -28.27
N ASP T 25 83.92 8.92 -29.18
CA ASP T 25 83.68 9.10 -30.61
C ASP T 25 82.31 8.56 -31.02
N ALA T 26 81.90 7.46 -30.40
CA ALA T 26 80.60 6.86 -30.69
C ALA T 26 79.48 7.85 -30.32
N LEU T 27 79.64 8.55 -29.20
CA LEU T 27 78.64 9.52 -28.77
C LEU T 27 78.66 10.73 -29.70
N SER T 28 79.85 11.06 -30.20
CA SER T 28 80.00 12.19 -31.12
C SER T 28 79.19 11.90 -32.38
N GLN T 29 79.26 10.66 -32.84
CA GLN T 29 78.54 10.23 -34.02
C GLN T 29 77.04 10.45 -33.86
N MET T 30 76.48 10.08 -32.72
CA MET T 30 75.05 10.26 -32.54
C MET T 30 74.70 11.74 -32.41
N VAL T 31 75.62 12.53 -31.85
CA VAL T 31 75.37 13.96 -31.73
C VAL T 31 75.32 14.54 -33.16
N ALA T 32 76.20 14.06 -34.03
CA ALA T 32 76.25 14.52 -35.42
C ALA T 32 74.96 14.18 -36.16
N GLU T 33 74.30 13.11 -35.73
CA GLU T 33 73.04 12.64 -36.32
C GLU T 33 71.79 13.18 -35.61
N SER T 34 71.99 13.81 -34.46
CA SER T 34 70.87 14.32 -33.65
C SER T 34 69.71 15.00 -34.38
N ASN T 35 69.99 15.83 -35.38
CA ASN T 35 68.91 16.51 -36.12
C ASN T 35 67.85 15.56 -36.65
N LYS T 36 68.27 14.43 -37.23
CA LYS T 36 67.33 13.47 -37.77
C LYS T 36 66.46 12.90 -36.65
N ARG T 37 67.09 12.65 -35.50
CA ARG T 37 66.43 12.10 -34.31
C ARG T 37 65.32 13.00 -33.80
N LEU T 38 65.59 14.29 -33.73
CA LEU T 38 64.60 15.25 -33.26
C LEU T 38 63.44 15.44 -34.26
N ASP T 39 63.73 15.27 -35.57
CA ASP T 39 62.69 15.38 -36.60
C ASP T 39 61.74 14.21 -36.42
N ALA T 40 62.30 13.04 -36.12
CA ALA T 40 61.50 11.82 -35.92
C ALA T 40 60.59 12.00 -34.73
N VAL T 41 61.12 12.55 -33.64
CA VAL T 41 60.35 12.79 -32.43
C VAL T 41 59.24 13.78 -32.73
N ASN T 42 59.59 14.88 -33.37
CA ASN T 42 58.60 15.90 -33.73
C ASN T 42 57.52 15.32 -34.65
N ARG T 43 57.93 14.55 -35.66
CA ARG T 43 56.98 13.97 -36.61
C ARG T 43 56.04 12.94 -36.01
N ILE T 44 56.56 12.05 -35.17
CA ILE T 44 55.68 11.06 -34.57
C ILE T 44 54.71 11.76 -33.63
N THR T 45 55.24 12.68 -32.84
CA THR T 45 54.43 13.42 -31.88
C THR T 45 53.33 14.25 -32.55
N SER T 46 53.66 14.91 -33.65
CA SER T 46 52.69 15.75 -34.34
C SER T 46 51.52 14.96 -34.94
N ASN T 47 51.69 13.64 -35.08
CA ASN T 47 50.63 12.80 -35.62
C ASN T 47 50.23 11.70 -34.64
N ALA T 48 50.31 11.99 -33.35
CA ALA T 48 49.98 11.02 -32.32
C ALA T 48 48.51 10.62 -32.32
N SER T 49 47.62 11.61 -32.33
CA SER T 49 46.18 11.36 -32.32
C SER T 49 45.78 10.47 -33.49
N THR T 50 46.29 10.77 -34.67
CA THR T 50 46.01 9.99 -35.87
C THR T 50 46.58 8.58 -35.74
N ILE T 51 47.85 8.49 -35.36
CA ILE T 51 48.50 7.20 -35.20
C ILE T 51 47.76 6.25 -34.26
N VAL T 52 47.34 6.77 -33.11
CA VAL T 52 46.61 5.96 -32.13
C VAL T 52 45.21 5.67 -32.65
N SER T 53 44.56 6.72 -33.14
CA SER T 53 43.21 6.63 -33.68
C SER T 53 43.05 5.55 -34.76
N ASN T 54 43.81 5.69 -35.85
CA ASN T 54 43.76 4.75 -36.96
C ASN T 54 44.14 3.34 -36.53
N ALA T 55 45.17 3.22 -35.71
CA ALA T 55 45.60 1.91 -35.22
C ALA T 55 44.50 1.24 -34.40
N ALA T 56 43.88 2.01 -33.51
CA ALA T 56 42.81 1.49 -32.66
C ALA T 56 41.64 0.97 -33.48
N ARG T 57 41.10 1.82 -34.35
CA ARG T 57 39.98 1.45 -35.20
C ARG T 57 40.29 0.20 -36.00
N SER T 58 41.47 0.16 -36.59
CA SER T 58 41.88 -0.98 -37.38
C SER T 58 41.90 -2.25 -36.52
N LEU T 59 42.41 -2.13 -35.30
CA LEU T 59 42.45 -3.28 -34.40
C LEU T 59 41.05 -3.82 -34.11
N PHE T 60 40.13 -2.91 -33.81
CA PHE T 60 38.77 -3.32 -33.49
C PHE T 60 38.09 -3.92 -34.71
N ALA T 61 38.52 -3.51 -35.90
CA ALA T 61 37.95 -4.04 -37.13
C ALA T 61 38.39 -5.49 -37.30
N GLU T 62 39.65 -5.76 -36.96
CA GLU T 62 40.21 -7.10 -37.06
C GLU T 62 39.70 -8.04 -35.98
N GLN T 63 39.57 -7.51 -34.77
CA GLN T 63 39.12 -8.32 -33.65
C GLN T 63 37.91 -7.72 -32.99
N PRO T 64 36.74 -7.82 -33.65
CA PRO T 64 35.48 -7.28 -33.15
C PRO T 64 35.01 -7.85 -31.81
N GLN T 65 35.59 -8.98 -31.39
CA GLN T 65 35.20 -9.56 -30.11
C GLN T 65 35.61 -8.63 -28.98
N LEU T 66 36.60 -7.77 -29.25
CA LEU T 66 37.08 -6.83 -28.25
C LEU T 66 36.01 -5.80 -27.88
N ILE T 67 35.28 -5.30 -28.87
CA ILE T 67 34.25 -4.30 -28.62
C ILE T 67 32.85 -4.85 -28.47
N ALA T 68 32.68 -6.15 -28.71
CA ALA T 68 31.36 -6.75 -28.56
C ALA T 68 31.02 -6.72 -27.07
N PRO T 69 29.74 -6.52 -26.72
CA PRO T 69 29.35 -6.49 -25.30
C PRO T 69 30.00 -7.64 -24.52
N GLY T 70 30.70 -7.28 -23.44
CA GLY T 70 31.37 -8.28 -22.63
C GLY T 70 32.84 -8.32 -22.94
N GLY T 71 33.23 -7.85 -24.13
CA GLY T 71 34.62 -7.83 -24.52
C GLY T 71 35.43 -6.92 -23.61
N MEN T 72 36.74 -7.05 -23.64
CA MEN T 72 37.58 -6.23 -22.77
C MEN T 72 37.57 -4.74 -23.11
O MEN T 72 37.91 -3.91 -22.26
CB MEN T 72 39.02 -6.74 -22.75
CG MEN T 72 39.83 -6.18 -21.59
OD1 MEN T 72 40.67 -5.30 -21.78
ND2 MEN T 72 39.55 -6.67 -20.39
CE2 MEN T 72 40.26 -6.20 -19.20
N ALA T 73 37.19 -4.39 -24.33
CA ALA T 73 37.15 -2.99 -24.74
C ALA T 73 35.72 -2.45 -24.72
N TYR T 74 34.78 -3.28 -24.27
CA TYR T 74 33.38 -2.88 -24.20
C TYR T 74 33.18 -1.84 -23.09
N THR T 75 32.12 -1.05 -23.19
CA THR T 75 31.78 0.04 -22.25
C THR T 75 32.74 1.20 -22.50
N SER T 76 32.22 2.43 -22.41
CA SER T 76 33.04 3.61 -22.64
C SER T 76 34.31 3.67 -21.81
N ARG T 77 34.19 3.39 -20.53
CA ARG T 77 35.33 3.43 -19.62
C ARG T 77 36.49 2.56 -20.09
N ARG T 78 36.21 1.32 -20.44
CA ARG T 78 37.24 0.41 -20.91
C ARG T 78 37.81 0.87 -22.25
N MET T 79 36.94 1.38 -23.12
CA MET T 79 37.39 1.87 -24.42
C MET T 79 38.35 3.04 -24.17
N ALA T 80 37.99 3.93 -23.25
CA ALA T 80 38.83 5.09 -22.94
C ALA T 80 40.19 4.59 -22.43
N ALA T 81 40.16 3.62 -21.54
CA ALA T 81 41.39 3.05 -20.98
C ALA T 81 42.26 2.47 -22.08
N CYS T 82 41.64 1.75 -23.01
CA CYS T 82 42.35 1.13 -24.12
C CYS T 82 43.01 2.17 -25.02
N LEU T 83 42.26 3.20 -25.40
CA LEU T 83 42.80 4.26 -26.24
C LEU T 83 43.95 4.95 -25.52
N ARG T 84 43.79 5.11 -24.21
CA ARG T 84 44.79 5.76 -23.36
C ARG T 84 46.10 4.98 -23.42
N ASP T 85 46.02 3.68 -23.16
CA ASP T 85 47.22 2.82 -23.19
C ASP T 85 47.98 2.94 -24.51
N MET T 86 47.25 2.99 -25.62
CA MET T 86 47.88 3.12 -26.93
C MET T 86 48.71 4.40 -26.98
N GLU T 87 48.12 5.50 -26.53
CA GLU T 87 48.78 6.78 -26.51
C GLU T 87 49.97 6.73 -25.54
N ILE T 88 49.73 6.12 -24.38
CA ILE T 88 50.76 5.99 -23.37
C ILE T 88 52.02 5.31 -23.91
N ILE T 89 51.84 4.15 -24.52
CA ILE T 89 52.96 3.39 -25.07
C ILE T 89 53.67 4.20 -26.14
N LEU T 90 52.90 4.83 -27.02
CA LEU T 90 53.48 5.64 -28.08
C LEU T 90 54.29 6.78 -27.47
N ARG T 91 53.75 7.40 -26.43
CA ARG T 91 54.41 8.52 -25.76
C ARG T 91 55.79 8.11 -25.24
N TYR T 92 55.85 7.01 -24.50
CA TYR T 92 57.11 6.54 -23.96
C TYR T 92 58.10 6.14 -25.05
N VAL T 93 57.59 5.63 -26.16
CA VAL T 93 58.47 5.24 -27.25
C VAL T 93 59.12 6.49 -27.84
N THR T 94 58.36 7.58 -27.93
CA THR T 94 58.93 8.82 -28.45
C THR T 94 59.97 9.31 -27.44
N TYR T 95 59.77 8.95 -26.17
CA TYR T 95 60.71 9.35 -25.13
C TYR T 95 62.04 8.64 -25.37
N ALA T 96 61.98 7.32 -25.54
CA ALA T 96 63.18 6.53 -25.76
C ALA T 96 63.96 7.05 -26.96
N VAL T 97 63.24 7.37 -28.03
CA VAL T 97 63.85 7.88 -29.25
C VAL T 97 64.56 9.21 -28.99
N PHE T 98 63.91 10.08 -28.22
CA PHE T 98 64.46 11.38 -27.90
C PHE T 98 65.71 11.21 -27.03
N ALA T 99 65.62 10.34 -26.03
CA ALA T 99 66.73 10.08 -25.12
C ALA T 99 67.82 9.20 -25.73
N GLY T 100 67.46 8.39 -26.72
CA GLY T 100 68.43 7.51 -27.34
C GLY T 100 68.73 6.31 -26.47
N ASP T 101 67.82 5.99 -25.56
CA ASP T 101 67.99 4.85 -24.67
C ASP T 101 66.60 4.31 -24.33
N ALA T 102 66.49 3.00 -24.18
CA ALA T 102 65.21 2.37 -23.88
C ALA T 102 64.81 2.36 -22.41
N SER T 103 65.74 2.73 -21.52
CA SER T 103 65.46 2.71 -20.09
C SER T 103 64.12 3.34 -19.67
N VAL T 104 63.88 4.59 -20.06
CA VAL T 104 62.64 5.25 -19.67
C VAL T 104 61.42 4.41 -20.04
N LEU T 105 61.43 3.87 -21.27
CA LEU T 105 60.33 3.04 -21.75
C LEU T 105 60.19 1.78 -20.90
N GLU T 106 61.31 1.08 -20.70
CA GLU T 106 61.32 -0.15 -19.93
C GLU T 106 60.89 0.02 -18.48
N ASP T 107 61.51 0.97 -17.78
CA ASP T 107 61.22 1.19 -16.36
C ASP T 107 59.85 1.77 -16.02
N ARG T 108 59.45 2.84 -16.70
CA ARG T 108 58.18 3.49 -16.39
C ARG T 108 56.95 3.08 -17.20
N CYS T 109 57.10 2.14 -18.13
CA CYS T 109 55.96 1.75 -18.93
C CYS T 109 55.79 0.24 -19.12
N LEU T 110 56.77 -0.38 -19.77
CA LEU T 110 56.74 -1.81 -20.06
C LEU T 110 56.84 -2.71 -18.83
N ASN T 111 57.75 -2.39 -17.90
CA ASN T 111 57.95 -3.18 -16.70
C ASN T 111 56.68 -3.26 -15.85
N GLY T 112 56.20 -4.47 -15.62
CA GLY T 112 55.00 -4.67 -14.83
C GLY T 112 53.72 -4.66 -15.66
N LEU T 113 53.80 -4.07 -16.84
CA LEU T 113 52.63 -3.97 -17.72
C LEU T 113 52.07 -5.34 -18.13
N ARG T 114 52.92 -6.36 -18.27
CA ARG T 114 52.42 -7.68 -18.63
C ARG T 114 51.59 -8.22 -17.46
N GLU T 115 52.15 -8.14 -16.27
CA GLU T 115 51.47 -8.60 -15.05
C GLU T 115 50.17 -7.82 -14.85
N THR T 116 50.16 -6.58 -15.33
CA THR T 116 48.98 -5.73 -15.20
C THR T 116 47.85 -6.22 -16.10
N TYR T 117 48.18 -6.51 -17.35
CA TYR T 117 47.19 -6.99 -18.29
C TYR T 117 46.73 -8.40 -17.95
N LEU T 118 47.61 -9.19 -17.35
CA LEU T 118 47.23 -10.54 -16.96
C LEU T 118 46.18 -10.45 -15.86
N ALA T 119 46.49 -9.71 -14.81
CA ALA T 119 45.59 -9.53 -13.69
C ALA T 119 44.24 -8.96 -14.11
N LEU T 120 44.26 -7.97 -15.01
CA LEU T 120 43.04 -7.33 -15.51
C LEU T 120 42.22 -8.22 -16.42
N GLY T 121 42.92 -9.04 -17.22
CA GLY T 121 42.22 -9.90 -18.15
C GLY T 121 42.21 -9.23 -19.51
N THR T 122 43.28 -8.51 -19.81
CA THR T 122 43.43 -7.80 -21.08
C THR T 122 44.32 -8.62 -22.02
N PRO T 123 43.84 -8.90 -23.24
CA PRO T 123 44.61 -9.67 -24.23
C PRO T 123 45.85 -8.93 -24.75
N GLY T 124 47.00 -9.24 -24.16
CA GLY T 124 48.24 -8.60 -24.56
C GLY T 124 48.55 -8.80 -26.04
N SER T 125 48.12 -9.94 -26.59
CA SER T 125 48.37 -10.20 -28.00
C SER T 125 47.74 -9.09 -28.82
N SER T 126 46.49 -8.78 -28.49
CA SER T 126 45.74 -7.73 -29.19
C SER T 126 46.43 -6.39 -29.00
N VAL T 127 46.92 -6.14 -27.78
CA VAL T 127 47.62 -4.89 -27.47
C VAL T 127 48.85 -4.79 -28.37
N ALA T 128 49.56 -5.91 -28.52
CA ALA T 128 50.75 -5.96 -29.36
C ALA T 128 50.38 -5.65 -30.80
N VAL T 129 49.27 -6.20 -31.27
CA VAL T 129 48.83 -5.97 -32.63
C VAL T 129 48.64 -4.47 -32.85
N GLY T 130 47.99 -3.83 -31.88
CA GLY T 130 47.75 -2.40 -31.98
C GLY T 130 49.05 -1.63 -32.00
N VAL T 131 50.03 -2.10 -31.23
CA VAL T 131 51.33 -1.46 -31.17
C VAL T 131 52.08 -1.63 -32.49
N GLY T 132 51.92 -2.80 -33.11
CA GLY T 132 52.57 -3.06 -34.38
C GLY T 132 52.07 -2.10 -35.44
N LYS T 133 50.79 -1.75 -35.36
CA LYS T 133 50.19 -0.83 -36.30
C LYS T 133 50.74 0.58 -36.15
N MET T 134 50.83 1.05 -34.91
CA MET T 134 51.36 2.39 -34.65
C MET T 134 52.81 2.44 -35.11
N LYS T 135 53.47 1.29 -35.00
CA LYS T 135 54.85 1.15 -35.39
C LYS T 135 55.03 1.51 -36.87
N GLU T 136 54.35 0.80 -37.74
CA GLU T 136 54.47 1.07 -39.17
C GLU T 136 53.89 2.40 -39.59
N ALA T 137 52.91 2.92 -38.84
CA ALA T 137 52.34 4.21 -39.19
C ALA T 137 53.37 5.28 -38.82
N ALA T 138 54.04 5.05 -37.70
CA ALA T 138 55.07 5.96 -37.20
C ALA T 138 56.26 6.00 -38.16
N LEU T 139 56.72 4.82 -38.55
CA LEU T 139 57.85 4.70 -39.47
C LEU T 139 57.58 5.33 -40.82
N ALA T 140 56.37 5.14 -41.35
CA ALA T 140 56.01 5.72 -42.64
C ALA T 140 56.04 7.24 -42.55
N ILE T 141 55.73 7.77 -41.37
CA ILE T 141 55.72 9.20 -41.14
C ILE T 141 57.14 9.75 -40.99
N VAL T 142 58.03 8.92 -40.45
CA VAL T 142 59.42 9.32 -40.24
C VAL T 142 60.19 9.32 -41.55
N ASN T 143 59.88 8.36 -42.42
CA ASN T 143 60.57 8.22 -43.69
C ASN T 143 59.99 9.04 -44.85
N ASP T 144 58.95 9.83 -44.58
CA ASP T 144 58.35 10.63 -45.64
C ASP T 144 59.35 11.70 -46.08
N PRO T 145 59.83 11.60 -47.33
CA PRO T 145 60.81 12.55 -47.88
C PRO T 145 60.29 13.98 -48.09
N ALA T 146 58.98 14.16 -47.94
CA ALA T 146 58.38 15.47 -48.15
C ALA T 146 58.70 16.52 -47.09
N GLY T 147 58.95 17.75 -47.55
CA GLY T 147 59.24 18.88 -46.68
C GLY T 147 60.37 18.75 -45.67
N ILE T 148 61.43 18.05 -46.04
CA ILE T 148 62.56 17.86 -45.15
C ILE T 148 63.85 17.74 -45.96
N THR T 149 64.98 18.10 -45.37
CA THR T 149 66.25 18.00 -46.08
C THR T 149 66.54 16.52 -46.32
N PRO T 150 66.66 16.13 -47.60
CA PRO T 150 66.94 14.73 -47.93
C PRO T 150 68.24 14.18 -47.35
N GLY T 151 68.15 12.97 -46.78
CA GLY T 151 69.29 12.30 -46.19
C GLY T 151 68.90 10.90 -45.79
N ASP T 152 69.73 10.22 -45.02
CA ASP T 152 69.42 8.85 -44.61
C ASP T 152 69.05 8.67 -43.14
N CYS T 153 67.88 8.11 -42.90
CA CYS T 153 67.41 7.87 -41.54
C CYS T 153 67.21 6.37 -41.33
N SER T 154 67.99 5.56 -42.05
CA SER T 154 67.90 4.11 -41.95
C SER T 154 68.30 3.61 -40.56
N ALA T 155 69.45 4.05 -40.07
CA ALA T 155 69.92 3.65 -38.76
C ALA T 155 68.86 4.02 -37.72
N LEU T 156 68.48 5.28 -37.73
CA LEU T 156 67.48 5.80 -36.82
C LEU T 156 66.18 5.01 -36.90
N ALA T 157 65.72 4.75 -38.12
CA ALA T 157 64.50 3.98 -38.34
C ALA T 157 64.61 2.63 -37.66
N SER T 158 65.78 2.01 -37.79
CA SER T 158 66.02 0.71 -37.18
C SER T 158 65.92 0.84 -35.67
N GLU T 159 66.42 1.94 -35.12
CA GLU T 159 66.37 2.18 -33.69
C GLU T 159 64.93 2.34 -33.20
N ILE T 160 64.15 3.14 -33.92
CA ILE T 160 62.75 3.38 -33.55
C ILE T 160 61.95 2.09 -33.55
N ALA T 161 62.09 1.30 -34.60
CA ALA T 161 61.37 0.04 -34.70
C ALA T 161 61.74 -0.82 -33.50
N SER T 162 62.99 -0.74 -33.09
CA SER T 162 63.50 -1.50 -31.95
C SER T 162 62.68 -1.28 -30.69
N TYR T 163 62.46 -0.02 -30.31
CA TYR T 163 61.68 0.31 -29.12
C TYR T 163 60.23 -0.14 -29.26
N PHE T 164 59.68 -0.04 -30.47
CA PHE T 164 58.31 -0.46 -30.69
C PHE T 164 58.20 -1.95 -30.38
N ASP T 165 59.15 -2.74 -30.88
CA ASP T 165 59.16 -4.18 -30.64
C ASP T 165 59.29 -4.50 -29.16
N ARG T 166 60.10 -3.72 -28.45
CA ARG T 166 60.28 -3.93 -27.01
C ARG T 166 58.92 -3.84 -26.34
N ALA T 167 58.09 -2.93 -26.85
CA ALA T 167 56.75 -2.73 -26.33
C ALA T 167 55.88 -3.96 -26.65
N CYS T 168 55.95 -4.43 -27.89
CA CYS T 168 55.18 -5.59 -28.32
C CYS T 168 55.59 -6.82 -27.52
N ALA T 169 56.90 -6.93 -27.25
CA ALA T 169 57.43 -8.07 -26.51
C ALA T 169 56.96 -8.11 -25.06
N ALA T 170 56.92 -6.95 -24.41
CA ALA T 170 56.51 -6.87 -23.01
C ALA T 170 55.03 -7.10 -22.76
N VAL T 171 54.23 -7.03 -23.81
CA VAL T 171 52.79 -7.21 -23.62
C VAL T 171 52.27 -8.54 -24.19
N SER T 172 53.13 -9.27 -24.88
CA SER T 172 52.75 -10.54 -25.47
C SER T 172 52.61 -11.66 -24.43
N MET U 1 28.04 1.45 -8.19
CA MET U 1 26.73 1.80 -8.81
C MET U 1 26.05 2.90 -7.98
N LYS U 2 25.14 3.65 -8.60
CA LYS U 2 24.44 4.72 -7.88
C LYS U 2 22.92 4.56 -7.84
N THR U 3 22.44 3.71 -6.95
CA THR U 3 21.00 3.49 -6.79
C THR U 3 20.66 3.85 -5.36
N PRO U 4 19.37 4.01 -5.05
CA PRO U 4 18.95 4.35 -3.69
C PRO U 4 19.48 3.35 -2.68
N LEU U 5 19.27 2.08 -2.95
CA LEU U 5 19.72 1.02 -2.06
C LEU U 5 21.22 1.02 -1.80
N THR U 6 22.04 1.00 -2.85
CA THR U 6 23.49 0.98 -2.63
C THR U 6 24.01 2.26 -1.99
N GLU U 7 23.37 3.39 -2.30
CA GLU U 7 23.80 4.67 -1.72
C GLU U 7 23.50 4.69 -0.22
N ALA U 8 22.33 4.17 0.16
CA ALA U 8 21.94 4.13 1.56
C ALA U 8 22.96 3.30 2.35
N VAL U 9 23.29 2.12 1.85
CA VAL U 9 24.24 1.25 2.51
C VAL U 9 25.63 1.92 2.57
N SER U 10 26.06 2.52 1.47
CA SER U 10 27.36 3.18 1.42
C SER U 10 27.51 4.31 2.43
N ILE U 11 26.46 5.10 2.62
CA ILE U 11 26.51 6.20 3.58
C ILE U 11 26.70 5.65 4.98
N ALA U 12 25.80 4.76 5.38
CA ALA U 12 25.85 4.14 6.70
C ALA U 12 27.21 3.51 6.95
N ASP U 13 27.69 2.72 6.00
CA ASP U 13 28.97 2.07 6.16
C ASP U 13 30.07 3.12 6.34
N SER U 14 29.93 4.24 5.64
CA SER U 14 30.90 5.32 5.76
C SER U 14 30.91 5.86 7.19
N GLN U 15 29.78 5.74 7.87
CA GLN U 15 29.65 6.23 9.24
C GLN U 15 29.72 5.12 10.28
N GLY U 16 30.06 3.90 9.84
CA GLY U 16 30.14 2.78 10.76
C GLY U 16 28.83 2.56 11.50
N ARG U 17 27.72 2.94 10.86
CA ARG U 17 26.41 2.83 11.48
C ARG U 17 25.53 1.71 10.94
N PHE U 18 24.58 1.28 11.76
CA PHE U 18 23.60 0.28 11.34
C PHE U 18 22.60 1.13 10.53
N LEU U 19 21.80 0.48 9.70
CA LEU U 19 20.81 1.22 8.93
C LEU U 19 19.77 1.72 9.93
N SER U 20 19.14 2.84 9.65
CA SER U 20 18.12 3.40 10.54
C SER U 20 16.87 3.79 9.75
N SER U 21 15.94 4.50 10.39
CA SER U 21 14.72 4.91 9.71
C SER U 21 15.00 5.69 8.43
N THR U 22 16.07 6.48 8.42
CA THR U 22 16.43 7.28 7.25
C THR U 22 16.65 6.39 6.04
N GLU U 23 17.50 5.38 6.19
CA GLU U 23 17.78 4.47 5.10
C GLU U 23 16.57 3.64 4.69
N ILE U 24 15.69 3.36 5.65
CA ILE U 24 14.50 2.57 5.34
C ILE U 24 13.57 3.41 4.46
N GLN U 25 13.46 4.70 4.74
CA GLN U 25 12.61 5.58 3.95
C GLN U 25 13.21 5.69 2.55
N VAL U 26 14.53 5.54 2.45
CA VAL U 26 15.17 5.59 1.15
C VAL U 26 14.65 4.37 0.39
N ALA U 27 14.56 3.25 1.10
CA ALA U 27 14.06 2.00 0.51
C ALA U 27 12.60 2.18 0.11
N PHE U 28 11.82 2.83 0.97
CA PHE U 28 10.42 3.05 0.68
C PHE U 28 10.26 3.86 -0.61
N GLY U 29 11.06 4.92 -0.74
CA GLY U 29 10.98 5.75 -1.93
C GLY U 29 11.36 4.97 -3.16
N ARG U 30 12.38 4.12 -3.03
CA ARG U 30 12.86 3.30 -4.13
C ARG U 30 11.81 2.27 -4.56
N PHE U 31 11.29 1.53 -3.59
CA PHE U 31 10.32 0.50 -3.89
C PHE U 31 8.98 1.06 -4.37
N ARG U 32 8.61 2.24 -3.86
CA ARG U 32 7.35 2.85 -4.27
C ARG U 32 7.46 3.37 -5.70
N GLN U 33 8.68 3.65 -6.13
CA GLN U 33 8.94 4.15 -7.46
C GLN U 33 9.11 3.03 -8.48
N ALA U 34 9.42 1.84 -7.99
CA ALA U 34 9.61 0.69 -8.86
C ALA U 34 8.46 0.48 -9.85
N LYS U 35 7.25 0.87 -9.45
CA LYS U 35 6.06 0.74 -10.30
C LYS U 35 6.32 1.38 -11.66
N ALA U 36 6.62 2.66 -11.64
CA ALA U 36 6.88 3.44 -12.85
C ALA U 36 8.13 2.95 -13.57
N GLY U 37 9.19 2.72 -12.81
CA GLY U 37 10.44 2.27 -13.41
C GLY U 37 10.29 0.96 -14.18
N LEU U 38 9.67 -0.03 -13.55
CA LEU U 38 9.50 -1.32 -14.19
C LEU U 38 8.54 -1.26 -15.38
N GLU U 39 7.50 -0.45 -15.28
CA GLU U 39 6.56 -0.33 -16.38
C GLU U 39 7.29 0.34 -17.55
N ALA U 40 7.98 1.43 -17.26
CA ALA U 40 8.73 2.15 -18.29
C ALA U 40 9.73 1.24 -19.00
N ALA U 41 10.51 0.50 -18.22
CA ALA U 41 11.52 -0.38 -18.78
C ALA U 41 10.89 -1.43 -19.69
N LYS U 42 9.73 -1.95 -19.30
CA LYS U 42 9.06 -2.97 -20.09
C LYS U 42 8.56 -2.36 -21.39
N ALA U 43 7.88 -1.23 -21.30
CA ALA U 43 7.35 -0.55 -22.47
C ALA U 43 8.48 -0.22 -23.46
N LEU U 44 9.54 0.43 -22.97
CA LEU U 44 10.66 0.77 -23.85
C LEU U 44 11.29 -0.48 -24.49
N THR U 45 11.32 -1.58 -23.76
CA THR U 45 11.90 -2.81 -24.29
C THR U 45 11.09 -3.39 -25.45
N SER U 46 9.76 -3.34 -25.36
CA SER U 46 8.94 -3.88 -26.44
C SER U 46 9.03 -3.00 -27.70
N LYS U 47 9.09 -1.68 -27.52
CA LYS U 47 9.19 -0.76 -28.65
C LYS U 47 10.64 -0.48 -29.05
N ALA U 48 11.57 -1.26 -28.53
CA ALA U 48 13.00 -1.07 -28.80
C ALA U 48 13.38 -0.87 -30.26
N ASP U 49 13.13 -1.88 -31.09
CA ASP U 49 13.47 -1.83 -32.52
C ASP U 49 12.92 -0.59 -33.22
N SER U 50 11.67 -0.26 -32.92
CA SER U 50 11.03 0.91 -33.51
C SER U 50 11.73 2.17 -33.04
N LEU U 51 11.96 2.24 -31.73
CA LEU U 51 12.61 3.41 -31.14
C LEU U 51 14.00 3.67 -31.69
N ILE U 52 14.82 2.61 -31.74
CA ILE U 52 16.18 2.74 -32.25
C ILE U 52 16.18 3.21 -33.69
N SER U 53 15.65 2.39 -34.60
CA SER U 53 15.60 2.76 -36.01
C SER U 53 14.94 4.12 -36.17
N GLY U 54 13.93 4.39 -35.35
CA GLY U 54 13.27 5.67 -35.43
C GLY U 54 14.20 6.81 -35.04
N ALA U 55 14.97 6.61 -33.98
CA ALA U 55 15.91 7.61 -33.51
C ALA U 55 17.07 7.79 -34.50
N ALA U 56 17.62 6.68 -34.99
CA ALA U 56 18.74 6.75 -35.93
C ALA U 56 18.34 7.56 -37.15
N GLN U 57 17.06 7.54 -37.47
CA GLN U 57 16.52 8.28 -38.62
C GLN U 57 16.38 9.76 -38.29
N ALA U 58 15.81 10.06 -37.14
CA ALA U 58 15.63 11.45 -36.70
C ALA U 58 16.98 12.16 -36.79
N VAL U 59 18.05 11.43 -36.51
CA VAL U 59 19.39 12.01 -36.56
C VAL U 59 19.82 12.21 -38.00
N TYR U 60 19.61 11.21 -38.85
CA TYR U 60 19.98 11.33 -40.26
C TYR U 60 19.17 12.46 -40.91
N ASN U 61 17.96 12.68 -40.42
CA ASN U 61 17.09 13.73 -40.95
C ASN U 61 17.58 15.11 -40.51
N LYS U 62 17.98 15.21 -39.25
CA LYS U 62 18.46 16.47 -38.68
C LYS U 62 19.83 16.85 -39.26
N PHE U 63 20.73 15.89 -39.31
CA PHE U 63 22.09 16.10 -39.82
C PHE U 63 22.30 15.24 -41.06
N PRO U 64 21.73 15.65 -42.21
CA PRO U 64 21.88 14.89 -43.44
C PRO U 64 23.30 14.63 -43.92
N TYR U 65 24.26 15.45 -43.50
CA TYR U 65 25.64 15.24 -43.92
C TYR U 65 26.22 13.98 -43.32
N THR U 66 25.55 13.45 -42.30
CA THR U 66 26.03 12.23 -41.63
C THR U 66 25.80 10.97 -42.44
N THR U 67 25.08 11.09 -43.55
CA THR U 67 24.80 9.94 -44.41
C THR U 67 25.36 10.22 -45.82
N GLN U 68 26.25 11.20 -45.89
CA GLN U 68 26.87 11.62 -47.15
C GLN U 68 28.40 11.61 -47.11
N MET U 69 28.95 12.23 -46.06
CA MET U 69 30.40 12.33 -45.91
C MET U 69 31.12 10.98 -45.79
N GLN U 70 32.23 10.87 -46.50
CA GLN U 70 33.04 9.65 -46.55
C GLN U 70 33.57 9.08 -45.23
N GLY U 71 34.13 9.94 -44.39
CA GLY U 71 34.70 9.52 -43.10
C GLY U 71 34.12 8.33 -42.35
N PRO U 72 34.97 7.54 -41.66
CA PRO U 72 34.50 6.38 -40.90
C PRO U 72 33.65 6.78 -39.71
N ASN U 73 33.75 8.06 -39.33
CA ASN U 73 32.99 8.57 -38.19
C ASN U 73 31.55 8.87 -38.59
N TYR U 74 31.27 8.78 -39.89
CA TYR U 74 29.93 9.04 -40.42
C TYR U 74 29.18 7.77 -40.85
N ALA U 75 27.90 7.95 -41.20
CA ALA U 75 27.04 6.85 -41.62
C ALA U 75 26.62 6.95 -43.09
N ALA U 76 27.57 7.21 -43.98
CA ALA U 76 27.31 7.33 -45.41
C ALA U 76 27.26 5.94 -46.07
N ASP U 77 27.50 4.91 -45.26
CA ASP U 77 27.47 3.54 -45.75
C ASP U 77 26.78 2.67 -44.70
N GLN U 78 26.62 1.38 -44.99
CA GLN U 78 25.95 0.48 -44.06
C GLN U 78 26.72 0.33 -42.76
N ARG U 79 28.04 0.21 -42.86
CA ARG U 79 28.88 0.08 -41.68
C ARG U 79 28.56 1.19 -40.68
N GLY U 80 28.60 2.43 -41.16
CA GLY U 80 28.33 3.58 -40.31
C GLY U 80 26.93 3.58 -39.72
N LYS U 81 25.94 3.20 -40.53
CA LYS U 81 24.57 3.16 -40.05
C LYS U 81 24.47 2.13 -38.92
N ASP U 82 25.20 1.04 -39.07
CA ASP U 82 25.20 -0.02 -38.06
C ASP U 82 25.83 0.45 -36.75
N LYS U 83 26.97 1.12 -36.84
CA LYS U 83 27.63 1.63 -35.65
C LYS U 83 26.66 2.57 -34.94
N CYS U 84 26.08 3.47 -35.72
CA CYS U 84 25.15 4.45 -35.19
C CYS U 84 23.96 3.79 -34.50
N ALA U 85 23.33 2.85 -35.21
CA ALA U 85 22.18 2.12 -34.67
C ALA U 85 22.59 1.45 -33.37
N ARG U 86 23.72 0.75 -33.41
CA ARG U 86 24.22 0.06 -32.22
C ARG U 86 24.36 1.01 -31.03
N ASP U 87 25.00 2.16 -31.26
CA ASP U 87 25.20 3.15 -30.19
C ASP U 87 23.87 3.62 -29.60
N ILE U 88 22.92 3.96 -30.47
CA ILE U 88 21.61 4.42 -30.01
C ILE U 88 20.89 3.30 -29.26
N GLY U 89 21.21 2.06 -29.63
CA GLY U 89 20.61 0.93 -28.96
C GLY U 89 21.23 0.86 -27.57
N TYR U 90 22.51 1.16 -27.51
CA TYR U 90 23.22 1.15 -26.23
C TYR U 90 22.58 2.17 -25.28
N TYR U 91 22.36 3.39 -25.75
CA TYR U 91 21.74 4.38 -24.88
C TYR U 91 20.38 3.92 -24.38
N LEU U 92 19.58 3.31 -25.26
CA LEU U 92 18.26 2.85 -24.87
C LEU U 92 18.38 1.72 -23.83
N ARG U 93 19.32 0.81 -24.06
CA ARG U 93 19.50 -0.29 -23.13
C ARG U 93 19.87 0.27 -21.76
N MET U 94 20.79 1.24 -21.72
CA MET U 94 21.18 1.84 -20.44
C MET U 94 20.00 2.50 -19.73
N VAL U 95 19.13 3.17 -20.48
CA VAL U 95 17.98 3.83 -19.88
C VAL U 95 17.08 2.81 -19.18
N THR U 96 16.92 1.62 -19.78
CA THR U 96 16.09 0.60 -19.16
C THR U 96 16.77 0.13 -17.88
N TYR U 97 18.10 -0.04 -17.94
CA TYR U 97 18.85 -0.47 -16.76
C TYR U 97 18.62 0.51 -15.61
N CYS U 98 18.65 1.80 -15.92
CA CYS U 98 18.45 2.84 -14.93
C CYS U 98 17.05 2.79 -14.35
N LEU U 99 16.05 2.68 -15.21
CA LEU U 99 14.66 2.61 -14.77
C LEU U 99 14.45 1.41 -13.86
N ILE U 100 15.18 0.34 -14.16
CA ILE U 100 15.10 -0.90 -13.41
C ILE U 100 15.81 -0.80 -12.06
N ALA U 101 17.04 -0.31 -12.07
CA ALA U 101 17.82 -0.16 -10.84
C ALA U 101 17.38 1.06 -10.05
N GLY U 102 16.63 1.95 -10.70
CA GLY U 102 16.15 3.14 -10.02
C GLY U 102 17.22 4.20 -9.78
N GLY U 103 18.21 4.26 -10.66
CA GLY U 103 19.28 5.24 -10.53
C GLY U 103 20.08 5.38 -11.82
N THR U 104 20.98 6.35 -11.88
CA THR U 104 21.80 6.56 -13.07
C THR U 104 23.03 5.66 -13.09
N GLY U 105 23.26 4.96 -11.98
CA GLY U 105 24.40 4.08 -11.86
C GLY U 105 24.77 3.28 -13.11
N PRO U 106 23.85 2.47 -13.65
CA PRO U 106 24.11 1.67 -14.84
C PRO U 106 24.69 2.49 -16.00
N MET U 107 24.06 3.63 -16.29
CA MET U 107 24.51 4.48 -17.38
C MET U 107 25.84 5.15 -17.04
N ASP U 108 25.95 5.69 -15.84
CA ASP U 108 27.20 6.34 -15.44
C ASP U 108 28.36 5.40 -15.64
N GLU U 109 28.21 4.17 -15.16
CA GLU U 109 29.29 3.22 -15.26
C GLU U 109 29.58 2.62 -16.64
N TYR U 110 28.57 2.11 -17.33
CA TYR U 110 28.81 1.50 -18.62
C TYR U 110 28.85 2.44 -19.82
N LEU U 111 28.36 3.67 -19.67
CA LEU U 111 28.34 4.57 -20.81
C LEU U 111 28.92 5.98 -20.66
N ILE U 112 28.53 6.71 -19.63
CA ILE U 112 29.04 8.07 -19.49
C ILE U 112 30.53 8.19 -19.18
N ALA U 113 31.02 7.38 -18.24
CA ALA U 113 32.44 7.42 -17.88
C ALA U 113 33.34 7.15 -19.09
N GLY U 114 34.02 8.19 -19.57
CA GLY U 114 34.92 8.04 -20.71
C GLY U 114 34.32 8.34 -22.08
N ILE U 115 33.04 8.67 -22.11
CA ILE U 115 32.38 8.95 -23.38
C ILE U 115 32.95 10.21 -24.05
N ASP U 116 33.33 11.21 -23.27
CA ASP U 116 33.89 12.41 -23.86
C ASP U 116 35.15 12.09 -24.66
N GLU U 117 35.99 11.22 -24.11
CA GLU U 117 37.23 10.84 -24.77
C GLU U 117 36.98 10.08 -26.08
N ILE U 118 35.95 9.25 -26.08
CA ILE U 118 35.59 8.47 -27.27
C ILE U 118 35.05 9.37 -28.38
N ASN U 119 34.14 10.26 -28.02
CA ASN U 119 33.53 11.18 -28.98
C ASN U 119 34.53 12.14 -29.60
N ARG U 120 35.58 12.47 -28.86
CA ARG U 120 36.60 13.39 -29.35
C ARG U 120 37.57 12.61 -30.24
N THR U 121 37.95 11.42 -29.79
CA THR U 121 38.89 10.59 -30.53
C THR U 121 38.35 10.07 -31.87
N PHE U 122 37.07 9.77 -31.93
CA PHE U 122 36.48 9.27 -33.17
C PHE U 122 35.68 10.34 -33.90
N GLU U 123 35.84 11.59 -33.45
CA GLU U 123 35.15 12.74 -34.04
C GLU U 123 33.65 12.51 -34.22
N LEU U 124 33.00 12.03 -33.16
CA LEU U 124 31.56 11.79 -33.18
C LEU U 124 30.94 12.97 -32.44
N SER U 125 29.96 13.63 -33.05
CA SER U 125 29.34 14.78 -32.39
C SER U 125 28.29 14.43 -31.34
N PRO U 126 28.39 15.04 -30.16
CA PRO U 126 27.44 14.80 -29.05
C PRO U 126 26.03 15.19 -29.47
N SER U 127 25.94 16.16 -30.37
CA SER U 127 24.66 16.66 -30.86
C SER U 127 23.87 15.59 -31.60
N TRP U 128 24.58 14.72 -32.31
CA TRP U 128 23.92 13.65 -33.04
C TRP U 128 23.13 12.81 -32.03
N TYR U 129 23.83 12.37 -30.99
CA TYR U 129 23.25 11.55 -29.95
C TYR U 129 22.16 12.24 -29.19
N ILE U 130 22.29 13.55 -28.99
CA ILE U 130 21.27 14.30 -28.27
C ILE U 130 19.93 14.26 -29.02
N GLU U 131 19.99 14.37 -30.36
CA GLU U 131 18.78 14.34 -31.18
C GLU U 131 18.09 12.99 -31.06
N ALA U 132 18.87 11.92 -31.12
CA ALA U 132 18.31 10.57 -31.00
C ALA U 132 17.59 10.44 -29.67
N LEU U 133 18.17 11.04 -28.63
CA LEU U 133 17.60 11.00 -27.29
C LEU U 133 16.28 11.75 -27.20
N LYS U 134 16.20 12.89 -27.88
CA LYS U 134 14.98 13.71 -27.89
C LYS U 134 13.86 12.96 -28.60
N TYR U 135 14.22 12.25 -29.65
CA TYR U 135 13.24 11.47 -30.40
C TYR U 135 12.62 10.42 -29.49
N ILE U 136 13.47 9.72 -28.75
CA ILE U 136 13.00 8.68 -27.83
C ILE U 136 12.00 9.26 -26.83
N LYS U 137 12.32 10.42 -26.27
CA LYS U 137 11.42 11.05 -25.31
C LYS U 137 10.03 11.28 -25.88
N ALA U 138 10.00 11.84 -27.09
CA ALA U 138 8.75 12.17 -27.75
C ALA U 138 7.99 10.99 -28.36
N ASN U 139 8.66 9.85 -28.50
CA ASN U 139 8.00 8.71 -29.10
C ASN U 139 7.94 7.42 -28.30
N HIS U 140 8.09 7.50 -26.98
CA HIS U 140 8.02 6.29 -26.18
C HIS U 140 6.58 6.01 -25.75
N GLY U 141 5.74 7.03 -25.84
CA GLY U 141 4.33 6.88 -25.49
C GLY U 141 3.97 6.55 -24.06
N LEU U 142 4.81 6.93 -23.11
CA LEU U 142 4.52 6.64 -21.71
C LEU U 142 3.73 7.78 -21.07
N SER U 143 3.04 7.47 -19.98
CA SER U 143 2.25 8.48 -19.29
C SER U 143 2.56 8.51 -17.80
N GLY U 144 2.10 9.56 -17.13
CA GLY U 144 2.32 9.68 -15.70
C GLY U 144 3.75 9.50 -15.26
N ASP U 145 3.93 8.98 -14.04
CA ASP U 145 5.24 8.75 -13.47
C ASP U 145 6.16 7.96 -14.39
N ALA U 146 5.61 6.98 -15.10
CA ALA U 146 6.43 6.17 -15.99
C ALA U 146 7.20 7.05 -16.97
N ALA U 147 6.49 7.97 -17.61
CA ALA U 147 7.12 8.88 -18.58
C ALA U 147 8.13 9.79 -17.89
N THR U 148 7.72 10.37 -16.77
CA THR U 148 8.55 11.30 -16.02
C THR U 148 9.90 10.71 -15.62
N GLU U 149 9.91 9.44 -15.22
CA GLU U 149 11.16 8.83 -14.81
C GLU U 149 11.99 8.43 -16.00
N ALA U 150 11.34 8.01 -17.08
CA ALA U 150 12.07 7.62 -18.29
C ALA U 150 12.72 8.87 -18.88
N ASN U 151 12.02 9.99 -18.82
CA ASN U 151 12.55 11.24 -19.35
C ASN U 151 13.69 11.80 -18.48
N SER U 152 13.66 11.53 -17.18
CA SER U 152 14.72 12.05 -16.31
C SER U 152 16.06 11.45 -16.74
N TYR U 153 16.05 10.18 -17.09
CA TYR U 153 17.27 9.50 -17.54
C TYR U 153 17.65 9.93 -18.94
N LEU U 154 16.64 10.13 -19.78
CA LEU U 154 16.88 10.55 -21.16
C LEU U 154 17.49 11.94 -21.11
N ASP U 155 16.97 12.80 -20.23
CA ASP U 155 17.51 14.15 -20.09
C ASP U 155 18.86 14.11 -19.36
N TYR U 156 19.06 13.12 -18.51
CA TYR U 156 20.32 12.99 -17.79
C TYR U 156 21.42 12.73 -18.82
N ALA U 157 21.15 11.81 -19.75
CA ALA U 157 22.11 11.48 -20.80
C ALA U 157 22.39 12.71 -21.65
N ILE U 158 21.34 13.47 -21.94
CA ILE U 158 21.48 14.68 -22.74
C ILE U 158 22.38 15.69 -22.02
N ASN U 159 22.08 15.93 -20.74
CA ASN U 159 22.86 16.87 -19.95
C ASN U 159 24.32 16.49 -19.90
N ALA U 160 24.59 15.19 -19.88
CA ALA U 160 25.95 14.69 -19.82
C ALA U 160 26.68 14.95 -21.13
N LEU U 161 25.92 15.07 -22.21
CA LEU U 161 26.49 15.31 -23.54
C LEU U 161 26.52 16.79 -23.93
N SER U 162 26.05 17.66 -23.04
CA SER U 162 26.03 19.08 -23.36
C SER U 162 26.51 19.96 -22.21
N MET V 1 29.72 -2.61 -4.61
CA MET V 1 28.71 -3.61 -4.19
C MET V 1 27.53 -3.58 -5.14
N PHE V 2 26.72 -4.64 -5.12
CA PHE V 2 25.53 -4.72 -5.95
C PHE V 2 24.34 -4.84 -5.05
N ASP V 3 23.16 -4.50 -5.56
CA ASP V 3 21.94 -4.71 -4.80
C ASP V 3 21.23 -5.70 -5.71
N ALA V 4 20.09 -6.21 -5.31
CA ALA V 4 19.37 -7.18 -6.12
C ALA V 4 19.13 -6.71 -7.54
N PHE V 5 18.81 -5.44 -7.71
CA PHE V 5 18.54 -4.88 -9.03
C PHE V 5 19.80 -4.77 -9.88
N THR V 6 20.84 -4.14 -9.35
CA THR V 6 22.06 -3.97 -10.13
C THR V 6 22.80 -5.26 -10.38
N LYS V 7 22.54 -6.27 -9.54
CA LYS V 7 23.20 -7.55 -9.72
C LYS V 7 22.73 -8.16 -11.05
N VAL V 8 21.44 -8.03 -11.33
CA VAL V 8 20.85 -8.55 -12.56
C VAL V 8 21.25 -7.68 -13.74
N VAL V 9 21.21 -6.36 -13.54
CA VAL V 9 21.59 -5.43 -14.60
C VAL V 9 23.02 -5.70 -15.07
N SER V 10 23.94 -5.92 -14.13
CA SER V 10 25.33 -6.15 -14.51
C SER V 10 25.51 -7.44 -15.33
N GLN V 11 24.72 -8.46 -15.04
CA GLN V 11 24.84 -9.71 -15.79
C GLN V 11 24.25 -9.52 -17.18
N ALA V 12 23.24 -8.66 -17.27
CA ALA V 12 22.58 -8.38 -18.54
C ALA V 12 23.49 -7.58 -19.48
N ASP V 13 24.22 -6.61 -18.93
CA ASP V 13 25.12 -5.79 -19.74
C ASP V 13 26.25 -6.65 -20.31
N THR V 14 26.72 -7.63 -19.54
CA THR V 14 27.78 -8.53 -19.98
C THR V 14 27.35 -9.26 -21.24
N ARG V 15 26.06 -9.51 -21.34
CA ARG V 15 25.50 -10.20 -22.50
C ARG V 15 24.94 -9.17 -23.50
N GLY V 16 25.00 -7.90 -23.12
CA GLY V 16 24.50 -6.83 -23.97
C GLY V 16 23.02 -6.95 -24.25
N GLU V 17 22.28 -7.53 -23.31
CA GLU V 17 20.85 -7.73 -23.46
C GLU V 17 20.02 -6.96 -22.44
N MET V 18 18.78 -6.68 -22.80
CA MET V 18 17.87 -5.99 -21.89
C MET V 18 17.19 -7.09 -21.10
N LEU V 19 16.78 -6.78 -19.87
CA LEU V 19 16.12 -7.78 -19.05
C LEU V 19 14.89 -8.34 -19.76
N SER V 20 14.55 -9.58 -19.43
CA SER V 20 13.40 -10.24 -20.02
C SER V 20 12.14 -9.93 -19.21
N THR V 21 10.99 -10.28 -19.75
CA THR V 21 9.72 -10.04 -19.07
C THR V 21 9.74 -10.83 -17.77
N ALA V 22 10.38 -12.00 -17.81
CA ALA V 22 10.47 -12.87 -16.64
C ALA V 22 11.32 -12.24 -15.54
N GLN V 23 12.45 -11.65 -15.91
CA GLN V 23 13.31 -11.02 -14.93
C GLN V 23 12.60 -9.82 -14.31
N ILE V 24 11.85 -9.09 -15.15
CA ILE V 24 11.09 -7.93 -14.67
C ILE V 24 10.00 -8.32 -13.67
N ASP V 25 9.36 -9.47 -13.88
CA ASP V 25 8.32 -9.93 -12.95
C ASP V 25 8.99 -10.37 -11.66
N ALA V 26 10.12 -11.07 -11.80
CA ALA V 26 10.85 -11.54 -10.63
C ALA V 26 11.23 -10.39 -9.73
N LEU V 27 11.77 -9.32 -10.31
CA LEU V 27 12.17 -8.16 -9.55
C LEU V 27 10.95 -7.48 -8.96
N SER V 28 9.86 -7.49 -9.73
CA SER V 28 8.61 -6.90 -9.29
C SER V 28 8.12 -7.67 -8.06
N GLN V 29 8.41 -8.97 -8.03
CA GLN V 29 8.00 -9.81 -6.92
C GLN V 29 8.77 -9.42 -5.67
N MET V 30 10.04 -9.06 -5.83
CA MET V 30 10.85 -8.64 -4.69
C MET V 30 10.29 -7.34 -4.15
N VAL V 31 10.03 -6.41 -5.06
CA VAL V 31 9.47 -5.12 -4.68
C VAL V 31 8.17 -5.33 -3.90
N ALA V 32 7.39 -6.32 -4.31
CA ALA V 32 6.11 -6.62 -3.68
C ALA V 32 6.22 -7.04 -2.21
N GLU V 33 7.33 -7.67 -1.86
CA GLU V 33 7.54 -8.12 -0.49
C GLU V 33 8.58 -7.29 0.27
N SER V 34 9.00 -6.19 -0.32
CA SER V 34 10.01 -5.32 0.31
C SER V 34 9.67 -4.86 1.74
N ASN V 35 8.38 -4.65 2.04
CA ASN V 35 8.00 -4.23 3.38
C ASN V 35 8.52 -5.23 4.42
N LYS V 36 8.39 -6.51 4.11
CA LYS V 36 8.85 -7.57 5.00
C LYS V 36 10.36 -7.48 5.20
N ARG V 37 11.08 -7.28 4.10
CA ARG V 37 12.54 -7.17 4.16
C ARG V 37 12.93 -5.99 5.06
N LEU V 38 12.27 -4.85 4.90
CA LEU V 38 12.57 -3.68 5.69
C LEU V 38 12.26 -3.88 7.17
N ASP V 39 11.24 -4.67 7.48
CA ASP V 39 10.89 -4.98 8.86
C ASP V 39 12.02 -5.83 9.46
N ALA V 40 12.50 -6.80 8.68
CA ALA V 40 13.58 -7.68 9.14
C ALA V 40 14.82 -6.85 9.47
N VAL V 41 15.13 -5.90 8.58
CA VAL V 41 16.29 -5.03 8.80
C VAL V 41 16.11 -4.24 10.10
N ASN V 42 14.94 -3.63 10.27
CA ASN V 42 14.64 -2.82 11.44
C ASN V 42 14.67 -3.65 12.73
N ARG V 43 14.01 -4.81 12.71
CA ARG V 43 13.97 -5.67 13.88
C ARG V 43 15.35 -6.12 14.33
N ILE V 44 16.17 -6.59 13.41
CA ILE V 44 17.51 -7.01 13.79
C ILE V 44 18.30 -5.80 14.30
N THR V 45 18.31 -4.72 13.54
CA THR V 45 19.04 -3.52 13.96
C THR V 45 18.60 -3.02 15.33
N SER V 46 17.29 -2.97 15.55
CA SER V 46 16.75 -2.48 16.81
C SER V 46 17.13 -3.33 18.04
N ASN V 47 17.66 -4.52 17.82
CA ASN V 47 18.06 -5.39 18.93
C ASN V 47 19.53 -5.80 18.77
N ALA V 48 20.31 -4.95 18.10
CA ALA V 48 21.73 -5.25 17.85
C ALA V 48 22.58 -5.47 19.11
N SER V 49 22.41 -4.62 20.11
CA SER V 49 23.17 -4.73 21.36
C SER V 49 22.86 -6.02 22.13
N THR V 50 21.59 -6.39 22.14
CA THR V 50 21.16 -7.60 22.82
C THR V 50 21.70 -8.83 22.10
N ILE V 51 21.54 -8.86 20.78
CA ILE V 51 22.02 -9.97 19.96
C ILE V 51 23.52 -10.18 20.17
N VAL V 52 24.30 -9.13 19.99
CA VAL V 52 25.74 -9.23 20.17
C VAL V 52 26.12 -9.67 21.59
N SER V 53 25.61 -8.95 22.60
CA SER V 53 25.93 -9.28 23.99
C SER V 53 25.48 -10.68 24.45
N ASN V 54 24.23 -11.03 24.19
CA ASN V 54 23.76 -12.35 24.59
C ASN V 54 24.58 -13.47 23.94
N ALA V 55 24.94 -13.28 22.67
CA ALA V 55 25.73 -14.27 21.94
C ALA V 55 27.14 -14.36 22.49
N ALA V 56 27.77 -13.21 22.68
CA ALA V 56 29.12 -13.17 23.22
C ALA V 56 29.16 -13.91 24.57
N ARG V 57 28.27 -13.54 25.48
CA ARG V 57 28.21 -14.16 26.81
C ARG V 57 28.04 -15.68 26.73
N SER V 58 27.16 -16.13 25.85
CA SER V 58 26.90 -17.54 25.68
C SER V 58 28.15 -18.24 25.14
N LEU V 59 28.87 -17.55 24.26
CA LEU V 59 30.10 -18.07 23.69
C LEU V 59 31.17 -18.28 24.75
N PHE V 60 31.37 -17.27 25.59
CA PHE V 60 32.38 -17.35 26.64
C PHE V 60 32.05 -18.42 27.69
N ALA V 61 30.77 -18.64 27.94
CA ALA V 61 30.36 -19.63 28.92
C ALA V 61 30.69 -21.03 28.39
N GLU V 62 30.51 -21.21 27.09
CA GLU V 62 30.79 -22.49 26.45
C GLU V 62 32.28 -22.72 26.26
N GLN V 63 33.00 -21.64 26.00
CA GLN V 63 34.45 -21.73 25.78
C GLN V 63 35.21 -20.81 26.73
N PRO V 64 35.30 -21.19 28.01
CA PRO V 64 36.00 -20.40 29.03
C PRO V 64 37.47 -20.11 28.76
N GLN V 65 38.08 -20.86 27.83
CA GLN V 65 39.48 -20.64 27.52
C GLN V 65 39.71 -19.31 26.80
N LEU V 66 38.66 -18.78 26.18
CA LEU V 66 38.76 -17.52 25.47
C LEU V 66 38.94 -16.34 26.43
N ILE V 67 38.35 -16.41 27.61
CA ILE V 67 38.48 -15.32 28.57
C ILE V 67 39.47 -15.57 29.70
N ALA V 68 39.84 -16.83 29.94
CA ALA V 68 40.80 -17.12 30.99
C ALA V 68 42.09 -16.38 30.63
N PRO V 69 42.89 -15.99 31.62
CA PRO V 69 44.15 -15.29 31.30
C PRO V 69 44.93 -16.01 30.22
N GLY V 70 45.43 -15.26 29.24
CA GLY V 70 46.17 -15.86 28.16
C GLY V 70 45.27 -16.15 26.97
N GLY V 71 43.96 -16.26 27.24
CA GLY V 71 43.01 -16.52 26.18
C GLY V 71 43.01 -15.38 25.18
N MEN V 72 42.52 -15.62 23.97
CA MEN V 72 42.51 -14.59 22.95
C MEN V 72 41.55 -13.44 23.24
O MEN V 72 41.73 -12.34 22.72
CB MEN V 72 42.20 -15.18 21.58
CG MEN V 72 42.52 -14.21 20.45
OD1 MEN V 72 41.64 -13.82 19.67
ND2 MEN V 72 43.79 -13.80 20.37
CE2 MEN V 72 44.20 -12.87 19.33
N ALA V 73 40.54 -13.69 24.06
CA ALA V 73 39.56 -12.68 24.41
C ALA V 73 39.86 -12.11 25.78
N TYR V 74 41.05 -12.45 26.29
CA TYR V 74 41.52 -11.98 27.60
C TYR V 74 42.11 -10.57 27.44
N THR V 75 41.94 -9.74 28.47
CA THR V 75 42.36 -8.33 28.54
C THR V 75 41.20 -7.55 27.96
N SER V 76 41.00 -6.33 28.48
CA SER V 76 39.91 -5.47 28.03
C SER V 76 39.98 -5.14 26.54
N ARG V 77 41.17 -4.82 26.06
CA ARG V 77 41.36 -4.48 24.67
C ARG V 77 40.94 -5.61 23.73
N ARG V 78 41.40 -6.83 24.01
CA ARG V 78 41.02 -7.94 23.15
C ARG V 78 39.53 -8.26 23.26
N MET V 79 38.97 -8.14 24.45
CA MET V 79 37.55 -8.40 24.64
C MET V 79 36.77 -7.35 23.85
N ALA V 80 37.22 -6.10 23.89
CA ALA V 80 36.55 -5.03 23.17
C ALA V 80 36.57 -5.27 21.66
N ALA V 81 37.71 -5.72 21.14
CA ALA V 81 37.85 -5.99 19.72
C ALA V 81 36.94 -7.15 19.33
N CYS V 82 36.84 -8.13 20.20
CA CYS V 82 36.00 -9.30 19.96
C CYS V 82 34.53 -8.92 19.86
N LEU V 83 34.06 -8.07 20.78
CA LEU V 83 32.67 -7.62 20.78
C LEU V 83 32.43 -6.80 19.52
N ARG V 84 33.44 -6.03 19.15
CA ARG V 84 33.37 -5.17 17.97
C ARG V 84 33.16 -6.02 16.72
N ASP V 85 33.96 -7.07 16.58
CA ASP V 85 33.86 -7.96 15.43
C ASP V 85 32.45 -8.54 15.32
N MET V 86 31.88 -8.90 16.46
CA MET V 86 30.53 -9.46 16.48
C MET V 86 29.59 -8.42 15.89
N GLU V 87 29.64 -7.22 16.45
CA GLU V 87 28.81 -6.10 15.99
C GLU V 87 29.06 -5.75 14.52
N ILE V 88 30.32 -5.82 14.11
CA ILE V 88 30.68 -5.53 12.74
C ILE V 88 30.04 -6.56 11.80
N ILE V 89 30.22 -7.84 12.11
CA ILE V 89 29.65 -8.89 11.28
C ILE V 89 28.14 -8.76 11.21
N LEU V 90 27.49 -8.47 12.33
CA LEU V 90 26.04 -8.31 12.34
C LEU V 90 25.63 -7.14 11.47
N ARG V 91 26.40 -6.07 11.50
CA ARG V 91 26.08 -4.87 10.71
C ARG V 91 26.09 -5.16 9.21
N TYR V 92 27.16 -5.79 8.73
CA TYR V 92 27.24 -6.11 7.31
C TYR V 92 26.17 -7.09 6.86
N VAL V 93 25.79 -8.01 7.74
CA VAL V 93 24.72 -8.94 7.41
C VAL V 93 23.41 -8.15 7.21
N THR V 94 23.14 -7.15 8.06
CA THR V 94 21.92 -6.37 7.90
C THR V 94 21.95 -5.60 6.57
N TYR V 95 23.15 -5.20 6.15
CA TYR V 95 23.32 -4.50 4.87
C TYR V 95 22.94 -5.43 3.71
N ALA V 96 23.42 -6.67 3.77
CA ALA V 96 23.14 -7.65 2.73
C ALA V 96 21.64 -7.91 2.65
N VAL V 97 20.96 -7.91 3.79
CA VAL V 97 19.51 -8.13 3.82
C VAL V 97 18.78 -6.92 3.22
N PHE V 98 19.23 -5.73 3.56
CA PHE V 98 18.63 -4.49 3.06
C PHE V 98 18.78 -4.42 1.54
N ALA V 99 20.00 -4.64 1.08
CA ALA V 99 20.34 -4.58 -0.35
C ALA V 99 19.86 -5.78 -1.14
N GLY V 100 19.62 -6.89 -0.47
CA GLY V 100 19.18 -8.08 -1.19
C GLY V 100 20.30 -8.74 -1.98
N ASP V 101 21.54 -8.50 -1.58
CA ASP V 101 22.70 -9.09 -2.24
C ASP V 101 23.85 -9.15 -1.22
N ALA V 102 24.60 -10.24 -1.24
CA ALA V 102 25.69 -10.44 -0.29
C ALA V 102 27.00 -9.75 -0.65
N SER V 103 27.08 -9.13 -1.81
CA SER V 103 28.33 -8.49 -2.22
C SER V 103 28.94 -7.54 -1.19
N VAL V 104 28.14 -6.70 -0.54
CA VAL V 104 28.69 -5.78 0.44
C VAL V 104 29.33 -6.53 1.60
N LEU V 105 28.65 -7.58 2.07
CA LEU V 105 29.16 -8.40 3.16
C LEU V 105 30.44 -9.13 2.72
N GLU V 106 30.45 -9.58 1.47
CA GLU V 106 31.60 -10.28 0.90
C GLU V 106 32.85 -9.42 0.76
N ASP V 107 32.73 -8.34 0.00
CA ASP V 107 33.86 -7.47 -0.29
C ASP V 107 34.39 -6.63 0.86
N ARG V 108 33.51 -6.06 1.68
CA ARG V 108 33.96 -5.20 2.77
C ARG V 108 34.11 -5.83 4.14
N CYS V 109 33.61 -7.05 4.33
CA CYS V 109 33.69 -7.67 5.64
C CYS V 109 34.40 -9.03 5.68
N LEU V 110 33.88 -9.99 4.91
CA LEU V 110 34.43 -11.33 4.88
C LEU V 110 35.73 -11.54 4.08
N ASN V 111 35.96 -10.74 3.05
CA ASN V 111 37.15 -10.91 2.23
C ASN V 111 38.46 -10.70 3.00
N GLY V 112 39.24 -11.78 3.14
CA GLY V 112 40.51 -11.70 3.83
C GLY V 112 40.43 -11.85 5.35
N LEU V 113 39.21 -11.95 5.88
CA LEU V 113 39.05 -12.08 7.33
C LEU V 113 39.62 -13.38 7.90
N ARG V 114 39.57 -14.47 7.15
CA ARG V 114 40.11 -15.74 7.65
C ARG V 114 41.62 -15.58 7.89
N GLU V 115 42.30 -14.98 6.92
CA GLU V 115 43.74 -14.77 7.02
C GLU V 115 44.09 -13.76 8.10
N THR V 116 43.17 -12.85 8.39
CA THR V 116 43.40 -11.85 9.43
C THR V 116 43.43 -12.55 10.78
N TYR V 117 42.53 -13.50 10.97
CA TYR V 117 42.46 -14.24 12.23
C TYR V 117 43.61 -15.23 12.40
N LEU V 118 44.04 -15.87 11.32
CA LEU V 118 45.15 -16.82 11.42
C LEU V 118 46.42 -16.09 11.86
N ALA V 119 46.66 -14.93 11.28
CA ALA V 119 47.82 -14.11 11.61
C ALA V 119 47.79 -13.74 13.09
N LEU V 120 46.72 -13.07 13.49
CA LEU V 120 46.53 -12.63 14.88
C LEU V 120 46.53 -13.78 15.89
N GLY V 121 46.08 -14.95 15.45
CA GLY V 121 46.01 -16.08 16.35
C GLY V 121 44.63 -16.18 16.97
N THR V 122 43.67 -15.46 16.40
CA THR V 122 42.30 -15.48 16.89
C THR V 122 41.65 -16.77 16.40
N PRO V 123 41.02 -17.55 17.30
CA PRO V 123 40.37 -18.80 16.88
C PRO V 123 39.11 -18.58 16.04
N GLY V 124 39.27 -18.69 14.72
CA GLY V 124 38.17 -18.49 13.81
C GLY V 124 36.96 -19.37 14.04
N SER V 125 37.19 -20.60 14.47
CA SER V 125 36.08 -21.51 14.73
C SER V 125 35.19 -20.95 15.83
N SER V 126 35.82 -20.34 16.83
CA SER V 126 35.08 -19.75 17.95
C SER V 126 34.27 -18.54 17.46
N VAL V 127 34.82 -17.82 16.49
CA VAL V 127 34.12 -16.68 15.94
C VAL V 127 32.86 -17.22 15.27
N ALA V 128 32.99 -18.35 14.57
CA ALA V 128 31.87 -18.96 13.88
C ALA V 128 30.78 -19.35 14.89
N VAL V 129 31.17 -19.87 16.04
CA VAL V 129 30.19 -20.24 17.05
C VAL V 129 29.43 -19.00 17.51
N GLY V 130 30.15 -17.89 17.68
CA GLY V 130 29.52 -16.65 18.09
C GLY V 130 28.54 -16.12 17.06
N VAL V 131 28.94 -16.12 15.79
CA VAL V 131 28.08 -15.66 14.70
C VAL V 131 26.84 -16.54 14.57
N GLY V 132 27.02 -17.85 14.75
CA GLY V 132 25.90 -18.76 14.67
C GLY V 132 24.88 -18.47 15.75
N LYS V 133 25.36 -18.06 16.92
CA LYS V 133 24.43 -17.73 18.00
C LYS V 133 23.68 -16.45 17.64
N MET V 134 24.37 -15.50 17.02
CA MET V 134 23.72 -14.26 16.62
C MET V 134 22.66 -14.57 15.57
N LYS V 135 22.95 -15.54 14.70
CA LYS V 135 22.02 -15.92 13.65
C LYS V 135 20.70 -16.40 14.25
N GLU V 136 20.83 -17.39 15.12
CA GLU V 136 19.68 -17.98 15.80
C GLU V 136 18.84 -16.91 16.49
N ALA V 137 19.51 -16.00 17.21
CA ALA V 137 18.81 -14.94 17.92
C ALA V 137 18.15 -13.95 16.98
N ALA V 138 18.85 -13.58 15.92
CA ALA V 138 18.31 -12.63 14.95
C ALA V 138 17.07 -13.19 14.27
N LEU V 139 17.15 -14.44 13.82
CA LEU V 139 16.02 -15.08 13.15
C LEU V 139 14.80 -15.12 14.08
N ALA V 140 15.01 -15.43 15.35
CA ALA V 140 13.89 -15.48 16.28
C ALA V 140 13.25 -14.11 16.43
N ILE V 141 14.09 -13.06 16.34
CA ILE V 141 13.62 -11.70 16.46
C ILE V 141 12.82 -11.28 15.21
N VAL V 142 13.30 -11.70 14.05
CA VAL V 142 12.62 -11.37 12.80
C VAL V 142 11.30 -12.13 12.70
N ASN V 143 11.26 -13.37 13.20
CA ASN V 143 10.07 -14.21 13.16
C ASN V 143 9.09 -13.97 14.30
N ASP V 144 9.34 -12.96 15.11
CA ASP V 144 8.44 -12.65 16.24
C ASP V 144 7.09 -12.23 15.67
N PRO V 145 6.05 -13.05 15.86
CA PRO V 145 4.69 -12.82 15.38
C PRO V 145 3.88 -11.66 15.95
N ALA V 146 4.27 -11.14 17.11
CA ALA V 146 3.52 -10.06 17.74
C ALA V 146 3.85 -8.64 17.27
N GLY V 147 2.84 -7.78 17.27
CA GLY V 147 3.01 -6.39 16.88
C GLY V 147 3.35 -6.14 15.43
N ILE V 148 2.79 -6.95 14.53
CA ILE V 148 3.06 -6.79 13.11
C ILE V 148 1.98 -7.48 12.29
N THR V 149 1.76 -6.98 11.07
CA THR V 149 0.78 -7.60 10.20
C THR V 149 1.28 -9.02 9.95
N PRO V 150 0.47 -10.04 10.30
CA PRO V 150 0.90 -11.42 10.08
C PRO V 150 1.09 -11.75 8.61
N GLY V 151 2.06 -12.63 8.34
CA GLY V 151 2.35 -13.03 6.97
C GLY V 151 3.53 -13.97 6.99
N ASP V 152 3.83 -14.59 5.84
CA ASP V 152 4.93 -15.54 5.76
C ASP V 152 6.26 -14.90 5.39
N CYS V 153 7.26 -15.07 6.26
CA CYS V 153 8.58 -14.52 6.04
C CYS V 153 9.62 -15.62 5.96
N SER V 154 9.18 -16.82 5.63
CA SER V 154 10.07 -17.97 5.55
C SER V 154 11.18 -17.81 4.51
N ALA V 155 10.83 -17.33 3.32
CA ALA V 155 11.82 -17.15 2.27
C ALA V 155 12.84 -16.14 2.74
N LEU V 156 12.34 -15.08 3.38
CA LEU V 156 13.20 -14.03 3.88
C LEU V 156 14.10 -14.59 4.99
N ALA V 157 13.54 -15.45 5.82
CA ALA V 157 14.28 -16.07 6.91
C ALA V 157 15.43 -16.92 6.33
N SER V 158 15.19 -17.59 5.21
CA SER V 158 16.24 -18.40 4.58
C SER V 158 17.33 -17.50 4.03
N GLU V 159 16.94 -16.40 3.40
CA GLU V 159 17.93 -15.49 2.85
C GLU V 159 18.81 -15.03 4.02
N ILE V 160 18.19 -14.51 5.07
CA ILE V 160 18.91 -14.02 6.24
C ILE V 160 19.84 -15.07 6.83
N ALA V 161 19.37 -16.32 6.90
CA ALA V 161 20.21 -17.40 7.43
C ALA V 161 21.44 -17.61 6.55
N SER V 162 21.25 -17.55 5.23
CA SER V 162 22.34 -17.78 4.31
C SER V 162 23.49 -16.78 4.45
N TYR V 163 23.18 -15.55 4.89
CA TYR V 163 24.22 -14.55 5.07
C TYR V 163 25.05 -14.86 6.31
N PHE V 164 24.37 -15.18 7.42
CA PHE V 164 25.08 -15.53 8.65
C PHE V 164 25.96 -16.76 8.39
N ASP V 165 25.40 -17.73 7.68
CA ASP V 165 26.13 -18.95 7.38
C ASP V 165 27.37 -18.72 6.53
N ARG V 166 27.31 -17.77 5.60
CA ARG V 166 28.48 -17.46 4.76
C ARG V 166 29.55 -16.87 5.67
N ALA V 167 29.12 -15.97 6.55
CA ALA V 167 30.03 -15.35 7.51
C ALA V 167 30.73 -16.41 8.36
N CYS V 168 29.97 -17.36 8.89
CA CYS V 168 30.54 -18.43 9.71
C CYS V 168 31.58 -19.22 8.93
N ALA V 169 31.27 -19.52 7.68
CA ALA V 169 32.19 -20.28 6.84
C ALA V 169 33.42 -19.45 6.51
N ALA V 170 33.24 -18.15 6.34
CA ALA V 170 34.34 -17.27 6.00
C ALA V 170 35.41 -17.08 7.08
N VAL V 171 35.04 -17.23 8.35
CA VAL V 171 36.01 -17.04 9.42
C VAL V 171 36.62 -18.35 9.90
N SER V 172 36.01 -19.47 9.51
CA SER V 172 36.50 -20.79 9.89
C SER V 172 37.79 -21.10 9.13
N MET W 1 53.85 1.40 26.02
CA MET W 1 53.78 1.04 27.47
C MET W 1 54.26 2.23 28.28
N LYS W 2 53.44 2.68 29.22
CA LYS W 2 53.80 3.81 30.06
C LYS W 2 54.70 3.40 31.23
N THR W 3 56.01 3.36 30.99
CA THR W 3 56.99 3.04 32.04
C THR W 3 58.24 3.89 31.78
N PRO W 4 58.98 4.21 32.85
CA PRO W 4 60.20 5.01 32.72
C PRO W 4 61.14 4.51 31.61
N LEU W 5 61.66 3.30 31.79
CA LEU W 5 62.59 2.73 30.83
C LEU W 5 62.06 2.68 29.40
N THR W 6 60.84 2.20 29.21
CA THR W 6 60.28 2.09 27.88
C THR W 6 60.02 3.45 27.22
N GLU W 7 59.50 4.42 27.97
CA GLU W 7 59.26 5.73 27.35
C GLU W 7 60.56 6.48 27.08
N ALA W 8 61.60 6.16 27.83
CA ALA W 8 62.89 6.82 27.62
C ALA W 8 63.44 6.36 26.28
N VAL W 9 63.42 5.05 26.04
CA VAL W 9 63.91 4.50 24.78
C VAL W 9 63.05 4.95 23.59
N SER W 10 61.74 4.94 23.77
CA SER W 10 60.82 5.32 22.69
C SER W 10 61.02 6.76 22.23
N ILE W 11 61.15 7.69 23.17
CA ILE W 11 61.33 9.09 22.82
C ILE W 11 62.67 9.28 22.10
N ALA W 12 63.70 8.57 22.57
CA ALA W 12 65.00 8.69 21.94
C ALA W 12 64.94 8.06 20.55
N ASP W 13 64.24 6.94 20.43
CA ASP W 13 64.14 6.28 19.14
C ASP W 13 63.32 7.12 18.15
N SER W 14 62.26 7.75 18.63
CA SER W 14 61.42 8.58 17.77
C SER W 14 62.20 9.80 17.28
N GLN W 15 63.31 10.09 17.96
CA GLN W 15 64.14 11.24 17.59
C GLN W 15 65.38 10.83 16.81
N GLY W 16 65.62 9.52 16.74
CA GLY W 16 66.80 9.02 16.03
C GLY W 16 68.06 9.31 16.82
N ARG W 17 67.89 9.46 18.13
CA ARG W 17 68.99 9.78 19.02
C ARG W 17 69.51 8.67 19.92
N PHE W 18 70.79 8.75 20.26
CA PHE W 18 71.34 7.79 21.20
C PHE W 18 70.81 8.29 22.53
N LEU W 19 70.84 7.45 23.55
CA LEU W 19 70.39 7.88 24.86
C LEU W 19 71.43 8.89 25.37
N SER W 20 70.99 9.82 26.23
CA SER W 20 71.90 10.81 26.79
C SER W 20 71.61 10.96 28.29
N SER W 21 72.22 11.95 28.94
CA SER W 21 72.02 12.15 30.38
C SER W 21 70.55 12.20 30.79
N THR W 22 69.71 12.80 29.95
CA THR W 22 68.29 12.90 30.26
C THR W 22 67.67 11.51 30.50
N GLU W 23 67.87 10.58 29.57
CA GLU W 23 67.33 9.24 29.71
C GLU W 23 67.96 8.51 30.89
N ILE W 24 69.25 8.72 31.11
CA ILE W 24 69.92 8.07 32.21
C ILE W 24 69.32 8.56 33.53
N GLN W 25 69.01 9.84 33.62
CA GLN W 25 68.39 10.35 34.84
C GLN W 25 67.04 9.67 35.03
N VAL W 26 66.35 9.41 33.92
CA VAL W 26 65.06 8.72 33.96
C VAL W 26 65.26 7.36 34.61
N ALA W 27 66.28 6.64 34.15
CA ALA W 27 66.60 5.34 34.70
C ALA W 27 66.96 5.45 36.19
N PHE W 28 67.68 6.51 36.57
CA PHE W 28 68.03 6.70 37.99
C PHE W 28 66.77 6.79 38.83
N GLY W 29 65.81 7.58 38.36
CA GLY W 29 64.56 7.74 39.09
C GLY W 29 63.81 6.42 39.19
N ARG W 30 63.81 5.66 38.10
CA ARG W 30 63.11 4.38 38.07
C ARG W 30 63.73 3.38 39.04
N PHE W 31 65.04 3.18 38.94
CA PHE W 31 65.75 2.22 39.77
C PHE W 31 65.71 2.53 41.26
N ARG W 32 65.73 3.81 41.62
CA ARG W 32 65.69 4.19 43.03
C ARG W 32 64.30 3.83 43.56
N GLN W 33 63.27 4.27 42.83
CA GLN W 33 61.88 4.03 43.17
C GLN W 33 61.55 2.53 43.26
N ALA W 34 62.16 1.75 42.37
CA ALA W 34 61.92 0.30 42.31
C ALA W 34 62.09 -0.42 43.65
N LYS W 35 63.00 0.07 44.48
CA LYS W 35 63.26 -0.55 45.78
C LYS W 35 61.99 -0.66 46.61
N ALA W 36 61.28 0.46 46.74
CA ALA W 36 60.04 0.50 47.49
C ALA W 36 58.92 -0.15 46.68
N GLY W 37 58.93 0.08 45.37
CA GLY W 37 57.91 -0.46 44.49
C GLY W 37 57.83 -1.97 44.47
N LEU W 38 58.97 -2.63 44.32
CA LEU W 38 59.02 -4.08 44.28
C LEU W 38 58.60 -4.68 45.61
N GLU W 39 58.89 -3.97 46.70
CA GLU W 39 58.53 -4.46 48.02
C GLU W 39 57.05 -4.23 48.27
N ALA W 40 56.51 -3.14 47.76
CA ALA W 40 55.09 -2.85 47.91
C ALA W 40 54.31 -3.94 47.18
N ALA W 41 54.83 -4.35 46.02
CA ALA W 41 54.20 -5.39 45.21
C ALA W 41 54.15 -6.70 45.98
N LYS W 42 55.23 -6.99 46.71
CA LYS W 42 55.31 -8.20 47.53
C LYS W 42 54.20 -8.17 48.58
N ALA W 43 54.09 -7.03 49.25
CA ALA W 43 53.09 -6.86 50.30
C ALA W 43 51.66 -7.05 49.80
N LEU W 44 51.29 -6.33 48.73
CA LEU W 44 49.95 -6.44 48.17
C LEU W 44 49.67 -7.89 47.80
N THR W 45 50.67 -8.53 47.20
CA THR W 45 50.52 -9.92 46.79
C THR W 45 50.22 -10.84 47.97
N SER W 46 50.94 -10.67 49.09
CA SER W 46 50.72 -11.53 50.25
C SER W 46 49.35 -11.36 50.88
N LYS W 47 48.79 -10.14 50.82
CA LYS W 47 47.46 -9.87 51.38
C LYS W 47 46.38 -9.87 50.30
N ALA W 48 46.70 -10.46 49.15
CA ALA W 48 45.76 -10.49 48.02
C ALA W 48 44.38 -11.06 48.34
N ASP W 49 44.33 -12.26 48.91
CA ASP W 49 43.05 -12.87 49.23
C ASP W 49 42.19 -12.04 50.16
N SER W 50 42.81 -11.50 51.21
CA SER W 50 42.08 -10.66 52.16
C SER W 50 41.57 -9.38 51.50
N LEU W 51 42.42 -8.75 50.70
CA LEU W 51 42.04 -7.51 50.03
C LEU W 51 40.92 -7.69 49.00
N ILE W 52 41.00 -8.76 48.22
CA ILE W 52 40.00 -9.01 47.20
C ILE W 52 38.64 -9.30 47.82
N SER W 53 38.61 -10.27 48.73
CA SER W 53 37.39 -10.65 49.41
C SER W 53 36.77 -9.45 50.15
N GLY W 54 37.63 -8.70 50.83
CA GLY W 54 37.16 -7.54 51.58
C GLY W 54 36.64 -6.44 50.67
N ALA W 55 37.32 -6.23 49.56
CA ALA W 55 36.91 -5.19 48.61
C ALA W 55 35.56 -5.57 48.01
N ALA W 56 35.39 -6.86 47.71
CA ALA W 56 34.15 -7.34 47.12
C ALA W 56 32.98 -7.11 48.08
N GLN W 57 33.19 -7.44 49.35
CA GLN W 57 32.14 -7.24 50.35
C GLN W 57 31.84 -5.75 50.55
N ALA W 58 32.86 -4.90 50.44
CA ALA W 58 32.66 -3.47 50.61
C ALA W 58 31.78 -2.94 49.49
N VAL W 59 31.97 -3.49 48.30
CA VAL W 59 31.17 -3.12 47.13
C VAL W 59 29.72 -3.54 47.37
N TYR W 60 29.53 -4.79 47.81
CA TYR W 60 28.18 -5.29 48.05
C TYR W 60 27.49 -4.52 49.16
N ASN W 61 28.24 -4.07 50.16
CA ASN W 61 27.63 -3.35 51.27
C ASN W 61 27.18 -1.94 50.87
N LYS W 62 27.93 -1.30 49.97
CA LYS W 62 27.57 0.02 49.51
C LYS W 62 26.46 -0.08 48.45
N PHE W 63 26.50 -1.12 47.62
CA PHE W 63 25.51 -1.34 46.57
C PHE W 63 24.85 -2.71 46.80
N PRO W 64 24.03 -2.83 47.85
CA PRO W 64 23.39 -4.12 48.13
C PRO W 64 22.50 -4.70 47.02
N TYR W 65 21.97 -3.86 46.15
CA TYR W 65 21.13 -4.37 45.08
C TYR W 65 21.91 -5.30 44.16
N THR W 66 23.22 -5.10 44.07
CA THR W 66 24.05 -5.92 43.21
C THR W 66 24.06 -7.41 43.57
N THR W 67 23.59 -7.75 44.77
CA THR W 67 23.59 -9.16 45.18
C THR W 67 22.15 -9.64 45.23
N GLN W 68 21.25 -8.79 44.75
CA GLN W 68 19.83 -9.09 44.75
C GLN W 68 19.21 -9.19 43.35
N MET W 69 19.49 -8.22 42.49
CA MET W 69 18.93 -8.25 41.15
C MET W 69 19.35 -9.52 40.38
N GLN W 70 18.42 -10.03 39.58
CA GLN W 70 18.60 -11.29 38.85
C GLN W 70 19.47 -11.34 37.59
N GLY W 71 19.58 -10.24 36.87
CA GLY W 71 20.37 -10.21 35.65
C GLY W 71 21.78 -10.80 35.75
N PRO W 72 22.39 -11.19 34.62
CA PRO W 72 23.74 -11.77 34.62
C PRO W 72 24.84 -10.77 34.94
N ASN W 73 24.53 -9.48 34.84
CA ASN W 73 25.50 -8.44 35.16
C ASN W 73 25.60 -8.20 36.67
N TYR W 74 24.82 -8.95 37.45
CA TYR W 74 24.84 -8.81 38.92
C TYR W 74 25.41 -10.02 39.63
N ALA W 75 25.60 -9.89 40.94
CA ALA W 75 26.18 -10.97 41.73
C ALA W 75 25.21 -11.58 42.75
N ALA W 76 23.99 -11.85 42.31
CA ALA W 76 23.00 -12.45 43.19
C ALA W 76 23.28 -13.93 43.42
N ASP W 77 23.95 -14.56 42.46
CA ASP W 77 24.29 -15.99 42.58
C ASP W 77 25.80 -16.17 42.67
N GLN W 78 26.24 -17.43 42.79
CA GLN W 78 27.66 -17.73 42.91
C GLN W 78 28.45 -17.28 41.69
N ARG W 79 27.92 -17.56 40.51
CA ARG W 79 28.55 -17.18 39.25
C ARG W 79 28.88 -15.68 39.26
N GLY W 80 27.89 -14.87 39.66
CA GLY W 80 28.10 -13.43 39.70
C GLY W 80 29.18 -13.01 40.69
N LYS W 81 29.13 -13.57 41.91
CA LYS W 81 30.10 -13.25 42.93
C LYS W 81 31.51 -13.68 42.51
N ASP W 82 31.61 -14.74 41.72
CA ASP W 82 32.91 -15.22 41.26
C ASP W 82 33.48 -14.31 40.16
N LYS W 83 32.59 -13.79 39.32
CA LYS W 83 32.99 -12.88 38.24
C LYS W 83 33.51 -11.60 38.88
N CYS W 84 32.80 -11.15 39.91
CA CYS W 84 33.17 -9.93 40.61
C CYS W 84 34.52 -10.01 41.31
N ALA W 85 34.70 -11.04 42.13
CA ALA W 85 35.95 -11.23 42.85
C ALA W 85 37.07 -11.34 41.83
N ARG W 86 36.82 -12.08 40.76
CA ARG W 86 37.80 -12.25 39.69
C ARG W 86 38.21 -10.87 39.16
N ASP W 87 37.21 -10.05 38.82
CA ASP W 87 37.45 -8.70 38.31
C ASP W 87 38.28 -7.88 39.29
N ILE W 88 37.86 -7.86 40.55
CA ILE W 88 38.59 -7.11 41.57
C ILE W 88 40.00 -7.62 41.70
N GLY W 89 40.18 -8.94 41.56
CA GLY W 89 41.50 -9.54 41.64
C GLY W 89 42.33 -9.03 40.47
N TYR W 90 41.68 -8.84 39.33
CA TYR W 90 42.37 -8.32 38.15
C TYR W 90 42.93 -6.93 38.45
N TYR W 91 42.11 -6.06 39.03
CA TYR W 91 42.60 -4.73 39.35
C TYR W 91 43.81 -4.79 40.26
N LEU W 92 43.72 -5.59 41.33
CA LEU W 92 44.84 -5.70 42.26
C LEU W 92 46.08 -6.22 41.56
N ARG W 93 45.92 -7.29 40.79
CA ARG W 93 47.04 -7.87 40.07
C ARG W 93 47.70 -6.80 39.20
N MET W 94 46.88 -6.05 38.46
CA MET W 94 47.39 -4.99 37.61
C MET W 94 48.16 -3.94 38.42
N VAL W 95 47.65 -3.61 39.61
CA VAL W 95 48.34 -2.64 40.45
C VAL W 95 49.71 -3.19 40.85
N THR W 96 49.80 -4.48 41.14
CA THR W 96 51.10 -5.05 41.51
C THR W 96 52.05 -4.90 40.32
N TYR W 97 51.53 -5.08 39.11
CA TYR W 97 52.34 -4.96 37.89
C TYR W 97 52.87 -3.54 37.69
N CYS W 98 52.04 -2.55 37.96
CA CYS W 98 52.45 -1.15 37.81
C CYS W 98 53.58 -0.80 38.78
N LEU W 99 53.50 -1.31 40.00
CA LEU W 99 54.53 -1.05 40.99
C LEU W 99 55.83 -1.68 40.48
N ILE W 100 55.71 -2.87 39.90
CA ILE W 100 56.88 -3.56 39.36
C ILE W 100 57.49 -2.86 38.16
N ALA W 101 56.65 -2.38 37.25
CA ALA W 101 57.14 -1.69 36.05
C ALA W 101 57.44 -0.21 36.28
N GLY W 102 56.92 0.36 37.37
CA GLY W 102 57.17 1.76 37.64
C GLY W 102 56.26 2.69 36.86
N GLY W 103 55.17 2.16 36.32
CA GLY W 103 54.23 2.97 35.57
C GLY W 103 52.87 2.30 35.38
N THR W 104 51.91 3.06 34.87
CA THR W 104 50.56 2.55 34.63
C THR W 104 50.54 1.67 33.37
N GLY W 105 51.67 1.60 32.68
CA GLY W 105 51.77 0.80 31.47
C GLY W 105 51.01 -0.51 31.45
N PRO W 106 51.29 -1.43 32.38
CA PRO W 106 50.59 -2.71 32.42
C PRO W 106 49.07 -2.57 32.56
N MET W 107 48.63 -1.69 33.45
CA MET W 107 47.21 -1.48 33.65
C MET W 107 46.57 -0.87 32.41
N ASP W 108 47.31 -0.01 31.72
CA ASP W 108 46.77 0.61 30.53
C ASP W 108 46.52 -0.43 29.45
N GLU W 109 47.52 -1.24 29.17
CA GLU W 109 47.39 -2.22 28.11
C GLU W 109 46.43 -3.40 28.35
N TYR W 110 46.44 -3.98 29.55
CA TYR W 110 45.60 -5.13 29.83
C TYR W 110 44.22 -4.87 30.44
N LEU W 111 43.99 -3.65 30.94
CA LEU W 111 42.70 -3.37 31.58
C LEU W 111 42.00 -2.08 31.21
N ILE W 112 42.68 -0.94 31.31
CA ILE W 112 42.05 0.34 31.00
C ILE W 112 41.56 0.44 29.56
N ALA W 113 42.45 0.17 28.61
CA ALA W 113 42.09 0.24 27.19
C ALA W 113 40.93 -0.70 26.87
N GLY W 114 39.78 -0.12 26.55
CA GLY W 114 38.59 -0.90 26.22
C GLY W 114 37.64 -1.17 27.38
N ILE W 115 38.02 -0.79 28.59
CA ILE W 115 37.18 -1.04 29.76
C ILE W 115 35.81 -0.38 29.66
N ASP W 116 35.75 0.81 29.06
CA ASP W 116 34.49 1.54 28.90
C ASP W 116 33.49 0.77 28.03
N GLU W 117 33.98 0.15 26.96
CA GLU W 117 33.12 -0.62 26.06
C GLU W 117 32.57 -1.86 26.77
N ILE W 118 33.43 -2.51 27.55
CA ILE W 118 33.05 -3.71 28.29
C ILE W 118 31.96 -3.39 29.32
N ASN W 119 32.18 -2.33 30.08
CA ASN W 119 31.22 -1.93 31.12
C ASN W 119 29.87 -1.54 30.54
N ARG W 120 29.89 -0.88 29.38
CA ARG W 120 28.64 -0.49 28.74
C ARG W 120 27.94 -1.71 28.17
N THR W 121 28.68 -2.54 27.44
CA THR W 121 28.10 -3.73 26.83
C THR W 121 27.51 -4.71 27.84
N PHE W 122 28.24 -4.97 28.92
CA PHE W 122 27.76 -5.89 29.93
C PHE W 122 27.01 -5.22 31.07
N GLU W 123 26.75 -3.92 30.91
CA GLU W 123 26.04 -3.15 31.92
C GLU W 123 26.60 -3.30 33.31
N LEU W 124 27.91 -3.10 33.43
CA LEU W 124 28.58 -3.18 34.72
C LEU W 124 28.79 -1.72 35.11
N SER W 125 28.56 -1.38 36.38
CA SER W 125 28.73 0.00 36.80
C SER W 125 30.12 0.35 37.27
N PRO W 126 30.73 1.39 36.67
CA PRO W 126 32.08 1.78 37.07
C PRO W 126 32.13 2.09 38.57
N SER W 127 31.03 2.61 39.10
CA SER W 127 30.91 2.95 40.51
C SER W 127 31.23 1.78 41.43
N TRP W 128 30.82 0.60 41.00
CA TRP W 128 31.06 -0.61 41.77
C TRP W 128 32.55 -0.82 41.98
N TYR W 129 33.30 -0.73 40.89
CA TYR W 129 34.75 -0.92 40.91
C TYR W 129 35.46 0.15 41.71
N ILE W 130 34.94 1.38 41.66
CA ILE W 130 35.54 2.49 42.39
C ILE W 130 35.52 2.24 43.91
N GLU W 131 34.43 1.68 44.40
CA GLU W 131 34.29 1.37 45.82
C GLU W 131 35.30 0.30 46.22
N ALA W 132 35.51 -0.69 45.34
CA ALA W 132 36.48 -1.76 45.61
C ALA W 132 37.87 -1.17 45.67
N LEU W 133 38.17 -0.25 44.75
CA LEU W 133 39.47 0.40 44.71
C LEU W 133 39.71 1.25 45.98
N LYS W 134 38.65 1.90 46.47
CA LYS W 134 38.74 2.71 47.69
C LYS W 134 39.09 1.80 48.87
N TYR W 135 38.43 0.66 48.93
CA TYR W 135 38.68 -0.30 50.01
C TYR W 135 40.15 -0.74 50.01
N ILE W 136 40.67 -1.09 48.85
CA ILE W 136 42.06 -1.52 48.73
C ILE W 136 43.00 -0.42 49.27
N LYS W 137 42.73 0.83 48.91
CA LYS W 137 43.52 1.96 49.41
C LYS W 137 43.52 2.01 50.94
N ALA W 138 42.33 1.93 51.52
CA ALA W 138 42.20 2.01 52.96
C ALA W 138 42.67 0.79 53.74
N ASN W 139 42.95 -0.31 53.06
CA ASN W 139 43.33 -1.54 53.75
C ASN W 139 44.64 -2.23 53.36
N HIS W 140 45.33 -1.75 52.32
CA HIS W 140 46.57 -2.42 51.94
C HIS W 140 47.59 -2.37 53.07
N GLY W 141 47.45 -1.39 53.95
CA GLY W 141 48.36 -1.27 55.08
C GLY W 141 49.77 -0.81 54.77
N LEU W 142 49.99 -0.35 53.54
CA LEU W 142 51.30 0.13 53.15
C LEU W 142 51.56 1.51 53.75
N SER W 143 52.83 1.90 53.77
CA SER W 143 53.23 3.20 54.31
C SER W 143 54.40 3.76 53.50
N GLY W 144 54.67 5.04 53.67
CA GLY W 144 55.77 5.66 52.95
C GLY W 144 55.58 5.68 51.44
N ASP W 145 56.69 5.64 50.71
CA ASP W 145 56.68 5.65 49.26
C ASP W 145 55.87 4.49 48.70
N ALA W 146 55.87 3.38 49.43
CA ALA W 146 55.14 2.20 49.00
C ALA W 146 53.66 2.53 48.84
N ALA W 147 53.09 3.18 49.87
CA ALA W 147 51.69 3.55 49.84
C ALA W 147 51.38 4.61 48.78
N THR W 148 52.29 5.57 48.62
CA THR W 148 52.07 6.64 47.66
C THR W 148 52.04 6.16 46.22
N GLU W 149 53.05 5.39 45.81
CA GLU W 149 53.04 4.91 44.44
C GLU W 149 51.81 4.01 44.24
N ALA W 150 51.60 3.07 45.14
CA ALA W 150 50.45 2.18 45.03
C ALA W 150 49.15 2.96 44.95
N ASN W 151 48.98 3.94 45.84
CA ASN W 151 47.78 4.75 45.82
C ASN W 151 47.58 5.53 44.53
N SER W 152 48.67 5.92 43.87
CA SER W 152 48.56 6.67 42.62
C SER W 152 47.96 5.78 41.55
N TYR W 153 48.31 4.49 41.56
CA TYR W 153 47.76 3.56 40.58
C TYR W 153 46.30 3.25 40.89
N LEU W 154 45.97 3.18 42.18
CA LEU W 154 44.59 2.90 42.59
C LEU W 154 43.69 4.07 42.21
N ASP W 155 44.19 5.28 42.38
CA ASP W 155 43.42 6.48 42.04
C ASP W 155 43.47 6.72 40.53
N TYR W 156 44.45 6.12 39.87
CA TYR W 156 44.55 6.28 38.43
C TYR W 156 43.40 5.48 37.83
N ALA W 157 43.17 4.29 38.38
CA ALA W 157 42.07 3.45 37.92
C ALA W 157 40.75 4.13 38.26
N ILE W 158 40.68 4.73 39.45
CA ILE W 158 39.45 5.41 39.85
C ILE W 158 39.11 6.53 38.87
N ASN W 159 40.10 7.34 38.49
CA ASN W 159 39.89 8.44 37.57
C ASN W 159 39.51 7.94 36.18
N ALA W 160 40.05 6.79 35.79
CA ALA W 160 39.74 6.22 34.49
C ALA W 160 38.29 5.78 34.46
N LEU W 161 37.72 5.52 35.64
CA LEU W 161 36.34 5.07 35.77
C LEU W 161 35.34 6.18 36.08
N SER W 162 35.83 7.40 36.24
CA SER W 162 34.95 8.52 36.57
C SER W 162 35.27 9.76 35.76
N MET X 1 57.73 -3.22 22.45
CA MET X 1 59.05 -3.22 23.13
C MET X 1 58.88 -3.52 24.62
N PHE X 2 59.78 -4.34 25.16
CA PHE X 2 59.74 -4.67 26.58
C PHE X 2 61.04 -4.23 27.26
N ASP X 3 60.95 -3.87 28.55
CA ASP X 3 62.15 -3.55 29.31
C ASP X 3 62.18 -4.70 30.34
N ALA X 4 63.28 -4.83 31.07
CA ALA X 4 63.43 -5.93 32.03
C ALA X 4 62.21 -6.18 32.92
N PHE X 5 61.56 -5.11 33.37
CA PHE X 5 60.39 -5.23 34.23
C PHE X 5 59.14 -5.69 33.49
N THR X 6 58.77 -4.98 32.43
CA THR X 6 57.57 -5.34 31.68
C THR X 6 57.67 -6.68 30.96
N LYS X 7 58.89 -7.19 30.78
CA LYS X 7 59.09 -8.47 30.11
C LYS X 7 58.54 -9.57 31.02
N VAL X 8 58.88 -9.49 32.31
CA VAL X 8 58.42 -10.47 33.29
C VAL X 8 56.92 -10.29 33.52
N VAL X 9 56.50 -9.03 33.57
CA VAL X 9 55.09 -8.71 33.77
C VAL X 9 54.20 -9.32 32.68
N SER X 10 54.60 -9.17 31.42
CA SER X 10 53.78 -9.70 30.33
C SER X 10 53.68 -11.21 30.41
N GLN X 11 54.79 -11.86 30.76
CA GLN X 11 54.81 -13.31 30.89
C GLN X 11 53.92 -13.75 32.05
N ALA X 12 53.90 -12.96 33.13
CA ALA X 12 53.07 -13.28 34.28
C ALA X 12 51.59 -13.06 33.94
N ASP X 13 51.30 -12.03 33.15
CA ASP X 13 49.91 -11.75 32.80
C ASP X 13 49.33 -12.86 31.94
N THR X 14 50.15 -13.36 31.02
CA THR X 14 49.74 -14.44 30.14
C THR X 14 49.26 -15.63 30.98
N ARG X 15 49.87 -15.81 32.14
CA ARG X 15 49.50 -16.90 33.04
C ARG X 15 48.49 -16.40 34.08
N GLY X 16 48.17 -15.11 34.00
CA GLY X 16 47.22 -14.52 34.94
C GLY X 16 47.65 -14.62 36.39
N GLU X 17 48.94 -14.51 36.65
CA GLU X 17 49.46 -14.60 38.02
C GLU X 17 50.26 -13.38 38.44
N MET X 18 50.43 -13.22 39.75
CA MET X 18 51.24 -12.13 40.26
C MET X 18 52.64 -12.72 40.34
N LEU X 19 53.66 -11.91 40.13
CA LEU X 19 55.03 -12.43 40.17
C LEU X 19 55.33 -13.14 41.48
N SER X 20 56.20 -14.13 41.43
CA SER X 20 56.59 -14.88 42.63
C SER X 20 57.65 -14.06 43.36
N THR X 21 57.86 -14.34 44.64
CA THR X 21 58.86 -13.61 45.41
C THR X 21 60.25 -13.80 44.79
N ALA X 22 60.40 -14.83 43.97
CA ALA X 22 61.67 -15.12 43.30
C ALA X 22 61.84 -14.19 42.10
N GLN X 23 60.77 -14.05 41.34
CA GLN X 23 60.80 -13.18 40.17
C GLN X 23 61.04 -11.75 40.61
N ILE X 24 60.50 -11.39 41.77
CA ILE X 24 60.65 -10.05 42.30
C ILE X 24 62.06 -9.83 42.84
N ASP X 25 62.69 -10.88 43.34
CA ASP X 25 64.04 -10.76 43.86
C ASP X 25 65.06 -10.68 42.73
N ALA X 26 64.77 -11.37 41.63
CA ALA X 26 65.68 -11.35 40.48
C ALA X 26 65.74 -9.93 39.95
N LEU X 27 64.59 -9.27 39.90
CA LEU X 27 64.51 -7.89 39.42
C LEU X 27 65.19 -6.94 40.40
N SER X 28 65.04 -7.21 41.69
CA SER X 28 65.66 -6.37 42.72
C SER X 28 67.17 -6.36 42.58
N GLN X 29 67.77 -7.52 42.30
CA GLN X 29 69.21 -7.56 42.16
C GLN X 29 69.65 -6.87 40.88
N MET X 30 68.79 -6.90 39.87
CA MET X 30 69.10 -6.24 38.61
C MET X 30 69.07 -4.74 38.90
N VAL X 31 68.21 -4.34 39.83
CA VAL X 31 68.08 -2.94 40.23
C VAL X 31 69.32 -2.50 41.01
N ALA X 32 69.87 -3.40 41.81
CA ALA X 32 71.07 -3.09 42.58
C ALA X 32 72.31 -3.02 41.70
N GLU X 33 72.21 -3.59 40.50
CA GLU X 33 73.33 -3.59 39.55
C GLU X 33 73.21 -2.48 38.52
N SER X 34 72.07 -1.78 38.52
CA SER X 34 71.79 -0.74 37.53
C SER X 34 72.83 0.36 37.25
N ASN X 35 73.50 0.87 38.28
CA ASN X 35 74.52 1.89 38.04
C ASN X 35 75.50 1.42 36.96
N LYS X 36 75.93 0.16 37.05
CA LYS X 36 76.87 -0.41 36.08
C LYS X 36 76.26 -0.35 34.67
N ARG X 37 75.01 -0.79 34.57
CA ARG X 37 74.30 -0.80 33.30
C ARG X 37 74.29 0.61 32.69
N LEU X 38 74.00 1.62 33.51
CA LEU X 38 73.95 3.00 33.04
C LEU X 38 75.31 3.53 32.63
N ASP X 39 76.37 3.09 33.31
CA ASP X 39 77.74 3.50 32.95
C ASP X 39 78.07 2.89 31.58
N ALA X 40 77.66 1.64 31.38
CA ALA X 40 77.91 0.94 30.11
C ALA X 40 77.23 1.67 28.95
N VAL X 41 75.99 2.10 29.17
CA VAL X 41 75.24 2.84 28.16
C VAL X 41 75.92 4.18 27.87
N ASN X 42 76.30 4.90 28.91
CA ASN X 42 76.96 6.20 28.74
C ASN X 42 78.32 6.05 28.07
N ARG X 43 79.08 5.03 28.45
CA ARG X 43 80.40 4.81 27.88
C ARG X 43 80.40 4.49 26.41
N ILE X 44 79.51 3.59 25.99
CA ILE X 44 79.43 3.21 24.58
C ILE X 44 78.95 4.39 23.75
N THR X 45 77.86 5.01 24.22
CA THR X 45 77.26 6.16 23.55
C THR X 45 78.26 7.30 23.38
N SER X 46 78.97 7.64 24.44
CA SER X 46 79.95 8.72 24.40
C SER X 46 81.10 8.46 23.41
N ASN X 47 81.22 7.23 22.92
CA ASN X 47 82.28 6.90 21.96
C ASN X 47 81.73 6.34 20.64
N ALA X 48 80.44 6.51 20.42
CA ALA X 48 79.79 6.01 19.21
C ALA X 48 80.55 6.29 17.91
N SER X 49 80.85 7.57 17.66
CA SER X 49 81.54 7.97 16.45
C SER X 49 82.88 7.24 16.26
N THR X 50 83.62 7.09 17.33
CA THR X 50 84.91 6.41 17.28
C THR X 50 84.71 4.91 17.03
N ILE X 51 83.76 4.32 17.73
CA ILE X 51 83.45 2.91 17.59
C ILE X 51 83.04 2.57 16.16
N VAL X 52 82.23 3.43 15.57
CA VAL X 52 81.75 3.23 14.21
C VAL X 52 82.84 3.44 13.14
N SER X 53 83.51 4.59 13.16
CA SER X 53 84.52 4.91 12.16
C SER X 53 85.72 3.96 12.18
N ASN X 54 86.20 3.60 13.36
CA ASN X 54 87.34 2.69 13.44
C ASN X 54 86.95 1.32 12.89
N ALA X 55 85.76 0.85 13.28
CA ALA X 55 85.27 -0.45 12.83
C ALA X 55 85.10 -0.42 11.31
N ALA X 56 84.55 0.66 10.79
CA ALA X 56 84.34 0.79 9.36
C ALA X 56 85.68 0.81 8.62
N ARG X 57 86.60 1.65 9.08
CA ARG X 57 87.90 1.75 8.44
C ARG X 57 88.58 0.38 8.39
N SER X 58 88.54 -0.34 9.50
CA SER X 58 89.14 -1.65 9.56
C SER X 58 88.46 -2.58 8.55
N LEU X 59 87.13 -2.55 8.52
CA LEU X 59 86.41 -3.39 7.59
C LEU X 59 86.84 -3.14 6.15
N PHE X 60 86.88 -1.87 5.75
CA PHE X 60 87.26 -1.53 4.38
C PHE X 60 88.69 -1.93 4.05
N ALA X 61 89.57 -1.85 5.04
CA ALA X 61 90.97 -2.25 4.84
C ALA X 61 91.01 -3.77 4.60
N GLU X 62 90.14 -4.51 5.29
CA GLU X 62 90.10 -5.96 5.15
C GLU X 62 89.37 -6.40 3.88
N GLN X 63 88.44 -5.58 3.41
CA GLN X 63 87.68 -5.89 2.22
C GLN X 63 87.69 -4.70 1.27
N PRO X 64 88.82 -4.50 0.55
CA PRO X 64 88.93 -3.39 -0.38
C PRO X 64 87.89 -3.39 -1.51
N GLN X 65 87.33 -4.55 -1.81
CA GLN X 65 86.33 -4.66 -2.87
C GLN X 65 85.09 -3.80 -2.55
N LEU X 66 84.76 -3.67 -1.27
CA LEU X 66 83.60 -2.91 -0.81
C LEU X 66 83.63 -1.43 -1.20
N ILE X 67 84.81 -0.80 -1.10
CA ILE X 67 84.91 0.62 -1.42
C ILE X 67 85.34 0.92 -2.84
N ALA X 68 85.94 -0.06 -3.52
CA ALA X 68 86.39 0.10 -4.90
C ALA X 68 85.20 0.22 -5.84
N PRO X 69 85.36 0.94 -6.97
CA PRO X 69 84.27 1.10 -7.93
C PRO X 69 83.55 -0.23 -8.16
N GLY X 70 82.23 -0.22 -8.07
CA GLY X 70 81.46 -1.43 -8.25
C GLY X 70 81.19 -2.13 -6.93
N GLY X 71 81.78 -1.62 -5.86
CA GLY X 71 81.59 -2.20 -4.54
C GLY X 71 80.33 -1.65 -3.91
N MEN X 72 79.73 -2.40 -2.99
CA MEN X 72 78.51 -1.95 -2.37
C MEN X 72 78.66 -0.68 -1.53
O MEN X 72 77.67 -0.02 -1.22
CB MEN X 72 77.88 -3.05 -1.51
CG MEN X 72 76.41 -2.81 -1.26
OD1 MEN X 72 75.94 -2.85 -0.13
ND2 MEN X 72 75.67 -2.57 -2.35
CE2 MEN X 72 74.24 -2.33 -2.24
N ALA X 73 79.90 -0.33 -1.19
CA ALA X 73 80.14 0.86 -0.38
C ALA X 73 80.84 1.96 -1.19
N TYR X 74 80.81 1.83 -2.52
CA TYR X 74 81.41 2.81 -3.42
C TYR X 74 80.40 3.95 -3.65
N THR X 75 80.92 5.16 -3.86
CA THR X 75 80.17 6.42 -4.06
C THR X 75 79.85 6.97 -2.67
N SER X 76 79.85 8.29 -2.54
CA SER X 76 79.58 8.91 -1.25
C SER X 76 78.26 8.47 -0.65
N ARG X 77 77.21 8.40 -1.48
CA ARG X 77 75.89 8.01 -0.98
C ARG X 77 75.86 6.64 -0.31
N ARG X 78 76.47 5.65 -0.95
CA ARG X 78 76.48 4.30 -0.39
C ARG X 78 77.38 4.21 0.84
N MET X 79 78.52 4.91 0.81
CA MET X 79 79.42 4.91 1.95
C MET X 79 78.66 5.52 3.14
N ALA X 80 77.98 6.63 2.89
CA ALA X 80 77.20 7.29 3.93
C ALA X 80 76.13 6.35 4.48
N ALA X 81 75.47 5.61 3.58
CA ALA X 81 74.45 4.66 4.02
C ALA X 81 75.09 3.57 4.89
N CYS X 82 76.26 3.10 4.48
CA CYS X 82 76.95 2.06 5.22
C CYS X 82 77.35 2.50 6.62
N LEU X 83 77.95 3.68 6.71
CA LEU X 83 78.36 4.23 8.00
C LEU X 83 77.11 4.38 8.87
N ARG X 84 76.03 4.84 8.26
CA ARG X 84 74.76 5.02 8.97
C ARG X 84 74.26 3.69 9.55
N ASP X 85 74.22 2.64 8.74
CA ASP X 85 73.77 1.34 9.22
C ASP X 85 74.57 0.90 10.45
N MET X 86 75.88 1.16 10.42
CA MET X 86 76.75 0.80 11.54
C MET X 86 76.31 1.52 12.79
N GLU X 87 76.05 2.82 12.66
CA GLU X 87 75.64 3.64 13.79
C GLU X 87 74.26 3.26 14.29
N ILE X 88 73.36 2.91 13.37
CA ILE X 88 72.01 2.51 13.76
C ILE X 88 72.04 1.22 14.56
N ILE X 89 72.83 0.26 14.13
CA ILE X 89 72.92 -1.01 14.86
C ILE X 89 73.49 -0.73 16.25
N LEU X 90 74.56 0.06 16.32
CA LEU X 90 75.14 0.38 17.62
C LEU X 90 74.12 1.05 18.53
N ARG X 91 73.36 1.99 17.96
CA ARG X 91 72.34 2.71 18.71
C ARG X 91 71.30 1.77 19.31
N TYR X 92 70.78 0.85 18.50
CA TYR X 92 69.78 -0.09 19.00
C TYR X 92 70.35 -1.05 20.02
N VAL X 93 71.64 -1.33 19.93
CA VAL X 93 72.28 -2.21 20.90
C VAL X 93 72.31 -1.48 22.24
N THR X 94 72.62 -0.18 22.22
CA THR X 94 72.65 0.55 23.48
C THR X 94 71.25 0.65 24.08
N TYR X 95 70.21 0.66 23.24
CA TYR X 95 68.85 0.70 23.76
C TYR X 95 68.55 -0.59 24.52
N ALA X 96 68.99 -1.73 23.98
CA ALA X 96 68.77 -3.04 24.61
C ALA X 96 69.47 -3.09 25.97
N VAL X 97 70.67 -2.54 26.04
CA VAL X 97 71.44 -2.52 27.29
C VAL X 97 70.70 -1.66 28.33
N PHE X 98 70.26 -0.48 27.92
CA PHE X 98 69.55 0.41 28.81
C PHE X 98 68.26 -0.24 29.32
N ALA X 99 67.49 -0.80 28.39
CA ALA X 99 66.22 -1.44 28.73
C ALA X 99 66.35 -2.80 29.44
N GLY X 100 67.47 -3.48 29.24
CA GLY X 100 67.67 -4.78 29.85
C GLY X 100 66.87 -5.88 29.16
N ASP X 101 66.61 -5.71 27.88
CA ASP X 101 65.84 -6.67 27.09
C ASP X 101 66.15 -6.41 25.61
N ALA X 102 66.25 -7.48 24.83
CA ALA X 102 66.57 -7.35 23.41
C ALA X 102 65.39 -7.04 22.48
N SER X 103 64.19 -6.98 23.02
CA SER X 103 63.02 -6.73 22.18
C SER X 103 63.11 -5.50 21.27
N VAL X 104 63.58 -4.37 21.80
CA VAL X 104 63.67 -3.17 20.96
C VAL X 104 64.64 -3.40 19.80
N LEU X 105 65.77 -4.06 20.08
CA LEU X 105 66.78 -4.34 19.06
C LEU X 105 66.20 -5.27 18.01
N GLU X 106 65.57 -6.34 18.47
CA GLU X 106 64.97 -7.32 17.56
C GLU X 106 63.86 -6.76 16.69
N ASP X 107 62.82 -6.23 17.34
CA ASP X 107 61.66 -5.70 16.63
C ASP X 107 61.94 -4.50 15.71
N ARG X 108 62.67 -3.53 16.20
CA ARG X 108 62.90 -2.33 15.40
C ARG X 108 64.13 -2.27 14.51
N CYS X 109 65.13 -3.09 14.79
CA CYS X 109 66.34 -3.04 13.99
C CYS X 109 66.72 -4.27 13.19
N LEU X 110 66.73 -5.43 13.84
CA LEU X 110 67.12 -6.66 13.20
C LEU X 110 66.06 -7.38 12.37
N ASN X 111 64.81 -7.34 12.79
CA ASN X 111 63.76 -8.03 12.07
C ASN X 111 63.57 -7.54 10.64
N GLY X 112 63.85 -8.42 9.69
CA GLY X 112 63.72 -8.10 8.28
C GLY X 112 64.97 -7.51 7.68
N LEU X 113 66.00 -7.31 8.49
CA LEU X 113 67.24 -6.73 8.01
C LEU X 113 67.97 -7.63 7.02
N ARG X 114 67.91 -8.95 7.21
CA ARG X 114 68.58 -9.85 6.27
C ARG X 114 67.94 -9.71 4.89
N GLU X 115 66.61 -9.76 4.86
CA GLU X 115 65.85 -9.63 3.61
C GLU X 115 66.13 -8.30 2.92
N THR X 116 66.35 -7.26 3.72
CA THR X 116 66.63 -5.93 3.17
C THR X 116 67.96 -5.94 2.44
N TYR X 117 68.99 -6.49 3.08
CA TYR X 117 70.31 -6.54 2.47
C TYR X 117 70.35 -7.42 1.23
N LEU X 118 69.68 -8.57 1.29
CA LEU X 118 69.64 -9.48 0.16
C LEU X 118 69.06 -8.76 -1.05
N ALA X 119 67.94 -8.08 -0.84
CA ALA X 119 67.28 -7.35 -1.91
C ALA X 119 68.15 -6.22 -2.46
N LEU X 120 68.86 -5.53 -1.57
CA LEU X 120 69.72 -4.42 -1.95
C LEU X 120 70.98 -4.87 -2.66
N GLY X 121 71.54 -5.98 -2.21
CA GLY X 121 72.78 -6.47 -2.80
C GLY X 121 73.91 -6.16 -1.84
N THR X 122 73.55 -5.86 -0.61
CA THR X 122 74.53 -5.55 0.43
C THR X 122 75.02 -6.84 1.08
N PRO X 123 76.34 -7.05 1.11
CA PRO X 123 76.93 -8.25 1.70
C PRO X 123 76.72 -8.34 3.20
N GLY X 124 75.74 -9.15 3.61
CA GLY X 124 75.43 -9.30 5.02
C GLY X 124 76.61 -9.71 5.89
N SER X 125 77.39 -10.68 5.40
CA SER X 125 78.55 -11.17 6.14
C SER X 125 79.55 -10.05 6.42
N SER X 126 79.65 -9.09 5.51
CA SER X 126 80.56 -7.96 5.71
C SER X 126 80.00 -7.07 6.82
N VAL X 127 78.68 -6.92 6.85
CA VAL X 127 78.04 -6.11 7.89
C VAL X 127 78.32 -6.77 9.23
N ALA X 128 78.25 -8.09 9.26
CA ALA X 128 78.50 -8.83 10.50
C ALA X 128 79.93 -8.57 10.99
N VAL X 129 80.90 -8.62 10.08
CA VAL X 129 82.29 -8.37 10.46
C VAL X 129 82.41 -6.99 11.10
N GLY X 130 81.78 -6.01 10.46
CA GLY X 130 81.82 -4.66 11.00
C GLY X 130 81.22 -4.60 12.39
N VAL X 131 80.06 -5.24 12.57
CA VAL X 131 79.39 -5.25 13.87
C VAL X 131 80.25 -5.95 14.90
N GLY X 132 80.93 -7.02 14.47
CA GLY X 132 81.81 -7.76 15.35
C GLY X 132 82.91 -6.87 15.86
N LYS X 133 83.47 -6.04 14.98
CA LYS X 133 84.55 -5.14 15.39
C LYS X 133 84.02 -4.10 16.38
N MET X 134 82.80 -3.61 16.16
CA MET X 134 82.22 -2.61 17.06
C MET X 134 82.04 -3.25 18.45
N LYS X 135 81.69 -4.52 18.45
CA LYS X 135 81.48 -5.26 19.69
C LYS X 135 82.76 -5.27 20.53
N GLU X 136 83.86 -5.65 19.89
CA GLU X 136 85.16 -5.70 20.56
C GLU X 136 85.54 -4.35 21.15
N ALA X 137 85.33 -3.29 20.37
CA ALA X 137 85.66 -1.94 20.82
C ALA X 137 84.74 -1.48 21.94
N ALA X 138 83.45 -1.80 21.81
CA ALA X 138 82.47 -1.40 22.82
C ALA X 138 82.76 -2.10 24.15
N LEU X 139 83.05 -3.40 24.09
CA LEU X 139 83.34 -4.15 25.30
C LEU X 139 84.57 -3.63 26.03
N ALA X 140 85.64 -3.38 25.29
CA ALA X 140 86.88 -2.86 25.89
C ALA X 140 86.59 -1.53 26.58
N ILE X 141 85.81 -0.68 25.92
CA ILE X 141 85.46 0.63 26.47
C ILE X 141 84.69 0.45 27.77
N VAL X 142 83.68 -0.42 27.76
CA VAL X 142 82.89 -0.67 28.96
C VAL X 142 83.71 -1.28 30.10
N ASN X 143 84.67 -2.14 29.76
CA ASN X 143 85.52 -2.82 30.75
C ASN X 143 86.75 -2.05 31.25
N ASP X 144 86.99 -0.86 30.70
CA ASP X 144 88.13 -0.05 31.10
C ASP X 144 87.94 0.41 32.55
N PRO X 145 88.89 0.06 33.45
CA PRO X 145 88.86 0.41 34.87
C PRO X 145 89.17 1.86 35.26
N ALA X 146 89.73 2.62 34.34
CA ALA X 146 90.09 4.01 34.59
C ALA X 146 88.89 4.96 34.70
N GLY X 147 88.92 5.83 35.71
CA GLY X 147 87.86 6.81 35.90
C GLY X 147 86.51 6.31 36.36
N ILE X 148 86.49 5.16 37.03
CA ILE X 148 85.22 4.62 37.49
C ILE X 148 85.44 3.79 38.76
N THR X 149 84.40 3.74 39.60
CA THR X 149 84.48 2.97 40.84
C THR X 149 84.71 1.52 40.45
N PRO X 150 85.82 0.93 40.93
CA PRO X 150 86.13 -0.47 40.61
C PRO X 150 85.04 -1.46 41.01
N GLY X 151 84.85 -2.47 40.17
CA GLY X 151 83.84 -3.48 40.44
C GLY X 151 83.80 -4.56 39.36
N ASP X 152 82.86 -5.49 39.50
CA ASP X 152 82.71 -6.58 38.56
C ASP X 152 81.56 -6.33 37.60
N CYS X 153 81.87 -6.23 36.31
CA CYS X 153 80.86 -6.00 35.28
C CYS X 153 80.86 -7.15 34.29
N SER X 154 81.34 -8.31 34.71
CA SER X 154 81.41 -9.47 33.82
C SER X 154 80.03 -9.93 33.33
N ALA X 155 79.05 -9.97 34.22
CA ALA X 155 77.70 -10.40 33.82
C ALA X 155 77.14 -9.40 32.80
N LEU X 156 77.31 -8.12 33.10
CA LEU X 156 76.83 -7.06 32.23
C LEU X 156 77.51 -7.17 30.86
N ALA X 157 78.82 -7.39 30.88
CA ALA X 157 79.60 -7.53 29.65
C ALA X 157 79.06 -8.68 28.81
N SER X 158 78.80 -9.80 29.47
CA SER X 158 78.27 -10.98 28.79
C SER X 158 76.93 -10.63 28.15
N GLU X 159 76.13 -9.80 28.83
CA GLU X 159 74.83 -9.38 28.32
C GLU X 159 75.02 -8.49 27.09
N ILE X 160 75.92 -7.53 27.20
CA ILE X 160 76.18 -6.64 26.08
C ILE X 160 76.63 -7.45 24.87
N ALA X 161 77.55 -8.39 25.11
CA ALA X 161 78.07 -9.23 24.04
C ALA X 161 76.95 -9.95 23.29
N SER X 162 75.95 -10.42 24.04
CA SER X 162 74.84 -11.16 23.42
C SER X 162 73.98 -10.31 22.47
N TYR X 163 73.89 -9.01 22.74
CA TYR X 163 73.10 -8.16 21.86
C TYR X 163 73.85 -7.98 20.54
N PHE X 164 75.16 -7.78 20.62
CA PHE X 164 75.96 -7.63 19.42
C PHE X 164 75.85 -8.91 18.59
N ASP X 165 75.95 -10.06 19.25
CA ASP X 165 75.86 -11.34 18.57
C ASP X 165 74.52 -11.52 17.88
N ARG X 166 73.44 -11.04 18.51
CA ARG X 166 72.12 -11.13 17.90
C ARG X 166 72.19 -10.38 16.59
N ALA X 167 72.73 -9.17 16.63
CA ALA X 167 72.84 -8.35 15.42
C ALA X 167 73.68 -9.05 14.35
N CYS X 168 74.80 -9.65 14.75
CA CYS X 168 75.65 -10.36 13.79
C CYS X 168 74.91 -11.53 13.15
N ALA X 169 74.19 -12.29 13.95
CA ALA X 169 73.45 -13.45 13.47
C ALA X 169 72.27 -13.07 12.57
N ALA X 170 71.72 -11.87 12.77
CA ALA X 170 70.58 -11.43 11.99
C ALA X 170 70.91 -11.03 10.54
N VAL X 171 72.17 -10.72 10.28
CA VAL X 171 72.58 -10.33 8.92
C VAL X 171 73.40 -11.38 8.20
N SER X 172 73.86 -12.37 8.94
CA SER X 172 74.66 -13.46 8.36
C SER X 172 73.77 -14.45 7.62
CHA CYC Y . -30.94 12.86 -30.58
NA CYC Y . -30.04 12.12 -28.47
C1A CYC Y . -31.10 12.43 -29.26
C2A CYC Y . -32.34 12.26 -28.53
C3A CYC Y . -32.04 11.82 -27.26
C4A CYC Y . -30.54 11.72 -27.23
CMA CYC Y . -33.10 11.50 -26.15
CAA CYC Y . -33.77 12.52 -29.10
CBA CYC Y . -34.50 13.78 -28.55
CGA CYC Y . -33.67 15.04 -28.64
O1A CYC Y . -33.13 15.43 -27.60
O2A CYC Y . -33.55 15.60 -29.72
CHB CYC Y . -29.65 11.32 -26.16
NB CYC Y . -30.82 12.25 -24.24
C1B CYC Y . -29.78 11.55 -24.77
C2B CYC Y . -28.90 11.11 -23.70
C3B CYC Y . -29.44 11.56 -22.51
C4B CYC Y . -30.62 12.27 -22.90
CMB CYC Y . -27.64 10.31 -23.92
CAB CYC Y . -28.87 11.34 -21.08
CBB CYC Y . -28.68 12.60 -20.26
OB CYC Y . -31.39 12.82 -22.13
NC CYC Y . -26.05 11.74 -34.99
C1C CYC Y . -25.04 11.34 -35.75
C2C CYC Y . -23.84 10.88 -35.00
C3C CYC Y . -24.29 11.01 -33.54
C4C CYC Y . -25.71 11.60 -33.62
CMC CYC Y . -22.65 10.09 -35.52
CAC CYC Y . -23.40 11.76 -32.52
CBC CYC Y . -22.63 10.76 -31.73
OC CYC Y . -25.05 11.35 -37.03
CHD CYC Y . -26.61 11.96 -32.58
ND CYC Y . -28.62 12.31 -31.43
C1D CYC Y . -27.93 12.48 -32.57
C2D CYC Y . -28.78 13.16 -33.54
C3D CYC Y . -30.01 13.38 -32.91
C4D CYC Y . -29.87 12.83 -31.56
CMD CYC Y . -28.50 13.60 -35.01
CAD CYC Y . -31.31 14.05 -33.47
CBD CYC Y . -32.40 13.03 -33.85
CGD CYC Y . -33.68 13.53 -34.48
O1D CYC Y . -34.38 12.73 -35.20
O2D CYC Y . -34.05 14.73 -34.25
CHA CYC Z . -46.30 1.46 16.54
NA CYC Z . -44.62 2.45 15.10
C1A CYC Z . -45.75 1.73 15.26
C2A CYC Z . -46.27 1.30 13.98
C3A CYC Z . -45.42 1.79 12.99
C4A CYC Z . -44.36 2.54 13.73
CMA CYC Z . -45.61 1.57 11.45
CAA CYC Z . -47.54 0.45 13.75
CBA CYC Z . -47.31 -1.09 13.77
CGA CYC Z . -47.55 -1.72 15.12
O1A CYC Z . -46.59 -2.31 15.65
O2A CYC Z . -48.67 -1.64 15.66
CHB CYC Z . -43.22 3.25 13.21
NB CYC Z . -42.39 1.56 11.65
C1B CYC Z . -42.28 2.81 12.24
C2B CYC Z . -41.12 3.49 11.67
C3B CYC Z . -40.53 2.64 10.74
C4B CYC Z . -41.36 1.47 10.78
CMB CYC Z . -40.67 4.89 12.04
CAB CYC Z . -39.26 2.93 9.88
CBB CYC Z . -39.32 2.45 8.45
OB CYC Z . -41.15 0.46 10.10
NC CYC Z . -45.58 4.78 22.30
C1C CYC Z . -45.36 5.63 23.29
C2C CYC Z . -44.02 6.31 23.24
C3C CYC Z . -43.39 5.71 21.97
C4C CYC Z . -44.45 4.75 21.43
CMC CYC Z . -43.63 7.64 23.86
CAC CYC Z . -42.04 4.92 22.17
CBC CYC Z . -40.86 5.85 22.13
OC CYC Z . -46.19 5.87 24.23
CHD CYC Z . -44.40 3.92 20.27
ND CYC Z . -45.16 2.86 18.32
C1D CYC Z . -45.27 3.00 19.67
C2D CYC Z . -46.32 2.11 20.14
C3D CYC Z . -46.83 1.43 19.05
C4D CYC Z . -46.08 1.92 17.89
CMD CYC Z . -46.83 1.89 21.59
CAD CYC Z . -47.96 0.36 18.97
CBD CYC Z . -49.39 0.87 18.91
CGD CYC Z . -50.48 -0.08 19.38
O1D CYC Z . -51.34 0.33 20.20
O2D CYC Z . -50.46 -1.26 18.94
CHA CYC AA . -9.10 8.99 13.22
NA CYC AA . -10.53 7.05 12.99
C1A CYC AA . -9.36 7.68 12.78
C2A CYC AA . -8.46 6.82 12.04
C3A CYC AA . -9.10 5.62 11.78
C4A CYC AA . -10.46 5.78 12.41
CMA CYC AA . -8.49 4.42 10.99
CAA CYC AA . -7.01 7.20 11.62
CBA CYC AA . -5.89 6.60 12.51
CGA CYC AA . -5.97 7.00 13.97
O1A CYC AA . -5.62 8.16 14.27
O2A CYC AA . -6.39 6.20 14.81
CHB CYC AA . -11.59 4.89 12.48
NB CYC AA . -10.59 2.66 12.23
C1B CYC AA . -11.68 3.48 12.40
C2B CYC AA . -12.88 2.66 12.47
C3B CYC AA . -12.50 1.33 12.35
C4B CYC AA . -11.08 1.39 12.20
CMB CYC AA . -14.27 3.21 12.66
CAB CYC AA . -13.44 0.10 12.36
CBB CYC AA . -13.61 -0.59 11.03
OB CYC AA . -10.37 0.39 12.07
NC CYC AA . -11.50 12.71 17.98
C1C CYC AA . -11.97 13.28 19.08
C2C CYC AA . -13.44 13.11 19.28
C3C CYC AA . -13.87 12.28 18.06
C4C CYC AA . -12.56 12.07 17.27
CMC CYC AA . -14.23 13.24 20.56
CAC CYC AA . -14.96 12.92 17.12
CBC CYC AA . -15.84 11.86 16.50
OC CYC AA . -11.26 13.92 19.92
CHD CYC AA . -12.32 11.37 16.04
ND CYC AA . -10.96 9.96 14.69
C1D CYC AA . -11.14 11.17 15.29
C2D CYC AA . -10.00 12.02 15.00
C3D CYC AA . -9.13 11.31 14.21
C4D CYC AA . -9.73 10.00 14.01
CMD CYC AA . -9.73 13.49 15.44
CAD CYC AA . -7.75 11.75 13.59
CBD CYC AA . -7.82 12.64 12.35
CGD CYC AA . -8.42 12.02 11.09
O1D CYC AA . -7.99 10.91 10.66
O2D CYC AA . -9.35 12.65 10.51
CHA CYC BA . -39.28 -2.89 34.88
NA CYC BA . -41.14 -4.24 34.13
C1A CYC BA . -40.26 -3.24 33.93
C2A CYC BA . -40.49 -2.62 32.65
C3A CYC BA . -41.55 -3.27 32.03
C4A CYC BA . -41.96 -4.32 33.01
CMA CYC BA . -42.13 -2.91 30.62
CAA CYC BA . -39.69 -1.42 32.06
CBA CYC BA . -40.42 -0.05 32.06
CGA CYC BA . -40.97 0.33 33.40
O1A CYC BA . -42.21 0.30 33.53
O2A CYC BA . -40.20 0.62 34.32
CHB CYC BA . -43.02 -5.30 32.92
NB CYC BA . -44.76 -3.98 31.82
C1B CYC BA . -44.31 -5.17 32.37
C2B CYC BA . -45.37 -6.17 32.25
C3B CYC BA . -46.45 -5.56 31.63
C4B CYC BA . -46.02 -4.22 31.39
CMB CYC BA . -45.25 -7.59 32.74
CAB CYC BA . -47.82 -6.24 31.28
CBB CYC BA . -49.05 -5.52 31.81
OB CYC BA . -46.69 -3.35 30.84
NC CYC BA . -36.45 -6.45 39.78
C1C CYC BA . -35.93 -7.32 40.63
C2C CYC BA . -36.78 -8.53 40.87
C3C CYC BA . -37.98 -8.29 39.95
C4C CYC BA . -37.70 -6.91 39.30
CMC CYC BA . -36.39 -9.86 41.49
CAC CYC BA . -39.41 -8.42 40.52
CBC CYC BA . -39.96 -9.76 40.15
OC CYC BA . -34.82 -7.17 41.22
CHD CYC BA . -38.48 -6.17 38.37
ND CYC BA . -39.03 -4.72 36.62
C1D CYC BA . -38.27 -4.92 37.72
C2D CYC BA . -37.40 -3.76 37.90
C3D CYC BA . -37.67 -2.89 36.86
C4D CYC BA . -38.71 -3.51 36.06
CMD CYC BA . -36.33 -3.48 39.00
CAD CYC BA . -37.02 -1.50 36.53
CBD CYC BA . -35.87 -1.64 35.51
CGD CYC BA . -35.15 -0.41 35.00
O1D CYC BA . -34.01 -0.54 34.48
O2D CYC BA . -35.71 0.73 35.09
CHA CYC CA . -72.91 -4.93 -3.07
NA CYC CA . -72.42 -5.22 -0.72
C1A CYC CA . -72.01 -4.95 -1.98
C2A CYC CA . -70.58 -4.73 -2.02
C3A CYC CA . -70.09 -4.86 -0.71
C4A CYC CA . -71.30 -5.17 0.11
CMA CYC CA . -68.60 -4.69 -0.30
CAA CYC CA . -69.75 -4.40 -3.29
CBA CYC CA . -68.88 -5.55 -3.86
CGA CYC CA . -69.69 -6.68 -4.46
O1A CYC CA . -69.60 -7.80 -3.93
O2A CYC CA . -70.43 -6.45 -5.44
CHB CYC CA . -71.39 -5.40 1.53
NB CYC CA . -69.54 -6.93 1.87
C1B CYC CA . -70.59 -6.20 2.36
C2B CYC CA . -70.68 -6.41 3.81
C3B CYC CA . -69.66 -7.28 4.17
C4B CYC CA . -68.99 -7.56 2.94
CMB CYC CA . -71.71 -5.77 4.70
CAB CYC CA . -69.36 -7.78 5.62
CBB CYC CA . -68.86 -9.21 5.74
OB CYC CA . -68.01 -8.30 2.84
NC CYC CA . -79.44 -3.62 -3.30
C1C CYC CA . -80.70 -3.24 -3.18
C2C CYC CA . -81.30 -3.58 -1.85
C3C CYC CA . -80.15 -4.29 -1.11
C4C CYC CA . -78.99 -4.26 -2.11
CMC CYC CA . -82.47 -2.88 -1.18
CAC CYC CA . -80.39 -5.80 -0.67
CBC CYC CA . -81.37 -5.89 0.47
OC CYC CA . -81.37 -2.65 -4.08
CHD CYC CA . -77.65 -4.76 -1.98
ND CYC CA . -75.31 -4.83 -2.24
C1D CYC CA . -76.53 -4.80 -2.83
C2D CYC CA . -76.37 -4.82 -4.26
C3D CYC CA . -75.00 -4.87 -4.53
C4D CYC CA . -74.35 -4.88 -3.22
CMD CYC CA . -77.44 -4.80 -5.40
CAD CYC CA . -74.24 -4.92 -5.88
CBD CYC CA . -74.08 -3.62 -6.65
CGD CYC CA . -73.44 -3.75 -8.02
O1D CYC CA . -72.79 -4.79 -8.31
O2D CYC CA . -73.61 -2.79 -8.83
CHA CYC DA . -82.92 -24.11 28.56
NA CYC DA . -81.69 -24.57 26.53
C1A CYC DA . -81.99 -24.85 27.82
C2A CYC DA . -81.22 -25.98 28.25
C3A CYC DA . -80.40 -26.40 27.21
C4A CYC DA . -80.73 -25.47 26.09
CMA CYC DA . -79.40 -27.59 27.29
CAA CYC DA . -81.29 -26.60 29.68
CBA CYC DA . -82.13 -27.90 29.79
CGA CYC DA . -83.55 -27.74 29.32
O1A CYC DA . -84.27 -26.94 29.94
O2A CYC DA . -83.95 -28.40 28.35
CHB CYC DA . -80.22 -25.38 24.74
NB CYC DA . -79.54 -27.70 24.24
C1B CYC DA . -79.68 -26.37 23.88
C2B CYC DA . -79.18 -26.21 22.51
C3B CYC DA . -78.73 -27.45 22.08
C4B CYC DA . -78.99 -28.32 23.18
CMB CYC DA . -79.17 -24.90 21.77
CAB CYC DA . -78.11 -27.78 20.70
CBB CYC DA . -76.61 -27.95 20.72
OB CYC DA . -78.71 -29.51 23.17
NC CYC DA . -87.89 -20.46 26.79
C1C CYC DA . -88.98 -19.91 26.29
C2C CYC DA . -88.75 -19.09 25.06
C3C CYC DA . -87.23 -19.22 24.83
C4C CYC DA . -86.75 -20.11 26.00
CMC CYC DA . -89.77 -18.68 24.03
CAC CYC DA . -86.39 -17.88 24.78
CBC CYC DA . -85.23 -18.00 23.85
OC CYC DA . -90.14 -20.06 26.80
CHD CYC DA . -85.46 -20.59 26.36
ND CYC DA . -84.12 -22.35 27.17
C1D CYC DA . -85.05 -21.39 27.42
C2D CYC DA . -85.41 -21.44 28.84
C3D CYC DA . -84.68 -22.45 29.42
C4D CYC DA . -83.85 -23.02 28.35
CMD CYC DA . -86.42 -20.56 29.63
CAD CYC DA . -84.67 -22.92 30.92
CBD CYC DA . -83.75 -22.14 31.86
CGD CYC DA . -82.27 -22.21 31.54
O1D CYC DA . -81.65 -23.32 31.60
O2D CYC DA . -81.69 -21.15 31.19
CHA CYC EA . -89.24 -14.70 -8.93
NA CYC EA . -87.56 -14.42 -10.64
C1A CYC EA . -88.00 -14.21 -9.37
C2A CYC EA . -87.02 -13.47 -8.61
C3A CYC EA . -85.94 -13.20 -9.45
C4A CYC EA . -86.31 -13.81 -10.75
CMA CYC EA . -84.66 -12.41 -9.03
CAA CYC EA . -87.16 -13.04 -7.12
CBA CYC EA . -87.40 -11.52 -6.87
CGA CYC EA . -88.55 -10.97 -7.68
O1A CYC EA . -88.28 -10.44 -8.77
O2A CYC EA . -89.70 -11.06 -7.24
CHB CYC EA . -85.57 -13.86 -11.99
NB CYC EA . -84.53 -11.65 -11.97
C1B CYC EA . -84.74 -12.87 -12.57
C2B CYC EA . -83.99 -12.91 -13.82
C3B CYC EA . -83.33 -11.71 -13.96
C4B CYC EA . -83.70 -10.97 -12.79
CMB CYC EA . -83.98 -14.10 -14.76
CAB CYC EA . -82.40 -11.29 -15.13
CBB CYC EA . -82.82 -10.05 -15.89
OB CYC EA . -83.31 -9.84 -12.53
NC CYC EA . -93.07 -19.78 -11.10
C1C CYC EA . -93.68 -20.84 -11.62
C2C CYC EA . -93.19 -21.23 -12.98
C3C CYC EA . -92.07 -20.19 -13.23
C4C CYC EA . -92.10 -19.28 -11.99
CMC CYC EA . -93.43 -22.50 -13.75
CAC CYC EA . -92.06 -19.38 -14.55
CBC CYC EA . -91.23 -20.10 -15.58
OC CYC EA . -94.61 -21.51 -11.03
CHD CYC EA . -91.31 -18.14 -11.67
ND CYC EA . -90.14 -16.47 -10.51
C1D CYC EA . -91.24 -17.25 -10.58
C2D CYC EA . -92.09 -16.94 -9.43
C3D CYC EA . -91.45 -15.96 -8.69
C4D CYC EA . -90.21 -15.67 -9.40
CMD CYC EA . -93.48 -17.52 -9.00
CAD CYC EA . -91.88 -15.28 -7.37
CBD CYC EA . -91.14 -15.86 -6.16
CGD CYC EA . -91.37 -15.27 -4.78
O1D CYC EA . -91.22 -15.99 -3.78
O2D CYC EA . -91.71 -14.05 -4.70
CHA CYC FA . -44.70 9.10 -16.62
NA CYC FA . -46.85 8.40 -17.51
C1A CYC FA . -45.92 8.42 -16.51
C2A CYC FA . -46.40 7.66 -15.38
C3A CYC FA . -47.66 7.16 -15.70
C4A CYC FA . -47.93 7.65 -17.08
CMA CYC FA . -48.53 6.27 -14.76
CAA CYC FA . -45.63 7.45 -14.04
CBA CYC FA . -44.85 6.13 -13.91
CGA CYC FA . -43.74 5.96 -14.93
O1A CYC FA . -43.80 4.96 -15.66
O2A CYC FA . -42.82 6.80 -15.00
CHB CYC FA . -49.08 7.43 -17.94
NB CYC FA . -49.38 5.03 -17.59
C1B CYC FA . -49.77 6.21 -18.18
C2B CYC FA . -50.93 5.96 -19.02
C3B CYC FA . -51.24 4.61 -18.92
C4B CYC FA . -50.25 4.09 -18.02
CMB CYC FA . -51.65 7.00 -19.82
CAB CYC FA . -52.42 3.88 -19.65
CBB CYC FA . -52.67 2.42 -19.29
OB CYC FA . -50.17 2.93 -17.68
NC CYC FA . -43.01 14.32 -20.31
C1C CYC FA . -42.93 15.42 -21.05
C2C CYC FA . -43.80 15.42 -22.25
C3C CYC FA . -44.47 14.04 -22.18
C4C CYC FA . -43.92 13.42 -20.90
CMC CYC FA . -44.39 16.61 -22.95
CAC CYC FA . -44.22 13.03 -23.37
CBC CYC FA . -44.93 13.49 -24.63
OC CYC FA . -42.18 16.42 -20.77
CHD CYC FA . -44.22 12.16 -20.32
ND CYC FA . -44.67 10.65 -18.62
C1D CYC FA . -43.79 11.49 -19.17
C2D CYC FA . -42.57 11.48 -18.39
C3D CYC FA . -42.77 10.59 -17.34
C4D CYC FA . -44.11 10.07 -17.50
CMD CYC FA . -41.24 12.27 -18.59
CAD CYC FA . -41.78 10.17 -16.19
CBD CYC FA . -41.72 11.07 -14.97
CGD CYC FA . -40.62 10.73 -13.95
O1D CYC FA . -40.26 11.59 -13.11
O2D CYC FA . -40.10 9.58 -14.01
CHA CYC GA . -62.96 -1.71 -48.21
NA CYC GA . -61.37 -2.70 -46.66
C1A CYC GA . -62.30 -2.82 -47.64
C2A CYC GA . -62.51 -4.21 -47.96
C3A CYC GA . -61.69 -4.99 -47.16
C4A CYC GA . -60.95 -3.98 -46.32
CMA CYC GA . -61.64 -6.54 -47.19
CAA CYC GA . -63.50 -4.75 -49.03
CBA CYC GA . -62.85 -5.17 -50.38
CGA CYC GA . -62.07 -4.05 -51.06
O1A CYC GA . -62.72 -3.08 -51.47
O2A CYC GA . -60.84 -4.14 -51.16
CHB CYC GA . -59.96 -4.17 -45.27
NB CYC GA . -58.96 -6.33 -45.85
C1B CYC GA . -59.05 -5.22 -45.03
C2B CYC GA . -58.09 -5.36 -43.95
C3B CYC GA . -57.43 -6.56 -44.13
C4B CYC GA . -58.00 -7.11 -45.31
CMB CYC GA . -57.90 -4.35 -42.85
CAB CYC GA . -56.29 -7.14 -43.21
CBB CYC GA . -56.65 -8.42 -42.49
OB CYC GA . -57.68 -8.19 -45.80
NC CYC GA . -61.41 4.52 -48.81
C1C CYC GA . -60.88 5.71 -49.02
C2C CYC GA . -60.14 6.27 -47.85
C3C CYC GA . -60.32 5.17 -46.78
C4C CYC GA . -61.14 4.09 -47.49
CMC CYC GA . -59.04 7.29 -47.86
CAC CYC GA . -61.04 5.61 -45.44
CBC CYC GA . -60.49 4.88 -44.26
OC CYC GA . -60.97 6.34 -50.13
CHD CYC GA . -61.61 2.83 -47.02
ND CYC GA . -62.03 0.54 -47.43
C1D CYC GA . -62.35 1.83 -47.66
C2D CYC GA . -63.49 1.89 -48.58
C3D CYC GA . -63.83 0.59 -48.88
C4D CYC GA . -62.89 -0.27 -48.14
CMD CYC GA . -64.25 3.12 -49.14
CAD CYC GA . -64.99 0.06 -49.81
CBD CYC GA . -66.38 -0.04 -49.14
CGD CYC GA . -66.52 -1.05 -48.01
O1D CYC GA . -66.15 -2.26 -48.18
O2D CYC GA . -67.02 -0.67 -46.92
CHA CYC HA . -24.95 -24.48 28.45
NA CYC HA . -24.35 -23.20 26.49
C1A CYC HA . -25.05 -24.18 27.07
C2A CYC HA . -25.88 -24.86 26.10
C3A CYC HA . -25.68 -24.25 24.87
C4A CYC HA . -24.67 -23.18 25.14
CMA CYC HA . -26.38 -24.67 23.55
CAA CYC HA . -26.83 -26.04 26.41
CBA CYC HA . -26.38 -27.42 25.86
CGA CYC HA . -25.00 -27.83 26.30
O1A CYC HA . -24.07 -27.62 25.50
O2A CYC HA . -24.84 -28.35 27.40
CHB CYC HA . -24.07 -22.22 24.24
NB CYC HA . -23.80 -23.56 22.21
C1B CYC HA . -23.66 -22.37 22.90
C2B CYC HA . -23.07 -21.38 22.01
C3B CYC HA . -22.84 -21.99 20.79
C4B CYC HA . -23.31 -23.33 20.96
CMB CYC HA . -22.77 -19.96 22.41
CAB CYC HA . -22.21 -21.32 19.52
CBB CYC HA . -20.95 -22.00 19.00
OB CYC HA . -23.28 -24.19 20.09
NC CYC HA . -23.27 -20.76 33.78
C1C CYC HA . -23.00 -19.85 34.72
C2C CYC HA . -22.26 -18.65 34.22
C3C CYC HA . -22.13 -18.93 32.72
C4C CYC HA . -22.78 -20.32 32.52
CMC CYC HA . -22.10 -17.29 34.87
CAC CYC HA . -20.73 -18.84 32.05
CBC CYC HA . -20.62 -17.56 31.30
OC CYC HA . -23.32 -19.97 35.96
CHD CYC HA . -22.93 -21.10 31.33
ND CYC HA . -23.85 -22.58 29.76
C1D CYC HA . -23.53 -22.35 31.05
C2D CYC HA . -23.94 -23.51 31.84
C3D CYC HA . -24.51 -24.42 30.97
C4D CYC HA . -24.44 -23.81 29.64
CMD CYC HA . -23.81 -23.78 33.37
CAD CYC HA . -25.13 -25.81 31.26
CBD CYC HA . -26.67 -25.77 31.28
CGD CYC HA . -27.42 -27.00 31.71
O1D CYC HA . -28.50 -26.88 32.35
O2D CYC HA . -26.94 -28.13 31.40
CHA CYC IA . -32.37 -21.87 -21.82
NA CYC IA . -30.89 -21.58 -19.92
C1A CYC IA . -32.12 -21.79 -20.44
C2A CYC IA . -33.09 -21.92 -19.38
C3A CYC IA . -32.42 -21.78 -18.17
C4A CYC IA . -30.99 -21.56 -18.55
CMA CYC IA . -33.10 -21.85 -16.76
CAA CYC IA . -34.61 -22.17 -19.58
CBA CYC IA . -35.52 -20.92 -19.44
CGA CYC IA . -35.28 -19.87 -20.50
O1A CYC IA . -34.54 -18.92 -20.19
O2A CYC IA . -35.80 -19.98 -21.63
CHB CYC IA . -29.85 -21.35 -17.70
NB CYC IA . -30.72 -19.62 -16.24
C1B CYC IA . -29.71 -20.45 -16.62
C2B CYC IA . -28.56 -20.24 -15.74
C3B CYC IA . -28.91 -19.27 -14.83
C4B CYC IA . -30.25 -18.91 -15.18
CMB CYC IA . -27.25 -20.97 -15.85
CAB CYC IA . -28.01 -18.69 -13.69
CBB CYC IA . -28.67 -18.65 -12.31
OB CYC IA . -30.91 -18.07 -14.58
NC CYC IA . -28.37 -23.31 -26.92
C1C CYC IA . -27.46 -23.72 -27.78
C2C CYC IA . -26.05 -23.36 -27.42
C3C CYC IA . -26.24 -22.61 -26.09
C4C CYC IA . -27.74 -22.63 -25.84
CMC CYC IA . -24.79 -24.03 -27.88
CAC CYC IA . -25.73 -21.11 -26.02
CBC CYC IA . -24.24 -21.05 -25.91
OC CYC IA . -27.70 -24.35 -28.86
CHD CYC IA . -28.50 -22.09 -24.75
ND CYC IA . -30.20 -21.99 -23.14
C1D CYC IA . -29.86 -22.05 -24.44
C2D CYC IA . -31.08 -22.07 -25.24
C3D CYC IA . -32.15 -22.01 -24.35
C4D CYC IA . -31.56 -21.95 -23.02
CMD CYC IA . -31.26 -22.13 -26.78
CAD CYC IA . -33.69 -21.99 -24.65
CBD CYC IA . -34.35 -23.33 -24.96
CGD CYC IA . -35.72 -23.27 -25.63
O1D CYC IA . -36.51 -22.34 -25.37
O2D CYC IA . -36.02 -24.20 -26.44
CHA CYC JA . -1.37 -3.28 -8.93
NA CYC JA . -3.74 -2.81 -9.29
C1A CYC JA . -2.55 -2.53 -8.70
C2A CYC JA . -2.69 -1.40 -7.80
C3A CYC JA . -4.03 -0.97 -7.84
C4A CYC JA . -4.69 -1.89 -8.82
CMA CYC JA . -4.60 0.21 -7.01
CAA CYC JA . -1.55 -0.80 -6.95
CBA CYC JA . -0.90 0.50 -7.51
CGA CYC JA . -0.43 0.37 -8.94
O1A CYC JA . 0.60 -0.27 -9.16
O2A CYC JA . -1.10 0.91 -9.84
CHB CYC JA . -6.06 -1.95 -9.26
NB CYC JA . -6.82 0.38 -9.07
C1B CYC JA . -7.04 -0.95 -9.39
C2B CYC JA . -8.43 -1.10 -9.84
C3B CYC JA . -9.03 0.16 -9.80
C4B CYC JA . -8.00 1.01 -9.32
CMB CYC JA . -9.04 -2.41 -10.27
CAB CYC JA . -10.50 0.52 -10.20
CBB CYC JA . -11.39 0.98 -9.06
OB CYC JA . -8.14 2.23 -9.15
NC CYC JA . 0.47 -7.11 -13.77
C1C CYC JA . 0.79 -7.69 -14.91
C2C CYC JA . -0.32 -8.49 -15.53
C3C CYC JA . -1.47 -8.32 -14.51
C4C CYC JA . -0.86 -7.41 -13.42
CMC CYC JA . -0.49 -8.89 -16.97
CAC CYC JA . -2.04 -9.65 -13.88
CBC CYC JA . -3.50 -9.50 -13.51
OC CYC JA . 1.94 -7.59 -15.47
CHD CYC JA . -1.42 -6.88 -12.21
ND CYC JA . -1.66 -5.10 -10.70
C1D CYC JA . -0.87 -6.05 -11.23
C2D CYC JA . 0.45 -5.99 -10.60
C3D CYC JA . 0.41 -4.95 -9.69
C4D CYC JA . -0.94 -4.39 -9.76
CMD CYC JA . 1.70 -6.85 -10.84
CAD CYC JA . 1.54 -4.43 -8.73
CBD CYC JA . 1.74 -5.22 -7.43
CGD CYC JA . 0.60 -5.16 -6.44
O1D CYC JA . 0.26 -4.04 -5.94
O2D CYC JA . 0.01 -6.23 -6.14
CHA CYC KA . -25.96 -12.37 -38.13
NA CYC KA . -28.37 -12.64 -37.98
C1A CYC KA . -27.13 -12.82 -37.47
C2A CYC KA . -27.19 -13.53 -36.20
C3A CYC KA . -28.53 -13.79 -35.92
C4A CYC KA . -29.28 -13.20 -37.09
CMA CYC KA . -29.05 -14.52 -34.66
CAA CYC KA . -25.98 -13.94 -35.31
CBA CYC KA . -25.60 -15.44 -35.35
CGA CYC KA . -25.45 -15.98 -36.75
O1A CYC KA . -26.44 -16.53 -37.27
O2A CYC KA . -24.37 -15.83 -37.33
CHB CYC KA . -30.70 -13.16 -37.34
NB CYC KA . -31.40 -15.36 -36.54
C1B CYC KA . -31.69 -14.14 -37.09
C2B CYC KA . -33.13 -14.05 -37.31
C3B CYC KA . -33.70 -15.25 -36.90
C4B CYC KA . -32.58 -16.01 -36.43
CMB CYC KA . -33.83 -12.85 -37.91
CAB CYC KA . -35.20 -15.63 -36.95
CBB CYC KA . -35.54 -16.90 -37.70
OB CYC KA . -32.68 -17.14 -35.96
NC CYC KA . -25.14 -7.28 -42.38
C1C CYC KA . -25.16 -6.19 -43.14
C2C CYC KA . -26.51 -5.81 -43.65
C3C CYC KA . -27.41 -6.88 -43.03
C4C CYC KA . -26.45 -7.80 -42.25
CMC CYC KA . -26.96 -4.50 -44.27
CAC CYC KA . -28.42 -7.66 -43.91
CBC CYC KA . -29.75 -6.97 -43.88
OC CYC KA . -24.12 -5.50 -43.43
CHD CYC KA . -26.73 -8.98 -41.50
ND CYC KA . -26.58 -10.63 -39.86
C1D CYC KA . -25.92 -9.86 -40.75
C2D CYC KA . -24.49 -10.16 -40.67
C3D CYC KA . -24.34 -11.13 -39.69
C4D CYC KA . -25.68 -11.42 -39.18
CMD CYC KA . -23.28 -9.58 -41.46
CAD CYC KA . -23.03 -11.79 -39.17
CBD CYC KA . -22.60 -11.19 -37.83
CGD CYC KA . -21.38 -11.70 -37.15
O1D CYC KA . -20.78 -10.95 -36.34
O2D CYC KA . -20.99 -12.87 -37.41
CHA CYC LA . -60.62 -35.95 -9.26
NA CYC LA . -59.86 -35.22 -11.47
C1A CYC LA . -59.73 -35.25 -10.11
C2A CYC LA . -58.59 -34.45 -9.71
C3A CYC LA . -57.99 -33.93 -10.85
C4A CYC LA . -58.84 -34.42 -11.99
CMA CYC LA . -56.73 -33.01 -10.86
CAA CYC LA . -58.12 -34.24 -8.25
CBA CYC LA . -58.71 -33.00 -7.53
CGA CYC LA . -60.12 -33.20 -7.02
O1A CYC LA . -60.99 -32.42 -7.45
O2A CYC LA . -60.36 -34.11 -6.21
CHB CYC LA . -58.70 -34.19 -13.41
NB CYC LA . -58.44 -31.77 -13.36
C1B CYC LA . -58.50 -32.94 -14.06
C2B CYC LA . -58.34 -32.64 -15.49
C3B CYC LA . -58.18 -31.27 -15.61
C4B CYC LA . -58.25 -30.78 -14.27
CMB CYC LA . -58.36 -33.66 -16.58
CAB CYC LA . -57.98 -30.47 -16.94
CBB CYC LA . -56.77 -29.56 -16.96
OB CYC LA . -58.14 -29.60 -13.96
NC CYC LA . -64.49 -41.24 -10.34
C1C CYC LA . -65.11 -42.34 -10.74
C2C CYC LA . -65.47 -42.35 -12.19
C3C CYC LA . -64.97 -40.99 -12.67
C4C CYC LA . -64.35 -40.35 -11.43
CMC CYC LA . -65.66 -43.57 -13.08
CAC CYC LA . -66.05 -40.01 -13.25
CBC CYC LA . -66.29 -40.30 -14.71
OC CYC LA . -65.37 -43.32 -9.98
CHD CYC LA . -63.71 -39.08 -11.30
ND CYC LA . -62.13 -37.54 -10.55
C1D CYC LA . -63.12 -38.40 -10.24
C2D CYC LA . -63.33 -38.39 -8.80
C3D CYC LA . -62.42 -37.48 -8.27
C4D CYC LA . -61.66 -36.95 -9.40
CMD CYC LA . -64.34 -39.17 -7.92
CAD CYC LA . -62.21 -37.05 -6.77
CBD CYC LA . -61.24 -37.89 -5.95
CGD CYC LA . -61.30 -37.72 -4.42
O1D CYC LA . -60.84 -38.63 -3.67
O2D CYC LA . -61.81 -36.66 -3.96
CHA CYC MA . -72.97 -25.35 -43.80
NA CYC MA . -72.81 -24.37 -41.60
C1A CYC MA . -72.93 -24.25 -42.94
C2A CYC MA . -73.01 -22.86 -43.32
C3A CYC MA . -72.92 -22.08 -42.17
C4A CYC MA . -72.79 -23.08 -41.06
CMA CYC MA . -72.96 -20.52 -42.16
CAA CYC MA . -73.16 -22.33 -44.77
CBA CYC MA . -74.62 -21.97 -45.19
CGA CYC MA . -75.62 -23.08 -44.91
O1A CYC MA . -75.66 -24.03 -45.72
O2A CYC MA . -76.34 -23.02 -43.89
CHB CYC MA . -72.65 -22.92 -39.64
NB CYC MA . -73.72 -20.75 -39.19
C1B CYC MA . -73.06 -21.87 -38.76
C2B CYC MA . -72.87 -21.80 -37.32
C3B CYC MA . -73.42 -20.61 -36.88
C4B CYC MA . -73.94 -20.00 -38.07
CMB CYC MA . -72.19 -22.86 -36.49
CAB CYC MA . -73.46 -20.09 -35.40
CBB CYC MA . -72.72 -18.79 -35.16
OB CYC MA . -74.51 -18.91 -38.10
NC CYC MA . -74.42 -31.60 -42.99
C1C CYC MA . -74.89 -32.80 -42.71
C2C CYC MA . -74.43 -33.35 -41.40
C3C CYC MA . -73.52 -32.24 -40.86
C4C CYC MA . -73.57 -31.15 -41.95
CMC CYC MA . -75.08 -34.43 -40.58
CAC CYC MA . -72.03 -32.64 -40.56
CBC CYC MA . -71.48 -31.84 -39.41
OC CYC MA . -75.68 -33.45 -43.45
CHD CYC MA . -72.92 -29.89 -42.03
ND CYC MA . -72.96 -27.60 -42.59
C1D CYC MA . -72.94 -28.89 -43.00
C2D CYC MA . -72.95 -28.94 -44.45
C3D CYC MA . -72.97 -27.64 -44.91
C4D CYC MA . -72.97 -26.79 -43.72
CMD CYC MA . -72.94 -30.17 -45.41
CAD CYC MA . -72.98 -27.10 -46.38
CBD CYC MA . -71.61 -27.01 -47.07
CGD CYC MA . -70.59 -26.06 -46.45
O1D CYC MA . -70.89 -24.85 -46.28
O2D CYC MA . -69.48 -26.52 -46.08
CHA CYC NA . -80.21 -39.90 -8.00
NA CYC NA . -79.17 -39.13 -5.95
C1A CYC NA . -79.09 -39.46 -7.26
C2A CYC NA . -77.74 -39.29 -7.74
C3A CYC NA . -76.96 -38.84 -6.68
C4A CYC NA . -77.90 -38.74 -5.54
CMA CYC NA . -75.44 -38.53 -6.77
CAA CYC NA . -77.25 -39.57 -9.19
CBA CYC NA . -76.35 -40.82 -9.35
CGA CYC NA . -76.95 -42.05 -8.72
O1A CYC NA . -76.53 -42.37 -7.59
O2A CYC NA . -77.83 -42.67 -9.33
CHB CYC NA . -77.66 -38.33 -4.17
NB CYC NA . -75.43 -39.26 -3.79
C1B CYC NA . -76.53 -38.56 -3.35
C2B CYC NA . -76.29 -38.11 -1.98
C3B CYC NA . -75.04 -38.56 -1.60
C4B CYC NA . -74.56 -39.26 -2.75
CMB CYC NA . -77.27 -37.32 -1.16
CAB CYC NA . -74.36 -38.32 -0.22
CBB CYC NA . -74.18 -39.56 0.64
OB CYC NA . -73.46 -39.80 -2.82
NC CYC NA . -86.80 -38.84 -7.10
C1C CYC NA . -88.05 -38.47 -6.80
C2C CYC NA . -88.22 -37.98 -5.40
C3C CYC NA . -86.79 -38.09 -4.84
C4C CYC NA . -85.96 -38.68 -5.98
CMC CYC NA . -89.36 -37.18 -4.82
CAC CYC NA . -86.54 -38.83 -3.50
CBC CYC NA . -86.68 -37.86 -2.36
OC CYC NA . -89.03 -38.51 -7.62
CHD CYC NA . -84.55 -39.01 -6.02
ND CYC NA . -82.37 -39.36 -6.78
C1D CYC NA . -83.69 -39.53 -7.00
C2D CYC NA . -83.86 -40.23 -8.28
C3D CYC NA . -82.59 -40.46 -8.80
C4D CYC NA . -81.65 -39.88 -7.82
CMD CYC NA . -85.16 -40.69 -9.02
CAD CYC NA . -82.16 -41.14 -10.14
CBD CYC NA . -81.96 -40.11 -11.26
CGD CYC NA . -81.33 -40.55 -12.58
O1D CYC NA . -81.28 -39.74 -13.54
O2D CYC NA . -80.86 -41.72 -12.67
CHA CYC OA . -34.19 -29.54 11.40
NA CYC OA . -36.42 -30.47 11.70
C1A CYC OA . -35.52 -29.79 10.96
C2A CYC OA . -36.11 -29.37 9.71
C3A CYC OA . -37.42 -29.81 9.68
C4A CYC OA . -37.60 -30.51 10.98
CMA CYC OA . -38.43 -29.57 8.52
CAA CYC OA . -35.38 -28.56 8.60
CBA CYC OA . -35.58 -27.03 8.67
CGA CYC OA . -34.64 -26.36 9.64
O1A CYC OA . -35.15 -25.85 10.65
O2A CYC OA . -33.40 -26.34 9.42
CHB CYC OA . -38.78 -31.18 11.49
NB CYC OA . -40.40 -29.37 11.18
C1B CYC OA . -40.09 -30.66 11.59
C2B CYC OA . -41.31 -31.30 12.08
C3B CYC OA . -42.35 -30.38 11.97
C4B CYC OA . -41.73 -29.22 11.41
CMB CYC OA . -41.36 -32.71 12.61
CAB CYC OA . -43.84 -30.63 12.39
CBB CYC OA . -44.89 -29.90 11.56
OB CYC OA . -42.32 -28.18 11.17
NC CYC OA . -30.36 -32.60 15.90
C1C CYC OA . -29.74 -33.40 16.77
C2C CYC OA . -30.63 -34.02 17.79
C3C CYC OA . -32.01 -33.46 17.43
C4C CYC OA . -31.75 -32.56 16.21
CMC CYC OA . -30.39 -35.29 18.58
CAC CYC OA . -32.75 -32.62 18.53
CBC CYC OA . -33.45 -33.53 19.50
OC CYC OA . -28.49 -33.64 16.76
CHD CYC OA . -32.68 -31.79 15.43
ND CYC OA . -33.63 -30.84 13.51
C1D CYC OA . -32.54 -30.95 14.31
C2D CYC OA . -31.48 -30.11 13.78
C3D CYC OA . -31.97 -29.50 12.64
C4D CYC OA . -33.34 -29.97 12.48
CMD CYC OA . -30.04 -29.87 14.32
CAD CYC OA . -31.26 -28.49 11.66
CBD CYC OA . -30.45 -29.10 10.54
CGD CYC OA . -29.47 -28.17 9.83
O1D CYC OA . -29.65 -26.92 9.86
O2D CYC OA . -28.50 -28.69 9.22
CHA CYC PA . -61.66 -35.82 37.25
NA CYC PA . -60.77 -33.92 36.01
C1A CYC PA . -61.76 -34.50 36.74
C2A CYC PA . -62.87 -33.61 36.88
C3A CYC PA . -62.57 -32.42 36.21
C4A CYC PA . -61.20 -32.64 35.66
CMA CYC PA . -63.53 -31.19 36.11
CAA CYC PA . -64.19 -33.91 37.64
CBA CYC PA . -64.25 -33.38 39.09
CGA CYC PA . -63.13 -33.88 39.96
O1A CYC PA . -63.16 -35.07 40.30
O2A CYC PA . -62.21 -33.11 40.27
CHB CYC PA . -60.36 -31.79 34.87
NB CYC PA . -61.14 -29.53 35.44
C1B CYC PA . -60.31 -30.37 34.75
C2B CYC PA . -59.42 -29.57 33.91
C3B CYC PA . -59.72 -28.24 34.10
C4B CYC PA . -60.79 -28.27 35.06
CMB CYC PA . -58.35 -30.15 33.00
CAB CYC PA . -59.05 -27.01 33.43
CBB CYC PA . -59.94 -26.22 32.50
OB CYC PA . -61.34 -27.25 35.50
NC CYC PA . -56.57 -39.47 38.84
C1C CYC PA . -55.46 -40.02 39.29
C2C CYC PA . -54.30 -39.91 38.36
C3C CYC PA . -54.89 -39.14 37.15
C4C CYC PA . -56.36 -38.90 37.56
CMC CYC PA . -52.83 -40.00 38.69
CAC CYC PA . -54.83 -39.85 35.75
CBC CYC PA . -54.62 -38.85 34.65
OC CYC PA . -55.37 -40.61 40.42
CHD CYC PA . -57.42 -38.24 36.86
ND CYC PA . -59.33 -36.83 36.92
C1D CYC PA . -58.77 -38.03 37.20
C2D CYC PA . -59.75 -38.87 37.85
C3D CYC PA . -60.92 -38.16 37.95
C4D CYC PA . -60.64 -36.86 37.35
CMD CYC PA . -59.62 -40.32 38.36
CAD CYC PA . -62.29 -38.61 38.55
CBD CYC PA . -63.17 -39.47 37.63
CGD CYC PA . -63.71 -38.80 36.38
O1D CYC PA . -64.38 -37.73 36.47
O2D CYC PA . -63.46 -39.34 35.26
CHA CYC QA . 31.75 30.77 -29.74
NA CYC QA . 34.08 30.47 -29.26
C1A CYC QA . 32.82 30.70 -28.84
C2A CYC QA . 32.78 30.86 -27.41
C3A CYC QA . 34.07 30.71 -26.92
C4A CYC QA . 34.91 30.47 -28.14
CMA CYC QA . 34.47 30.81 -25.42
CAA CYC QA . 31.51 31.13 -26.55
CBA CYC QA . 31.42 32.55 -25.92
CGA CYC QA . 31.62 33.66 -26.92
O1A CYC QA . 32.75 34.16 -27.01
O2A CYC QA . 30.67 34.03 -27.62
CHB CYC QA . 36.32 30.25 -28.25
NB CYC QA . 37.16 31.85 -26.60
C1B CYC QA . 37.38 30.87 -27.54
C2B CYC QA . 38.81 30.64 -27.65
C3B CYC QA . 39.45 31.47 -26.76
C4B CYC QA . 38.38 32.20 -26.14
CMB CYC QA . 39.44 29.64 -28.58
CAB CYC QA . 40.99 31.58 -26.51
CBB CYC QA . 41.59 32.96 -26.68
OB CYC QA . 38.54 33.05 -25.27
NC CYC QA . 30.92 28.26 -35.90
C1C CYC QA . 30.87 27.63 -37.06
C2C CYC QA . 32.21 27.21 -37.58
C3C CYC QA . 33.17 27.68 -36.48
C4C CYC QA . 32.26 28.36 -35.44
CMC CYC QA . 32.51 26.19 -38.65
CAC CYC QA . 34.37 28.59 -36.89
CBC CYC QA . 35.62 27.76 -36.95
OC CYC QA . 29.81 27.39 -37.71
CHD CYC QA . 32.57 29.00 -34.19
ND CYC QA . 32.41 29.81 -32.00
C1D CYC QA . 31.79 29.63 -33.19
C2D CYC QA . 30.43 30.15 -33.11
C3D CYC QA . 30.26 30.62 -31.81
C4D CYC QA . 31.53 30.41 -31.12
CMD CYC QA . 29.30 30.19 -34.17
CAD CYC QA . 29.00 31.27 -31.13
CBD CYC QA . 28.18 30.28 -30.29
CGD CYC QA . 26.99 30.80 -29.49
O1D CYC QA . 26.16 29.98 -29.02
O2D CYC QA . 26.87 32.04 -29.33
CHA CYC RA . 64.02 32.74 9.07
NA CYC RA . 63.66 33.08 6.70
C1A CYC RA . 63.24 32.63 7.91
C2A CYC RA . 61.92 32.04 7.80
C3A CYC RA . 61.52 32.14 6.46
C4A CYC RA . 62.65 32.82 5.77
CMA CYC RA . 60.15 31.65 5.91
CAA CYC RA . 61.11 31.41 8.97
CBA CYC RA . 61.21 29.87 9.11
CGA CYC RA . 62.55 29.36 9.61
O1A CYC RA . 63.21 28.65 8.83
O2A CYC RA . 62.94 29.69 10.75
CHB CYC RA . 62.80 33.19 4.38
NB CYC RA . 62.09 31.10 3.35
C1B CYC RA . 62.53 32.40 3.24
C2B CYC RA . 62.66 32.74 1.82
C3B CYC RA . 62.29 31.63 1.08
C4B CYC RA . 61.95 30.65 2.08
CMB CYC RA . 63.12 34.07 1.30
CAB CYC RA . 62.25 31.51 -0.47
CBB CYC RA . 60.93 31.11 -1.06
OB CYC RA . 61.57 29.51 1.82
NC CYC RA . 68.77 37.16 10.48
C1C CYC RA . 69.59 38.18 10.62
C2C CYC RA . 70.18 38.68 9.34
C3C CYC RA . 69.55 37.75 8.30
C4C CYC RA . 68.66 36.82 9.11
CMC CYC RA . 70.70 40.07 9.05
CAC CYC RA . 70.55 36.88 7.43
CBC CYC RA . 71.14 37.71 6.32
OC CYC RA . 69.89 38.72 11.75
CHD CYC RA . 67.82 35.75 8.68
ND CYC RA . 65.93 34.36 8.63
C1D CYC RA . 66.97 34.84 9.34
C2D CYC RA . 66.94 34.27 10.68
C3D CYC RA . 65.84 33.41 10.74
C4D CYC RA . 65.21 33.48 9.42
CMD CYC RA . 67.90 34.49 11.89
CAD CYC RA . 65.32 32.54 11.93
CBD CYC RA . 64.47 33.27 12.96
CGD CYC RA . 64.08 32.51 14.21
O1D CYC RA . 63.75 33.15 15.25
O2D CYC RA . 64.09 31.26 14.18
CHA CYC SA . 80.22 35.25 -25.45
NA CYC SA . 79.57 33.49 -23.89
C1A CYC SA . 79.91 33.90 -25.14
C2A CYC SA . 79.86 32.78 -26.05
C3A CYC SA . 79.48 31.65 -25.36
C4A CYC SA . 79.30 32.11 -23.94
CMA CYC SA . 79.30 30.24 -26.00
CAA CYC SA . 80.19 32.85 -27.57
CBA CYC SA . 81.63 32.41 -27.92
CGA CYC SA . 82.72 33.22 -27.23
O1A CYC SA . 82.86 34.40 -27.59
O2A CYC SA . 83.40 32.70 -26.32
CHB CYC SA . 78.91 31.40 -22.75
NB CYC SA . 79.65 29.12 -23.27
C1B CYC SA . 79.06 30.04 -22.43
C2B CYC SA . 78.65 29.33 -21.21
C3B CYC SA . 79.00 28.00 -21.35
C4B CYC SA . 79.62 27.93 -22.64
CMB CYC SA . 77.97 29.99 -20.04
CAB CYC SA . 78.79 26.85 -20.32
CBB CYC SA . 77.59 25.98 -20.58
OB CYC SA . 80.06 26.92 -23.12
NC CYC SA . 82.37 40.07 -21.82
C1C CYC SA . 83.01 40.90 -21.04
C2C CYC SA . 82.46 40.97 -19.64
C3C CYC SA . 81.27 39.99 -19.68
C4C CYC SA . 81.29 39.45 -21.13
CMC CYC SA . 83.19 41.43 -18.41
CAC CYC SA . 79.84 40.57 -19.36
CBC CYC SA . 78.94 39.55 -18.74
OC CYC SA . 84.02 41.59 -21.40
CHD CYC SA . 80.46 38.51 -21.81
ND CYC SA . 80.30 36.73 -23.35
C1D CYC SA . 80.51 38.05 -23.12
C2D CYC SA . 80.75 38.72 -24.39
C3D CYC SA . 80.69 37.76 -25.38
C4D CYC SA . 80.39 36.50 -24.72
CMD CYC SA . 81.03 40.21 -24.67
CAD CYC SA . 80.86 37.94 -26.92
CBD CYC SA . 79.62 38.43 -27.68
CGD CYC SA . 78.49 37.43 -27.78
O1D CYC SA . 78.68 36.28 -28.26
O2D CYC SA . 77.35 37.79 -27.36
CHA CYC TA . 83.65 32.22 13.29
NA CYC TA . 82.22 30.93 14.76
C1A CYC TA . 82.38 31.76 13.69
C2A CYC TA . 81.10 32.05 13.09
C3A CYC TA . 80.11 31.38 13.81
C4A CYC TA . 80.86 30.66 14.88
CMA CYC TA . 78.59 31.42 13.49
CAA CYC TA . 80.89 32.96 11.85
CBA CYC TA . 80.19 34.31 12.11
CGA CYC TA . 80.90 35.16 13.11
O1A CYC TA . 80.44 35.19 14.27
O2A CYC TA . 81.92 35.78 12.76
CHB CYC TA . 80.36 29.80 15.92
NB CYC TA . 78.30 30.96 16.51
C1B CYC TA . 79.19 29.93 16.69
C2B CYC TA . 78.67 29.06 17.75
C3B CYC TA . 77.48 29.60 18.19
C4B CYC TA . 77.30 30.77 17.39
CMB CYC TA . 79.36 27.81 18.22
CAB CYC TA . 76.56 29.02 19.29
CBB CYC TA . 76.42 29.91 20.52
OB CYC TA . 76.34 31.53 17.49
NC CYC TA . 89.79 29.59 14.14
C1C CYC TA . 90.93 28.90 14.33
C2C CYC TA . 90.84 27.87 15.39
C3C CYC TA . 89.38 27.98 15.86
C4C CYC TA . 88.78 29.13 15.01
CMC CYC TA . 91.77 26.72 15.66
CAC CYC TA . 89.10 28.15 17.38
CBC CYC TA . 88.81 26.81 18.01
OC CYC TA . 92.01 29.08 13.67
CHD CYC TA . 87.46 29.71 15.03
ND CYC TA . 85.46 30.78 14.33
C1D CYC TA . 86.82 30.74 14.29
C2D CYC TA . 87.29 31.84 13.44
C3D CYC TA . 86.17 32.52 12.98
C4D CYC TA . 85.02 31.82 13.55
CMD CYC TA . 88.74 32.28 13.05
CAD CYC TA . 86.07 33.74 12.02
CBD CYC TA . 85.72 33.38 10.59
CGD CYC TA . 85.63 34.49 9.58
O1D CYC TA . 85.74 34.22 8.35
O2D CYC TA . 85.45 35.67 9.98
CHA CYC UA . 34.45 24.43 23.07
NA CYC UA . 36.69 24.67 23.96
C1A CYC UA . 35.84 24.58 22.91
C2A CYC UA . 36.58 24.65 21.66
C3A CYC UA . 37.92 24.79 21.97
C4A CYC UA . 37.98 24.81 23.46
CMA CYC UA . 39.07 24.91 20.91
CAA CYC UA . 35.97 24.57 20.24
CBA CYC UA . 35.99 23.17 19.58
CGA CYC UA . 34.97 22.22 20.16
O1A CYC UA . 35.38 21.43 21.03
O2A CYC UA . 33.80 22.27 19.78
CHB CYC UA . 39.11 24.92 24.34
NB CYC UA . 40.58 23.36 23.18
C1B CYC UA . 40.36 24.25 24.21
C2B CYC UA . 41.57 24.32 25.04
C3B CYC UA . 42.50 23.46 24.48
C4B CYC UA . 41.85 22.91 23.35
CMB CYC UA . 41.72 25.18 26.26
CAB CYC UA . 43.95 23.19 25.01
CBB CYC UA . 44.37 21.74 25.03
OB CYC UA . 42.35 22.10 22.58
NC CYC UA . 30.53 26.22 28.17
C1C CYC UA . 29.94 26.74 29.24
C2C CYC UA . 30.78 26.73 30.47
C3C CYC UA . 32.08 26.06 29.99
C4C CYC UA . 31.84 25.77 28.50
CMC CYC UA . 30.66 27.65 31.65
CAC CYC UA . 32.51 24.74 30.71
CBC CYC UA . 33.16 25.04 32.04
OC CYC UA . 28.77 27.23 29.25
CHD CYC UA . 32.71 25.16 27.54
ND CYC UA . 33.77 24.85 25.47
C1D CYC UA . 32.61 24.86 26.18
C2D CYC UA . 31.52 24.53 25.27
C3D CYC UA . 32.07 24.34 24.00
C4D CYC UA . 33.51 24.55 24.16
CMD CYC UA . 29.99 24.38 25.53
CAD CYC UA . 31.37 23.96 22.66
CBD CYC UA . 30.79 25.14 21.87
CGD CYC UA . 29.86 24.82 20.72
O1D CYC UA . 29.92 23.68 20.17
O2D CYC UA . 29.04 25.70 20.35
CHA CYC VA . 58.30 14.56 51.23
NA CYC VA . 57.33 13.49 49.28
C1A CYC VA . 58.28 13.56 50.22
C2A CYC VA . 59.24 12.50 50.05
C3A CYC VA . 58.88 11.76 48.94
C4A CYC VA . 57.62 12.41 48.46
CMA CYC VA . 59.68 10.53 48.40
CAA CYC VA . 60.49 12.26 50.95
CBA CYC VA . 60.28 11.16 52.06
CGA CYC VA . 59.13 11.44 53.02
O1A CYC VA . 59.32 12.30 53.89
O2A CYC VA . 58.07 10.82 52.93
CHB CYC VA . 56.76 12.10 47.34
NB CYC VA . 57.14 9.72 47.02
C1B CYC VA . 56.53 10.89 46.67
C2B CYC VA . 55.66 10.63 45.53
C3B CYC VA . 55.76 9.29 45.21
C4B CYC VA . 56.69 8.78 46.16
CMB CYC VA . 54.80 11.69 44.85
CAB CYC VA . 55.04 8.53 44.06
CBB CYC VA . 55.94 8.10 42.93
OB CYC VA . 57.05 7.60 46.20
NC CYC VA . 53.71 18.31 53.77
C1C CYC VA . 52.65 18.86 54.31
C2C CYC VA . 51.62 19.34 53.33
C3C CYC VA . 52.26 18.97 51.97
C4C CYC VA . 53.59 18.31 52.36
CMC CYC VA . 50.15 19.58 53.57
CAC CYC VA . 52.50 20.16 50.97
CBC CYC VA . 52.48 19.69 49.55
OC CYC VA . 52.48 19.00 55.57
CHD CYC VA . 54.63 17.75 51.55
ND CYC VA . 56.25 16.08 51.17
C1D CYC VA . 55.85 17.15 51.89
C2D CYC VA . 56.86 17.46 52.91
C3D CYC VA . 57.87 16.53 52.77
C4D CYC VA . 57.47 15.66 51.66
CMD CYC VA . 56.91 18.58 53.97
CAD CYC VA . 59.19 16.39 53.60
CBD CYC VA . 60.36 17.30 53.15
CGD CYC VA . 61.01 16.95 51.82
O1D CYC VA . 61.40 15.77 51.58
O2D CYC VA . 61.13 17.87 50.97
CHA CYC WA . 22.04 15.16 35.74
NA CYC WA . 21.56 14.87 33.38
C1A CYC WA . 22.32 15.38 34.38
C2A CYC WA . 23.41 16.15 33.82
C3A CYC WA . 23.32 16.10 32.43
C4A CYC WA . 22.11 15.26 32.17
CMA CYC WA . 24.31 16.79 31.44
CAA CYC WA . 24.50 16.89 34.63
CBA CYC WA . 24.36 18.45 34.65
CGA CYC WA . 23.00 18.93 35.05
O1A CYC WA . 22.20 19.24 34.15
O2A CYC WA . 22.71 18.99 36.24
CHB CYC WA . 21.51 14.85 30.93
NB CYC WA . 21.82 16.88 29.60
C1B CYC WA . 21.37 15.58 29.73
C2B CYC WA . 20.78 15.17 28.46
C3B CYC WA . 20.89 16.23 27.58
C4B CYC WA . 21.53 17.26 28.35
CMB CYC WA . 20.19 13.81 28.21
CAB CYC WA . 20.40 16.25 26.10
CBB CYC WA . 19.55 17.45 25.72
OB CYC WA . 21.80 18.37 27.91
NC CYC WA . 18.88 10.11 38.85
C1C CYC WA . 18.29 8.99 39.28
C2C CYC WA . 17.51 8.26 38.23
C3C CYC WA . 17.73 9.12 36.98
C4C CYC WA . 18.60 10.30 37.47
CMC CYC WA . 17.01 6.84 38.26
CAC CYC WA . 16.50 9.60 36.17
CBC CYC WA . 16.19 8.59 35.10
OC CYC WA . 18.36 8.56 40.47
CHD CYC WA . 19.10 11.43 36.73
ND CYC WA . 20.49 13.17 36.03
C1D CYC WA . 19.91 12.53 37.07
C2D CYC WA . 20.31 13.20 38.31
C3D CYC WA . 21.15 14.26 37.96
C4D CYC WA . 21.25 14.22 36.51
CMD CYC WA . 19.94 12.90 39.80
CAD CYC WA . 21.89 15.29 38.86
CBD CYC WA . 23.39 15.01 38.93
CGD CYC WA . 24.22 15.74 39.94
O1D CYC WA . 25.11 15.10 40.57
O2D CYC WA . 24.01 16.98 40.11
CHA CYC XA . 37.08 31.61 -10.33
NA CYC XA . 35.29 30.96 -8.83
C1A CYC XA . 36.62 31.06 -9.12
C2A CYC XA . 37.41 30.54 -8.03
C3A CYC XA . 36.53 30.10 -7.03
C4A CYC XA . 35.16 30.38 -7.56
CMA CYC XA . 36.98 29.46 -5.68
CAA CYC XA . 38.95 30.46 -8.00
CBA CYC XA . 39.56 29.14 -8.53
CGA CYC XA . 39.66 29.09 -10.05
O1A CYC XA . 39.20 28.08 -10.62
O2A CYC XA . 40.18 30.03 -10.67
CHB CYC XA . 33.86 30.14 -6.99
NB CYC XA . 34.25 27.99 -5.95
C1B CYC XA . 33.42 29.03 -6.23
C2B CYC XA . 32.11 28.77 -5.65
C3B CYC XA . 32.17 27.55 -4.99
C4B CYC XA . 33.52 27.11 -5.21
CMB CYC XA . 30.92 29.69 -5.75
CAB CYC XA . 31.00 26.85 -4.22
CBB CYC XA . 31.33 25.59 -3.44
OB CYC XA . 33.99 26.06 -4.79
NC CYC XA . 34.02 35.68 -14.57
C1C CYC XA . 33.28 36.57 -15.22
C2C CYC XA . 31.81 36.29 -15.17
C3C CYC XA . 31.73 35.00 -14.34
C4C CYC XA . 33.19 34.69 -14.00
CMC CYC XA . 30.68 37.27 -15.38
CAC CYC XA . 31.09 33.74 -15.01
CBC CYC XA . 29.61 33.76 -14.83
OC CYC XA . 33.74 37.58 -15.85
CHD CYC XA . 33.71 33.59 -13.22
ND CYC XA . 35.15 32.58 -11.66
C1D CYC XA . 35.02 33.20 -12.85
C2D CYC XA . 36.32 33.30 -13.48
C3D CYC XA . 37.25 32.73 -12.62
C4D CYC XA . 36.48 32.27 -11.46
CMD CYC XA . 36.71 33.92 -14.85
CAD CYC XA . 38.80 32.57 -12.78
CBD CYC XA . 39.64 33.82 -12.48
CGD CYC XA . 41.15 33.72 -12.67
O1D CYC XA . 41.74 34.58 -13.39
O2D CYC XA . 41.75 32.78 -12.11
CHA CYC YA . 1.92 16.25 -9.12
NA CYC YA . 4.18 15.44 -9.40
C1A CYC YA . 2.88 15.22 -9.15
C2A CYC YA . 2.64 13.81 -8.89
C3A CYC YA . 3.86 13.14 -8.99
C4A CYC YA . 4.85 14.22 -9.33
CMA CYC YA . 4.03 11.61 -8.78
CAA CYC YA . 1.26 13.19 -8.56
CBA CYC YA . 0.57 12.43 -9.72
CGA CYC YA . 0.35 13.28 -10.95
O1A CYC YA . -0.47 14.22 -10.86
O2A CYC YA . 0.98 13.02 -11.99
CHB CYC YA . 6.28 14.17 -9.56
NB CYC YA . 6.64 11.85 -10.25
C1B CYC YA . 7.12 13.10 -9.97
C2B CYC YA . 8.57 13.11 -10.18
C3B CYC YA . 8.94 11.85 -10.58
C4B CYC YA . 7.72 11.11 -10.62
CMB CYC YA . 9.46 14.31 -9.97
CAB CYC YA . 10.40 11.36 -10.93
CBB CYC YA . 11.05 10.51 -9.86
OB CYC YA . 7.64 9.93 -10.93
NC CYC YA . 1.54 22.11 -11.93
C1C CYC YA . 1.52 23.20 -12.68
C2C CYC YA . 2.84 23.88 -12.79
C3C CYC YA . 3.76 23.00 -11.92
C4C CYC YA . 2.82 21.88 -11.40
CMC CYC YA . 3.30 24.84 -13.86
CAC CYC YA . 4.48 23.71 -10.71
CBC CYC YA . 5.87 23.17 -10.53
OC CYC YA . 0.48 23.66 -13.28
CHD CYC YA . 3.09 20.77 -10.56
ND CYC YA . 2.80 18.50 -9.95
C1D CYC YA . 2.26 19.74 -10.06
C2D CYC YA . 0.89 19.71 -9.59
C3D CYC YA . 0.61 18.41 -9.20
C4D CYC YA . 1.84 17.66 -9.44
CMD CYC YA . -0.16 20.85 -9.49
CAD CYC YA . -0.71 17.82 -8.61
CBD CYC YA . -0.92 18.01 -7.10
CGD CYC YA . -0.03 17.20 -6.15
O1D CYC YA . 0.12 15.95 -6.34
O2D CYC YA . 0.52 17.79 -5.19
CHA CYC ZA . 89.44 8.46 2.63
NA CYC ZA . 88.00 9.22 0.85
C1A CYC ZA . 88.21 8.46 1.96
C2A CYC ZA . 87.02 7.71 2.28
C3A CYC ZA . 86.05 8.01 1.33
C4A CYC ZA . 86.70 9.00 0.42
CMA CYC ZA . 84.61 7.40 1.33
CAA CYC ZA . 86.87 6.72 3.47
CBA CYC ZA . 86.88 5.22 3.07
CGA CYC ZA . 88.09 4.84 2.27
O1A CYC ZA . 87.93 4.62 1.06
O2A CYC ZA . 89.19 4.79 2.84
CHB CYC ZA . 86.18 9.67 -0.74
NB CYC ZA . 84.79 7.91 -1.68
C1B CYC ZA . 85.29 9.18 -1.71
C2B CYC ZA . 84.75 9.87 -2.88
C3B CYC ZA . 83.91 8.99 -3.53
C4B CYC ZA . 83.98 7.79 -2.75
CMB CYC ZA . 85.08 11.30 -3.26
CAB CYC ZA . 83.11 9.27 -4.83
CBB CYC ZA . 83.20 8.20 -5.89
OB CYC ZA . 83.36 6.76 -3.00
NC CYC ZA . 94.34 13.02 2.96
C1C CYC ZA . 95.16 14.05 2.98
C2C CYC ZA . 94.92 15.06 1.89
C3C CYC ZA . 93.72 14.46 1.15
C4C CYC ZA . 93.42 13.15 1.88
CMC CYC ZA . 95.41 16.48 1.80
CAC CYC ZA . 93.79 14.29 -0.38
CBC CYC ZA . 93.11 15.44 -1.05
OC CYC ZA . 96.10 14.22 3.84
CHD CYC ZA . 92.41 12.15 1.63
ND CYC ZA . 90.84 10.46 1.95
C1D CYC ZA . 92.06 10.95 2.26
C2D CYC ZA . 92.70 10.05 3.22
C3D CYC ZA . 91.80 9.03 3.48
C4D CYC ZA . 90.62 9.31 2.66
CMD CYC ZA . 94.10 10.12 3.90
CAD CYC ZA . 91.92 7.79 4.43
CBD CYC ZA . 91.34 8.09 5.81
CGD CYC ZA . 91.15 6.95 6.79
O1D CYC ZA . 90.74 7.19 7.95
O2D CYC ZA . 91.43 5.77 6.42
CHA CYC AB . 43.65 -0.68 -17.91
NA CYC AB . 45.99 -0.09 -18.22
C1A CYC AB . 44.91 -0.30 -17.42
C2A CYC AB . 45.27 -0.09 -16.04
C3A CYC AB . 46.62 0.28 -15.99
C4A CYC AB . 47.07 0.27 -17.41
CMA CYC AB . 47.40 0.59 -14.68
CAA CYC AB . 44.30 -0.24 -14.83
CBA CYC AB . 43.76 1.07 -14.21
CGA CYC AB . 42.65 1.70 -15.01
O1A CYC AB . 42.96 2.68 -15.72
O2A CYC AB . 41.50 1.25 -14.95
CHB CYC AB . 48.38 0.57 -17.96
NB CYC AB . 48.96 2.52 -16.65
C1B CYC AB . 49.27 1.62 -17.61
C2B CYC AB . 50.60 1.94 -18.14
C3B CYC AB . 51.07 3.06 -17.47
C4B CYC AB . 50.01 3.37 -16.56
CMB CYC AB . 51.31 1.16 -19.22
CAB CYC AB . 52.45 3.77 -17.68
CBB CYC AB . 52.43 5.29 -17.58
OB CYC AB . 50.04 4.31 -15.78
NC CYC AB . 41.98 -3.61 -23.63
C1C CYC AB . 41.87 -4.28 -24.75
C2C CYC AB . 42.84 -3.88 -25.81
C3C CYC AB . 43.64 -2.75 -25.12
C4C CYC AB . 43.02 -2.66 -23.73
CMC CYC AB . 43.35 -4.70 -26.99
CAC CYC AB . 43.60 -1.35 -25.81
CBC CYC AB . 44.76 -1.19 -26.74
OC CYC AB . 41.01 -5.20 -24.97
CHD CYC AB . 43.36 -1.79 -22.64
ND CYC AB . 43.75 -1.22 -20.40
C1D CYC AB . 42.87 -1.61 -21.34
C2D CYC AB . 41.55 -1.75 -20.72
C3D CYC AB . 41.69 -1.42 -19.38
C4D CYC AB . 43.10 -1.09 -19.20
CMD CYC AB . 40.20 -2.16 -21.35
CAD CYC AB . 40.62 -1.40 -18.26
CBD CYC AB . 40.34 -2.72 -17.56
CGD CYC AB . 39.11 -2.75 -16.68
O1D CYC AB . 38.32 -3.74 -16.75
O2D CYC AB . 38.92 -1.78 -15.89
CHA CYC BB . 67.99 18.25 -40.59
NA CYC BB . 66.35 18.81 -38.91
C1A CYC BB . 67.43 19.13 -39.64
C2A CYC BB . 67.90 20.44 -39.31
C3A CYC BB . 67.08 20.97 -38.32
C4A CYC BB . 66.07 19.89 -38.07
CMA CYC BB . 67.26 22.37 -37.67
CAA CYC BB . 69.12 21.15 -39.96
CBA CYC BB . 68.78 22.15 -41.10
CGA CYC BB . 67.98 21.52 -42.24
O1A CYC BB . 68.58 20.71 -42.95
O2A CYC BB . 66.78 21.82 -42.39
CHB CYC BB . 64.96 19.83 -37.15
NB CYC BB . 64.40 22.21 -36.87
C1B CYC BB . 64.18 20.87 -36.58
C2B CYC BB . 63.06 20.76 -35.66
C3B CYC BB . 62.60 22.05 -35.38
C4B CYC BB . 63.47 22.90 -36.15
CMB CYC BB . 62.52 19.46 -35.12
CAB CYC BB . 61.42 22.44 -34.45
CBB CYC BB . 61.79 23.27 -33.24
OB CYC BB . 63.38 24.13 -36.17
NC CYC BB . 65.61 13.36 -44.09
C1C CYC BB . 64.94 12.52 -44.86
C2C CYC BB . 63.97 11.65 -44.13
C3C CYC BB . 64.14 12.10 -42.65
C4C CYC BB . 65.22 13.20 -42.72
CMC CYC BB . 62.78 10.92 -44.68
CAC CYC BB . 64.53 11.00 -41.61
CBC CYC BB . 64.01 11.32 -40.24
OC CYC BB . 65.09 12.44 -46.13
CHD CYC BB . 65.82 14.01 -41.70
ND CYC BB . 66.64 16.11 -40.98
C1D CYC BB . 66.80 15.00 -41.75
C2D CYC BB . 68.04 15.13 -42.51
C3D CYC BB . 68.60 16.35 -42.17
C4D CYC BB . 67.71 16.96 -41.19
CMD CYC BB . 68.69 14.17 -43.53
CAD CYC BB . 69.95 16.99 -42.67
CBD CYC BB . 71.24 16.47 -42.04
CGD CYC BB . 71.39 16.64 -40.54
O1D CYC BB . 71.31 17.81 -40.02
O2D CYC BB . 71.60 15.61 -39.83
CHA CYC CB . 31.88 4.30 -33.06
NA CYC CB . 30.82 4.27 -30.88
C1A CYC CB . 31.90 4.09 -31.66
C2A CYC CB . 33.03 3.67 -30.86
C3A CYC CB . 32.61 3.59 -29.53
C4A CYC CB . 31.17 3.99 -29.57
CMA CYC CB . 33.52 3.18 -28.33
CAA CYC CB . 34.46 3.36 -31.39
CBA CYC CB . 34.87 1.86 -31.41
CGA CYC CB . 33.85 0.98 -32.11
O1A CYC CB . 33.12 0.27 -31.39
O2A CYC CB . 33.77 1.01 -33.33
CHB CYC CB . 30.20 4.09 -28.50
NB CYC CB . 30.87 2.23 -27.06
C1B CYC CB . 30.05 3.29 -27.34
C2B CYC CB . 29.06 3.42 -26.28
C3B CYC CB . 29.32 2.42 -25.35
C4B CYC CB . 30.43 1.72 -25.89
CMB CYC CB . 27.99 4.47 -26.23
CAB CYC CB . 28.53 2.14 -24.03
CBB CYC CB . 28.05 0.71 -23.84
OB CYC CB . 30.96 0.76 -25.35
NC CYC CB . 27.77 8.02 -36.94
C1C CYC CB . 26.90 8.84 -37.52
C2C CYC CB . 25.76 9.26 -36.65
C3C CYC CB . 26.07 8.54 -35.32
C4C CYC CB . 27.37 7.75 -35.60
CMC CYC CB . 24.85 10.45 -36.83
CAC CYC CB . 24.97 7.63 -34.69
CBC CYC CB . 24.19 8.39 -33.67
OC CYC CB . 27.00 9.25 -38.73
CHD CYC CB . 28.12 6.89 -34.73
ND CYC CB . 29.84 5.67 -33.71
C1D CYC CB . 29.32 6.15 -34.86
C2D CYC CB . 30.18 5.75 -35.98
C3D CYC CB . 31.24 5.03 -35.43
C4D CYC CB . 31.00 4.98 -33.99
CMD CYC CB . 30.06 6.03 -37.50
CAD CYC CB . 32.47 4.36 -36.14
CBD CYC CB . 33.66 5.31 -36.29
CGD CYC CB . 35.00 4.74 -36.72
O1D CYC CB . 36.00 5.51 -36.75
O2D CYC CB . 35.07 3.52 -37.04
CHA CYC DB . 41.08 -8.20 16.02
NA CYC DB . 39.50 -8.08 14.18
C1A CYC DB . 40.72 -7.80 14.72
C2A CYC DB . 41.53 -7.06 13.77
C3A CYC DB . 40.78 -6.87 12.62
C4A CYC DB . 39.46 -7.54 12.90
CMA CYC DB . 41.25 -6.12 11.33
CAA CYC DB . 42.97 -6.56 14.02
CBA CYC DB . 43.13 -5.07 14.43
CGA CYC DB . 42.44 -4.72 15.73
O1A CYC DB . 41.44 -4.01 15.65
O2A CYC DB . 42.88 -5.16 16.80
CHB CYC DB . 38.31 -7.66 12.05
NB CYC DB . 38.16 -5.37 11.25
C1B CYC DB . 37.69 -6.65 11.28
C2B CYC DB . 36.52 -6.75 10.40
C3B CYC DB . 36.29 -5.49 9.86
C4B CYC DB . 37.34 -4.69 10.42
CMB CYC DB . 35.73 -8.01 10.16
CAB CYC DB . 35.16 -5.09 8.86
CBB CYC DB . 35.60 -4.22 7.71
OB CYC DB . 37.48 -3.49 10.18
NC CYC DB . 38.78 -13.21 19.82
C1C CYC DB . 38.25 -14.30 20.37
C2C CYC DB . 36.85 -14.58 19.93
C3C CYC DB . 36.56 -13.42 18.96
C4C CYC DB . 37.86 -12.60 18.94
CMC CYC DB . 36.11 -15.90 19.96
CAC CYC DB . 35.37 -12.46 19.31
CBC CYC DB . 34.05 -13.08 18.93
OC CYC DB . 38.83 -15.08 21.19
CHD CYC DB . 38.15 -11.40 18.21
ND CYC DB . 39.42 -9.88 16.95
C1D CYC DB . 39.27 -10.55 18.11
C2D CYC DB . 40.36 -10.21 19.00
C3D CYC DB . 41.17 -9.29 18.33
C4D CYC DB . 40.55 -9.10 17.03
CMD CYC DB . 40.66 -10.69 20.44
CAD CYC DB . 42.48 -8.57 18.81
CBD CYC DB . 43.78 -9.37 18.76
CGD CYC DB . 45.00 -8.70 19.39
O1D CYC DB . 45.02 -7.46 19.60
O2D CYC DB . 45.98 -9.45 19.71
CHA CYC EB . 4.08 -4.88 6.32
NA CYC EB . 5.89 -3.47 7.08
C1A CYC EB . 4.69 -3.63 6.48
C2A CYC EB . 4.19 -2.36 6.02
C3A CYC EB . 5.12 -1.38 6.35
C4A CYC EB . 6.21 -2.11 7.04
CMA CYC EB . 4.95 0.13 6.01
CAA CYC EB . 2.84 -2.15 5.27
CBA CYC EB . 1.67 -1.67 6.16
CGA CYC EB . 1.36 -2.62 7.31
O1A CYC EB . 0.78 -3.68 7.03
O2A CYC EB . 1.71 -2.33 8.46
CHB CYC EB . 7.47 -1.64 7.61
NB CYC EB . 6.91 0.65 8.26
C1B CYC EB . 7.81 -0.38 8.17
C2B CYC EB . 9.08 0.05 8.72
C3B CYC EB . 8.95 1.36 9.13
C4B CYC EB . 7.59 1.68 8.83
CMB CYC EB . 10.32 -0.82 8.79
CAB CYC EB . 10.04 2.25 9.79
CBB CYC EB . 10.52 3.40 8.94
OB CYC EB . 7.07 2.77 9.06
NC CYC EB . 5.07 -10.53 9.28
C1C CYC EB . 5.23 -11.55 10.08
C2C CYC EB . 6.65 -11.81 10.46
C3C CYC EB . 7.41 -10.71 9.70
C4C CYC EB . 6.30 -9.94 8.97
CMC CYC EB . 7.17 -12.55 11.68
CAC CYC EB . 8.53 -11.17 8.69
CBC CYC EB . 9.60 -10.11 8.59
OC CYC EB . 4.28 -12.27 10.52
CHD CYC EB . 6.37 -8.80 8.10
ND CYC EB . 5.47 -6.75 7.35
C1D CYC EB . 5.35 -8.10 7.44
C2D CYC EB . 4.12 -8.51 6.77
C3D CYC EB . 3.51 -7.37 6.29
C4D CYC EB . 4.38 -6.25 6.67
CMD CYC EB . 3.53 -9.92 6.57
CAD CYC EB . 2.17 -7.24 5.49
CBD CYC EB . 2.27 -7.44 3.97
CGD CYC EB . 3.16 -6.44 3.21
O1D CYC EB . 2.86 -5.21 3.21
O2D CYC EB . 4.17 -6.88 2.62
CHA CYC FB . 31.89 -9.72 33.65
NA CYC FB . 34.03 -8.61 33.70
C1A CYC FB . 33.05 -9.25 33.02
C2A CYC FB . 33.38 -9.34 31.61
C3A CYC FB . 34.62 -8.73 31.43
C4A CYC FB . 35.02 -8.27 32.80
CMA CYC FB . 35.35 -8.61 30.06
CAA CYC FB . 32.51 -10.01 30.52
CBA CYC FB . 33.03 -11.35 29.97
CGA CYC FB . 33.35 -12.34 31.06
O1A CYC FB . 34.54 -12.53 31.34
O2A CYC FB . 32.42 -12.93 31.64
CHB CYC FB . 36.21 -7.57 33.21
NB CYC FB . 37.89 -8.67 31.82
C1B CYC FB . 37.54 -7.73 32.77
C2B CYC FB . 38.73 -7.01 33.18
C3B CYC FB . 39.80 -7.52 32.46
C4B CYC FB . 39.23 -8.53 31.65
CMB CYC FB . 38.73 -5.90 34.20
CAB CYC FB . 41.29 -7.06 32.56
CBB CYC FB . 42.31 -8.14 32.81
OB CYC FB . 39.86 -9.23 30.86
NC CYC FB . 28.78 -7.73 39.25
C1C CYC FB . 28.29 -7.15 40.36
C2C CYC FB . 29.28 -6.34 41.12
C3C CYC FB . 30.54 -6.45 40.25
C4C CYC FB . 30.15 -7.38 39.11
CMC CYC FB . 29.02 -5.31 42.20
CAC CYC FB . 31.87 -6.90 40.89
CBC CYC FB . 32.79 -5.72 40.98
OC CYC FB . 27.08 -7.28 40.76
CHD CYC FB . 30.95 -7.87 38.02
ND CYC FB . 31.60 -8.64 35.91
C1D CYC FB . 30.70 -8.69 36.91
C2D CYC FB . 29.66 -9.66 36.55
C3D CYC FB . 29.99 -10.14 35.29
C4D CYC FB . 31.23 -9.48 34.90
CMD CYC FB . 28.39 -10.11 37.32
CAD CYC FB . 29.23 -11.17 34.39
CBD CYC FB . 28.31 -10.48 33.37
CGD CYC FB . 27.54 -11.30 32.35
O1D CYC FB . 26.52 -10.81 31.80
O2D CYC FB . 27.96 -12.47 32.09
CHA CYC GB . 70.95 0.58 2.72
NA CYC GB . 70.15 -0.03 4.93
C1A CYC GB . 69.92 0.32 3.64
C2A CYC GB . 68.48 0.36 3.40
C3A CYC GB . 67.84 0.05 4.58
C4A CYC GB . 68.92 -0.21 5.55
CMA CYC GB . 66.29 -0.03 4.75
CAA CYC GB . 67.83 0.72 2.03
CBA CYC GB . 67.27 2.16 1.91
CGA CYC GB . 68.34 3.24 1.91
O1A CYC GB . 68.12 4.24 2.60
O2A CYC GB . 69.37 3.10 1.22
CHB CYC GB . 68.85 -0.59 6.94
NB CYC GB . 67.34 1.12 7.76
C1B CYC GB . 68.11 0.02 7.98
C2B CYC GB . 68.02 -0.37 9.38
C3B CYC GB . 67.16 0.52 10.00
C4B CYC GB . 66.77 1.41 8.96
CMB CYC GB . 68.73 -1.54 10.01
CAB CYC GB . 66.75 0.52 11.51
CBB CYC GB . 65.26 0.64 11.76
OB CYC GB . 66.02 2.37 9.11
NC CYC GB . 77.17 -1.70 2.44
C1C CYC GB . 78.32 -2.36 2.51
C2C CYC GB . 78.77 -2.68 3.90
C3C CYC GB . 77.65 -2.08 4.76
C4C CYC GB . 76.66 -1.49 3.75
CMC CYC GB . 79.67 -3.80 4.33
CAC CYC GB . 78.06 -0.96 5.80
CBC CYC GB . 78.75 -1.57 6.99
OC CYC GB . 79.01 -2.70 1.49
CHD CYC GB . 75.43 -0.81 3.98
ND CYC GB . 73.19 -0.24 3.60
C1D CYC GB . 74.46 -0.24 3.14
C2D CYC GB . 74.49 0.40 1.83
C3D CYC GB . 73.19 0.77 1.53
C4D CYC GB . 72.38 0.36 2.66
CMD CYC GB . 75.69 0.66 0.88
CAD CYC GB . 72.62 1.49 0.25
CBD CYC GB . 72.25 0.61 -0.93
CGD CYC GB . 71.97 1.31 -2.24
O1D CYC GB . 71.27 0.74 -3.13
O2D CYC GB . 72.44 2.47 -2.41
CHA CYC HB . 78.82 3.11 40.17
NA CYC HB . 77.95 4.51 38.41
C1A CYC HB . 78.12 4.24 39.71
C2A CYC HB . 77.49 5.26 40.52
C3A CYC HB . 76.89 6.19 39.67
C4A CYC HB . 77.21 5.67 38.30
CMA CYC HB . 76.09 7.43 40.14
CAA CYC HB . 77.48 5.31 42.07
CBA CYC HB . 78.56 6.22 42.72
CGA CYC HB . 79.97 5.96 42.21
O1A CYC HB . 80.52 4.92 42.59
O2A CYC HB . 80.51 6.78 41.43
CHB CYC HB . 76.86 6.18 36.98
NB CYC HB . 76.57 8.58 37.39
C1B CYC HB . 76.56 7.49 36.55
C2B CYC HB . 76.20 7.94 35.21
C3B CYC HB . 75.98 9.31 35.26
C4B CYC HB . 76.23 9.65 36.63
CMB CYC HB . 76.09 7.04 34.00
CAB CYC HB . 75.58 10.25 34.10
CBB CYC HB . 74.26 10.97 34.29
OB CYC HB . 76.14 10.79 37.07
NC CYC HB . 83.31 -0.52 37.36
C1C CYC HB . 84.36 -1.03 36.73
C2C CYC HB . 84.14 -1.27 35.28
C3C CYC HB . 82.69 -0.82 35.06
C4C CYC HB . 82.24 -0.35 36.46
CMC CYC HB . 85.18 -1.42 34.19
CAC CYC HB . 81.68 -1.88 34.47
CBC CYC HB . 80.73 -1.23 33.51
OC CYC HB . 85.46 -1.30 37.30
CHD CYC HB . 80.99 0.20 36.92
ND CYC HB . 79.87 1.78 38.27
C1D CYC HB . 80.59 0.63 38.18
C2D CYC HB . 80.76 0.08 39.53
C3D CYC HB . 80.14 0.95 40.41
C4D CYC HB . 79.57 2.02 39.59
CMD CYC HB . 81.49 -1.21 39.99
CAD CYC HB . 80.00 0.84 41.97
CBD CYC HB . 78.88 -0.07 42.48
CGD CYC HB . 77.45 0.42 42.26
O1D CYC HB . 77.00 1.38 42.94
O2D CYC HB . 76.76 -0.16 41.38
#